data_6YO0
#
_entry.id   6YO0
#
_cell.length_a   1.00
_cell.length_b   1.00
_cell.length_c   1.00
_cell.angle_alpha   90.00
_cell.angle_beta   90.00
_cell.angle_gamma   90.00
#
_symmetry.space_group_name_H-M   'P 1'
#
loop_
_entity.id
_entity.type
_entity.pdbx_description
1 polymer 'Oligomycin sensitivity-conferring protein (OSCP)'
2 polymer 'ATP synthase subunit gamma'
3 polymer 'ATP synthase subunit alpha'
4 polymer 'ATP synthase subunit beta'
5 polymer 'Inhibitor of F1 (IF1)'
6 polymer ATPTT13
7 polymer 'subunit b'
8 polymer 'subunit d'
9 non-polymer "ADENOSINE-5'-TRIPHOSPHATE"
10 non-polymer 'MAGNESIUM ION'
11 non-polymer "ADENOSINE-5'-DIPHOSPHATE"
#
loop_
_entity_poly.entity_id
_entity_poly.type
_entity_poly.pdbx_seq_one_letter_code
_entity_poly.pdbx_strand_id
1 'polypeptide(L)'
;MQVIRKHLAQKGLFNPFLFNRFSTQQDITSVPGDKPPAIEDSIHGKYAGVLFSSASSNKSLNKVAEDMKYFNQLYKESEV
FKSFLNNVSLKRNQQRDIISALGKTNFNPATNNLLETLIENKRLDSLPKIAEKYMDYYRILNKQESITIISAQELTAAEK
QKVEQGLKKGNANVQFTVVYQVDPAILGGLQMYSGNNFLDCSLLSRVNKLKTEIAKISF
;
G1
2 'polypeptide(L)'
;MFGLASKGFINTSLVMVPQMNFGANLKQLKIRMKAIGSIKKITKAMKMVAASKMKAETSRLENGRNFAVGSVQKMLENES
YVQKKKSTTAPKSTLLVPITSDKGLCGSVNSSIVREVKRLALNNRSAFGLLPVGEKGSSGLSRPFPDLLKSSIVNIQNVN
FPTAAAIAHQVSTQGAGYDQVTLIYNHFKNAISYVVKHQELLPRAQFLNLFKYVTRHEAVEPELEYSKNYFFELYMASSV
YNALLNSSASEQASRMNAMENASKNAGEILSKLTLDYNKARQAKITMELIEIISGASIV
;
g1
3 'polypeptide(L)'
;MIRNFHSLVKRVPRLALTPFFGFRTSMTLADKKLSTGEASVVLAEKIKGITQQNDITEYGTVISIGDGIARVFGLTKVQA
GEMVEFKSGIRGMALNLETDNVGVVVLGNDRDIKEGDVVKRTGAIVDVPIGEAMCGRVFDALGNPIDGLGPLKTTQRARV
EIKAPGIIPRQSVRQPMQTGIKCVDSLVPIGRGQRELIIGDRQTGKTAIAIDTILNQKEAFNTGDVKKQLYCIYVAVGQK
RSTIANLVSILKQHDCMKFTIVVCATASDAAPLQFLAPYSGCAIGEFFRDNGKHALIIYDDLSKQAVAYRQMSLLLRRPP
GREAYPGDVFYLHSRLLERAAKMNDSLGGGSLTALPVIETQAGDVSAYIPTNVISITDGQIFLETELFYKGIRPAINVGL
SVSRVGSAAQIKAMKKIAGNLKLTLATYRELAAFSQFGSDLDAKTQQQLNTGERLVEMLKQNQYTPMKVEEQVCIIFAGV
KGFLDALVTSEVLKFEKKFLEHVRTNHSALLKRIRDSGDLSEVDTNELNTIIPLFIQEGGFKLKAQ
;
C1,B1,A1
4 'polypeptide(L)'
;MLSKALQRGIARAFSTTAKKEAPKTVKANGQVSQVIGAVVDVQFEGELPQILNALEVQGTQHRLVLEVAQHLGDSRVRTI
AMDSTEGLVRGQPVVDTGLPISVPVGPGTLGRIMNVIGEPIDQRGPIKAAKLYPIHRDAPSFTDQATSAEILVTGIKVVD
LLAPYARGGKIGLFGGAGVGKTVLIQELINNVAKHHGGYSVFAGVGERTREGNDLYHEMMDSKVISVKEGESRCALIFGQ
MNEPPGARARVGLTGLTVAEYFRDEEGKDVLLFVDNIFRFTQACSEVSALLGRIPSAVGYQPTLATDLGALQERITTTQK
GSITSVQAIYVPADDLTDPAPATTFAHLDATTVLNRGLTELGIYPAVDPLDSTSRMLDPITIGEEHYTVARGVQKLLQDY
KSLQDIIAILGVDDLSEEDKLVVARARKVQKFLSQPFFMSEVFSGIPGRFVNLKQNIASFKALLEGAGDEYPESCFYMKG
DLEESLAAGRADALKSK
;
D1,F1,E1
5 'polypeptide(L)'
;MNRSVNIAKNLIQTYRAMSVQSRFAFSTREEEWLDKRTKSQEKVYFDQEDRKAMKRLLEKLNTTSKFVEDSEYLAPQNLE
VENILKRYHINYTQALIDELVDWKTGKN
;
i1
6 'polypeptide(L)'
;MNSLSSKKANSLVFKSIRNFTLQWGSLAERPMVDRVMSTSTWPVPYYQRLFKAYPIREKKDKMSLLLSDIDIDDTNWYQA
KDFLRGSFRGRQIVDYVENNIASNTYILIQQDVANMAKAYVHDICGYIDVANKENVRILSKGDLI
;
s
7 'polypeptide(L)'
;MHSTLRVFTKNNCLSFTNMNRFSTAAQVAQANYSKFRADYSASVAAFQQRIKTIEKENTGSMKKPMAKAYEHPYNSEHHP
LNFSAVKIAETFHDFIGPEQVSPHYESFAMSRKFLLTFWGGFFVLNFGMATVDLNWIMKSTYIPWIFWFQLMYFYVEGKN
SMFMPLLQRFYRRAAANEIFTMEAFYHENIENKLRNLMRITKGQLEYWDIHTSYGEIRADSINNFLANEYLRLQSHITSR
ALNILKQAQAYETMNQAALLQKLIDDATSAIDNALKGDKKAEVLARSLDSAIDGLSKGYMDYQNDPLLPLILSSIEANVK
KITTLSAQEQANLIGLTAEQLKSIKENDVRARKEFLESQPKLDNNLKNIESVKKILATWGK
;
b
8 'polypeptide(L)'
;MSMLAKIAKNVVKTQALKNTTAAQTPSFQAPGNQDKILKWISTLSNKATTGESRSYCTQLSSLVSFYNKQHVEQIPTIDF
NEWKSVISTQGLVDKVKENYESLIKEQYNTDAISKQISSASSKALDDIENELSFHAAIWLNAYADYTMFLFELEEYNDPN
DYLMHENFDFFRGLETELEELTETHNYIPGAKDDVNLRGYLATQFAWGKKVISFYRHPADDFKCAKATKNMLGR
;
d
#
# COMPACT_ATOMS: atom_id res chain seq x y z
N PRO A 32 23.07 40.02 35.35
CA PRO A 32 21.83 40.39 34.66
C PRO A 32 20.78 39.29 34.71
N GLY A 33 20.58 38.73 35.89
CA GLY A 33 19.69 37.61 36.06
C GLY A 33 20.27 36.26 35.70
N ASP A 34 21.59 36.16 35.55
CA ASP A 34 22.27 34.90 35.24
C ASP A 34 21.50 34.11 34.18
N LYS A 35 21.08 34.81 33.14
CA LYS A 35 20.30 34.21 32.06
C LYS A 35 20.91 34.64 30.73
N PRO A 36 21.35 33.72 29.89
CA PRO A 36 21.91 34.11 28.59
C PRO A 36 20.87 34.79 27.73
N PRO A 37 21.30 35.46 26.66
CA PRO A 37 20.31 36.09 25.76
C PRO A 37 19.32 35.11 25.17
N ALA A 38 19.81 33.97 24.69
CA ALA A 38 18.97 32.96 24.07
C ALA A 38 19.31 31.58 24.62
N ILE A 39 18.35 30.67 24.50
CA ILE A 39 18.50 29.28 24.93
C ILE A 39 18.36 28.40 23.71
N GLU A 40 19.37 27.54 23.48
CA GLU A 40 19.39 26.67 22.32
C GLU A 40 19.85 25.28 22.75
N ASP A 41 19.36 24.27 22.06
CA ASP A 41 19.64 22.89 22.42
C ASP A 41 20.84 22.32 21.68
N SER A 42 21.41 23.05 20.73
CA SER A 42 22.58 22.58 20.02
C SER A 42 23.73 22.35 21.00
N ILE A 43 24.68 21.52 20.57
CA ILE A 43 25.81 21.16 21.43
C ILE A 43 26.56 22.41 21.86
N HIS A 44 27.09 23.16 20.90
CA HIS A 44 27.83 24.38 21.23
C HIS A 44 26.95 25.37 21.97
N GLY A 45 25.67 25.49 21.57
CA GLY A 45 24.77 26.38 22.26
C GLY A 45 24.60 26.01 23.73
N LYS A 46 24.42 24.72 24.00
CA LYS A 46 24.23 24.26 25.37
C LYS A 46 25.43 24.61 26.24
N TYR A 47 26.64 24.30 25.76
CA TYR A 47 27.83 24.55 26.55
C TYR A 47 28.06 26.05 26.75
N ALA A 48 27.88 26.84 25.68
CA ALA A 48 28.08 28.28 25.78
C ALA A 48 27.10 28.92 26.77
N GLY A 49 25.85 28.46 26.76
CA GLY A 49 24.89 29.02 27.70
C GLY A 49 25.26 28.72 29.14
N VAL A 50 25.69 27.49 29.42
CA VAL A 50 26.12 27.13 30.75
C VAL A 50 27.33 27.97 31.15
N LEU A 51 28.26 28.16 30.22
CA LEU A 51 29.44 28.95 30.52
C LEU A 51 29.07 30.39 30.77
N PHE A 52 28.16 30.94 29.96
CA PHE A 52 27.70 32.30 30.16
C PHE A 52 27.04 32.47 31.52
N SER A 53 26.13 31.56 31.85
CA SER A 53 25.47 31.59 33.15
C SER A 53 26.48 31.47 34.29
N SER A 54 27.32 30.43 34.24
CA SER A 54 28.28 30.21 35.31
C SER A 54 29.24 31.39 35.44
N ALA A 55 29.75 31.88 34.31
CA ALA A 55 30.68 33.00 34.34
C ALA A 55 30.01 34.23 34.92
N SER A 56 28.89 34.64 34.31
CA SER A 56 28.12 35.77 34.82
C SER A 56 27.67 35.56 36.25
N SER A 57 27.67 34.32 36.74
CA SER A 57 27.24 34.08 38.11
C SER A 57 28.31 34.50 39.10
N ASN A 58 29.52 33.97 38.97
CA ASN A 58 30.51 34.23 40.00
C ASN A 58 30.82 35.73 40.04
N LYS A 59 31.56 36.26 39.07
CA LYS A 59 31.53 37.70 38.86
C LYS A 59 31.74 38.10 37.41
N SER A 60 32.39 37.26 36.62
CA SER A 60 33.10 37.72 35.44
C SER A 60 32.52 37.15 34.15
N LEU A 61 32.44 38.01 33.14
CA LEU A 61 32.14 37.66 31.76
C LEU A 61 33.19 38.18 30.80
N ASN A 62 33.76 39.36 31.07
CA ASN A 62 34.74 39.93 30.17
C ASN A 62 36.05 39.16 30.18
N LYS A 63 36.41 38.58 31.33
CA LYS A 63 37.63 37.78 31.41
C LYS A 63 37.52 36.55 30.51
N VAL A 64 36.42 35.82 30.64
CA VAL A 64 36.18 34.66 29.79
C VAL A 64 36.09 35.07 28.33
N ALA A 65 35.57 36.27 28.06
CA ALA A 65 35.46 36.73 26.68
C ALA A 65 36.83 36.82 26.03
N GLU A 66 37.82 37.34 26.76
CA GLU A 66 39.17 37.40 26.20
C GLU A 66 39.72 36.00 25.98
N ASP A 67 39.46 35.08 26.92
CA ASP A 67 39.92 33.72 26.77
C ASP A 67 39.32 33.07 25.54
N MET A 68 38.01 33.19 25.37
CA MET A 68 37.36 32.58 24.21
C MET A 68 37.77 33.29 22.92
N LYS A 69 37.94 34.61 22.97
CA LYS A 69 38.40 35.34 21.80
C LYS A 69 39.79 34.92 21.41
N TYR A 70 40.66 34.68 22.40
CA TYR A 70 41.99 34.20 22.11
C TYR A 70 41.97 32.86 21.41
N PHE A 71 41.11 31.95 21.86
CA PHE A 71 41.00 30.65 21.21
C PHE A 71 40.57 30.77 19.76
N ASN A 72 39.60 31.65 19.48
CA ASN A 72 39.14 31.82 18.11
C ASN A 72 40.26 32.29 17.20
N GLN A 73 41.00 33.32 17.62
CA GLN A 73 42.09 33.80 16.80
C GLN A 73 43.13 32.72 16.58
N LEU A 74 43.42 31.95 17.63
CA LEU A 74 44.40 30.88 17.54
C LEU A 74 43.93 29.75 16.64
N TYR A 75 42.64 29.39 16.73
CA TYR A 75 42.12 28.30 15.92
C TYR A 75 42.33 28.55 14.43
N LYS A 76 42.34 29.81 14.00
CA LYS A 76 42.51 30.13 12.60
C LYS A 76 43.93 30.53 12.23
N GLU A 77 44.70 31.02 13.19
CA GLU A 77 46.07 31.45 12.91
C GLU A 77 47.08 30.31 13.02
N SER A 78 46.95 29.48 14.05
CA SER A 78 47.88 28.39 14.28
C SER A 78 47.32 27.13 13.62
N GLU A 79 48.07 26.60 12.66
CA GLU A 79 47.60 25.42 11.94
C GLU A 79 47.61 24.18 12.83
N VAL A 80 48.66 24.01 13.63
CA VAL A 80 48.78 22.82 14.45
C VAL A 80 47.65 22.77 15.48
N PHE A 81 47.30 23.92 16.05
CA PHE A 81 46.23 23.95 17.05
C PHE A 81 44.90 23.48 16.45
N LYS A 82 44.61 23.91 15.22
CA LYS A 82 43.39 23.46 14.57
C LYS A 82 43.42 21.95 14.35
N SER A 83 44.55 21.43 13.85
CA SER A 83 44.67 19.99 13.63
C SER A 83 44.57 19.23 14.94
N PHE A 84 45.07 19.81 16.03
CA PHE A 84 44.98 19.16 17.33
C PHE A 84 43.54 19.04 17.80
N LEU A 85 42.78 20.14 17.72
CA LEU A 85 41.39 20.11 18.15
C LEU A 85 40.59 19.10 17.33
N ASN A 86 40.71 19.17 16.00
CA ASN A 86 39.94 18.27 15.15
C ASN A 86 40.39 16.83 15.31
N ASN A 87 41.67 16.61 15.63
CA ASN A 87 42.15 15.24 15.81
C ASN A 87 41.33 14.54 16.87
N VAL A 88 40.81 13.36 16.51
CA VAL A 88 39.98 12.58 17.41
C VAL A 88 40.65 11.29 17.87
N SER A 89 41.66 10.81 17.14
CA SER A 89 42.39 9.63 17.57
C SER A 89 43.24 9.89 18.80
N LEU A 90 43.24 11.12 19.31
CA LEU A 90 44.07 11.47 20.46
C LEU A 90 43.40 10.99 21.73
N LYS A 91 44.23 10.58 22.69
CA LYS A 91 43.72 10.09 23.95
C LYS A 91 43.35 11.27 24.86
N ARG A 92 42.57 10.96 25.90
CA ARG A 92 42.16 12.01 26.83
C ARG A 92 43.35 12.58 27.59
N ASN A 93 44.22 11.71 28.09
CA ASN A 93 45.39 12.18 28.82
C ASN A 93 46.29 13.03 27.93
N GLN A 94 46.45 12.63 26.67
CA GLN A 94 47.28 13.39 25.75
C GLN A 94 46.70 14.78 25.50
N GLN A 95 45.38 14.86 25.31
CA GLN A 95 44.74 16.15 25.13
C GLN A 95 44.97 17.04 26.36
N ARG A 96 44.86 16.46 27.55
CA ARG A 96 45.04 17.24 28.77
C ARG A 96 46.44 17.81 28.89
N ASP A 97 47.45 17.01 28.54
CA ASP A 97 48.84 17.49 28.65
C ASP A 97 49.12 18.62 27.67
N ILE A 98 48.65 18.48 26.42
CA ILE A 98 48.90 19.51 25.42
C ILE A 98 48.24 20.81 25.81
N ILE A 99 47.02 20.74 26.34
CA ILE A 99 46.32 21.95 26.78
C ILE A 99 47.11 22.65 27.87
N SER A 100 47.60 21.89 28.85
CA SER A 100 48.42 22.48 29.89
C SER A 100 49.64 23.18 29.31
N ALA A 101 50.30 22.55 28.33
CA ALA A 101 51.46 23.17 27.71
C ALA A 101 51.11 24.51 27.08
N LEU A 102 49.90 24.62 26.52
CA LEU A 102 49.46 25.89 25.99
C LEU A 102 49.52 26.96 27.07
N GLY A 103 48.74 26.77 28.12
CA GLY A 103 48.75 27.65 29.27
C GLY A 103 47.81 27.18 30.33
N LYS A 104 48.28 27.10 31.58
CA LYS A 104 47.44 26.73 32.71
C LYS A 104 46.89 27.94 33.44
N THR A 105 47.48 29.11 33.22
CA THR A 105 47.03 30.37 33.79
C THR A 105 46.74 31.33 32.66
N ASN A 106 46.21 32.50 32.99
CA ASN A 106 45.68 33.49 32.06
C ASN A 106 44.34 33.03 31.50
N PHE A 107 43.81 31.91 31.97
CA PHE A 107 42.49 31.42 31.61
C PHE A 107 41.65 31.34 32.88
N ASN A 108 40.46 31.91 32.84
CA ASN A 108 39.59 31.91 34.01
C ASN A 108 39.31 30.47 34.45
N PRO A 109 39.16 30.23 35.75
CA PRO A 109 38.88 28.85 36.20
C PRO A 109 37.70 28.21 35.48
N ALA A 110 36.68 28.98 35.13
CA ALA A 110 35.58 28.42 34.35
C ALA A 110 36.07 27.87 33.02
N THR A 111 36.99 28.60 32.37
CA THR A 111 37.53 28.12 31.10
C THR A 111 38.32 26.84 31.28
N ASN A 112 39.11 26.74 32.34
CA ASN A 112 39.86 25.52 32.60
C ASN A 112 38.91 24.36 32.86
N ASN A 113 37.88 24.59 33.67
CA ASN A 113 36.92 23.54 33.96
C ASN A 113 36.17 23.15 32.70
N LEU A 114 35.89 24.12 31.84
CA LEU A 114 35.22 23.81 30.58
C LEU A 114 36.07 22.91 29.71
N LEU A 115 37.36 23.20 29.58
CA LEU A 115 38.23 22.35 28.78
C LEU A 115 38.29 20.94 29.34
N GLU A 116 38.39 20.81 30.66
CA GLU A 116 38.44 19.48 31.26
C GLU A 116 37.17 18.71 30.94
N THR A 117 36.02 19.38 31.04
CA THR A 117 34.75 18.71 30.75
C THR A 117 34.70 18.27 29.28
N LEU A 118 35.08 19.16 28.36
CA LEU A 118 35.10 18.80 26.95
C LEU A 118 35.97 17.59 26.69
N ILE A 119 37.17 17.55 27.29
CA ILE A 119 38.04 16.40 27.10
C ILE A 119 37.36 15.13 27.58
N GLU A 120 36.67 15.21 28.71
CA GLU A 120 36.04 14.02 29.27
C GLU A 120 34.87 13.57 28.42
N ASN A 121 34.16 14.51 27.80
CA ASN A 121 32.98 14.21 27.00
C ASN A 121 33.27 14.11 25.52
N LYS A 122 34.54 14.10 25.12
CA LYS A 122 34.93 13.97 23.72
C LYS A 122 34.38 15.11 22.86
N ARG A 123 34.01 16.23 23.49
CA ARG A 123 33.43 17.36 22.80
C ARG A 123 34.46 18.42 22.42
N LEU A 124 35.74 18.14 22.63
CA LEU A 124 36.78 19.14 22.39
C LEU A 124 36.73 19.70 20.97
N ASP A 125 36.35 18.87 20.00
CA ASP A 125 36.32 19.33 18.61
C ASP A 125 35.40 20.53 18.42
N SER A 126 34.33 20.60 19.21
CA SER A 126 33.36 21.69 19.12
C SER A 126 33.77 22.91 19.93
N LEU A 127 34.96 22.90 20.52
CA LEU A 127 35.40 24.05 21.29
C LEU A 127 35.36 25.36 20.51
N PRO A 128 35.80 25.42 19.25
CA PRO A 128 35.75 26.70 18.53
C PRO A 128 34.35 27.28 18.47
N LYS A 129 33.40 26.52 17.93
CA LYS A 129 32.03 27.01 17.81
C LYS A 129 31.56 27.65 19.11
N ILE A 130 31.70 26.91 20.22
CA ILE A 130 31.32 27.43 21.53
C ILE A 130 31.87 28.85 21.70
N ALA A 131 33.17 28.99 21.56
CA ALA A 131 33.82 30.30 21.65
C ALA A 131 33.07 31.35 20.86
N GLU A 132 32.99 31.16 19.55
CA GLU A 132 32.27 32.10 18.69
C GLU A 132 30.90 32.41 19.27
N LYS A 133 30.11 31.37 19.52
CA LYS A 133 28.76 31.55 20.03
C LYS A 133 28.75 32.43 21.26
N TYR A 134 29.64 32.14 22.22
CA TYR A 134 29.72 32.94 23.43
C TYR A 134 29.90 34.42 23.12
N MET A 135 30.93 34.75 22.33
CA MET A 135 31.16 36.15 21.97
C MET A 135 29.91 36.78 21.35
N ASP A 136 29.22 36.05 20.48
CA ASP A 136 27.95 36.54 19.95
C ASP A 136 27.07 37.05 21.07
N TYR A 137 26.75 36.18 22.04
CA TYR A 137 25.97 36.60 23.18
C TYR A 137 26.57 37.85 23.82
N TYR A 138 27.88 37.84 24.01
CA TYR A 138 28.54 39.00 24.61
C TYR A 138 28.32 40.24 23.76
N ARG A 139 28.49 40.12 22.45
CA ARG A 139 28.26 41.24 21.55
C ARG A 139 26.80 41.67 21.53
N ILE A 140 25.88 40.79 21.90
CA ILE A 140 24.49 41.20 22.04
C ILE A 140 24.32 42.05 23.28
N LEU A 141 25.05 41.72 24.34
CA LEU A 141 25.01 42.54 25.55
C LEU A 141 25.63 43.90 25.30
N ASN A 142 26.51 44.00 24.31
CA ASN A 142 27.10 45.29 23.95
C ASN A 142 26.01 46.23 23.47
N LYS A 143 25.97 47.43 24.06
CA LYS A 143 24.95 48.40 23.67
C LYS A 143 25.24 49.01 22.30
N GLN A 144 26.51 49.18 21.96
CA GLN A 144 26.86 49.78 20.67
C GLN A 144 26.36 48.89 19.54
N GLU A 145 25.81 49.55 18.52
CA GLU A 145 25.27 48.86 17.35
C GLU A 145 25.65 49.61 16.08
N SER A 146 25.69 48.89 14.97
CA SER A 146 26.03 49.45 13.67
C SER A 146 24.77 49.56 12.82
N ILE A 147 24.52 50.75 12.29
CA ILE A 147 23.36 51.04 11.45
C ILE A 147 23.83 51.25 10.01
N THR A 148 23.20 50.55 9.07
CA THR A 148 23.54 50.63 7.66
C THR A 148 22.40 51.30 6.89
N ILE A 149 22.74 52.32 6.11
CA ILE A 149 21.78 53.07 5.29
C ILE A 149 22.05 52.80 3.82
N ILE A 150 21.01 52.41 3.09
CA ILE A 150 21.09 52.14 1.66
C ILE A 150 20.34 53.23 0.91
N SER A 151 21.04 53.93 0.02
CA SER A 151 20.45 54.96 -0.83
C SER A 151 21.05 54.89 -2.22
N ALA A 152 20.24 55.15 -3.24
CA ALA A 152 20.75 55.17 -4.60
C ALA A 152 21.74 56.31 -4.81
N GLN A 153 21.32 57.53 -4.49
CA GLN A 153 22.17 58.68 -4.71
C GLN A 153 23.30 58.71 -3.70
N GLU A 154 24.45 59.23 -4.13
CA GLU A 154 25.57 59.38 -3.20
C GLU A 154 25.19 60.37 -2.12
N LEU A 155 25.56 60.05 -0.89
CA LEU A 155 25.19 60.84 0.27
C LEU A 155 26.23 61.94 0.49
N THR A 156 25.82 63.18 0.30
CA THR A 156 26.70 64.31 0.57
C THR A 156 26.95 64.44 2.07
N ALA A 157 28.17 64.86 2.41
CA ALA A 157 28.56 64.95 3.82
C ALA A 157 27.56 65.78 4.62
N ALA A 158 27.09 66.89 4.06
CA ALA A 158 26.09 67.69 4.74
C ALA A 158 24.81 66.89 4.96
N GLU A 159 24.40 66.15 3.94
CA GLU A 159 23.21 65.31 4.07
C GLU A 159 23.42 64.23 5.12
N LYS A 160 24.62 63.65 5.17
CA LYS A 160 24.89 62.60 6.14
C LYS A 160 24.76 63.12 7.55
N GLN A 161 25.21 64.35 7.80
CA GLN A 161 25.08 64.93 9.13
C GLN A 161 23.61 65.05 9.52
N LYS A 162 22.76 65.44 8.58
CA LYS A 162 21.33 65.52 8.86
C LYS A 162 20.79 64.14 9.21
N VAL A 163 21.25 63.12 8.47
CA VAL A 163 20.80 61.76 8.74
C VAL A 163 21.16 61.35 10.16
N GLU A 164 22.36 61.72 10.60
CA GLU A 164 22.76 61.39 11.96
C GLU A 164 21.84 62.06 12.97
N GLN A 165 21.46 63.31 12.69
CA GLN A 165 20.54 64.01 13.59
C GLN A 165 19.21 63.29 13.67
N GLY A 166 18.72 62.78 12.54
CA GLY A 166 17.45 62.07 12.55
C GLY A 166 17.53 60.75 13.29
N LEU A 167 18.59 59.97 13.03
CA LEU A 167 18.75 58.72 13.75
C LEU A 167 18.90 58.98 15.24
N LYS A 168 19.63 60.02 15.61
CA LYS A 168 19.75 60.38 17.01
C LYS A 168 18.38 60.68 17.60
N LYS A 169 17.66 61.62 16.98
CA LYS A 169 16.35 61.99 17.49
C LYS A 169 15.43 60.78 17.56
N GLY A 170 15.61 59.82 16.66
CA GLY A 170 14.83 58.59 16.73
C GLY A 170 15.18 57.78 17.96
N ASN A 171 16.47 57.48 18.14
CA ASN A 171 16.91 56.78 19.35
C ASN A 171 17.10 57.75 20.50
N ALA A 172 18.02 58.71 20.35
CA ALA A 172 18.24 59.81 21.28
C ALA A 172 18.75 59.35 22.64
N ASN A 173 19.00 58.05 22.81
CA ASN A 173 19.41 57.52 24.11
C ASN A 173 20.50 56.46 24.01
N VAL A 174 20.98 56.15 22.81
CA VAL A 174 22.00 55.13 22.62
C VAL A 174 22.97 55.58 21.55
N GLN A 175 24.27 55.53 21.85
CA GLN A 175 25.29 55.86 20.87
C GLN A 175 25.41 54.74 19.85
N PHE A 176 25.71 55.11 18.61
CA PHE A 176 25.74 54.15 17.52
C PHE A 176 26.77 54.57 16.49
N THR A 177 27.19 53.61 15.69
CA THR A 177 28.11 53.81 14.58
C THR A 177 27.38 53.60 13.27
N VAL A 178 27.56 54.52 12.35
CA VAL A 178 26.82 54.55 11.09
C VAL A 178 27.68 53.97 9.98
N VAL A 179 27.03 53.25 9.06
CA VAL A 179 27.67 52.72 7.87
C VAL A 179 26.79 53.03 6.68
N TYR A 180 27.43 53.22 5.53
CA TYR A 180 26.74 53.63 4.31
C TYR A 180 26.96 52.58 3.23
N GLN A 181 26.01 52.51 2.31
CA GLN A 181 26.09 51.56 1.19
C GLN A 181 25.17 52.05 0.09
N VAL A 182 25.71 52.26 -1.11
CA VAL A 182 24.93 52.81 -2.23
C VAL A 182 25.17 51.94 -3.45
N ASP A 183 24.33 50.92 -3.64
CA ASP A 183 24.21 50.20 -4.91
C ASP A 183 22.81 49.62 -5.04
N PRO A 184 21.75 50.43 -4.89
CA PRO A 184 20.40 49.89 -5.02
C PRO A 184 19.77 50.12 -6.39
N ALA A 185 18.63 49.48 -6.63
CA ALA A 185 17.73 49.88 -7.71
C ALA A 185 16.75 50.96 -7.30
N ILE A 186 16.45 51.10 -6.00
CA ILE A 186 15.58 52.19 -5.56
C ILE A 186 16.23 53.52 -5.87
N LEU A 187 15.42 54.58 -5.83
CA LEU A 187 15.90 55.93 -6.06
C LEU A 187 15.40 56.86 -4.96
N GLY A 188 16.28 57.79 -4.54
CA GLY A 188 15.92 58.79 -3.56
C GLY A 188 15.39 58.24 -2.27
N GLY A 189 15.55 56.94 -2.05
CA GLY A 189 15.03 56.27 -0.87
C GLY A 189 16.11 55.87 0.12
N LEU A 190 15.73 55.82 1.39
CA LEU A 190 16.63 55.41 2.46
C LEU A 190 16.08 54.15 3.12
N GLN A 191 16.94 53.16 3.32
CA GLN A 191 16.60 51.95 4.03
C GLN A 191 17.65 51.72 5.12
N MET A 192 17.20 51.65 6.36
CA MET A 192 18.08 51.51 7.50
C MET A 192 18.00 50.08 8.05
N TYR A 193 19.14 49.45 8.21
CA TYR A 193 19.27 48.17 8.89
C TYR A 193 19.98 48.40 10.22
N SER A 194 19.35 47.97 11.31
CA SER A 194 19.91 48.12 12.65
C SER A 194 19.88 46.74 13.31
N GLY A 195 20.93 45.96 13.07
CA GLY A 195 21.11 44.71 13.77
C GLY A 195 20.10 43.65 13.37
N ASN A 196 18.84 43.88 13.73
CA ASN A 196 17.77 42.94 13.39
C ASN A 196 16.50 43.64 12.96
N ASN A 197 16.51 44.97 12.80
CA ASN A 197 15.34 45.72 12.40
C ASN A 197 15.57 46.38 11.05
N PHE A 198 14.52 46.46 10.25
CA PHE A 198 14.58 47.04 8.91
C PHE A 198 13.44 48.04 8.76
N LEU A 199 13.78 49.24 8.32
CA LEU A 199 12.80 50.31 8.13
C LEU A 199 12.97 50.87 6.73
N ASP A 200 11.93 50.75 5.92
CA ASP A 200 11.97 51.14 4.52
C ASP A 200 11.24 52.46 4.31
N CYS A 201 11.99 53.49 3.92
CA CYS A 201 11.45 54.77 3.53
C CYS A 201 11.66 55.02 2.05
N SER A 202 11.95 53.95 1.30
CA SER A 202 12.30 54.09 -0.09
C SER A 202 11.13 54.61 -0.92
N LEU A 203 11.45 55.49 -1.86
CA LEU A 203 10.46 55.95 -2.83
C LEU A 203 10.01 54.83 -3.74
N LEU A 204 10.84 53.81 -3.93
CA LEU A 204 10.44 52.68 -4.76
C LEU A 204 9.20 52.01 -4.19
N SER A 205 9.12 51.92 -2.86
CA SER A 205 7.94 51.35 -2.22
C SER A 205 6.71 52.19 -2.50
N ARG A 206 6.87 53.51 -2.43
CA ARG A 206 5.76 54.41 -2.73
C ARG A 206 5.30 54.24 -4.16
N VAL A 207 6.23 54.09 -5.09
CA VAL A 207 5.86 53.89 -6.49
C VAL A 207 5.03 52.63 -6.65
N ASN A 208 5.51 51.52 -6.10
CA ASN A 208 4.79 50.26 -6.23
C ASN A 208 3.42 50.32 -5.56
N LYS A 209 3.36 50.90 -4.36
CA LYS A 209 2.10 50.98 -3.65
C LYS A 209 1.05 51.74 -4.45
N LEU A 210 1.44 52.89 -5.03
CA LEU A 210 0.48 53.68 -5.80
C LEU A 210 0.02 52.94 -7.04
N LYS A 211 0.94 52.33 -7.78
CA LYS A 211 0.54 51.63 -8.99
C LYS A 211 -0.39 50.48 -8.69
N THR A 212 -0.23 49.86 -7.51
CA THR A 212 -1.11 48.76 -7.13
C THR A 212 -2.48 49.27 -6.69
N GLU A 213 -2.52 50.34 -5.89
CA GLU A 213 -3.80 50.83 -5.40
C GLU A 213 -4.61 51.46 -6.52
N ILE A 214 -3.95 52.13 -7.45
CA ILE A 214 -4.65 52.71 -8.59
C ILE A 214 -5.29 51.62 -9.42
N ALA A 215 -4.69 50.43 -9.44
CA ALA A 215 -5.25 49.34 -10.21
C ALA A 215 -6.53 48.82 -9.58
N LYS A 216 -6.59 48.82 -8.26
CA LYS A 216 -7.73 48.24 -7.54
C LYS A 216 -8.86 49.22 -7.32
N ILE A 217 -8.84 50.38 -7.97
CA ILE A 217 -9.85 51.39 -7.73
C ILE A 217 -11.25 50.82 -7.86
N SER A 218 -11.45 49.91 -8.82
CA SER A 218 -12.73 49.25 -9.01
C SER A 218 -13.80 50.26 -9.40
N PHE A 219 -13.43 51.24 -10.22
CA PHE A 219 -14.38 52.24 -10.68
C PHE A 219 -15.61 51.58 -11.30
N ALA B 24 -0.79 -7.29 -2.83
CA ALA B 24 -1.94 -6.82 -3.57
C ALA B 24 -3.21 -6.95 -2.75
N ASN B 25 -3.24 -6.30 -1.59
CA ASN B 25 -4.41 -6.33 -0.70
C ASN B 25 -4.73 -7.79 -0.31
N LEU B 26 -3.79 -8.36 0.44
CA LEU B 26 -3.84 -9.76 0.84
C LEU B 26 -5.24 -10.19 1.25
N LYS B 27 -6.03 -9.26 1.75
CA LYS B 27 -7.39 -9.60 2.16
C LYS B 27 -8.18 -10.07 0.95
N GLN B 28 -8.07 -9.35 -0.17
CA GLN B 28 -8.76 -9.75 -1.39
C GLN B 28 -8.23 -11.08 -1.91
N LEU B 29 -6.90 -11.25 -1.88
CA LEU B 29 -6.32 -12.50 -2.33
C LEU B 29 -6.82 -13.68 -1.52
N LYS B 30 -6.92 -13.52 -0.20
CA LYS B 30 -7.38 -14.62 0.63
C LYS B 30 -8.84 -14.94 0.35
N ILE B 31 -9.65 -13.91 0.09
CA ILE B 31 -11.03 -14.14 -0.28
C ILE B 31 -11.10 -14.92 -1.58
N ARG B 32 -10.30 -14.51 -2.57
CA ARG B 32 -10.31 -15.21 -3.85
C ARG B 32 -9.78 -16.63 -3.69
N MET B 33 -8.79 -16.81 -2.83
CA MET B 33 -8.28 -18.15 -2.53
C MET B 33 -9.36 -19.01 -1.89
N LYS B 34 -10.11 -18.44 -0.96
CA LYS B 34 -11.19 -19.16 -0.30
C LYS B 34 -12.29 -19.56 -1.29
N ALA B 35 -12.64 -18.67 -2.20
CA ALA B 35 -13.66 -18.97 -3.19
C ALA B 35 -13.25 -20.15 -4.06
N ILE B 36 -12.02 -20.14 -4.57
CA ILE B 36 -11.56 -21.19 -5.44
C ILE B 36 -11.51 -22.51 -4.72
N GLY B 37 -11.18 -22.50 -3.42
CA GLY B 37 -11.19 -23.74 -2.67
C GLY B 37 -12.57 -24.34 -2.56
N SER B 38 -13.58 -23.51 -2.29
CA SER B 38 -14.94 -23.99 -2.27
C SER B 38 -15.35 -24.52 -3.63
N ILE B 39 -14.99 -23.82 -4.70
CA ILE B 39 -15.31 -24.28 -6.04
C ILE B 39 -14.66 -25.63 -6.30
N LYS B 40 -13.38 -25.74 -5.95
CA LYS B 40 -12.67 -26.99 -6.15
C LYS B 40 -13.29 -28.11 -5.34
N LYS B 41 -13.66 -27.81 -4.09
CA LYS B 41 -14.28 -28.82 -3.24
C LYS B 41 -15.62 -29.28 -3.81
N ILE B 42 -16.48 -28.34 -4.18
CA ILE B 42 -17.78 -28.71 -4.73
C ILE B 42 -17.60 -29.48 -6.02
N THR B 43 -16.63 -29.10 -6.83
CA THR B 43 -16.41 -29.78 -8.10
C THR B 43 -15.89 -31.19 -7.87
N LYS B 44 -15.05 -31.38 -6.86
CA LYS B 44 -14.58 -32.71 -6.52
C LYS B 44 -15.71 -33.60 -6.06
N ALA B 45 -16.61 -33.07 -5.23
CA ALA B 45 -17.74 -33.85 -4.76
C ALA B 45 -18.64 -34.29 -5.91
N MET B 46 -18.91 -33.40 -6.86
CA MET B 46 -19.74 -33.77 -7.99
C MET B 46 -19.12 -34.87 -8.83
N LYS B 47 -17.79 -34.90 -8.91
CA LYS B 47 -17.14 -35.97 -9.65
C LYS B 47 -17.39 -37.31 -8.96
N MET B 48 -17.33 -37.33 -7.63
CA MET B 48 -17.68 -38.54 -6.89
C MET B 48 -19.10 -38.99 -7.23
N VAL B 49 -20.04 -38.06 -7.15
CA VAL B 49 -21.43 -38.39 -7.41
C VAL B 49 -21.62 -38.86 -8.85
N ALA B 50 -20.91 -38.26 -9.80
CA ALA B 50 -21.05 -38.65 -11.18
C ALA B 50 -20.54 -40.06 -11.43
N ALA B 51 -19.45 -40.43 -10.77
CA ALA B 51 -18.95 -41.80 -10.88
C ALA B 51 -19.98 -42.79 -10.38
N SER B 52 -20.58 -42.51 -9.23
CA SER B 52 -21.60 -43.40 -8.69
C SER B 52 -22.77 -43.53 -9.66
N LYS B 53 -23.27 -42.41 -10.17
CA LYS B 53 -24.41 -42.45 -11.06
C LYS B 53 -24.06 -43.07 -12.40
N MET B 54 -22.85 -42.86 -12.89
CA MET B 54 -22.44 -43.48 -14.14
C MET B 54 -22.37 -44.99 -14.01
N LYS B 55 -21.84 -45.47 -12.89
CA LYS B 55 -21.86 -46.90 -12.60
C LYS B 55 -23.26 -47.47 -12.69
N ALA B 56 -24.23 -46.81 -12.06
CA ALA B 56 -25.60 -47.31 -12.07
C ALA B 56 -26.14 -47.43 -13.48
N GLU B 57 -25.90 -46.43 -14.32
CA GLU B 57 -26.46 -46.45 -15.67
C GLU B 57 -25.81 -47.56 -16.50
N THR B 58 -24.48 -47.68 -16.45
CA THR B 58 -23.83 -48.77 -17.14
C THR B 58 -24.38 -50.11 -16.69
N SER B 59 -24.67 -50.24 -15.38
CA SER B 59 -25.38 -51.42 -14.89
C SER B 59 -26.75 -51.51 -15.52
N ARG B 60 -27.42 -50.37 -15.66
CA ARG B 60 -28.74 -50.34 -16.26
C ARG B 60 -28.66 -50.59 -17.75
N LEU B 61 -27.56 -50.20 -18.38
CA LEU B 61 -27.36 -50.40 -19.80
C LEU B 61 -26.92 -51.82 -20.11
N SER B 247 -27.45 -42.99 -23.33
CA SER B 247 -27.03 -41.59 -23.41
C SER B 247 -26.89 -41.00 -22.02
N SER B 248 -27.79 -41.39 -21.12
CA SER B 248 -27.77 -40.88 -19.76
C SER B 248 -26.40 -41.13 -19.12
N ALA B 249 -25.88 -42.35 -19.27
CA ALA B 249 -24.55 -42.66 -18.78
C ALA B 249 -23.51 -41.77 -19.43
N SER B 250 -23.68 -41.47 -20.71
CA SER B 250 -22.74 -40.58 -21.39
C SER B 250 -22.73 -39.20 -20.75
N GLU B 251 -23.91 -38.68 -20.40
CA GLU B 251 -23.98 -37.41 -19.71
C GLU B 251 -23.19 -37.46 -18.41
N GLN B 252 -23.36 -38.52 -17.63
CA GLN B 252 -22.65 -38.64 -16.36
C GLN B 252 -21.16 -38.75 -16.57
N ALA B 253 -20.73 -39.52 -17.58
CA ALA B 253 -19.30 -39.65 -17.84
C ALA B 253 -18.68 -38.31 -18.19
N SER B 254 -19.33 -37.55 -19.08
CA SER B 254 -18.81 -36.23 -19.42
C SER B 254 -18.77 -35.35 -18.19
N ARG B 255 -19.79 -35.43 -17.34
CA ARG B 255 -19.81 -34.61 -16.14
C ARG B 255 -18.66 -34.98 -15.22
N MET B 256 -18.41 -36.27 -15.03
CA MET B 256 -17.32 -36.70 -14.17
C MET B 256 -15.99 -36.21 -14.71
N ASN B 257 -15.76 -36.39 -16.01
CA ASN B 257 -14.52 -35.95 -16.61
C ASN B 257 -14.38 -34.44 -16.52
N ALA B 258 -15.47 -33.71 -16.77
CA ALA B 258 -15.41 -32.25 -16.73
C ALA B 258 -15.13 -31.73 -15.32
N MET B 259 -15.72 -32.36 -14.31
CA MET B 259 -15.46 -31.94 -12.94
C MET B 259 -14.02 -32.22 -12.56
N GLU B 260 -13.47 -33.36 -12.99
CA GLU B 260 -12.07 -33.65 -12.73
C GLU B 260 -11.18 -32.57 -13.34
N ASN B 261 -11.44 -32.23 -14.59
CA ASN B 261 -10.66 -31.18 -15.24
C ASN B 261 -10.84 -29.85 -14.53
N ALA B 262 -12.07 -29.53 -14.12
CA ALA B 262 -12.31 -28.26 -13.45
C ALA B 262 -11.63 -28.20 -12.09
N SER B 263 -11.70 -29.30 -11.33
CA SER B 263 -11.02 -29.31 -10.04
C SER B 263 -9.51 -29.22 -10.23
N LYS B 264 -8.99 -29.88 -11.26
CA LYS B 264 -7.58 -29.78 -11.57
C LYS B 264 -7.19 -28.34 -11.89
N ASN B 265 -7.95 -27.70 -12.77
CA ASN B 265 -7.64 -26.32 -13.14
C ASN B 265 -7.75 -25.39 -11.94
N ALA B 266 -8.77 -25.57 -11.11
CA ALA B 266 -8.92 -24.76 -9.92
C ALA B 266 -7.74 -24.95 -8.98
N GLY B 267 -7.25 -26.17 -8.85
CA GLY B 267 -6.11 -26.41 -7.98
C GLY B 267 -4.86 -25.70 -8.46
N GLU B 268 -4.61 -25.72 -9.77
CA GLU B 268 -3.46 -25.01 -10.31
C GLU B 268 -3.56 -23.51 -9.99
N ILE B 269 -4.74 -22.94 -10.22
CA ILE B 269 -4.93 -21.52 -9.96
C ILE B 269 -4.76 -21.23 -8.47
N LEU B 270 -5.22 -22.13 -7.62
CA LEU B 270 -5.10 -21.91 -6.19
C LEU B 270 -3.64 -21.94 -5.75
N SER B 271 -2.84 -22.83 -6.33
CA SER B 271 -1.42 -22.85 -6.04
C SER B 271 -0.74 -21.58 -6.51
N LYS B 272 -1.06 -21.16 -7.73
CA LYS B 272 -0.50 -19.92 -8.28
C LYS B 272 -0.88 -18.73 -7.42
N LEU B 273 -2.13 -18.64 -6.99
CA LEU B 273 -2.56 -17.55 -6.12
C LEU B 273 -1.88 -17.62 -4.76
N THR B 274 -1.59 -18.82 -4.27
CA THR B 274 -0.89 -18.95 -3.01
C THR B 274 0.50 -18.36 -3.09
N LEU B 275 1.20 -18.59 -4.19
CA LEU B 275 2.50 -17.97 -4.39
C LEU B 275 2.39 -16.44 -4.29
N ASP B 276 1.42 -15.86 -5.01
CA ASP B 276 1.26 -14.42 -4.96
C ASP B 276 0.91 -13.94 -3.57
N TYR B 277 0.14 -14.73 -2.82
CA TYR B 277 -0.22 -14.30 -1.47
C TYR B 277 0.99 -14.30 -0.56
N ASN B 278 1.84 -15.32 -0.66
CA ASN B 278 3.08 -15.32 0.10
C ASN B 278 3.98 -14.17 -0.33
N LYS B 279 4.09 -13.94 -1.63
CA LYS B 279 4.87 -12.83 -2.14
C LYS B 279 4.38 -11.50 -1.57
N ALA B 280 3.05 -11.30 -1.59
CA ALA B 280 2.49 -10.07 -1.07
C ALA B 280 2.70 -9.96 0.44
N ARG B 281 2.62 -11.07 1.15
CA ARG B 281 2.83 -11.07 2.59
C ARG B 281 4.24 -10.64 2.95
N GLN B 282 5.24 -11.16 2.25
CA GLN B 282 6.61 -10.75 2.52
C GLN B 282 6.81 -9.27 2.27
N ALA B 283 6.25 -8.75 1.18
CA ALA B 283 6.38 -7.34 0.87
C ALA B 283 5.73 -6.46 1.93
N LYS B 284 4.58 -6.90 2.44
CA LYS B 284 3.89 -6.12 3.45
C LYS B 284 4.72 -6.03 4.72
N ILE B 285 5.28 -7.15 5.15
CA ILE B 285 6.16 -7.14 6.32
C ILE B 285 7.32 -6.17 6.09
N THR B 286 7.93 -6.26 4.92
CA THR B 286 9.06 -5.41 4.59
C THR B 286 8.68 -3.94 4.60
N MET B 287 7.55 -3.61 3.97
CA MET B 287 7.14 -2.21 3.86
C MET B 287 6.85 -1.61 5.23
N GLU B 288 6.11 -2.33 6.07
CA GLU B 288 5.80 -1.82 7.40
C GLU B 288 7.07 -1.63 8.22
N LEU B 289 8.00 -2.58 8.12
CA LEU B 289 9.25 -2.49 8.87
C LEU B 289 10.05 -1.26 8.45
N ILE B 290 10.06 -0.94 7.16
CA ILE B 290 10.81 0.21 6.69
C ILE B 290 10.22 1.50 7.24
N GLU B 291 8.90 1.58 7.33
CA GLU B 291 8.27 2.75 7.92
C GLU B 291 8.73 2.94 9.35
N ILE B 292 8.75 1.86 10.13
CA ILE B 292 9.14 1.93 11.52
C ILE B 292 10.58 2.37 11.66
N ILE B 293 11.46 1.84 10.80
CA ILE B 293 12.88 2.18 10.87
C ILE B 293 13.10 3.63 10.49
N SER B 294 12.42 4.11 9.45
CA SER B 294 12.58 5.50 9.03
C SER B 294 12.12 6.45 10.14
N GLY B 295 11.05 6.10 10.83
CA GLY B 295 10.60 6.92 11.95
C GLY B 295 11.57 6.89 13.11
N ALA B 296 12.19 5.73 13.36
CA ALA B 296 13.12 5.61 14.48
C ALA B 296 14.47 6.22 14.21
N SER B 297 14.87 6.34 12.94
CA SER B 297 16.19 6.89 12.63
C SER B 297 16.29 8.32 13.14
N ILE B 298 15.42 9.19 12.65
CA ILE B 298 15.40 10.58 13.06
C ILE B 298 15.05 10.65 14.54
N LYS C 32 27.81 14.80 15.89
CA LYS C 32 26.76 14.11 16.63
C LYS C 32 25.57 15.03 16.83
N LYS C 33 24.65 14.63 17.70
CA LYS C 33 23.49 15.45 18.03
C LYS C 33 23.54 15.97 19.47
N LEU C 34 23.52 15.08 20.46
CA LEU C 34 23.69 15.43 21.86
C LEU C 34 23.58 14.16 22.69
N SER C 35 23.86 14.30 23.98
CA SER C 35 23.78 13.20 24.94
C SER C 35 22.87 13.62 26.07
N THR C 36 21.92 12.76 26.43
CA THR C 36 21.01 13.07 27.53
C THR C 36 21.73 13.29 28.85
N GLY C 37 22.94 12.75 29.00
CA GLY C 37 23.69 13.01 30.21
C GLY C 37 24.33 14.38 30.28
N GLU C 38 24.32 15.14 29.20
CA GLU C 38 24.88 16.48 29.19
C GLU C 38 23.85 17.54 29.56
N ALA C 39 23.19 17.35 30.70
CA ALA C 39 22.21 18.32 31.13
C ALA C 39 22.88 19.62 31.53
N SER C 40 22.16 20.72 31.39
CA SER C 40 22.72 22.03 31.73
C SER C 40 23.07 22.11 33.22
N VAL C 41 22.23 21.54 34.07
CA VAL C 41 22.49 21.59 35.52
C VAL C 41 23.74 20.78 35.87
N VAL C 42 23.88 19.59 35.32
CA VAL C 42 25.05 18.77 35.60
C VAL C 42 26.30 19.42 35.02
N LEU C 43 26.19 19.95 33.81
CA LEU C 43 27.33 20.62 33.19
C LEU C 43 27.72 21.86 33.97
N ALA C 44 26.73 22.58 34.49
CA ALA C 44 27.02 23.81 35.23
C ALA C 44 27.89 23.51 36.45
N GLU C 45 27.62 22.40 37.14
CA GLU C 45 28.42 22.06 38.31
C GLU C 45 29.88 21.85 37.94
N LYS C 46 30.14 21.17 36.82
CA LYS C 46 31.51 20.97 36.39
C LYS C 46 32.20 22.31 36.11
N ILE C 47 31.49 23.22 35.45
CA ILE C 47 32.08 24.52 35.12
C ILE C 47 32.35 25.29 36.40
N LYS C 48 31.45 25.18 37.39
CA LYS C 48 31.65 25.88 38.65
C LYS C 48 32.92 25.38 39.35
N GLY C 49 33.19 24.09 39.26
CA GLY C 49 34.37 23.52 39.88
C GLY C 49 34.16 22.94 41.26
N ILE C 50 32.92 22.84 41.71
CA ILE C 50 32.63 22.28 43.04
C ILE C 50 32.30 20.80 42.84
N THR C 51 33.17 19.94 43.39
CA THR C 51 33.03 18.49 43.25
C THR C 51 32.16 17.93 44.37
N GLN C 52 30.87 18.28 44.31
CA GLN C 52 29.88 17.76 45.24
C GLN C 52 28.81 17.03 44.43
N GLN C 53 28.68 15.73 44.67
CA GLN C 53 27.70 14.91 43.96
C GLN C 53 26.63 14.36 44.88
N ASN C 54 26.59 14.80 46.14
CA ASN C 54 25.62 14.34 47.12
C ASN C 54 25.46 12.81 47.08
N ASP C 55 26.59 12.13 47.28
CA ASP C 55 26.61 10.66 47.31
C ASP C 55 26.01 10.10 46.01
N ILE C 56 26.76 10.29 44.94
CA ILE C 56 26.29 9.86 43.62
C ILE C 56 25.94 8.38 43.64
N THR C 57 26.71 7.58 44.35
CA THR C 57 26.44 6.14 44.41
C THR C 57 25.29 5.89 45.36
N GLU C 58 24.30 5.16 44.89
CA GLU C 58 23.11 4.74 45.63
C GLU C 58 22.10 5.87 45.69
N TYR C 59 22.32 6.96 44.96
CA TYR C 59 21.37 8.06 44.92
C TYR C 59 21.37 8.64 43.51
N GLY C 60 20.19 9.03 43.03
CA GLY C 60 20.08 9.56 41.70
C GLY C 60 19.16 10.77 41.65
N THR C 61 19.35 11.58 40.61
CA THR C 61 18.54 12.74 40.34
C THR C 61 17.89 12.59 38.98
N VAL C 62 16.57 12.75 38.93
CA VAL C 62 15.83 12.59 37.69
C VAL C 62 16.19 13.71 36.72
N ILE C 63 16.42 13.35 35.47
CA ILE C 63 16.74 14.30 34.43
C ILE C 63 15.58 14.51 33.46
N SER C 64 14.79 13.49 33.18
CA SER C 64 13.68 13.61 32.26
C SER C 64 12.66 12.54 32.56
N ILE C 65 11.39 12.86 32.32
CA ILE C 65 10.28 11.96 32.59
C ILE C 65 9.29 12.04 31.44
N GLY C 66 8.94 10.90 30.88
CA GLY C 66 7.98 10.88 29.81
C GLY C 66 7.44 9.50 29.52
N ASP C 67 6.12 9.40 29.41
CA ASP C 67 5.47 8.15 29.03
C ASP C 67 5.81 7.03 30.00
N GLY C 68 6.05 7.37 31.26
CA GLY C 68 6.33 6.38 32.27
C GLY C 68 7.77 5.92 32.31
N ILE C 69 8.67 6.61 31.60
CA ILE C 69 10.08 6.29 31.61
C ILE C 69 10.86 7.50 32.12
N ALA C 70 11.68 7.29 33.13
CA ALA C 70 12.48 8.33 33.74
C ALA C 70 13.95 8.02 33.53
N ARG C 71 14.68 8.99 33.02
CA ARG C 71 16.13 8.89 32.90
C ARG C 71 16.76 9.56 34.11
N VAL C 72 17.71 8.89 34.74
CA VAL C 72 18.30 9.32 36.00
C VAL C 72 19.80 9.44 35.81
N PHE C 73 20.33 10.61 36.10
CA PHE C 73 21.78 10.80 36.13
C PHE C 73 22.32 10.31 37.45
N GLY C 74 23.49 9.70 37.42
CA GLY C 74 24.08 9.17 38.62
C GLY C 74 23.54 7.80 38.95
N LEU C 75 23.28 7.57 40.24
CA LEU C 75 22.72 6.32 40.72
C LEU C 75 23.58 5.13 40.30
N THR C 76 24.88 5.36 40.23
CA THR C 76 25.81 4.28 39.93
C THR C 76 25.73 3.23 41.03
N LYS C 77 26.31 2.06 40.73
CA LYS C 77 26.28 0.90 41.63
C LYS C 77 24.89 0.29 41.72
N VAL C 78 24.06 0.54 40.72
CA VAL C 78 22.71 0.03 40.67
C VAL C 78 22.70 -1.17 39.73
N GLN C 79 22.22 -2.30 40.22
CA GLN C 79 22.19 -3.50 39.41
C GLN C 79 21.08 -3.42 38.38
N ALA C 80 21.30 -4.10 37.25
CA ALA C 80 20.30 -4.19 36.21
C ALA C 80 19.10 -4.98 36.71
N GLY C 81 17.91 -4.43 36.51
CA GLY C 81 16.70 -5.06 36.99
C GLY C 81 16.43 -4.85 38.46
N GLU C 82 16.98 -3.80 39.05
CA GLU C 82 16.82 -3.52 40.47
C GLU C 82 15.72 -2.50 40.69
N MET C 83 15.10 -2.57 41.86
CA MET C 83 14.05 -1.64 42.23
C MET C 83 14.65 -0.39 42.85
N VAL C 84 14.05 0.75 42.52
CA VAL C 84 14.48 2.03 43.04
C VAL C 84 13.26 2.79 43.56
N GLU C 85 13.48 3.58 44.60
CA GLU C 85 12.42 4.35 45.25
C GLU C 85 12.55 5.82 44.86
N PHE C 86 11.43 6.40 44.45
CA PHE C 86 11.40 7.81 44.12
C PHE C 86 10.98 8.61 45.36
N LYS C 87 11.18 9.93 45.25
CA LYS C 87 10.89 10.81 46.38
C LYS C 87 9.46 10.64 46.86
N SER C 88 8.52 10.45 45.93
CA SER C 88 7.11 10.33 46.32
C SER C 88 6.85 9.00 47.03
N GLY C 89 7.41 7.91 46.53
CA GLY C 89 7.20 6.61 47.12
C GLY C 89 7.02 5.50 46.10
N ILE C 90 6.72 5.88 44.86
CA ILE C 90 6.56 4.89 43.80
C ILE C 90 7.91 4.31 43.41
N ARG C 91 7.90 3.04 43.05
CA ARG C 91 9.10 2.31 42.69
C ARG C 91 9.33 2.32 41.19
N GLY C 92 10.55 1.95 40.80
CA GLY C 92 10.90 1.83 39.40
C GLY C 92 11.90 0.72 39.22
N MET C 93 12.08 0.32 37.96
CA MET C 93 12.98 -0.76 37.59
C MET C 93 14.05 -0.23 36.64
N ALA C 94 15.31 -0.39 37.03
CA ALA C 94 16.43 0.03 36.20
C ALA C 94 16.66 -1.00 35.11
N LEU C 95 16.26 -0.67 33.88
CA LEU C 95 16.36 -1.59 32.76
C LEU C 95 17.48 -1.24 31.79
N ASN C 96 17.83 0.04 31.68
CA ASN C 96 18.91 0.48 30.79
C ASN C 96 19.97 1.18 31.62
N LEU C 97 21.13 0.53 31.74
CA LEU C 97 22.29 1.11 32.42
C LEU C 97 23.19 1.70 31.35
N GLU C 98 23.04 2.99 31.10
CA GLU C 98 23.83 3.68 30.10
C GLU C 98 25.03 4.35 30.75
N THR C 99 25.90 4.89 29.91
CA THR C 99 27.15 5.47 30.40
C THR C 99 26.88 6.65 31.33
N ASP C 100 25.97 7.54 30.93
CA ASP C 100 25.76 8.79 31.63
C ASP C 100 24.44 8.85 32.38
N ASN C 101 23.57 7.86 32.21
CA ASN C 101 22.27 7.89 32.88
C ASN C 101 21.75 6.47 33.00
N VAL C 102 20.56 6.37 33.60
CA VAL C 102 19.88 5.10 33.81
C VAL C 102 18.44 5.27 33.35
N GLY C 103 18.03 4.45 32.39
CA GLY C 103 16.65 4.47 31.97
C GLY C 103 15.79 3.58 32.84
N VAL C 104 14.86 4.19 33.57
CA VAL C 104 14.01 3.49 34.52
C VAL C 104 12.58 3.52 34.03
N VAL C 105 11.87 2.42 34.28
CA VAL C 105 10.45 2.32 34.02
C VAL C 105 9.74 2.43 35.36
N VAL C 106 8.84 3.41 35.48
CA VAL C 106 8.17 3.67 36.74
C VAL C 106 7.03 2.70 36.91
N LEU C 107 6.93 2.12 38.11
CA LEU C 107 5.88 1.14 38.42
C LEU C 107 4.69 1.86 39.05
N GLY C 108 4.06 2.73 38.26
CA GLY C 108 2.91 3.46 38.74
C GLY C 108 2.59 4.62 37.81
N ASN C 109 1.80 5.55 38.33
CA ASN C 109 1.41 6.71 37.57
C ASN C 109 2.59 7.67 37.42
N ASP C 110 2.82 8.14 36.20
CA ASP C 110 3.97 8.98 35.89
C ASP C 110 3.80 10.41 36.36
N ARG C 111 2.60 10.82 36.72
CA ARG C 111 2.35 12.20 37.11
C ARG C 111 2.97 12.58 38.45
N ASP C 112 3.22 11.61 39.32
CA ASP C 112 3.62 11.94 40.68
C ASP C 112 4.97 12.64 40.70
N ILE C 113 5.99 11.97 40.22
CA ILE C 113 7.37 12.47 40.31
C ILE C 113 7.67 13.38 39.14
N LYS C 114 8.49 14.40 39.41
CA LYS C 114 8.86 15.39 38.42
C LYS C 114 10.38 15.52 38.39
N GLU C 115 10.87 16.28 37.41
CA GLU C 115 12.30 16.48 37.26
C GLU C 115 12.90 17.02 38.54
N GLY C 116 14.12 16.59 38.83
CA GLY C 116 14.82 17.01 40.02
C GLY C 116 14.65 16.09 41.21
N ASP C 117 13.67 15.18 41.16
CA ASP C 117 13.46 14.29 42.28
C ASP C 117 14.67 13.38 42.50
N VAL C 118 14.78 12.89 43.74
CA VAL C 118 15.87 12.02 44.14
C VAL C 118 15.43 10.57 44.02
N VAL C 119 16.35 9.71 43.64
CA VAL C 119 16.09 8.28 43.47
C VAL C 119 17.12 7.50 44.27
N LYS C 120 16.65 6.62 45.14
CA LYS C 120 17.50 5.78 45.96
C LYS C 120 17.28 4.33 45.58
N ARG C 121 18.37 3.60 45.37
CA ARG C 121 18.27 2.19 45.02
C ARG C 121 17.88 1.37 46.26
N THR C 122 16.87 0.52 46.10
CA THR C 122 16.43 -0.30 47.22
C THR C 122 17.51 -1.27 47.66
N GLY C 123 18.37 -1.69 46.75
CA GLY C 123 19.44 -2.61 47.08
C GLY C 123 19.11 -4.06 46.88
N ALA C 124 17.95 -4.38 46.31
CA ALA C 124 17.52 -5.75 46.14
C ALA C 124 16.74 -5.90 44.84
N ILE C 125 16.97 -7.01 44.15
CA ILE C 125 16.20 -7.30 42.96
C ILE C 125 14.74 -7.52 43.35
N VAL C 126 13.86 -7.37 42.36
CA VAL C 126 12.44 -7.53 42.59
C VAL C 126 12.13 -8.95 43.02
N ASP C 127 11.39 -9.09 44.11
CA ASP C 127 10.99 -10.40 44.63
C ASP C 127 9.54 -10.36 45.06
N VAL C 128 8.93 -11.54 45.13
CA VAL C 128 7.52 -11.66 45.50
C VAL C 128 7.38 -12.72 46.60
N PRO C 129 6.42 -12.55 47.51
CA PRO C 129 6.23 -13.56 48.55
C PRO C 129 5.66 -14.86 48.00
N ILE C 130 5.97 -15.96 48.68
CA ILE C 130 5.53 -17.29 48.28
C ILE C 130 5.09 -18.06 49.51
N GLY C 131 4.28 -19.07 49.28
CA GLY C 131 3.83 -19.93 50.36
C GLY C 131 2.45 -20.49 50.06
N GLU C 132 1.95 -21.23 51.05
CA GLU C 132 0.61 -21.79 50.96
C GLU C 132 -0.45 -20.78 51.37
N ALA C 133 -0.12 -19.88 52.29
CA ALA C 133 -1.09 -18.94 52.81
C ALA C 133 -1.60 -17.98 51.73
N MET C 134 -1.04 -18.06 50.53
CA MET C 134 -1.48 -17.21 49.44
C MET C 134 -2.67 -17.80 48.69
N CYS C 135 -2.78 -19.12 48.64
CA CYS C 135 -3.88 -19.73 47.92
C CYS C 135 -5.20 -19.22 48.47
N GLY C 136 -6.04 -18.72 47.58
CA GLY C 136 -7.29 -18.13 47.96
C GLY C 136 -7.23 -16.63 48.12
N ARG C 137 -6.33 -15.96 47.41
CA ARG C 137 -6.16 -14.52 47.52
C ARG C 137 -5.80 -13.97 46.15
N VAL C 138 -6.31 -12.77 45.88
CA VAL C 138 -5.97 -12.04 44.66
C VAL C 138 -4.83 -11.09 44.95
N PHE C 139 -3.78 -11.15 44.12
CA PHE C 139 -2.58 -10.38 44.33
C PHE C 139 -2.31 -9.46 43.14
N ASP C 140 -1.49 -8.46 43.40
CA ASP C 140 -0.97 -7.59 42.36
C ASP C 140 0.26 -8.26 41.74
N ALA C 141 0.90 -7.56 40.80
CA ALA C 141 2.08 -8.11 40.17
C ALA C 141 3.24 -8.25 41.12
N LEU C 142 3.27 -7.46 42.20
CA LEU C 142 4.36 -7.45 43.15
C LEU C 142 4.03 -8.19 44.44
N GLY C 143 2.90 -8.88 44.50
CA GLY C 143 2.52 -9.63 45.67
C GLY C 143 1.65 -8.90 46.66
N ASN C 144 1.21 -7.68 46.35
CA ASN C 144 0.35 -6.95 47.27
C ASN C 144 -1.08 -7.46 47.13
N PRO C 145 -1.72 -7.92 48.21
CA PRO C 145 -3.11 -8.39 48.12
C PRO C 145 -4.07 -7.24 47.90
N ILE C 146 -4.84 -7.32 46.82
CA ILE C 146 -5.81 -6.29 46.48
C ILE C 146 -7.23 -6.70 46.83
N ASP C 147 -7.45 -7.96 47.19
CA ASP C 147 -8.79 -8.42 47.52
C ASP C 147 -9.32 -7.78 48.80
N GLY C 148 -8.44 -7.28 49.66
CA GLY C 148 -8.85 -6.62 50.88
C GLY C 148 -9.17 -7.54 52.03
N LEU C 149 -9.03 -8.85 51.86
CA LEU C 149 -9.36 -9.77 52.94
C LEU C 149 -8.46 -9.59 54.16
N GLY C 150 -7.34 -8.89 54.02
CA GLY C 150 -6.48 -8.64 55.15
C GLY C 150 -5.00 -8.72 54.82
N PRO C 151 -4.17 -8.64 55.85
CA PRO C 151 -2.71 -8.70 55.64
C PRO C 151 -2.27 -10.10 55.28
N LEU C 152 -1.31 -10.19 54.36
CA LEU C 152 -0.79 -11.46 53.90
C LEU C 152 0.36 -11.89 54.83
N LYS C 153 0.24 -13.09 55.38
CA LYS C 153 1.24 -13.64 56.28
C LYS C 153 1.93 -14.82 55.58
N THR C 154 3.19 -14.62 55.18
CA THR C 154 3.96 -15.65 54.53
C THR C 154 5.36 -15.72 55.15
N THR C 155 6.04 -16.83 54.88
CA THR C 155 7.35 -17.08 55.47
C THR C 155 8.44 -16.29 54.75
N GLN C 156 8.64 -16.53 53.45
CA GLN C 156 9.75 -15.94 52.73
C GLN C 156 9.31 -15.48 51.35
N ARG C 157 10.28 -14.96 50.60
CA ARG C 157 10.08 -14.40 49.27
C ARG C 157 11.09 -14.98 48.30
N ALA C 158 10.72 -14.97 47.02
CA ALA C 158 11.55 -15.52 45.97
C ALA C 158 11.76 -14.50 44.86
N ARG C 159 12.93 -14.60 44.23
CA ARG C 159 13.26 -13.70 43.13
C ARG C 159 12.39 -14.00 41.91
N VAL C 160 11.98 -12.94 41.21
CA VAL C 160 11.10 -13.08 40.08
C VAL C 160 11.83 -13.65 38.87
N GLU C 161 13.08 -13.27 38.69
CA GLU C 161 13.87 -13.67 37.53
C GLU C 161 15.01 -14.58 37.97
N ILE C 162 14.95 -15.84 37.52
CA ILE C 162 15.99 -16.84 37.79
C ILE C 162 16.01 -17.79 36.60
N LYS C 163 17.04 -18.63 36.55
CA LYS C 163 17.19 -19.54 35.44
C LYS C 163 16.32 -20.77 35.62
N ALA C 164 15.91 -21.34 34.49
CA ALA C 164 15.08 -22.52 34.49
C ALA C 164 15.92 -23.75 34.81
N PRO C 165 15.28 -24.84 35.22
CA PRO C 165 16.02 -26.06 35.50
C PRO C 165 16.79 -26.55 34.28
N GLY C 166 17.87 -27.27 34.55
CA GLY C 166 18.69 -27.82 33.50
C GLY C 166 18.04 -29.00 32.80
N ILE C 167 18.87 -29.90 32.28
CA ILE C 167 18.39 -31.08 31.58
C ILE C 167 18.35 -32.25 32.54
N ILE C 168 19.25 -32.26 33.51
CA ILE C 168 19.35 -33.35 34.48
C ILE C 168 18.25 -33.26 35.53
N PRO C 169 18.05 -32.11 36.17
CA PRO C 169 17.02 -32.02 37.21
C PRO C 169 15.65 -32.47 36.74
N ARG C 170 15.43 -32.38 35.43
CA ARG C 170 14.15 -32.69 34.85
C ARG C 170 13.92 -34.20 34.84
N GLN C 171 12.74 -34.58 34.37
CA GLN C 171 12.33 -35.97 34.30
C GLN C 171 11.25 -36.08 33.23
N SER C 172 11.11 -37.28 32.68
CA SER C 172 10.14 -37.48 31.61
C SER C 172 8.73 -37.21 32.10
N VAL C 173 7.91 -36.63 31.23
CA VAL C 173 6.52 -36.29 31.53
C VAL C 173 5.70 -37.58 31.42
N ARG C 174 5.33 -38.15 32.57
CA ARG C 174 4.58 -39.39 32.61
C ARG C 174 3.28 -39.28 33.41
N GLN C 175 2.91 -38.09 33.86
CA GLN C 175 1.76 -37.93 34.72
C GLN C 175 0.74 -37.00 34.10
N PRO C 176 -0.54 -37.39 34.04
CA PRO C 176 -1.56 -36.57 33.39
C PRO C 176 -2.03 -35.38 34.21
N MET C 177 -2.43 -34.32 33.50
CA MET C 177 -3.05 -33.15 34.08
C MET C 177 -4.47 -33.07 33.50
N GLN C 178 -5.42 -33.65 34.23
CA GLN C 178 -6.78 -33.78 33.74
C GLN C 178 -7.48 -32.42 33.71
N THR C 179 -7.67 -31.88 32.51
CA THR C 179 -8.40 -30.63 32.36
C THR C 179 -9.89 -30.81 32.60
N GLY C 180 -10.41 -32.00 32.35
CA GLY C 180 -11.83 -32.24 32.42
C GLY C 180 -12.53 -32.14 31.09
N ILE C 181 -11.85 -31.61 30.07
CA ILE C 181 -12.43 -31.49 28.74
C ILE C 181 -12.22 -32.80 28.00
N LYS C 182 -13.31 -33.37 27.49
CA LYS C 182 -13.24 -34.64 26.78
C LYS C 182 -12.29 -34.58 25.60
N CYS C 183 -12.46 -33.58 24.73
CA CYS C 183 -11.62 -33.50 23.53
C CYS C 183 -10.16 -33.40 23.90
N VAL C 184 -9.84 -32.55 24.87
CA VAL C 184 -8.44 -32.34 25.25
C VAL C 184 -7.87 -33.60 25.89
N ASP C 185 -8.51 -34.10 26.94
CA ASP C 185 -7.95 -35.23 27.66
C ASP C 185 -7.80 -36.45 26.77
N SER C 186 -8.60 -36.55 25.72
CA SER C 186 -8.56 -37.70 24.81
C SER C 186 -7.59 -37.48 23.67
N LEU C 187 -7.79 -36.42 22.89
CA LEU C 187 -7.05 -36.20 21.66
C LEU C 187 -5.83 -35.30 21.84
N VAL C 188 -5.85 -34.42 22.83
CA VAL C 188 -4.73 -33.51 23.06
C VAL C 188 -4.36 -33.63 24.53
N PRO C 189 -3.73 -34.74 24.93
CA PRO C 189 -3.43 -34.93 26.35
C PRO C 189 -2.36 -33.98 26.83
N ILE C 190 -2.52 -33.55 28.08
CA ILE C 190 -1.59 -32.63 28.73
C ILE C 190 -1.00 -33.33 29.95
N GLY C 191 0.31 -33.53 29.93
CA GLY C 191 1.02 -34.11 31.04
C GLY C 191 1.65 -33.06 31.92
N ARG C 192 1.78 -33.38 33.20
CA ARG C 192 2.36 -32.43 34.14
C ARG C 192 3.81 -32.12 33.76
N GLY C 193 4.15 -30.84 33.84
CA GLY C 193 5.43 -30.37 33.38
C GLY C 193 5.48 -30.02 31.91
N GLN C 194 4.33 -29.99 31.25
CA GLN C 194 4.22 -29.72 29.83
C GLN C 194 3.76 -28.28 29.59
N ARG C 195 4.12 -27.78 28.43
CA ARG C 195 3.79 -26.43 28.00
C ARG C 195 2.81 -26.53 26.83
N GLU C 196 1.54 -26.32 27.10
CA GLU C 196 0.49 -26.41 26.08
C GLU C 196 -0.08 -25.03 25.83
N LEU C 197 -0.16 -24.65 24.56
CA LEU C 197 -0.57 -23.32 24.15
C LEU C 197 -2.02 -23.30 23.72
N ILE C 198 -2.84 -22.51 24.42
CA ILE C 198 -4.23 -22.32 24.05
C ILE C 198 -4.27 -21.12 23.11
N ILE C 199 -4.38 -21.38 21.82
CA ILE C 199 -4.31 -20.33 20.80
C ILE C 199 -5.63 -20.31 20.05
N GLY C 200 -6.12 -19.11 19.79
CA GLY C 200 -7.35 -18.96 19.03
C GLY C 200 -7.68 -17.50 18.89
N ASP C 201 -8.73 -17.23 18.12
CA ASP C 201 -9.19 -15.87 17.93
C ASP C 201 -9.97 -15.39 19.15
N ARG C 202 -10.38 -14.13 19.11
CA ARG C 202 -11.11 -13.54 20.21
C ARG C 202 -12.46 -14.21 20.40
N GLN C 203 -12.83 -14.43 21.66
CA GLN C 203 -14.13 -14.95 22.01
C GLN C 203 -14.39 -16.30 21.35
N THR C 204 -13.47 -17.23 21.57
CA THR C 204 -13.60 -18.59 21.10
C THR C 204 -13.68 -19.61 22.22
N GLY C 205 -13.46 -19.20 23.47
CA GLY C 205 -13.56 -20.11 24.59
C GLY C 205 -12.22 -20.52 25.14
N LYS C 206 -11.25 -19.60 25.15
CA LYS C 206 -9.94 -19.91 25.68
C LYS C 206 -9.90 -19.83 27.19
N THR C 207 -10.25 -18.67 27.73
CA THR C 207 -10.37 -18.52 29.18
C THR C 207 -11.32 -19.55 29.78
N ALA C 208 -12.33 -19.96 29.03
CA ALA C 208 -13.25 -20.98 29.50
C ALA C 208 -12.55 -22.29 29.79
N ILE C 209 -11.66 -22.71 28.90
CA ILE C 209 -10.92 -23.96 29.10
C ILE C 209 -10.07 -23.87 30.35
N ALA C 210 -9.41 -22.73 30.54
CA ALA C 210 -8.56 -22.56 31.72
C ALA C 210 -9.37 -22.72 33.00
N ILE C 211 -10.55 -22.08 33.07
CA ILE C 211 -11.35 -22.17 34.27
C ILE C 211 -11.90 -23.57 34.47
N ASP C 212 -12.24 -24.24 33.37
CA ASP C 212 -12.73 -25.61 33.48
C ASP C 212 -11.68 -26.53 34.07
N THR C 213 -10.42 -26.33 33.69
CA THR C 213 -9.34 -27.10 34.27
C THR C 213 -9.28 -26.90 35.78
N ILE C 214 -9.33 -25.65 36.22
CA ILE C 214 -9.24 -25.35 37.65
C ILE C 214 -10.34 -26.06 38.43
N LEU C 215 -11.54 -26.13 37.87
CA LEU C 215 -12.64 -26.75 38.60
C LEU C 215 -12.43 -28.24 38.79
N ASN C 216 -11.92 -28.92 37.77
CA ASN C 216 -11.73 -30.36 37.89
C ASN C 216 -10.72 -30.70 38.98
N GLN C 217 -9.72 -29.85 39.19
CA GLN C 217 -8.67 -30.11 40.17
C GLN C 217 -9.18 -30.04 41.60
N LYS C 218 -10.46 -29.75 41.81
CA LYS C 218 -10.98 -29.50 43.15
C LYS C 218 -11.34 -30.79 43.88
N GLU C 219 -11.56 -31.87 43.14
CA GLU C 219 -11.97 -33.13 43.76
C GLU C 219 -10.89 -33.66 44.70
N ALA C 220 -9.63 -33.55 44.28
CA ALA C 220 -8.54 -34.06 45.11
C ALA C 220 -8.43 -33.31 46.43
N PHE C 221 -8.55 -31.99 46.39
CA PHE C 221 -8.47 -31.22 47.63
C PHE C 221 -9.63 -31.59 48.55
N ASN C 222 -10.81 -31.78 47.98
CA ASN C 222 -11.98 -32.16 48.77
C ASN C 222 -11.80 -33.55 49.34
N THR C 223 -11.29 -34.47 48.52
CA THR C 223 -11.10 -35.86 48.94
C THR C 223 -9.85 -36.02 49.79
N GLY C 224 -8.74 -35.42 49.39
CA GLY C 224 -7.48 -35.53 50.08
C GLY C 224 -6.42 -36.33 49.37
N ASP C 225 -6.52 -36.53 48.06
CA ASP C 225 -5.53 -37.29 47.30
C ASP C 225 -4.34 -36.37 47.02
N VAL C 226 -3.37 -36.38 47.93
CA VAL C 226 -2.23 -35.47 47.82
C VAL C 226 -1.48 -35.71 46.52
N LYS C 227 -1.46 -36.93 46.03
CA LYS C 227 -0.71 -37.24 44.81
C LYS C 227 -1.27 -36.48 43.63
N LYS C 228 -2.57 -36.21 43.63
CA LYS C 228 -3.24 -35.57 42.50
C LYS C 228 -3.43 -34.08 42.69
N GLN C 229 -3.30 -33.57 43.92
CA GLN C 229 -3.55 -32.17 44.16
C GLN C 229 -2.70 -31.30 43.25
N LEU C 230 -3.35 -30.40 42.53
CA LEU C 230 -2.68 -29.52 41.58
C LEU C 230 -3.12 -28.10 41.86
N TYR C 231 -2.23 -27.32 42.47
CA TYR C 231 -2.54 -25.94 42.73
C TYR C 231 -2.54 -25.16 41.42
N CYS C 232 -3.54 -24.29 41.27
CA CYS C 232 -3.74 -23.55 40.04
C CYS C 232 -3.39 -22.09 40.26
N ILE C 233 -2.78 -21.48 39.26
CA ILE C 233 -2.39 -20.09 39.30
C ILE C 233 -2.88 -19.42 38.02
N TYR C 234 -3.65 -18.35 38.18
CA TYR C 234 -4.23 -17.62 37.06
C TYR C 234 -3.59 -16.25 37.00
N VAL C 235 -2.96 -15.95 35.88
CA VAL C 235 -2.30 -14.67 35.66
C VAL C 235 -3.12 -13.89 34.65
N ALA C 236 -3.59 -12.72 35.06
CA ALA C 236 -4.39 -11.85 34.21
C ALA C 236 -3.53 -10.68 33.74
N VAL C 237 -3.41 -10.55 32.43
CA VAL C 237 -2.62 -9.50 31.80
C VAL C 237 -3.53 -8.72 30.87
N GLY C 238 -3.56 -7.41 31.03
CA GLY C 238 -4.36 -6.56 30.17
C GLY C 238 -5.82 -6.92 30.16
N GLN C 239 -6.40 -7.19 31.32
CA GLN C 239 -7.81 -7.50 31.48
C GLN C 239 -8.43 -6.52 32.44
N LYS C 240 -9.66 -6.12 32.14
CA LYS C 240 -10.37 -5.20 33.03
C LYS C 240 -10.70 -5.90 34.35
N ARG C 241 -10.79 -5.10 35.40
CA ARG C 241 -11.03 -5.61 36.74
C ARG C 241 -12.42 -6.20 36.89
N SER C 242 -13.36 -5.82 36.02
CA SER C 242 -14.72 -6.34 36.13
C SER C 242 -14.75 -7.84 35.84
N THR C 243 -14.11 -8.27 34.76
CA THR C 243 -14.09 -9.70 34.44
C THR C 243 -13.34 -10.49 35.48
N ILE C 244 -12.32 -9.90 36.09
CA ILE C 244 -11.58 -10.59 37.14
C ILE C 244 -12.46 -10.81 38.36
N ALA C 245 -13.26 -9.81 38.72
CA ALA C 245 -14.18 -10.00 39.83
C ALA C 245 -15.19 -11.08 39.52
N ASN C 246 -15.71 -11.11 38.29
CA ASN C 246 -16.61 -12.17 37.89
C ASN C 246 -15.91 -13.52 37.97
N LEU C 247 -14.66 -13.55 37.53
CA LEU C 247 -13.89 -14.80 37.56
C LEU C 247 -13.73 -15.30 38.99
N VAL C 248 -13.41 -14.40 39.91
CA VAL C 248 -13.26 -14.78 41.32
C VAL C 248 -14.58 -15.25 41.90
N SER C 249 -15.69 -14.61 41.53
CA SER C 249 -16.99 -15.03 42.03
C SER C 249 -17.30 -16.45 41.59
N ILE C 250 -16.98 -16.78 40.34
CA ILE C 250 -17.22 -18.13 39.84
C ILE C 250 -16.41 -19.14 40.64
N LEU C 251 -15.15 -18.83 40.92
CA LEU C 251 -14.32 -19.73 41.68
C LEU C 251 -14.84 -19.90 43.10
N LYS C 252 -15.26 -18.80 43.73
CA LYS C 252 -15.84 -18.88 45.05
C LYS C 252 -17.18 -19.60 45.03
N GLN C 253 -17.94 -19.43 43.96
CA GLN C 253 -19.22 -20.11 43.83
C GLN C 253 -19.02 -21.62 43.78
N HIS C 254 -18.15 -22.07 42.91
CA HIS C 254 -17.85 -23.50 42.78
C HIS C 254 -16.92 -24.00 43.87
N ASP C 255 -16.52 -23.14 44.81
CA ASP C 255 -15.66 -23.45 45.93
C ASP C 255 -14.24 -23.76 45.49
N CYS C 256 -13.96 -23.72 44.18
CA CYS C 256 -12.65 -24.05 43.67
C CYS C 256 -11.58 -23.06 44.10
N MET C 257 -11.97 -21.97 44.76
CA MET C 257 -11.00 -21.12 45.41
C MET C 257 -10.39 -21.89 46.58
N LYS C 258 -9.50 -21.23 47.31
CA LYS C 258 -8.74 -21.74 48.44
C LYS C 258 -7.60 -22.65 48.01
N PHE C 259 -7.49 -22.99 46.73
CA PHE C 259 -6.30 -23.65 46.21
C PHE C 259 -5.81 -23.02 44.92
N THR C 260 -6.33 -21.84 44.57
CA THR C 260 -5.91 -21.11 43.38
C THR C 260 -5.46 -19.71 43.77
N ILE C 261 -4.54 -19.18 42.97
CA ILE C 261 -3.98 -17.86 43.18
C ILE C 261 -4.20 -17.05 41.91
N VAL C 262 -4.70 -15.83 42.08
CA VAL C 262 -5.00 -14.94 40.97
C VAL C 262 -4.02 -13.79 41.03
N VAL C 263 -3.23 -13.61 39.98
CA VAL C 263 -2.32 -12.49 39.85
C VAL C 263 -2.86 -11.56 38.77
N CYS C 264 -3.09 -10.31 39.12
CA CYS C 264 -3.79 -9.36 38.26
C CYS C 264 -2.85 -8.24 37.84
N ALA C 265 -2.71 -8.04 36.53
CA ALA C 265 -2.06 -6.86 35.96
C ALA C 265 -3.05 -6.29 34.96
N THR C 266 -3.96 -5.48 35.45
CA THR C 266 -5.08 -5.01 34.66
C THR C 266 -4.64 -3.95 33.65
N ALA C 267 -5.58 -3.57 32.78
CA ALA C 267 -5.29 -2.61 31.74
C ALA C 267 -4.86 -1.27 32.31
N SER C 268 -5.34 -0.92 33.50
CA SER C 268 -4.96 0.35 34.10
C SER C 268 -3.55 0.30 34.66
N ASP C 269 -3.07 -0.88 35.01
CA ASP C 269 -1.73 -1.00 35.55
C ASP C 269 -0.71 -0.63 34.49
N ALA C 270 0.40 -0.04 34.93
CA ALA C 270 1.43 0.36 34.01
C ALA C 270 1.94 -0.85 33.22
N ALA C 271 2.59 -0.55 32.10
CA ALA C 271 3.11 -1.62 31.25
C ALA C 271 4.11 -2.51 31.96
N PRO C 272 5.04 -2.00 32.76
CA PRO C 272 5.99 -2.88 33.44
C PRO C 272 5.33 -3.92 34.31
N LEU C 273 4.18 -3.59 34.91
CA LEU C 273 3.47 -4.54 35.73
C LEU C 273 2.90 -5.68 34.89
N GLN C 274 2.33 -5.34 33.74
CA GLN C 274 1.84 -6.37 32.83
C GLN C 274 2.97 -7.25 32.32
N PHE C 275 4.19 -6.74 32.33
CA PHE C 275 5.35 -7.50 31.91
C PHE C 275 5.88 -8.40 33.01
N LEU C 276 5.73 -7.99 34.28
CA LEU C 276 6.24 -8.78 35.40
C LEU C 276 5.26 -9.83 35.90
N ALA C 277 3.96 -9.59 35.75
CA ALA C 277 2.97 -10.52 36.28
C ALA C 277 3.26 -11.98 35.93
N PRO C 278 3.54 -12.33 34.67
CA PRO C 278 3.81 -13.74 34.38
C PRO C 278 4.98 -14.30 35.15
N TYR C 279 6.04 -13.52 35.31
CA TYR C 279 7.21 -14.01 36.05
C TYR C 279 6.91 -14.14 37.53
N SER C 280 6.14 -13.19 38.08
CA SER C 280 5.72 -13.31 39.47
C SER C 280 4.93 -14.59 39.69
N GLY C 281 3.96 -14.86 38.81
CA GLY C 281 3.20 -16.09 38.94
C GLY C 281 4.06 -17.34 38.80
N CYS C 282 5.01 -17.31 37.87
CA CYS C 282 5.86 -18.48 37.66
C CYS C 282 6.70 -18.78 38.90
N ALA C 283 7.13 -17.72 39.60
CA ALA C 283 7.90 -17.92 40.82
C ALA C 283 7.04 -18.55 41.91
N ILE C 284 5.80 -18.08 42.04
CA ILE C 284 4.88 -18.66 43.00
C ILE C 284 4.68 -20.14 42.73
N GLY C 285 4.71 -20.54 41.46
CA GLY C 285 4.58 -21.93 41.09
C GLY C 285 5.83 -22.74 41.32
N GLU C 286 6.99 -22.11 41.11
CA GLU C 286 8.25 -22.79 41.40
C GLU C 286 8.35 -23.19 42.86
N PHE C 287 7.73 -22.43 43.76
CA PHE C 287 7.69 -22.84 45.16
C PHE C 287 7.15 -24.25 45.29
N PHE C 288 6.00 -24.51 44.69
CA PHE C 288 5.42 -25.84 44.76
C PHE C 288 6.31 -26.86 44.07
N ARG C 289 6.82 -26.52 42.88
CA ARG C 289 7.61 -27.45 42.10
C ARG C 289 8.84 -27.89 42.87
N ASP C 290 9.51 -26.97 43.55
CA ASP C 290 10.72 -27.32 44.29
C ASP C 290 10.41 -28.22 45.47
N ASN C 291 9.28 -28.00 46.13
CA ASN C 291 8.92 -28.73 47.33
C ASN C 291 8.25 -30.07 47.05
N GLY C 292 8.11 -30.45 45.79
CA GLY C 292 7.49 -31.70 45.43
C GLY C 292 6.01 -31.62 45.17
N LYS C 293 5.40 -30.45 45.34
CA LYS C 293 4.01 -30.25 45.01
C LYS C 293 3.87 -29.96 43.53
N HIS C 294 2.66 -30.20 43.00
CA HIS C 294 2.34 -29.98 41.61
C HIS C 294 1.49 -28.73 41.47
N ALA C 295 1.89 -27.85 40.55
CA ALA C 295 1.21 -26.59 40.33
C ALA C 295 0.95 -26.37 38.84
N LEU C 296 -0.19 -25.73 38.55
CA LEU C 296 -0.57 -25.37 37.20
C LEU C 296 -0.72 -23.86 37.12
N ILE C 297 -0.04 -23.25 36.14
CA ILE C 297 -0.07 -21.81 35.95
C ILE C 297 -0.66 -21.50 34.58
N ILE C 298 -1.62 -20.59 34.54
CA ILE C 298 -2.25 -20.14 33.32
C ILE C 298 -1.95 -18.66 33.11
N TYR C 299 -1.39 -18.33 31.95
CA TYR C 299 -1.17 -16.94 31.59
C TYR C 299 -2.24 -16.54 30.58
N ASP C 300 -3.09 -15.60 30.96
CA ASP C 300 -4.16 -15.13 30.11
C ASP C 300 -3.72 -13.89 29.35
N ASP C 301 -4.00 -13.86 28.06
CA ASP C 301 -3.60 -12.74 27.21
C ASP C 301 -2.09 -12.56 27.27
N LEU C 302 -1.37 -13.66 27.09
CA LEU C 302 0.09 -13.62 27.09
C LEU C 302 0.60 -12.69 26.00
N SER C 303 -0.08 -12.68 24.85
CA SER C 303 0.27 -11.75 23.79
C SER C 303 0.28 -10.31 24.25
N LYS C 304 -0.65 -9.96 25.15
CA LYS C 304 -0.69 -8.61 25.69
C LYS C 304 0.58 -8.27 26.45
N GLN C 305 1.17 -9.26 27.12
CA GLN C 305 2.42 -9.03 27.83
C GLN C 305 3.51 -8.58 26.87
N ALA C 306 3.53 -9.15 25.66
CA ALA C 306 4.50 -8.72 24.65
C ALA C 306 4.28 -7.26 24.28
N VAL C 307 3.01 -6.85 24.18
CA VAL C 307 2.70 -5.47 23.84
C VAL C 307 3.25 -4.53 24.89
N ALA C 308 3.12 -4.89 26.16
CA ALA C 308 3.65 -4.04 27.22
C ALA C 308 5.17 -3.95 27.14
N TYR C 309 5.83 -5.07 26.86
CA TYR C 309 7.28 -5.05 26.74
C TYR C 309 7.70 -4.21 25.56
N ARG C 310 6.94 -4.29 24.46
CA ARG C 310 7.25 -3.50 23.28
C ARG C 310 7.19 -2.01 23.60
N GLN C 311 6.18 -1.61 24.36
CA GLN C 311 6.03 -0.21 24.75
C GLN C 311 7.25 0.26 25.53
N MET C 312 7.64 -0.49 26.55
CA MET C 312 8.82 -0.12 27.33
C MET C 312 10.05 -0.02 26.45
N SER C 313 10.19 -0.94 25.50
CA SER C 313 11.37 -0.97 24.65
C SER C 313 11.39 0.20 23.68
N LEU C 314 10.25 0.49 23.06
CA LEU C 314 10.19 1.60 22.12
C LEU C 314 10.42 2.93 22.81
N LEU C 315 9.87 3.09 24.02
CA LEU C 315 10.06 4.33 24.75
C LEU C 315 11.50 4.48 25.21
N LEU C 316 12.19 3.38 25.46
CA LEU C 316 13.62 3.40 25.74
C LEU C 316 14.46 3.59 24.49
N ARG C 317 13.83 3.63 23.32
CA ARG C 317 14.50 3.86 22.05
C ARG C 317 15.39 2.69 21.65
N ARG C 318 15.02 1.49 22.08
CA ARG C 318 15.73 0.30 21.62
C ARG C 318 15.34 -0.03 20.19
N PRO C 319 16.22 -0.69 19.45
CA PRO C 319 15.96 -0.96 18.03
C PRO C 319 14.73 -1.84 17.86
N PRO C 320 13.72 -1.37 17.13
CA PRO C 320 12.54 -2.18 16.90
C PRO C 320 12.71 -3.17 15.75
N GLY C 321 12.05 -4.31 15.90
CA GLY C 321 12.06 -5.34 14.89
C GLY C 321 10.75 -5.47 14.15
N ARG C 322 10.42 -6.69 13.74
CA ARG C 322 9.18 -6.94 13.04
C ARG C 322 7.99 -6.58 13.91
N GLU C 323 7.01 -5.91 13.31
CA GLU C 323 5.82 -5.45 14.03
C GLU C 323 6.21 -4.59 15.22
N ALA C 324 7.34 -3.92 15.13
CA ALA C 324 7.88 -3.05 16.16
C ALA C 324 8.26 -3.77 17.43
N TYR C 325 8.29 -5.08 17.40
CA TYR C 325 8.67 -5.78 18.61
C TYR C 325 10.19 -5.80 18.74
N PRO C 326 10.72 -5.71 19.96
CA PRO C 326 12.16 -5.78 20.15
C PRO C 326 12.72 -7.10 19.65
N GLY C 327 14.04 -7.15 19.55
CA GLY C 327 14.70 -8.34 19.06
C GLY C 327 14.57 -9.52 19.99
N ASP C 328 14.54 -9.28 21.30
CA ASP C 328 14.55 -10.34 22.29
C ASP C 328 13.15 -10.67 22.81
N VAL C 329 12.10 -10.27 22.10
CA VAL C 329 10.75 -10.63 22.51
C VAL C 329 10.64 -12.14 22.70
N PHE C 330 11.14 -12.89 21.71
CA PHE C 330 11.18 -14.34 21.82
C PHE C 330 11.80 -14.78 23.15
N TYR C 331 13.00 -14.29 23.43
CA TYR C 331 13.66 -14.59 24.70
C TYR C 331 12.75 -14.33 25.87
N LEU C 332 12.09 -13.18 25.88
CA LEU C 332 11.16 -12.85 26.97
C LEU C 332 10.26 -14.02 27.32
N HIS C 333 9.73 -14.70 26.30
CA HIS C 333 8.80 -15.80 26.54
C HIS C 333 9.52 -17.09 26.88
N SER C 334 10.64 -17.37 26.19
CA SER C 334 11.33 -18.63 26.42
C SER C 334 11.73 -18.79 27.88
N ARG C 335 12.56 -17.89 28.38
CA ARG C 335 13.00 -17.96 29.77
C ARG C 335 11.83 -18.11 30.73
N LEU C 336 10.64 -17.69 30.33
CA LEU C 336 9.45 -17.87 31.16
C LEU C 336 8.93 -19.29 31.06
N LEU C 337 8.55 -19.69 29.84
CA LEU C 337 7.90 -20.99 29.66
C LEU C 337 8.82 -22.15 30.02
N GLU C 338 10.12 -21.99 29.81
CA GLU C 338 11.06 -23.06 30.12
C GLU C 338 11.16 -23.34 31.61
N ARG C 339 10.52 -22.53 32.44
CA ARG C 339 10.55 -22.74 33.88
C ARG C 339 9.50 -23.75 34.32
N ALA C 340 8.57 -24.07 33.44
CA ALA C 340 7.60 -25.13 33.66
C ALA C 340 8.25 -26.46 33.32
N ALA C 341 8.51 -27.28 34.33
CA ALA C 341 9.24 -28.52 34.11
C ALA C 341 8.79 -29.56 35.13
N LYS C 342 9.15 -30.80 34.86
CA LYS C 342 8.86 -31.94 35.72
C LYS C 342 10.19 -32.34 36.37
N MET C 343 10.35 -31.95 37.63
CA MET C 343 11.59 -32.22 38.34
C MET C 343 11.68 -33.70 38.69
N ASN C 344 12.90 -34.21 38.75
CA ASN C 344 13.10 -35.62 39.03
C ASN C 344 12.75 -35.92 40.48
N ASP C 345 12.73 -37.22 40.79
CA ASP C 345 12.36 -37.66 42.13
C ASP C 345 13.38 -37.23 43.18
N SER C 346 14.62 -36.96 42.79
CA SER C 346 15.62 -36.53 43.75
C SER C 346 15.27 -35.17 44.34
N LEU C 347 14.90 -34.22 43.48
CA LEU C 347 14.53 -32.89 43.97
C LEU C 347 13.20 -32.88 44.67
N GLY C 348 12.35 -33.87 44.44
CA GLY C 348 11.06 -33.92 45.10
C GLY C 348 9.95 -34.43 44.20
N GLY C 349 10.17 -34.38 42.89
CA GLY C 349 9.18 -34.85 41.94
C GLY C 349 8.14 -33.82 41.58
N GLY C 350 8.22 -32.61 42.10
CA GLY C 350 7.26 -31.58 41.77
C GLY C 350 7.21 -31.29 40.28
N SER C 351 6.26 -30.45 39.92
CA SER C 351 6.06 -30.09 38.53
C SER C 351 5.32 -28.77 38.45
N LEU C 352 5.48 -28.10 37.31
CA LEU C 352 4.80 -26.84 37.03
C LEU C 352 4.29 -26.89 35.61
N THR C 353 2.98 -27.04 35.45
CA THR C 353 2.37 -27.11 34.14
C THR C 353 1.90 -25.72 33.71
N ALA C 354 2.21 -25.35 32.47
CA ALA C 354 1.86 -24.05 31.94
C ALA C 354 0.76 -24.17 30.89
N LEU C 355 -0.04 -23.11 30.80
CA LEU C 355 -1.11 -23.00 29.81
C LEU C 355 -1.16 -21.57 29.32
N PRO C 356 -0.21 -21.17 28.49
CA PRO C 356 -0.24 -19.82 27.93
C PRO C 356 -1.36 -19.65 26.91
N VAL C 357 -1.93 -18.46 26.90
CA VAL C 357 -3.01 -18.10 25.98
C VAL C 357 -2.48 -17.13 24.95
N ILE C 358 -3.02 -17.24 23.74
CA ILE C 358 -2.64 -16.40 22.62
C ILE C 358 -3.88 -16.07 21.82
N GLU C 359 -4.01 -14.80 21.43
CA GLU C 359 -5.14 -14.33 20.66
C GLU C 359 -4.67 -14.00 19.25
N THR C 360 -5.09 -14.82 18.29
CA THR C 360 -4.81 -14.56 16.88
C THR C 360 -5.90 -13.67 16.31
N GLN C 361 -5.48 -12.67 15.52
CA GLN C 361 -6.44 -11.70 15.00
C GLN C 361 -7.33 -12.33 13.93
N ALA C 362 -6.74 -12.75 12.81
CA ALA C 362 -7.48 -13.33 11.71
C ALA C 362 -7.27 -14.84 11.61
N GLY C 363 -7.10 -15.50 12.76
CA GLY C 363 -6.81 -16.92 12.73
C GLY C 363 -5.51 -17.26 12.04
N ASP C 364 -4.60 -16.30 11.87
CA ASP C 364 -3.33 -16.54 11.20
C ASP C 364 -2.25 -16.72 12.26
N VAL C 365 -1.69 -17.92 12.32
CA VAL C 365 -0.59 -18.21 13.24
C VAL C 365 0.76 -17.86 12.65
N SER C 366 0.80 -17.27 11.45
CA SER C 366 2.05 -16.86 10.84
C SER C 366 2.56 -15.55 11.39
N ALA C 367 1.83 -14.93 12.30
CA ALA C 367 2.28 -13.70 12.91
C ALA C 367 3.54 -13.96 13.73
N TYR C 368 4.13 -12.87 14.24
CA TYR C 368 5.39 -12.96 14.95
C TYR C 368 5.23 -13.70 16.27
N ILE C 369 4.39 -13.17 17.17
CA ILE C 369 4.28 -13.75 18.51
C ILE C 369 3.72 -15.16 18.48
N PRO C 370 2.69 -15.48 17.69
CA PRO C 370 2.26 -16.89 17.61
C PRO C 370 3.35 -17.84 17.19
N THR C 371 4.12 -17.51 16.15
CA THR C 371 5.18 -18.41 15.71
C THR C 371 6.18 -18.65 16.83
N ASN C 372 6.56 -17.60 17.54
CA ASN C 372 7.51 -17.75 18.64
C ASN C 372 6.96 -18.72 19.68
N VAL C 373 5.76 -18.44 20.18
CA VAL C 373 5.22 -19.24 21.27
C VAL C 373 4.86 -20.64 20.83
N ILE C 374 4.60 -20.85 19.54
CA ILE C 374 4.37 -22.19 19.03
C ILE C 374 5.68 -22.97 18.98
N SER C 375 6.75 -22.31 18.56
CA SER C 375 8.05 -22.94 18.53
C SER C 375 8.56 -23.24 19.94
N ILE C 376 8.12 -22.46 20.92
CA ILE C 376 8.57 -22.68 22.29
C ILE C 376 7.81 -23.82 22.94
N THR C 377 6.50 -23.85 22.77
CA THR C 377 5.67 -24.81 23.48
C THR C 377 5.73 -26.17 22.82
N ASP C 378 5.23 -27.16 23.54
CA ASP C 378 5.18 -28.52 23.02
C ASP C 378 4.07 -28.65 22.00
N GLY C 379 2.82 -28.44 22.43
CA GLY C 379 1.69 -28.50 21.55
C GLY C 379 0.79 -27.29 21.72
N GLN C 380 -0.15 -27.17 20.80
CA GLN C 380 -1.10 -26.06 20.78
C GLN C 380 -2.51 -26.57 20.63
N ILE C 381 -3.41 -26.00 21.41
CA ILE C 381 -4.85 -26.19 21.25
C ILE C 381 -5.37 -25.04 20.40
N PHE C 382 -5.75 -25.34 19.16
CA PHE C 382 -6.17 -24.32 18.21
C PHE C 382 -7.68 -24.24 18.21
N LEU C 383 -8.20 -23.06 18.54
CA LEU C 383 -9.64 -22.82 18.59
C LEU C 383 -10.11 -22.02 17.38
N GLU C 384 -11.15 -22.52 16.72
CA GLU C 384 -11.73 -21.90 15.54
C GLU C 384 -13.02 -21.19 15.93
N THR C 385 -13.26 -20.04 15.30
CA THR C 385 -14.50 -19.32 15.54
C THR C 385 -15.66 -19.89 14.74
N GLU C 386 -15.40 -20.35 13.51
CA GLU C 386 -16.46 -20.93 12.70
C GLU C 386 -17.08 -22.13 13.42
N LEU C 387 -16.25 -22.97 14.02
CA LEU C 387 -16.76 -24.11 14.78
C LEU C 387 -17.60 -23.63 15.96
N PHE C 388 -17.18 -22.55 16.60
CA PHE C 388 -17.95 -21.99 17.70
C PHE C 388 -19.34 -21.59 17.23
N TYR C 389 -19.44 -21.02 16.03
CA TYR C 389 -20.73 -20.70 15.45
C TYR C 389 -21.56 -21.94 15.20
N LYS C 390 -20.96 -22.96 14.59
CA LYS C 390 -21.67 -24.19 14.23
C LYS C 390 -22.18 -24.95 15.45
N GLY C 391 -21.90 -24.45 16.65
CA GLY C 391 -22.37 -25.08 17.85
C GLY C 391 -21.38 -26.04 18.47
N ILE C 392 -20.16 -26.11 17.95
CA ILE C 392 -19.14 -26.99 18.47
C ILE C 392 -18.44 -26.25 19.60
N ARG C 393 -18.79 -26.59 20.83
CA ARG C 393 -18.18 -26.00 22.02
C ARG C 393 -17.69 -27.14 22.91
N PRO C 394 -16.39 -27.18 23.26
CA PRO C 394 -15.34 -26.24 22.89
C PRO C 394 -14.98 -26.33 21.41
N ALA C 395 -14.71 -25.17 20.80
CA ALA C 395 -14.40 -25.08 19.38
C ALA C 395 -12.93 -25.45 19.14
N ILE C 396 -12.63 -26.71 19.40
CA ILE C 396 -11.27 -27.23 19.27
C ILE C 396 -11.13 -27.87 17.90
N ASN C 397 -10.13 -27.42 17.14
CA ASN C 397 -9.82 -28.00 15.84
C ASN C 397 -8.76 -29.08 16.08
N VAL C 398 -9.21 -30.33 16.12
CA VAL C 398 -8.32 -31.45 16.38
C VAL C 398 -7.32 -31.66 15.25
N GLY C 399 -7.63 -31.14 14.06
CA GLY C 399 -6.69 -31.29 12.96
C GLY C 399 -5.37 -30.60 13.23
N LEU C 400 -5.42 -29.35 13.66
CA LEU C 400 -4.21 -28.59 13.94
C LEU C 400 -3.70 -28.84 15.35
N SER C 401 -4.61 -28.98 16.31
CA SER C 401 -4.21 -29.24 17.69
C SER C 401 -3.36 -30.50 17.77
N VAL C 402 -2.22 -30.39 18.44
CA VAL C 402 -1.29 -31.50 18.56
C VAL C 402 -0.58 -31.41 19.90
N SER C 403 -0.24 -32.56 20.46
CA SER C 403 0.50 -32.66 21.70
C SER C 403 1.74 -33.50 21.47
N ARG C 404 2.91 -32.96 21.79
CA ARG C 404 4.15 -33.71 21.59
C ARG C 404 4.23 -34.89 22.54
N VAL C 405 3.95 -34.65 23.83
CA VAL C 405 4.00 -35.73 24.80
C VAL C 405 3.09 -36.87 24.37
N GLY C 406 1.86 -36.55 24.02
CA GLY C 406 0.96 -37.56 23.47
C GLY C 406 0.48 -38.56 24.50
N SER C 407 0.43 -39.82 24.07
CA SER C 407 -0.12 -40.89 24.89
C SER C 407 0.60 -41.02 26.23
N ALA C 408 1.88 -40.64 26.29
CA ALA C 408 2.62 -40.81 27.53
C ALA C 408 1.93 -40.15 28.71
N ALA C 409 1.13 -39.13 28.45
CA ALA C 409 0.42 -38.43 29.52
C ALA C 409 -0.85 -39.16 29.91
N GLN C 410 -1.58 -39.69 28.94
CA GLN C 410 -2.86 -40.31 29.21
C GLN C 410 -2.71 -41.52 30.12
N ILE C 411 -3.81 -41.88 30.78
CA ILE C 411 -3.82 -43.05 31.64
C ILE C 411 -3.91 -44.27 30.73
N LYS C 412 -3.62 -45.44 31.28
CA LYS C 412 -3.56 -46.65 30.48
C LYS C 412 -4.89 -46.93 29.77
N ALA C 413 -6.00 -46.55 30.39
CA ALA C 413 -7.31 -46.86 29.81
C ALA C 413 -7.60 -46.05 28.55
N MET C 414 -7.19 -44.79 28.54
CA MET C 414 -7.57 -43.91 27.44
C MET C 414 -6.80 -44.25 26.17
N LYS C 415 -5.47 -44.38 26.29
CA LYS C 415 -4.59 -44.47 25.15
C LYS C 415 -5.17 -45.36 24.04
N LYS C 416 -5.66 -46.54 24.43
CA LYS C 416 -6.16 -47.49 23.45
C LYS C 416 -7.28 -46.90 22.60
N ILE C 417 -8.40 -46.54 23.24
CA ILE C 417 -9.56 -46.04 22.52
C ILE C 417 -9.27 -44.71 21.85
N ALA C 418 -8.40 -43.90 22.44
CA ALA C 418 -8.12 -42.57 21.89
C ALA C 418 -7.48 -42.67 20.52
N GLY C 419 -6.60 -43.66 20.32
CA GLY C 419 -5.98 -43.83 19.02
C GLY C 419 -7.01 -44.06 17.92
N ASN C 420 -7.93 -44.99 18.15
CA ASN C 420 -8.97 -45.25 17.18
C ASN C 420 -9.83 -44.00 16.97
N LEU C 421 -10.10 -43.27 18.04
CA LEU C 421 -10.90 -42.05 17.93
C LEU C 421 -10.23 -41.03 17.01
N LYS C 422 -8.92 -40.84 17.18
CA LYS C 422 -8.21 -39.89 16.34
C LYS C 422 -8.28 -40.29 14.88
N LEU C 423 -8.09 -41.57 14.57
CA LEU C 423 -8.16 -42.05 13.19
C LEU C 423 -9.53 -41.78 12.59
N THR C 424 -10.59 -42.10 13.33
CA THR C 424 -11.94 -41.92 12.80
C THR C 424 -12.22 -40.46 12.50
N LEU C 425 -11.78 -39.56 13.37
CA LEU C 425 -11.99 -38.14 13.14
C LEU C 425 -11.21 -37.65 11.93
N ALA C 426 -10.00 -38.18 11.74
CA ALA C 426 -9.22 -37.78 10.57
C ALA C 426 -9.91 -38.19 9.29
N THR C 427 -10.40 -39.42 9.23
CA THR C 427 -11.12 -39.87 8.05
C THR C 427 -12.39 -39.06 7.84
N TYR C 428 -13.08 -38.72 8.93
CA TYR C 428 -14.32 -37.95 8.80
C TYR C 428 -14.04 -36.54 8.31
N ARG C 429 -12.97 -35.89 8.78
CA ARG C 429 -12.64 -34.57 8.27
C ARG C 429 -12.30 -34.63 6.79
N GLU C 430 -11.61 -35.70 6.37
CA GLU C 430 -11.34 -35.87 4.94
C GLU C 430 -12.64 -36.01 4.17
N LEU C 431 -13.59 -36.75 4.71
CA LEU C 431 -14.85 -37.01 4.00
C LEU C 431 -15.83 -35.85 4.11
N ALA C 432 -15.67 -34.99 5.12
CA ALA C 432 -16.64 -33.91 5.34
C ALA C 432 -16.84 -33.09 4.08
N ALA C 433 -15.86 -33.07 3.18
CA ALA C 433 -15.98 -32.31 1.94
C ALA C 433 -17.17 -32.78 1.11
N PHE C 434 -17.71 -33.97 1.37
CA PHE C 434 -18.83 -34.50 0.63
C PHE C 434 -20.08 -34.63 1.49
N SER C 435 -20.09 -33.98 2.66
CA SER C 435 -21.20 -34.14 3.58
C SER C 435 -22.53 -33.76 2.93
N GLN C 436 -22.56 -32.62 2.23
CA GLN C 436 -23.79 -32.16 1.62
C GLN C 436 -24.30 -33.13 0.58
N PHE C 437 -23.44 -33.97 0.02
CA PHE C 437 -23.84 -35.00 -0.92
C PHE C 437 -23.84 -36.32 -0.15
N GLY C 438 -24.93 -36.54 0.58
CA GLY C 438 -25.02 -37.72 1.42
C GLY C 438 -25.69 -38.92 0.79
N SER C 439 -26.92 -38.74 0.32
CA SER C 439 -27.65 -39.85 -0.29
C SER C 439 -27.08 -40.21 -1.65
N ASP C 440 -26.53 -39.24 -2.37
CA ASP C 440 -26.01 -39.53 -3.70
C ASP C 440 -24.80 -40.45 -3.64
N LEU C 441 -23.96 -40.29 -2.62
CA LEU C 441 -22.79 -41.15 -2.47
C LEU C 441 -23.20 -42.55 -2.03
N ASP C 442 -22.34 -43.50 -2.32
CA ASP C 442 -22.63 -44.90 -2.01
C ASP C 442 -22.61 -45.14 -0.50
N ALA C 443 -23.03 -46.35 -0.12
CA ALA C 443 -23.00 -46.75 1.28
C ALA C 443 -21.57 -47.03 1.72
N LYS C 444 -21.40 -47.15 3.03
CA LYS C 444 -20.17 -47.45 3.74
C LYS C 444 -19.32 -46.19 3.83
N THR C 445 -19.71 -45.11 3.16
CA THR C 445 -19.06 -43.82 3.24
C THR C 445 -19.95 -42.82 3.97
N GLN C 446 -21.22 -42.77 3.57
CA GLN C 446 -22.20 -41.99 4.32
C GLN C 446 -22.34 -42.51 5.74
N GLN C 447 -22.08 -43.81 5.94
CA GLN C 447 -22.09 -44.37 7.28
C GLN C 447 -20.95 -43.80 8.11
N GLN C 448 -19.75 -43.68 7.53
CA GLN C 448 -18.66 -43.05 8.24
C GLN C 448 -19.00 -41.61 8.58
N LEU C 449 -19.66 -40.90 7.66
CA LEU C 449 -20.09 -39.55 7.95
C LEU C 449 -21.03 -39.52 9.14
N ASN C 450 -21.99 -40.45 9.17
CA ASN C 450 -22.93 -40.47 10.29
C ASN C 450 -22.22 -40.74 11.60
N THR C 451 -21.26 -41.68 11.59
CA THR C 451 -20.51 -42.00 12.80
C THR C 451 -19.73 -40.80 13.31
N GLY C 452 -19.05 -40.09 12.41
CA GLY C 452 -18.29 -38.92 12.83
C GLY C 452 -19.14 -37.86 13.48
N GLU C 453 -20.37 -37.69 13.00
CA GLU C 453 -21.26 -36.71 13.62
C GLU C 453 -21.57 -37.08 15.06
N ARG C 454 -21.86 -38.35 15.32
CA ARG C 454 -22.11 -38.78 16.69
C ARG C 454 -20.94 -38.45 17.59
N LEU C 455 -19.72 -38.70 17.12
CA LEU C 455 -18.53 -38.43 17.92
C LEU C 455 -18.38 -36.96 18.23
N VAL C 456 -18.49 -36.11 17.20
CA VAL C 456 -18.35 -34.69 17.41
C VAL C 456 -19.40 -34.20 18.40
N GLU C 457 -20.61 -34.72 18.29
CA GLU C 457 -21.64 -34.35 19.25
C GLU C 457 -21.28 -34.82 20.64
N MET C 458 -20.67 -36.00 20.74
CA MET C 458 -20.24 -36.51 22.03
C MET C 458 -19.14 -35.64 22.63
N LEU C 459 -18.25 -35.13 21.78
CA LEU C 459 -17.14 -34.32 22.28
C LEU C 459 -17.59 -32.95 22.77
N LYS C 460 -18.77 -32.51 22.37
CA LYS C 460 -19.28 -31.24 22.85
C LYS C 460 -19.41 -31.28 24.36
N GLN C 461 -19.41 -30.10 24.98
CA GLN C 461 -19.48 -30.05 26.42
C GLN C 461 -19.92 -28.65 26.82
N ASN C 462 -20.58 -28.58 27.97
CA ASN C 462 -21.06 -27.31 28.48
C ASN C 462 -19.96 -26.58 29.23
N GLN C 463 -20.20 -25.29 29.48
CA GLN C 463 -19.25 -24.46 30.18
C GLN C 463 -19.41 -24.66 31.69
N TYR C 464 -18.28 -24.76 32.38
CA TYR C 464 -18.24 -24.97 33.81
C TYR C 464 -18.75 -26.36 34.20
N THR C 465 -18.48 -27.34 33.34
CA THR C 465 -18.94 -28.72 33.55
C THR C 465 -17.80 -29.66 33.23
N PRO C 466 -16.80 -29.73 34.12
CA PRO C 466 -15.70 -30.67 33.92
C PRO C 466 -16.09 -32.08 34.29
N MET C 467 -15.54 -33.03 33.54
CA MET C 467 -15.85 -34.45 33.72
C MET C 467 -14.64 -35.18 34.25
N LYS C 468 -14.89 -36.08 35.19
CA LYS C 468 -13.84 -36.95 35.69
C LYS C 468 -13.37 -37.89 34.59
N VAL C 469 -12.11 -38.33 34.71
CA VAL C 469 -11.50 -39.13 33.66
C VAL C 469 -12.23 -40.46 33.50
N GLU C 470 -12.73 -41.03 34.60
CA GLU C 470 -13.42 -42.31 34.51
C GLU C 470 -14.67 -42.20 33.66
N GLU C 471 -15.44 -41.14 33.86
CA GLU C 471 -16.65 -40.94 33.08
C GLU C 471 -16.31 -40.70 31.62
N GLN C 472 -15.22 -40.00 31.36
CA GLN C 472 -14.75 -39.82 29.98
C GLN C 472 -14.52 -41.15 29.29
N VAL C 473 -13.92 -42.11 30.00
CA VAL C 473 -13.63 -43.41 29.38
C VAL C 473 -14.91 -44.11 28.96
N CYS C 474 -15.93 -44.11 29.82
CA CYS C 474 -17.18 -44.76 29.46
C CYS C 474 -17.79 -44.13 28.21
N ILE C 475 -17.82 -42.79 28.15
CA ILE C 475 -18.45 -42.12 27.02
C ILE C 475 -17.67 -42.35 25.74
N ILE C 476 -16.35 -42.17 25.79
CA ILE C 476 -15.54 -42.38 24.59
C ILE C 476 -15.60 -43.84 24.16
N PHE C 477 -15.75 -44.74 25.11
CA PHE C 477 -15.89 -46.15 24.79
C PHE C 477 -17.18 -46.40 24.02
N ALA C 478 -18.30 -45.89 24.53
CA ALA C 478 -19.57 -46.01 23.83
C ALA C 478 -19.48 -45.45 22.42
N GLY C 479 -18.69 -44.41 22.20
CA GLY C 479 -18.59 -43.80 20.90
C GLY C 479 -17.77 -44.56 19.90
N VAL C 480 -16.61 -45.06 20.33
CA VAL C 480 -15.72 -45.73 19.39
C VAL C 480 -16.24 -47.12 19.03
N LYS C 481 -16.85 -47.80 19.99
CA LYS C 481 -17.41 -49.12 19.71
C LYS C 481 -18.46 -49.04 18.62
N GLY C 482 -19.14 -47.90 18.50
CA GLY C 482 -20.16 -47.70 17.49
C GLY C 482 -21.58 -47.73 17.99
N PHE C 483 -21.79 -47.87 19.31
CA PHE C 483 -23.16 -47.96 19.81
C PHE C 483 -23.95 -46.69 19.55
N LEU C 484 -23.27 -45.55 19.43
CA LEU C 484 -23.97 -44.29 19.22
C LEU C 484 -24.60 -44.19 17.84
N ASP C 485 -24.15 -45.01 16.89
CA ASP C 485 -24.72 -44.96 15.54
C ASP C 485 -26.21 -45.29 15.56
N ALA C 486 -26.68 -45.97 16.60
CA ALA C 486 -28.10 -46.30 16.69
C ALA C 486 -28.93 -45.06 17.03
N LEU C 487 -28.49 -44.30 18.02
CA LEU C 487 -29.24 -43.14 18.46
C LEU C 487 -29.28 -42.07 17.38
N VAL C 488 -30.10 -41.06 17.62
CA VAL C 488 -30.13 -39.87 16.80
C VAL C 488 -29.13 -38.88 17.38
N THR C 489 -28.47 -38.14 16.50
CA THR C 489 -27.39 -37.27 16.96
C THR C 489 -27.87 -36.33 18.04
N SER C 490 -29.10 -35.83 17.92
CA SER C 490 -29.62 -34.88 18.89
C SER C 490 -29.74 -35.48 20.28
N GLU C 491 -29.71 -36.80 20.41
CA GLU C 491 -29.87 -37.46 21.70
C GLU C 491 -28.57 -37.92 22.32
N VAL C 492 -27.43 -37.63 21.67
CA VAL C 492 -26.16 -38.14 22.18
C VAL C 492 -25.87 -37.57 23.56
N LEU C 493 -26.05 -36.26 23.71
CA LEU C 493 -25.73 -35.60 24.98
C LEU C 493 -26.66 -36.04 26.09
N LYS C 494 -27.95 -36.23 25.78
CA LYS C 494 -28.87 -36.73 26.79
C LYS C 494 -28.44 -38.10 27.27
N PHE C 495 -28.08 -38.99 26.34
CA PHE C 495 -27.57 -40.29 26.72
C PHE C 495 -26.33 -40.15 27.61
N GLU C 496 -25.44 -39.23 27.27
CA GLU C 496 -24.23 -39.04 28.06
C GLU C 496 -24.56 -38.77 29.52
N LYS C 497 -25.35 -37.72 29.76
CA LYS C 497 -25.66 -37.35 31.13
C LYS C 497 -26.48 -38.44 31.81
N LYS C 498 -27.48 -38.96 31.10
CA LYS C 498 -28.36 -39.96 31.69
C LYS C 498 -27.63 -41.27 31.96
N PHE C 499 -26.78 -41.68 31.02
CA PHE C 499 -26.04 -42.92 31.19
C PHE C 499 -25.00 -42.82 32.30
N LEU C 500 -24.37 -41.67 32.44
CA LEU C 500 -23.42 -41.48 33.54
C LEU C 500 -24.11 -41.57 34.88
N GLU C 501 -25.32 -41.01 34.99
CA GLU C 501 -26.04 -41.08 36.25
C GLU C 501 -26.34 -42.54 36.62
N HIS C 502 -26.71 -43.36 35.64
CA HIS C 502 -26.97 -44.77 35.92
C HIS C 502 -25.70 -45.49 36.33
N VAL C 503 -24.61 -45.25 35.61
CA VAL C 503 -23.36 -45.93 35.92
C VAL C 503 -22.81 -45.46 37.25
N ARG C 504 -22.88 -44.15 37.49
CA ARG C 504 -22.43 -43.60 38.76
C ARG C 504 -23.22 -44.18 39.92
N THR C 505 -24.52 -44.40 39.72
CA THR C 505 -25.37 -44.94 40.78
C THR C 505 -25.16 -46.43 40.97
N ASN C 506 -25.37 -47.22 39.91
CA ASN C 506 -25.31 -48.66 40.03
C ASN C 506 -23.88 -49.18 39.98
N HIS C 507 -23.20 -48.96 38.85
CA HIS C 507 -21.87 -49.52 38.63
C HIS C 507 -20.82 -48.54 39.16
N SER C 508 -20.73 -48.51 40.48
CA SER C 508 -19.73 -47.68 41.15
C SER C 508 -18.41 -48.39 41.33
N ALA C 509 -18.42 -49.71 41.52
CA ALA C 509 -17.18 -50.46 41.60
C ALA C 509 -16.44 -50.41 40.28
N LEU C 510 -17.18 -50.41 39.17
CA LEU C 510 -16.57 -50.31 37.86
C LEU C 510 -15.77 -49.03 37.73
N LEU C 511 -16.39 -47.89 38.08
CA LEU C 511 -15.69 -46.62 38.02
C LEU C 511 -14.52 -46.58 39.00
N LYS C 512 -14.74 -47.12 40.20
CA LYS C 512 -13.68 -47.12 41.21
C LYS C 512 -12.44 -47.85 40.71
N ARG C 513 -12.64 -48.96 40.01
CA ARG C 513 -11.50 -49.69 39.47
C ARG C 513 -10.78 -48.85 38.42
N ILE C 514 -11.53 -48.25 37.50
CA ILE C 514 -10.92 -47.42 36.48
C ILE C 514 -10.15 -46.28 37.11
N ARG C 515 -10.61 -45.78 38.26
CA ARG C 515 -9.95 -44.66 38.89
C ARG C 515 -8.71 -45.09 39.64
N ASP C 516 -8.79 -46.19 40.39
CA ASP C 516 -7.64 -46.67 41.14
C ASP C 516 -6.62 -47.32 40.22
N SER C 517 -7.03 -48.39 39.54
CA SER C 517 -6.10 -49.11 38.66
C SER C 517 -5.56 -48.21 37.56
N GLY C 518 -6.40 -47.33 37.03
CA GLY C 518 -5.98 -46.48 35.95
C GLY C 518 -6.04 -47.11 34.58
N ASP C 519 -6.58 -48.32 34.46
CA ASP C 519 -6.68 -49.00 33.17
C ASP C 519 -8.01 -49.69 33.05
N LEU C 520 -8.44 -49.89 31.80
CA LEU C 520 -9.70 -50.54 31.47
C LEU C 520 -9.46 -52.02 31.28
N SER C 521 -9.68 -52.80 32.33
CA SER C 521 -9.44 -54.24 32.24
C SER C 521 -10.42 -54.89 31.28
N GLU C 522 -10.04 -56.10 30.83
CA GLU C 522 -10.87 -56.82 29.87
C GLU C 522 -12.26 -57.10 30.45
N VAL C 523 -12.32 -57.48 31.72
CA VAL C 523 -13.60 -57.79 32.35
C VAL C 523 -14.49 -56.55 32.35
N ASP C 524 -13.92 -55.41 32.72
CA ASP C 524 -14.69 -54.16 32.72
C ASP C 524 -15.12 -53.81 31.30
N THR C 525 -14.27 -54.09 30.32
CA THR C 525 -14.64 -53.83 28.94
C THR C 525 -15.88 -54.63 28.56
N ASN C 526 -15.91 -55.92 28.90
CA ASN C 526 -17.07 -56.74 28.59
C ASN C 526 -18.30 -56.26 29.35
N GLU C 527 -18.14 -55.93 30.62
CA GLU C 527 -19.26 -55.42 31.40
C GLU C 527 -19.84 -54.18 30.75
N LEU C 528 -18.96 -53.25 30.34
CA LEU C 528 -19.42 -52.05 29.68
C LEU C 528 -20.11 -52.36 28.37
N ASN C 529 -19.48 -53.20 27.55
CA ASN C 529 -20.01 -53.53 26.23
C ASN C 529 -21.39 -54.15 26.29
N THR C 530 -21.75 -54.78 27.40
CA THR C 530 -23.07 -55.40 27.52
C THR C 530 -24.15 -54.45 28.01
N ILE C 531 -23.83 -53.55 28.94
CA ILE C 531 -24.90 -52.74 29.54
C ILE C 531 -25.24 -51.54 28.66
N ILE C 532 -24.28 -51.03 27.90
CA ILE C 532 -24.52 -49.82 27.11
C ILE C 532 -25.67 -50.07 26.14
N PRO C 533 -25.59 -51.03 25.23
CA PRO C 533 -26.73 -51.22 24.30
C PRO C 533 -28.01 -51.53 25.04
N LEU C 534 -27.93 -52.28 26.14
CA LEU C 534 -29.12 -52.58 26.93
C LEU C 534 -29.73 -51.29 27.47
N PHE C 535 -28.88 -50.36 27.89
CA PHE C 535 -29.38 -49.07 28.38
C PHE C 535 -30.01 -48.27 27.25
N ILE C 536 -29.38 -48.27 26.09
CA ILE C 536 -29.92 -47.56 24.94
C ILE C 536 -31.34 -48.02 24.63
N GLN C 537 -31.60 -49.32 24.77
CA GLN C 537 -32.94 -49.82 24.50
C GLN C 537 -33.93 -49.38 25.56
N GLU C 538 -33.61 -49.61 26.84
CA GLU C 538 -34.54 -49.24 27.89
C GLU C 538 -34.64 -47.74 28.06
N GLY C 539 -33.67 -46.99 27.55
CA GLY C 539 -33.75 -45.55 27.63
C GLY C 539 -34.90 -45.02 26.80
N GLY C 540 -35.47 -43.90 27.26
CA GLY C 540 -36.61 -43.33 26.55
C GLY C 540 -36.22 -42.70 25.23
N PHE C 541 -34.97 -42.26 25.11
CA PHE C 541 -34.53 -41.60 23.89
C PHE C 541 -34.72 -42.52 22.68
N LYS C 542 -35.18 -41.95 21.58
CA LYS C 542 -35.41 -42.70 20.36
C LYS C 542 -34.08 -43.09 19.72
N LEU C 543 -34.18 -43.93 18.69
CA LEU C 543 -33.01 -44.42 17.98
C LEU C 543 -33.38 -44.66 16.52
N LYS C 544 -32.34 -44.82 15.70
CA LYS C 544 -32.51 -45.10 14.28
C LYS C 544 -31.15 -45.22 13.61
N LYS D 27 1.16 34.98 37.92
CA LYS D 27 2.43 35.44 37.38
C LYS D 27 3.05 34.34 36.52
N ALA D 28 3.37 34.68 35.28
CA ALA D 28 3.83 33.69 34.31
C ALA D 28 5.32 33.45 34.46
N ASN D 29 5.69 32.23 34.83
CA ASN D 29 7.08 31.84 34.98
C ASN D 29 7.67 31.29 33.70
N GLY D 30 6.86 30.57 32.92
CA GLY D 30 7.32 29.97 31.69
C GLY D 30 7.20 30.87 30.48
N GLN D 31 7.62 30.33 29.35
CA GLN D 31 7.52 31.03 28.08
C GLN D 31 7.71 30.03 26.95
N VAL D 32 6.99 30.25 25.86
CA VAL D 32 7.09 29.37 24.69
C VAL D 32 8.49 29.42 24.10
N SER D 33 9.02 28.25 23.76
CA SER D 33 10.33 28.13 23.17
C SER D 33 10.33 27.42 21.83
N GLN D 34 9.41 26.48 21.61
CA GLN D 34 9.35 25.74 20.37
C GLN D 34 7.90 25.40 20.05
N VAL D 35 7.52 25.58 18.80
CA VAL D 35 6.17 25.37 18.33
C VAL D 35 6.24 24.58 17.02
N ILE D 36 5.79 23.33 17.07
CA ILE D 36 5.75 22.47 15.89
C ILE D 36 4.40 21.78 15.88
N GLY D 37 3.60 22.08 14.87
CA GLY D 37 2.27 21.51 14.80
C GLY D 37 1.46 21.85 16.02
N ALA D 38 0.96 20.82 16.69
CA ALA D 38 0.20 20.98 17.92
C ALA D 38 1.05 20.76 19.16
N VAL D 39 2.29 20.33 18.99
CA VAL D 39 3.19 20.09 20.11
C VAL D 39 3.91 21.40 20.41
N VAL D 40 3.97 21.74 21.69
CA VAL D 40 4.59 22.98 22.14
C VAL D 40 5.55 22.68 23.28
N ASP D 41 6.75 23.24 23.21
CA ASP D 41 7.73 23.13 24.26
C ASP D 41 7.76 24.46 25.03
N VAL D 42 7.86 24.37 26.34
CA VAL D 42 7.87 25.53 27.20
C VAL D 42 9.10 25.50 28.08
N GLN D 43 9.68 26.66 28.32
CA GLN D 43 10.84 26.82 29.17
C GLN D 43 10.41 27.50 30.46
N PHE D 44 10.69 26.87 31.59
CA PHE D 44 10.32 27.37 32.90
C PHE D 44 11.56 27.78 33.69
N GLU D 45 11.39 28.78 34.55
CA GLU D 45 12.48 29.25 35.38
C GLU D 45 12.58 28.46 36.69
N GLY D 46 11.45 28.16 37.32
CA GLY D 46 11.46 27.40 38.55
C GLY D 46 10.13 26.74 38.84
N GLU D 47 10.18 25.65 39.58
CA GLU D 47 9.00 24.92 40.03
C GLU D 47 8.15 24.46 38.84
N LEU D 48 8.75 23.57 38.08
CA LEU D 48 8.07 22.96 36.94
C LEU D 48 6.74 22.33 37.35
N PRO D 49 5.76 22.33 36.46
CA PRO D 49 4.46 21.73 36.78
C PRO D 49 4.49 20.22 36.62
N GLN D 50 3.74 19.54 37.47
CA GLN D 50 3.63 18.11 37.34
C GLN D 50 3.07 17.77 35.96
N ILE D 51 3.25 16.52 35.56
CA ILE D 51 2.75 16.08 34.28
C ILE D 51 1.23 16.05 34.31
N LEU D 52 0.61 16.33 33.16
CA LEU D 52 -0.81 16.39 32.91
C LEU D 52 -1.41 17.70 33.38
N ASN D 53 -0.64 18.61 33.96
CA ASN D 53 -1.18 19.89 34.35
C ASN D 53 -1.54 20.70 33.11
N ALA D 54 -2.37 21.72 33.34
CA ALA D 54 -2.86 22.59 32.29
C ALA D 54 -2.18 23.95 32.39
N LEU D 55 -1.64 24.41 31.27
CA LEU D 55 -0.97 25.70 31.21
C LEU D 55 -1.78 26.64 30.33
N GLU D 56 -1.85 27.90 30.74
CA GLU D 56 -2.61 28.92 30.04
C GLU D 56 -1.65 29.89 29.37
N VAL D 57 -1.76 30.02 28.05
CA VAL D 57 -0.94 30.96 27.32
C VAL D 57 -1.61 32.33 27.35
N GLN D 58 -0.82 33.35 27.65
CA GLN D 58 -1.32 34.70 27.79
C GLN D 58 -1.12 35.49 26.49
N GLY D 59 -2.08 36.36 26.20
CA GLY D 59 -2.03 37.19 25.02
C GLY D 59 -2.71 36.62 23.80
N THR D 60 -3.33 35.46 23.90
CA THR D 60 -4.04 34.87 22.78
C THR D 60 -5.46 35.44 22.69
N GLN D 61 -5.94 35.57 21.45
CA GLN D 61 -7.31 36.05 21.26
C GLN D 61 -8.32 35.08 21.84
N HIS D 62 -8.01 33.79 21.83
CA HIS D 62 -8.85 32.78 22.44
C HIS D 62 -8.06 32.02 23.50
N ARG D 63 -8.77 31.57 24.52
CA ARG D 63 -8.13 30.84 25.62
C ARG D 63 -7.45 29.59 25.06
N LEU D 64 -6.14 29.54 25.19
CA LEU D 64 -5.36 28.41 24.74
C LEU D 64 -4.76 27.69 25.94
N VAL D 65 -4.96 26.38 26.00
CA VAL D 65 -4.49 25.55 27.10
C VAL D 65 -3.51 24.52 26.58
N LEU D 66 -2.49 24.23 27.37
CA LEU D 66 -1.47 23.25 27.04
C LEU D 66 -1.45 22.17 28.11
N GLU D 67 -1.41 20.91 27.69
CA GLU D 67 -1.36 19.77 28.60
C GLU D 67 0.05 19.24 28.66
N VAL D 68 0.67 19.31 29.84
CA VAL D 68 2.03 18.82 30.02
C VAL D 68 2.09 17.34 29.74
N ALA D 69 3.04 16.94 28.89
CA ALA D 69 3.23 15.55 28.50
C ALA D 69 4.59 14.98 28.86
N GLN D 70 5.64 15.80 28.89
CA GLN D 70 6.98 15.29 29.16
C GLN D 70 7.83 16.37 29.80
N HIS D 71 8.77 15.92 30.63
CA HIS D 71 9.84 16.76 31.14
C HIS D 71 11.11 16.44 30.36
N LEU D 72 11.59 17.40 29.56
CA LEU D 72 12.76 17.22 28.73
C LEU D 72 14.05 17.57 29.44
N GLY D 73 13.99 18.08 30.65
CA GLY D 73 15.16 18.54 31.35
C GLY D 73 15.48 19.99 31.06
N ASP D 74 16.33 20.57 31.90
CA ASP D 74 16.68 21.98 31.81
C ASP D 74 15.46 22.86 32.05
N SER D 75 14.52 22.36 32.83
CA SER D 75 13.29 23.07 33.14
C SER D 75 12.44 23.29 31.88
N ARG D 76 12.46 22.31 30.98
CA ARG D 76 11.66 22.32 29.78
C ARG D 76 10.58 21.25 29.85
N VAL D 77 9.41 21.56 29.31
CA VAL D 77 8.29 20.65 29.26
C VAL D 77 7.73 20.66 27.86
N ARG D 78 7.36 19.49 27.37
CA ARG D 78 6.71 19.34 26.08
C ARG D 78 5.24 19.07 26.30
N THR D 79 4.39 19.82 25.61
CA THR D 79 2.96 19.80 25.85
C THR D 79 2.22 19.72 24.52
N ILE D 80 0.93 19.39 24.60
CA ILE D 80 0.05 19.33 23.44
C ILE D 80 -1.00 20.41 23.57
N ALA D 81 -1.21 21.16 22.49
CA ALA D 81 -2.16 22.25 22.50
C ALA D 81 -3.57 21.74 22.25
N MET D 82 -4.54 22.36 22.92
CA MET D 82 -5.93 22.03 22.73
C MET D 82 -6.59 22.82 21.62
N ASP D 83 -6.04 23.98 21.28
CA ASP D 83 -6.54 24.79 20.18
C ASP D 83 -5.43 24.94 19.14
N SER D 84 -5.73 25.66 18.08
CA SER D 84 -4.75 25.89 17.02
C SER D 84 -3.58 26.72 17.53
N THR D 85 -2.37 26.28 17.20
CA THR D 85 -1.17 26.98 17.61
C THR D 85 -0.81 28.13 16.67
N GLU D 86 -1.55 28.32 15.58
CA GLU D 86 -1.27 29.44 14.70
C GLU D 86 -1.51 30.75 15.43
N GLY D 87 -0.52 31.62 15.39
CA GLY D 87 -0.55 32.87 16.11
C GLY D 87 0.34 32.89 17.32
N LEU D 88 0.92 31.74 17.69
CA LEU D 88 1.85 31.72 18.81
C LEU D 88 3.16 32.36 18.40
N VAL D 89 3.94 32.73 19.41
CA VAL D 89 5.22 33.37 19.19
C VAL D 89 6.20 32.94 20.27
N ARG D 90 7.44 32.68 19.86
CA ARG D 90 8.46 32.29 20.82
C ARG D 90 8.67 33.40 21.85
N GLY D 91 8.72 33.00 23.12
CA GLY D 91 8.85 33.93 24.21
C GLY D 91 7.54 34.36 24.82
N GLN D 92 6.43 33.84 24.33
CA GLN D 92 5.14 34.23 24.86
C GLN D 92 4.94 33.65 26.25
N PRO D 93 4.55 34.45 27.23
CA PRO D 93 4.45 33.94 28.60
C PRO D 93 3.40 32.88 28.75
N VAL D 94 3.69 31.92 29.64
CA VAL D 94 2.79 30.81 29.93
C VAL D 94 2.60 30.72 31.44
N VAL D 95 1.35 30.54 31.85
CA VAL D 95 0.99 30.46 33.26
C VAL D 95 0.68 29.02 33.63
N ASP D 96 1.13 28.61 34.81
CA ASP D 96 0.88 27.29 35.34
C ASP D 96 -0.31 27.35 36.29
N THR D 97 -1.32 26.52 36.01
CA THR D 97 -2.50 26.51 36.86
C THR D 97 -2.27 25.72 38.14
N GLY D 98 -1.39 24.73 38.08
CA GLY D 98 -1.09 23.91 39.23
C GLY D 98 -2.00 22.72 39.39
N LEU D 99 -2.85 22.43 38.41
CA LEU D 99 -3.76 21.31 38.46
C LEU D 99 -4.08 20.91 37.03
N PRO D 100 -4.43 19.65 36.80
CA PRO D 100 -4.82 19.24 35.45
C PRO D 100 -6.08 19.98 35.01
N ILE D 101 -6.42 19.78 33.74
CA ILE D 101 -7.60 20.42 33.17
C ILE D 101 -8.83 20.09 34.01
N SER D 102 -9.42 21.12 34.60
CA SER D 102 -10.58 20.97 35.46
C SER D 102 -11.80 21.47 34.71
N VAL D 103 -12.87 20.69 34.74
CA VAL D 103 -14.11 21.06 34.04
C VAL D 103 -15.26 21.14 35.02
N PRO D 104 -16.24 22.00 34.79
CA PRO D 104 -17.40 22.07 35.66
C PRO D 104 -18.25 20.82 35.58
N VAL D 105 -18.68 20.36 36.75
CA VAL D 105 -19.52 19.18 36.87
C VAL D 105 -20.77 19.58 37.63
N GLY D 106 -21.81 18.75 37.50
CA GLY D 106 -23.04 18.99 38.21
C GLY D 106 -24.19 19.23 37.27
N PRO D 107 -25.37 19.49 37.83
CA PRO D 107 -26.54 19.74 37.00
C PRO D 107 -26.40 20.96 36.12
N GLY D 108 -25.44 21.85 36.42
CA GLY D 108 -25.27 23.02 35.58
C GLY D 108 -24.89 22.66 34.16
N THR D 109 -24.29 21.48 33.97
CA THR D 109 -23.91 21.03 32.64
C THR D 109 -25.08 20.38 31.92
N LEU D 110 -26.13 20.03 32.65
CA LEU D 110 -27.28 19.38 32.06
C LEU D 110 -27.93 20.29 31.02
N GLY D 111 -28.14 19.75 29.83
CA GLY D 111 -28.80 20.51 28.79
C GLY D 111 -27.95 21.58 28.17
N ARG D 112 -26.63 21.51 28.36
CA ARG D 112 -25.72 22.51 27.82
C ARG D 112 -24.56 21.85 27.12
N ILE D 113 -24.21 22.38 25.95
CA ILE D 113 -23.06 21.91 25.19
C ILE D 113 -21.80 22.51 25.78
N MET D 114 -20.79 21.67 25.95
CA MET D 114 -19.55 22.09 26.60
C MET D 114 -18.37 21.62 25.77
N ASN D 115 -17.24 22.28 25.98
CA ASN D 115 -16.03 22.03 25.23
C ASN D 115 -15.15 21.05 26.00
N VAL D 116 -13.96 20.78 25.46
CA VAL D 116 -13.04 19.89 26.13
C VAL D 116 -12.50 20.52 27.41
N ILE D 117 -12.31 21.83 27.42
CA ILE D 117 -11.79 22.53 28.58
C ILE D 117 -12.89 23.14 29.43
N GLY D 118 -14.15 22.87 29.11
CA GLY D 118 -15.27 23.38 29.87
C GLY D 118 -15.92 24.65 29.36
N GLU D 119 -15.47 25.18 28.23
CA GLU D 119 -16.11 26.37 27.69
C GLU D 119 -17.49 26.04 27.13
N PRO D 120 -18.49 26.87 27.38
CA PRO D 120 -19.82 26.67 26.80
C PRO D 120 -19.86 27.15 25.37
N ILE D 121 -20.17 26.24 24.45
CA ILE D 121 -20.25 26.56 23.03
C ILE D 121 -21.69 26.62 22.55
N ASP D 122 -22.66 26.56 23.47
CA ASP D 122 -24.07 26.67 23.12
C ASP D 122 -24.53 28.12 23.02
N GLN D 123 -23.75 29.07 23.54
CA GLN D 123 -24.05 30.49 23.52
C GLN D 123 -25.13 30.88 24.52
N ARG D 124 -25.44 30.03 25.49
CA ARG D 124 -26.46 30.33 26.48
C ARG D 124 -25.90 30.91 27.77
N GLY D 125 -24.61 31.18 27.85
CA GLY D 125 -24.04 31.79 29.02
C GLY D 125 -23.10 30.89 29.79
N PRO D 126 -22.50 31.43 30.84
CA PRO D 126 -21.58 30.64 31.67
C PRO D 126 -22.27 29.45 32.32
N ILE D 127 -21.46 28.46 32.66
CA ILE D 127 -21.92 27.23 33.29
C ILE D 127 -21.76 27.35 34.80
N LYS D 128 -22.81 27.01 35.53
CA LYS D 128 -22.79 27.04 36.99
C LYS D 128 -22.43 25.66 37.50
N ALA D 129 -21.37 25.57 38.30
CA ALA D 129 -20.88 24.30 38.80
C ALA D 129 -20.57 24.40 40.29
N ALA D 130 -20.98 23.37 41.03
CA ALA D 130 -20.65 23.31 42.45
C ALA D 130 -19.15 23.30 42.66
N LYS D 131 -18.42 22.69 41.73
CA LYS D 131 -16.96 22.59 41.82
C LYS D 131 -16.44 22.16 40.46
N LEU D 132 -15.12 22.17 40.33
CA LEU D 132 -14.45 21.74 39.11
C LEU D 132 -13.67 20.47 39.42
N TYR D 133 -13.85 19.45 38.59
CA TYR D 133 -13.10 18.24 38.77
C TYR D 133 -12.09 18.05 37.65
N PRO D 134 -10.95 17.45 37.96
CA PRO D 134 -9.95 17.18 36.93
C PRO D 134 -10.31 15.96 36.10
N ILE D 135 -9.94 16.02 34.82
CA ILE D 135 -10.27 14.94 33.89
C ILE D 135 -9.36 13.73 34.05
N HIS D 136 -8.27 13.86 34.79
CA HIS D 136 -7.33 12.77 35.02
C HIS D 136 -7.48 12.30 36.47
N ARG D 137 -7.73 11.01 36.63
CA ARG D 137 -7.86 10.41 37.95
C ARG D 137 -7.58 8.92 37.83
N ASP D 138 -7.23 8.32 38.96
CA ASP D 138 -6.94 6.90 38.98
C ASP D 138 -8.23 6.09 38.95
N ALA D 139 -8.20 4.99 38.22
CA ALA D 139 -9.38 4.15 38.08
C ALA D 139 -9.80 3.60 39.44
N PRO D 140 -11.05 3.18 39.56
CA PRO D 140 -11.51 2.60 40.82
C PRO D 140 -10.82 1.29 41.14
N SER D 141 -10.68 1.03 42.43
CA SER D 141 -9.98 -0.15 42.90
C SER D 141 -10.72 -1.42 42.47
N PHE D 142 -10.09 -2.55 42.74
CA PHE D 142 -10.68 -3.84 42.45
C PHE D 142 -11.74 -4.21 43.49
N THR D 143 -11.48 -3.86 44.75
CA THR D 143 -12.42 -4.22 45.81
C THR D 143 -13.75 -3.50 45.67
N ASP D 144 -13.75 -2.30 45.08
CA ASP D 144 -14.97 -1.53 44.87
C ASP D 144 -15.45 -1.63 43.43
N GLN D 145 -15.26 -2.77 42.80
CA GLN D 145 -15.70 -2.94 41.42
C GLN D 145 -17.22 -3.04 41.36
N ALA D 146 -17.79 -3.94 42.15
CA ALA D 146 -19.23 -4.10 42.27
C ALA D 146 -19.89 -4.30 40.91
N THR D 147 -19.55 -5.42 40.27
CA THR D 147 -20.16 -5.78 39.01
C THR D 147 -21.53 -6.41 39.25
N SER D 148 -22.43 -6.21 38.30
CA SER D 148 -23.77 -6.74 38.41
C SER D 148 -24.35 -6.89 37.01
N ALA D 149 -25.16 -7.93 36.82
CA ALA D 149 -25.73 -8.26 35.51
C ALA D 149 -27.23 -8.06 35.59
N GLU D 150 -27.76 -7.23 34.69
CA GLU D 150 -29.19 -6.99 34.59
C GLU D 150 -29.53 -6.63 33.16
N ILE D 151 -30.46 -7.37 32.57
CA ILE D 151 -30.81 -7.17 31.17
C ILE D 151 -31.24 -5.73 30.94
N LEU D 152 -30.86 -5.18 29.79
CA LEU D 152 -31.23 -3.84 29.37
C LEU D 152 -32.04 -3.95 28.08
N VAL D 153 -33.34 -3.69 28.18
CA VAL D 153 -34.24 -3.80 27.05
C VAL D 153 -34.06 -2.56 26.17
N THR D 154 -33.38 -2.73 25.04
CA THR D 154 -33.17 -1.64 24.11
C THR D 154 -34.31 -1.49 23.10
N GLY D 155 -35.19 -2.47 23.01
CA GLY D 155 -36.25 -2.45 22.03
C GLY D 155 -35.85 -3.00 20.68
N ILE D 156 -34.57 -3.30 20.49
CA ILE D 156 -34.06 -3.87 19.26
C ILE D 156 -34.00 -5.38 19.43
N LYS D 157 -34.76 -6.10 18.61
CA LYS D 157 -34.91 -7.54 18.80
C LYS D 157 -33.61 -8.29 18.57
N VAL D 158 -32.85 -7.91 17.54
CA VAL D 158 -31.60 -8.61 17.26
C VAL D 158 -30.66 -8.47 18.45
N VAL D 159 -30.53 -7.25 18.97
CA VAL D 159 -29.64 -7.01 20.11
C VAL D 159 -30.17 -7.72 21.35
N ASP D 160 -31.46 -7.53 21.64
CA ASP D 160 -32.03 -8.13 22.82
C ASP D 160 -31.94 -9.64 22.80
N LEU D 161 -31.84 -10.22 21.61
CA LEU D 161 -31.84 -11.68 21.46
C LEU D 161 -30.43 -12.26 21.44
N LEU D 162 -29.59 -11.77 20.53
CA LEU D 162 -28.28 -12.35 20.30
C LEU D 162 -27.21 -11.77 21.21
N ALA D 163 -27.22 -10.45 21.42
CA ALA D 163 -26.22 -9.76 22.21
C ALA D 163 -26.91 -8.86 23.22
N PRO D 164 -27.47 -9.43 24.27
CA PRO D 164 -28.16 -8.61 25.27
C PRO D 164 -27.21 -7.62 25.92
N TYR D 165 -27.74 -6.44 26.23
CA TYR D 165 -26.99 -5.43 26.93
C TYR D 165 -27.23 -5.52 28.42
N ALA D 166 -26.20 -5.16 29.18
CA ALA D 166 -26.23 -5.22 30.64
C ALA D 166 -26.23 -3.83 31.24
N ARG D 167 -27.20 -3.55 32.08
CA ARG D 167 -27.24 -2.26 32.76
C ARG D 167 -26.02 -2.15 33.68
N GLY D 168 -25.19 -1.16 33.40
CA GLY D 168 -23.97 -0.96 34.14
C GLY D 168 -22.73 -1.56 33.52
N GLY D 169 -22.83 -2.09 32.30
CA GLY D 169 -21.69 -2.67 31.62
C GLY D 169 -21.40 -1.96 30.31
N LYS D 170 -20.15 -2.04 29.88
CA LYS D 170 -19.73 -1.39 28.65
C LYS D 170 -20.43 -2.02 27.45
N ILE D 171 -20.56 -1.22 26.39
CA ILE D 171 -21.24 -1.64 25.17
C ILE D 171 -20.50 -1.05 23.99
N GLY D 172 -20.17 -1.88 23.02
CA GLY D 172 -19.41 -1.46 21.86
C GLY D 172 -20.15 -1.70 20.56
N LEU D 173 -20.09 -0.71 19.67
CA LEU D 173 -20.67 -0.80 18.34
C LEU D 173 -19.55 -0.69 17.32
N PHE D 174 -19.05 -1.83 16.84
CA PHE D 174 -17.98 -1.86 15.87
C PHE D 174 -18.58 -1.76 14.48
N GLY D 175 -18.15 -0.77 13.73
CA GLY D 175 -18.69 -0.56 12.40
C GLY D 175 -17.68 0.14 11.52
N GLY D 176 -17.78 -0.11 10.23
CA GLY D 176 -16.99 0.61 9.26
C GLY D 176 -17.64 1.92 8.90
N ALA D 177 -17.25 2.45 7.75
CA ALA D 177 -17.78 3.71 7.27
C ALA D 177 -19.16 3.52 6.66
N GLY D 178 -20.17 4.12 7.27
CA GLY D 178 -21.52 4.12 6.74
C GLY D 178 -22.25 2.81 6.77
N VAL D 179 -22.24 2.16 7.93
CA VAL D 179 -23.01 0.94 8.14
C VAL D 179 -24.20 1.16 9.05
N GLY D 180 -24.26 2.28 9.76
CA GLY D 180 -25.40 2.63 10.57
C GLY D 180 -25.18 2.65 12.06
N LYS D 181 -23.95 2.85 12.54
CA LYS D 181 -23.73 2.90 13.97
C LYS D 181 -24.14 4.25 14.55
N THR D 182 -24.07 5.32 13.75
CA THR D 182 -24.55 6.60 14.21
C THR D 182 -26.07 6.61 14.38
N VAL D 183 -26.78 6.05 13.40
CA VAL D 183 -28.23 5.91 13.52
C VAL D 183 -28.60 5.04 14.72
N LEU D 184 -27.81 4.01 14.98
CA LEU D 184 -28.07 3.13 16.11
C LEU D 184 -27.91 3.86 17.43
N ILE D 185 -26.92 4.74 17.53
CA ILE D 185 -26.75 5.52 18.75
C ILE D 185 -27.96 6.41 18.99
N GLN D 186 -28.47 7.04 17.93
CA GLN D 186 -29.64 7.88 18.07
C GLN D 186 -30.86 7.09 18.55
N GLU D 187 -31.04 5.88 18.03
CA GLU D 187 -32.17 5.07 18.44
C GLU D 187 -32.07 4.63 19.90
N LEU D 188 -30.86 4.25 20.33
CA LEU D 188 -30.68 3.89 21.73
C LEU D 188 -31.02 5.06 22.64
N ILE D 189 -30.63 6.26 22.23
CA ILE D 189 -30.99 7.45 22.98
C ILE D 189 -32.51 7.58 23.04
N ASN D 190 -33.16 7.50 21.88
CA ASN D 190 -34.61 7.66 21.84
C ASN D 190 -35.30 6.59 22.68
N ASN D 191 -34.74 5.38 22.69
CA ASN D 191 -35.39 4.24 23.33
C ASN D 191 -35.02 4.09 24.79
N VAL D 192 -33.80 4.46 25.17
CA VAL D 192 -33.29 4.25 26.51
C VAL D 192 -33.15 5.56 27.27
N ALA D 193 -32.52 6.56 26.65
CA ALA D 193 -32.30 7.83 27.33
C ALA D 193 -33.59 8.37 27.91
N LYS D 194 -34.62 8.49 27.09
CA LYS D 194 -35.93 8.87 27.58
C LYS D 194 -36.46 7.81 28.53
N HIS D 195 -37.28 8.24 29.47
CA HIS D 195 -37.88 7.35 30.45
C HIS D 195 -36.81 6.65 31.28
N HIS D 196 -35.71 7.35 31.52
CA HIS D 196 -34.60 6.85 32.31
C HIS D 196 -34.47 7.73 33.53
N GLY D 197 -34.60 7.13 34.72
CA GLY D 197 -34.58 7.93 35.94
C GLY D 197 -33.34 8.78 36.07
N GLY D 198 -32.18 8.18 35.84
CA GLY D 198 -30.92 8.87 35.97
C GLY D 198 -30.64 9.81 34.82
N TYR D 199 -29.45 10.40 34.86
CA TYR D 199 -28.98 11.30 33.83
C TYR D 199 -28.25 10.55 32.73
N SER D 200 -27.99 11.26 31.64
CA SER D 200 -27.30 10.73 30.48
C SER D 200 -26.26 11.72 30.00
N VAL D 201 -25.14 11.21 29.52
CA VAL D 201 -24.07 12.02 28.95
C VAL D 201 -23.81 11.56 27.54
N PHE D 202 -23.54 12.52 26.65
CA PHE D 202 -23.17 12.23 25.27
C PHE D 202 -21.89 12.99 24.95
N ALA D 203 -20.79 12.26 24.80
CA ALA D 203 -19.51 12.82 24.43
C ALA D 203 -19.21 12.36 23.02
N GLY D 204 -19.19 13.31 22.08
CA GLY D 204 -18.89 13.00 20.70
C GLY D 204 -17.51 13.49 20.33
N VAL D 205 -16.59 12.56 20.15
CA VAL D 205 -15.19 12.89 19.91
C VAL D 205 -14.84 12.48 18.48
N GLY D 206 -14.31 13.44 17.71
CA GLY D 206 -13.83 13.17 16.39
C GLY D 206 -14.87 13.14 15.30
N GLU D 207 -16.15 13.07 15.63
CA GLU D 207 -17.17 12.97 14.61
C GLU D 207 -17.45 14.33 13.98
N ARG D 208 -18.29 14.31 12.96
CA ARG D 208 -18.58 15.51 12.19
C ARG D 208 -19.50 16.44 12.96
N THR D 209 -19.41 17.72 12.64
CA THR D 209 -20.17 18.74 13.36
C THR D 209 -21.63 18.78 12.92
N ARG D 210 -21.91 18.43 11.67
CA ARG D 210 -23.29 18.39 11.20
C ARG D 210 -24.13 17.45 12.05
N GLU D 211 -23.59 16.27 12.38
CA GLU D 211 -24.32 15.33 13.23
C GLU D 211 -24.57 15.92 14.61
N GLY D 212 -23.62 16.71 15.12
CA GLY D 212 -23.81 17.34 16.41
C GLY D 212 -25.00 18.28 16.45
N ASN D 213 -25.15 19.11 15.42
CA ASN D 213 -26.29 20.01 15.36
C ASN D 213 -27.61 19.24 15.31
N ASP D 214 -27.64 18.17 14.53
CA ASP D 214 -28.86 17.36 14.43
C ASP D 214 -29.25 16.78 15.78
N LEU D 215 -28.26 16.23 16.50
CA LEU D 215 -28.55 15.61 17.78
C LEU D 215 -29.03 16.63 18.81
N TYR D 216 -28.42 17.81 18.82
CA TYR D 216 -28.85 18.84 19.75
C TYR D 216 -30.30 19.23 19.50
N HIS D 217 -30.65 19.48 18.24
CA HIS D 217 -32.02 19.85 17.92
C HIS D 217 -32.98 18.71 18.21
N GLU D 218 -32.55 17.47 17.99
CA GLU D 218 -33.41 16.33 18.25
C GLU D 218 -33.69 16.18 19.74
N MET D 219 -32.67 16.36 20.57
CA MET D 219 -32.89 16.28 22.01
C MET D 219 -33.78 17.41 22.49
N MET D 220 -33.68 18.59 21.86
CA MET D 220 -34.54 19.70 22.20
C MET D 220 -35.98 19.40 21.82
N ASP D 221 -36.18 18.88 20.61
CA ASP D 221 -37.53 18.53 20.17
C ASP D 221 -38.12 17.45 21.06
N SER D 222 -37.35 16.38 21.29
CA SER D 222 -37.77 15.30 22.15
C SER D 222 -37.89 15.70 23.61
N LYS D 223 -37.58 16.94 23.96
CA LYS D 223 -37.67 17.45 25.32
C LYS D 223 -36.70 16.76 26.27
N VAL D 224 -35.72 16.03 25.74
CA VAL D 224 -34.65 15.51 26.58
C VAL D 224 -33.84 16.65 27.16
N ILE D 225 -33.70 17.74 26.41
CA ILE D 225 -33.07 18.96 26.90
C ILE D 225 -33.98 20.12 26.58
N SER D 226 -33.93 21.14 27.43
CA SER D 226 -34.76 22.32 27.29
C SER D 226 -34.02 23.52 27.82
N VAL D 227 -34.49 24.70 27.44
CA VAL D 227 -33.93 25.94 27.95
C VAL D 227 -34.36 26.16 29.39
N LYS D 228 -35.50 25.61 29.79
CA LYS D 228 -36.02 25.80 31.14
C LYS D 228 -35.15 25.04 32.14
N GLU D 229 -34.64 25.76 33.13
CA GLU D 229 -33.74 25.21 34.13
C GLU D 229 -34.44 24.18 35.01
N GLY D 230 -33.63 23.36 35.68
CA GLY D 230 -34.15 22.26 36.47
C GLY D 230 -34.59 21.06 35.66
N GLU D 231 -34.48 21.15 34.34
CA GLU D 231 -34.86 20.07 33.44
C GLU D 231 -33.66 19.80 32.55
N SER D 232 -33.90 19.10 31.45
CA SER D 232 -32.82 18.77 30.51
C SER D 232 -31.80 17.82 31.12
N ARG D 233 -32.24 16.62 31.46
CA ARG D 233 -31.39 15.63 32.08
C ARG D 233 -30.40 15.00 31.10
N CYS D 234 -29.53 15.81 30.50
CA CYS D 234 -28.51 15.27 29.62
C CYS D 234 -27.46 16.33 29.34
N ALA D 235 -26.20 15.92 29.37
CA ALA D 235 -25.06 16.78 29.10
C ALA D 235 -24.40 16.38 27.79
N LEU D 236 -23.81 17.37 27.11
CA LEU D 236 -23.21 17.18 25.81
C LEU D 236 -21.79 17.72 25.81
N ILE D 237 -20.87 16.94 25.27
CA ILE D 237 -19.48 17.34 25.09
C ILE D 237 -19.09 17.03 23.65
N PHE D 238 -18.41 17.97 23.01
CA PHE D 238 -18.07 17.81 21.60
C PHE D 238 -16.63 18.22 21.35
N GLY D 239 -15.86 17.29 20.79
CA GLY D 239 -14.49 17.52 20.39
C GLY D 239 -14.29 17.19 18.93
N GLN D 240 -15.20 17.66 18.09
CA GLN D 240 -15.34 17.20 16.72
C GLN D 240 -14.10 17.42 15.87
N MET D 241 -14.15 16.92 14.63
CA MET D 241 -12.98 16.91 13.75
C MET D 241 -12.29 18.26 13.73
N ASN D 242 -13.05 19.33 13.51
CA ASN D 242 -12.47 20.64 13.31
C ASN D 242 -11.45 20.96 14.39
N GLU D 243 -11.61 20.36 15.57
CA GLU D 243 -10.68 20.60 16.64
C GLU D 243 -9.35 19.91 16.35
N PRO D 244 -8.24 20.50 16.76
CA PRO D 244 -6.95 19.90 16.49
C PRO D 244 -6.69 18.72 17.41
N PRO D 245 -5.65 17.95 17.16
CA PRO D 245 -5.28 16.87 18.07
C PRO D 245 -5.08 17.42 19.48
N GLY D 246 -5.12 16.51 20.44
CA GLY D 246 -5.05 16.87 21.84
C GLY D 246 -6.38 17.24 22.40
N ALA D 247 -7.19 17.94 21.62
CA ALA D 247 -8.56 18.20 22.01
C ALA D 247 -9.43 16.96 21.79
N ARG D 248 -9.30 16.34 20.63
CA ARG D 248 -10.00 15.08 20.38
C ARG D 248 -9.50 13.96 21.29
N ALA D 249 -8.29 14.10 21.82
CA ALA D 249 -7.71 13.08 22.69
C ALA D 249 -8.09 13.25 24.15
N ARG D 250 -8.62 14.41 24.56
CA ARG D 250 -8.93 14.65 25.95
C ARG D 250 -10.39 14.99 26.20
N VAL D 251 -11.15 15.31 25.16
CA VAL D 251 -12.58 15.57 25.32
C VAL D 251 -13.32 14.33 25.80
N GLY D 252 -12.88 13.14 25.38
CA GLY D 252 -13.48 11.94 25.89
C GLY D 252 -13.34 11.84 27.40
N LEU D 253 -12.18 12.20 27.92
CA LEU D 253 -11.96 12.20 29.36
C LEU D 253 -12.86 13.22 30.04
N THR D 254 -13.09 14.35 29.37
CA THR D 254 -13.98 15.38 29.91
C THR D 254 -15.39 14.86 30.10
N GLY D 255 -15.95 14.22 29.07
CA GLY D 255 -17.28 13.64 29.21
C GLY D 255 -17.33 12.60 30.31
N LEU D 256 -16.30 11.77 30.38
CA LEU D 256 -16.24 10.74 31.41
C LEU D 256 -16.19 11.32 32.81
N THR D 257 -15.53 12.47 32.97
CA THR D 257 -15.45 13.08 34.29
C THR D 257 -16.81 13.57 34.77
N VAL D 258 -17.60 14.15 33.87
CA VAL D 258 -18.95 14.57 34.22
C VAL D 258 -19.74 13.38 34.75
N ALA D 259 -19.67 12.26 34.04
CA ALA D 259 -20.40 11.06 34.44
C ALA D 259 -19.93 10.54 35.80
N GLU D 260 -18.63 10.60 36.06
CA GLU D 260 -18.12 10.11 37.33
C GLU D 260 -18.67 10.89 38.50
N TYR D 261 -18.80 12.21 38.35
CA TYR D 261 -19.43 13.00 39.40
C TYR D 261 -20.87 12.56 39.61
N PHE D 262 -21.63 12.47 38.53
CA PHE D 262 -23.02 12.06 38.63
C PHE D 262 -23.15 10.69 39.29
N ARG D 263 -22.14 9.84 39.10
CA ARG D 263 -22.16 8.50 39.68
C ARG D 263 -21.77 8.52 41.15
N ASP D 264 -20.59 9.06 41.46
CA ASP D 264 -20.05 8.97 42.81
C ASP D 264 -20.87 9.82 43.77
N GLU D 265 -21.00 11.11 43.47
CA GLU D 265 -21.68 12.02 44.37
C GLU D 265 -23.16 11.69 44.50
N GLU D 266 -23.76 11.11 43.46
CA GLU D 266 -25.13 10.64 43.51
C GLU D 266 -25.20 9.25 42.90
N GLY D 267 -25.68 8.28 43.67
CA GLY D 267 -25.76 6.92 43.17
C GLY D 267 -26.82 6.77 42.10
N LYS D 268 -26.70 7.56 41.04
CA LYS D 268 -27.70 7.60 39.97
C LYS D 268 -27.17 6.90 38.73
N ASP D 269 -27.99 6.04 38.14
CA ASP D 269 -27.64 5.38 36.89
C ASP D 269 -27.33 6.42 35.82
N VAL D 270 -26.21 6.22 35.13
CA VAL D 270 -25.74 7.16 34.11
C VAL D 270 -25.58 6.44 32.78
N LEU D 271 -26.05 7.09 31.72
CA LEU D 271 -25.91 6.59 30.36
C LEU D 271 -24.87 7.42 29.63
N LEU D 272 -23.75 6.80 29.30
CA LEU D 272 -22.65 7.47 28.61
C LEU D 272 -22.62 7.02 27.16
N PHE D 273 -22.87 7.95 26.25
CA PHE D 273 -22.83 7.69 24.81
C PHE D 273 -21.58 8.34 24.23
N VAL D 274 -20.64 7.53 23.78
CA VAL D 274 -19.40 8.00 23.19
C VAL D 274 -19.43 7.77 21.69
N ASP D 275 -19.57 8.85 20.94
CA ASP D 275 -19.46 8.80 19.49
C ASP D 275 -17.99 8.76 19.11
N ASN D 276 -17.70 8.18 17.95
CA ASN D 276 -16.58 7.25 17.79
C ASN D 276 -15.41 7.53 18.72
N ILE D 277 -14.99 6.48 19.43
CA ILE D 277 -13.84 6.55 20.32
C ILE D 277 -12.54 6.24 19.60
N PHE D 278 -12.59 5.54 18.46
CA PHE D 278 -11.40 5.34 17.65
C PHE D 278 -10.67 6.66 17.40
N ARG D 279 -11.42 7.75 17.30
CA ARG D 279 -10.84 9.07 17.12
C ARG D 279 -9.95 9.47 18.29
N PHE D 280 -10.21 8.93 19.48
CA PHE D 280 -9.37 9.22 20.63
C PHE D 280 -7.94 8.72 20.41
N THR D 281 -7.79 7.43 20.06
CA THR D 281 -6.46 6.90 19.79
C THR D 281 -5.84 7.52 18.55
N GLN D 282 -6.66 7.84 17.55
CA GLN D 282 -6.13 8.46 16.34
C GLN D 282 -5.47 9.80 16.64
N ALA D 283 -6.11 10.63 17.45
CA ALA D 283 -5.54 11.92 17.80
C ALA D 283 -4.21 11.76 18.52
N CYS D 284 -4.14 10.81 19.46
CA CYS D 284 -2.89 10.55 20.16
C CYS D 284 -1.76 10.22 19.19
N SER D 285 -2.03 9.35 18.21
CA SER D 285 -1.00 8.97 17.26
C SER D 285 -0.59 10.12 16.37
N GLU D 286 -1.49 11.08 16.15
CA GLU D 286 -1.15 12.22 15.31
C GLU D 286 -0.03 13.05 15.89
N VAL D 287 0.14 13.02 17.21
CA VAL D 287 1.19 13.78 17.89
C VAL D 287 2.26 12.91 18.52
N SER D 288 2.03 11.60 18.62
CA SER D 288 3.04 10.72 19.20
C SER D 288 4.41 10.94 18.59
N ALA D 289 4.48 11.07 17.27
CA ALA D 289 5.77 11.21 16.60
C ALA D 289 6.48 12.49 17.05
N LEU D 290 5.77 13.60 17.03
CA LEU D 290 6.38 14.87 17.43
C LEU D 290 6.77 14.87 18.90
N LEU D 291 6.07 14.07 19.72
CA LEU D 291 6.43 13.94 21.12
C LEU D 291 7.70 13.15 21.34
N GLY D 292 8.17 12.43 20.32
CA GLY D 292 9.42 11.69 20.39
C GLY D 292 9.25 10.19 20.37
N ARG D 293 8.05 9.68 20.55
CA ARG D 293 7.86 8.24 20.55
C ARG D 293 8.14 7.65 19.18
N ILE D 294 8.56 6.39 19.18
CA ILE D 294 8.77 5.65 17.93
C ILE D 294 7.43 5.08 17.48
N PRO D 295 7.16 5.05 16.17
CA PRO D 295 5.88 4.51 15.72
C PRO D 295 5.80 3.02 15.94
N SER D 296 4.57 2.55 16.14
CA SER D 296 4.28 1.13 16.34
C SER D 296 3.93 0.48 15.01
N ALA D 297 3.36 -0.72 15.10
CA ALA D 297 3.14 -1.59 13.95
C ALA D 297 2.40 -0.87 12.82
N VAL D 298 1.28 -0.24 13.13
CA VAL D 298 0.41 0.33 12.09
C VAL D 298 0.37 1.84 12.22
N GLY D 299 1.47 2.42 12.68
CA GLY D 299 1.55 3.85 12.83
C GLY D 299 0.99 4.38 14.13
N TYR D 300 0.43 3.52 14.97
CA TYR D 300 -0.10 3.97 16.24
C TYR D 300 1.02 4.20 17.25
N GLN D 301 0.69 4.93 18.30
CA GLN D 301 1.64 5.17 19.36
C GLN D 301 1.90 3.88 20.14
N PRO D 302 3.08 3.76 20.75
CA PRO D 302 3.35 2.57 21.57
C PRO D 302 2.41 2.44 22.76
N THR D 303 1.85 3.53 23.26
CA THR D 303 1.02 3.53 24.45
C THR D 303 -0.46 3.41 24.13
N LEU D 304 -0.80 2.77 23.02
CA LEU D 304 -2.20 2.64 22.64
C LEU D 304 -3.01 1.92 23.71
N ALA D 305 -2.56 0.73 24.10
CA ALA D 305 -3.31 -0.07 25.05
C ALA D 305 -3.49 0.65 26.38
N THR D 306 -2.42 1.21 26.91
CA THR D 306 -2.49 1.85 28.22
C THR D 306 -3.29 3.14 28.17
N ASP D 307 -3.10 3.93 27.11
CA ASP D 307 -3.91 5.13 26.96
C ASP D 307 -5.39 4.79 26.91
N LEU D 308 -5.73 3.73 26.17
CA LEU D 308 -7.12 3.31 26.04
C LEU D 308 -7.62 2.66 27.31
N GLY D 309 -6.80 1.83 27.96
CA GLY D 309 -7.25 1.16 29.16
C GLY D 309 -7.48 2.12 30.31
N ALA D 310 -6.66 3.17 30.40
CA ALA D 310 -6.85 4.17 31.44
C ALA D 310 -8.24 4.78 31.34
N LEU D 311 -8.76 4.91 30.13
CA LEU D 311 -10.10 5.43 29.91
C LEU D 311 -11.18 4.40 30.19
N GLN D 312 -10.99 3.17 29.70
CA GLN D 312 -12.03 2.15 29.85
C GLN D 312 -12.26 1.80 31.31
N GLU D 313 -11.19 1.66 32.09
CA GLU D 313 -11.35 1.22 33.47
C GLU D 313 -12.15 2.22 34.29
N ARG D 314 -12.14 3.49 33.89
CA ARG D 314 -12.91 4.48 34.60
C ARG D 314 -14.39 4.39 34.28
N ILE D 315 -14.72 3.82 33.12
CA ILE D 315 -16.10 3.66 32.68
C ILE D 315 -16.55 2.31 33.23
N THR D 316 -17.04 2.32 34.47
CA THR D 316 -17.47 1.08 35.08
C THR D 316 -18.44 1.36 36.21
N THR D 317 -19.27 0.37 36.50
CA THR D 317 -20.17 0.43 37.62
C THR D 317 -19.43 0.11 38.91
N THR D 318 -19.79 0.82 39.98
CA THR D 318 -19.15 0.64 41.27
C THR D 318 -20.23 0.61 42.34
N GLN D 319 -19.80 0.45 43.60
CA GLN D 319 -20.73 0.38 44.71
C GLN D 319 -21.63 1.61 44.76
N LYS D 320 -21.08 2.78 44.46
CA LYS D 320 -21.84 4.01 44.59
C LYS D 320 -22.92 4.11 43.53
N GLY D 321 -22.55 3.96 42.27
CA GLY D 321 -23.49 4.09 41.17
C GLY D 321 -23.08 3.22 40.01
N SER D 322 -23.89 3.28 38.96
CA SER D 322 -23.69 2.49 37.76
C SER D 322 -23.59 3.39 36.53
N ILE D 323 -22.75 2.99 35.60
CA ILE D 323 -22.58 3.70 34.33
C ILE D 323 -22.79 2.69 33.22
N THR D 324 -23.73 3.00 32.32
CA THR D 324 -23.98 2.19 31.14
C THR D 324 -23.43 2.96 29.95
N SER D 325 -22.31 2.50 29.41
CA SER D 325 -21.59 3.19 28.36
C SER D 325 -21.81 2.51 27.02
N VAL D 326 -22.27 3.29 26.05
CA VAL D 326 -22.44 2.83 24.67
C VAL D 326 -21.45 3.61 23.81
N GLN D 327 -20.41 2.94 23.34
CA GLN D 327 -19.37 3.59 22.56
C GLN D 327 -19.26 2.96 21.19
N ALA D 328 -19.10 3.81 20.18
CA ALA D 328 -18.98 3.39 18.79
C ALA D 328 -17.50 3.36 18.41
N ILE D 329 -17.07 2.24 17.86
CA ILE D 329 -15.69 2.05 17.42
C ILE D 329 -15.68 1.97 15.91
N TYR D 330 -15.05 2.95 15.26
CA TYR D 330 -14.94 2.95 13.82
C TYR D 330 -13.85 1.97 13.38
N VAL D 331 -14.21 1.05 12.50
CA VAL D 331 -13.29 0.06 11.96
C VAL D 331 -12.79 0.50 10.60
N PRO D 332 -11.57 1.04 10.50
CA PRO D 332 -11.09 1.54 9.21
C PRO D 332 -10.95 0.42 8.19
N ALA D 333 -11.59 0.61 7.04
CA ALA D 333 -11.54 -0.32 5.92
C ALA D 333 -12.17 -1.66 6.24
N ASP D 334 -12.98 -1.73 7.30
CA ASP D 334 -13.61 -2.97 7.71
C ASP D 334 -12.57 -4.03 8.07
N ASP D 335 -11.51 -3.60 8.74
CA ASP D 335 -10.42 -4.47 9.17
C ASP D 335 -10.49 -4.57 10.69
N LEU D 336 -11.18 -5.59 11.17
CA LEU D 336 -11.37 -5.79 12.60
C LEU D 336 -10.07 -6.14 13.32
N THR D 337 -8.99 -6.39 12.58
CA THR D 337 -7.70 -6.70 13.17
C THR D 337 -6.87 -5.46 13.45
N ASP D 338 -7.38 -4.28 13.13
CA ASP D 338 -6.65 -3.06 13.43
C ASP D 338 -6.38 -2.99 14.93
N PRO D 339 -5.22 -2.49 15.35
CA PRO D 339 -4.89 -2.49 16.78
C PRO D 339 -5.92 -1.81 17.66
N ALA D 340 -6.45 -0.67 17.23
CA ALA D 340 -7.39 0.07 18.09
C ALA D 340 -8.61 -0.76 18.45
N PRO D 341 -9.46 -1.17 17.50
CA PRO D 341 -10.62 -1.98 17.86
C PRO D 341 -10.26 -3.32 18.45
N ALA D 342 -9.17 -3.93 18.00
CA ALA D 342 -8.75 -5.21 18.56
C ALA D 342 -8.49 -5.12 20.05
N THR D 343 -7.84 -4.05 20.49
CA THR D 343 -7.58 -3.88 21.91
C THR D 343 -8.83 -3.51 22.68
N THR D 344 -9.72 -2.74 22.06
CA THR D 344 -10.96 -2.36 22.73
C THR D 344 -11.83 -3.56 23.03
N PHE D 345 -11.80 -4.58 22.17
CA PHE D 345 -12.65 -5.74 22.34
C PHE D 345 -12.58 -6.29 23.76
N ALA D 346 -11.39 -6.28 24.35
CA ALA D 346 -11.19 -6.92 25.64
C ALA D 346 -11.92 -6.19 26.76
N HIS D 347 -12.17 -4.89 26.60
CA HIS D 347 -12.76 -4.09 27.66
C HIS D 347 -14.28 -4.15 27.67
N LEU D 348 -14.88 -4.61 26.59
CA LEU D 348 -16.32 -4.53 26.42
C LEU D 348 -17.02 -5.76 26.99
N ASP D 349 -18.18 -5.53 27.60
CA ASP D 349 -19.04 -6.61 28.06
C ASP D 349 -19.95 -7.11 26.95
N ALA D 350 -20.58 -6.19 26.23
CA ALA D 350 -21.41 -6.49 25.08
C ALA D 350 -20.80 -5.89 23.83
N THR D 351 -20.83 -6.66 22.75
CA THR D 351 -20.24 -6.25 21.48
C THR D 351 -21.28 -6.39 20.38
N THR D 352 -21.38 -5.37 19.54
CA THR D 352 -22.29 -5.36 18.40
C THR D 352 -21.51 -5.02 17.14
N VAL D 353 -21.28 -6.00 16.28
CA VAL D 353 -20.50 -5.84 15.07
C VAL D 353 -21.43 -5.61 13.89
N LEU D 354 -21.32 -4.43 13.28
CA LEU D 354 -22.10 -4.12 12.09
C LEU D 354 -21.39 -4.63 10.84
N ASN D 355 -22.14 -5.30 9.97
CA ASN D 355 -21.61 -5.88 8.75
C ASN D 355 -22.10 -5.09 7.54
N ARG D 356 -21.20 -4.84 6.59
CA ARG D 356 -21.55 -4.10 5.39
C ARG D 356 -22.33 -4.94 4.38
N GLY D 357 -22.10 -6.24 4.35
CA GLY D 357 -22.83 -7.10 3.43
C GLY D 357 -24.33 -7.00 3.60
N LEU D 358 -24.80 -6.94 4.85
CA LEU D 358 -26.22 -6.81 5.10
C LEU D 358 -26.80 -5.55 4.46
N THR D 359 -26.09 -4.43 4.56
CA THR D 359 -26.56 -3.20 3.92
C THR D 359 -26.80 -3.42 2.44
N GLU D 360 -25.88 -4.12 1.78
CA GLU D 360 -26.09 -4.43 0.36
C GLU D 360 -27.38 -5.22 0.17
N LEU D 361 -27.70 -6.10 1.12
CA LEU D 361 -28.95 -6.84 1.07
C LEU D 361 -30.15 -6.00 1.45
N GLY D 362 -29.94 -4.84 2.04
CA GLY D 362 -31.02 -3.96 2.43
C GLY D 362 -31.41 -4.09 3.88
N ILE D 363 -30.87 -5.08 4.58
CA ILE D 363 -31.22 -5.29 5.97
C ILE D 363 -30.64 -4.18 6.84
N TYR D 364 -31.46 -3.66 7.74
CA TYR D 364 -31.05 -2.66 8.70
C TYR D 364 -31.81 -2.99 9.97
N PRO D 365 -31.15 -2.97 11.14
CA PRO D 365 -29.73 -2.67 11.31
C PRO D 365 -28.85 -3.79 10.80
N ALA D 366 -27.65 -3.46 10.36
CA ALA D 366 -26.72 -4.44 9.81
C ALA D 366 -25.90 -5.09 10.93
N VAL D 367 -26.59 -5.70 11.88
CA VAL D 367 -25.94 -6.33 13.02
C VAL D 367 -25.58 -7.76 12.62
N ASP D 368 -24.29 -8.05 12.55
CA ASP D 368 -23.85 -9.39 12.26
C ASP D 368 -24.31 -10.31 13.39
N PRO D 369 -25.25 -11.22 13.12
CA PRO D 369 -25.76 -12.05 14.22
C PRO D 369 -24.74 -13.01 14.78
N LEU D 370 -23.78 -13.44 13.96
CA LEU D 370 -22.81 -14.44 14.42
C LEU D 370 -21.66 -13.79 15.16
N ASP D 371 -21.12 -12.69 14.64
CA ASP D 371 -19.95 -12.08 15.25
C ASP D 371 -20.31 -11.38 16.55
N SER D 372 -21.50 -10.80 16.63
CA SER D 372 -21.91 -10.09 17.84
C SER D 372 -22.00 -11.06 19.01
N THR D 373 -21.41 -10.66 20.13
CA THR D 373 -21.38 -11.48 21.32
C THR D 373 -21.70 -10.63 22.54
N SER D 374 -22.17 -11.28 23.60
CA SER D 374 -22.50 -10.62 24.85
C SER D 374 -22.13 -11.51 26.01
N ARG D 375 -21.42 -10.95 26.98
CA ARG D 375 -21.05 -11.68 28.17
C ARG D 375 -22.29 -12.13 28.95
N MET D 376 -23.42 -11.45 28.74
CA MET D 376 -24.67 -11.78 29.40
C MET D 376 -25.42 -12.92 28.72
N LEU D 377 -24.95 -13.38 27.57
CA LEU D 377 -25.61 -14.48 26.86
C LEU D 377 -25.30 -15.80 27.57
N ASP D 378 -25.87 -15.93 28.76
CA ASP D 378 -25.67 -17.09 29.60
C ASP D 378 -27.02 -17.62 30.10
N PRO D 379 -27.22 -18.93 30.10
CA PRO D 379 -28.49 -19.48 30.58
C PRO D 379 -28.80 -19.13 32.02
N ILE D 380 -27.79 -18.84 32.84
CA ILE D 380 -28.05 -18.48 34.23
C ILE D 380 -28.52 -17.05 34.33
N THR D 381 -27.88 -16.13 33.60
CA THR D 381 -28.27 -14.73 33.68
C THR D 381 -29.64 -14.51 33.07
N ILE D 382 -29.82 -14.93 31.82
CA ILE D 382 -31.07 -14.78 31.13
C ILE D 382 -31.79 -16.12 31.14
N GLY D 383 -33.07 -16.10 30.77
CA GLY D 383 -33.83 -17.32 30.76
C GLY D 383 -33.22 -18.37 29.85
N GLU D 384 -33.36 -19.63 30.26
CA GLU D 384 -32.83 -20.72 29.45
C GLU D 384 -33.48 -20.72 28.07
N GLU D 385 -34.76 -20.38 28.02
CA GLU D 385 -35.45 -20.31 26.74
C GLU D 385 -34.83 -19.26 25.85
N HIS D 386 -34.47 -18.12 26.42
CA HIS D 386 -33.80 -17.08 25.64
C HIS D 386 -32.49 -17.60 25.07
N TYR D 387 -31.67 -18.23 25.91
CA TYR D 387 -30.41 -18.78 25.44
C TYR D 387 -30.63 -19.84 24.36
N THR D 388 -31.60 -20.71 24.56
CA THR D 388 -31.88 -21.75 23.58
C THR D 388 -32.30 -21.16 22.24
N VAL D 389 -33.18 -20.16 22.27
CA VAL D 389 -33.66 -19.55 21.04
C VAL D 389 -32.53 -18.88 20.28
N ALA D 390 -31.66 -18.16 20.99
CA ALA D 390 -30.54 -17.48 20.35
C ALA D 390 -29.61 -18.46 19.65
N ARG D 391 -29.25 -19.55 20.33
CA ARG D 391 -28.33 -20.52 19.73
C ARG D 391 -28.95 -21.15 18.50
N GLY D 392 -30.26 -21.42 18.53
CA GLY D 392 -30.90 -21.98 17.36
C GLY D 392 -30.81 -21.06 16.15
N VAL D 393 -31.04 -19.78 16.37
CA VAL D 393 -30.93 -18.81 15.28
C VAL D 393 -29.52 -18.80 14.70
N GLN D 394 -28.52 -18.82 15.57
CA GLN D 394 -27.14 -18.77 15.11
C GLN D 394 -26.79 -20.00 14.29
N LYS D 395 -27.22 -21.18 14.72
CA LYS D 395 -26.98 -22.38 13.95
C LYS D 395 -27.69 -22.32 12.61
N LEU D 396 -28.93 -21.83 12.61
CA LEU D 396 -29.70 -21.73 11.38
C LEU D 396 -29.00 -20.83 10.37
N LEU D 397 -28.57 -19.64 10.82
CA LEU D 397 -27.91 -18.71 9.92
C LEU D 397 -26.57 -19.24 9.45
N GLN D 398 -25.81 -19.88 10.34
CA GLN D 398 -24.51 -20.43 9.95
C GLN D 398 -24.68 -21.56 8.93
N ASP D 399 -25.67 -22.42 9.14
CA ASP D 399 -25.90 -23.50 8.19
C ASP D 399 -26.27 -22.94 6.82
N TYR D 400 -27.09 -21.90 6.80
CA TYR D 400 -27.45 -21.25 5.56
C TYR D 400 -26.23 -20.67 4.86
N LYS D 401 -25.33 -20.03 5.61
CA LYS D 401 -24.14 -19.46 5.01
C LYS D 401 -23.26 -20.54 4.39
N SER D 402 -23.22 -21.72 5.01
CA SER D 402 -22.43 -22.81 4.46
C SER D 402 -22.99 -23.32 3.15
N LEU D 403 -24.32 -23.36 3.03
CA LEU D 403 -24.96 -23.86 1.82
C LEU D 403 -24.77 -22.93 0.63
N GLN D 404 -24.68 -21.63 0.87
CA GLN D 404 -24.60 -20.64 -0.21
C GLN D 404 -23.62 -21.07 -1.30
N ASP D 405 -22.51 -21.66 -0.91
CA ASP D 405 -21.49 -22.04 -1.89
C ASP D 405 -22.05 -23.02 -2.92
N ILE D 406 -22.60 -24.14 -2.44
CA ILE D 406 -23.13 -25.14 -3.36
C ILE D 406 -24.38 -24.64 -4.07
N ILE D 407 -25.15 -23.78 -3.40
CA ILE D 407 -26.33 -23.21 -4.05
C ILE D 407 -25.93 -22.46 -5.29
N ALA D 408 -24.76 -21.81 -5.26
CA ALA D 408 -24.29 -21.06 -6.41
C ALA D 408 -24.13 -21.96 -7.62
N ILE D 409 -23.64 -23.17 -7.42
CA ILE D 409 -23.30 -24.05 -8.52
C ILE D 409 -24.47 -24.94 -8.93
N LEU D 410 -25.22 -25.46 -7.96
CA LEU D 410 -26.27 -26.43 -8.24
C LEU D 410 -27.67 -25.84 -8.21
N GLY D 411 -27.92 -24.86 -7.35
CA GLY D 411 -29.24 -24.29 -7.23
C GLY D 411 -29.99 -24.83 -6.03
N VAL D 412 -31.06 -24.12 -5.66
CA VAL D 412 -31.86 -24.54 -4.52
C VAL D 412 -32.65 -25.79 -4.84
N ASP D 413 -32.96 -26.03 -6.11
CA ASP D 413 -33.78 -27.17 -6.47
C ASP D 413 -33.10 -28.49 -6.09
N ASP D 414 -31.82 -28.62 -6.40
CA ASP D 414 -31.12 -29.88 -6.19
C ASP D 414 -30.89 -30.19 -4.73
N LEU D 415 -31.21 -29.27 -3.83
CA LEU D 415 -31.06 -29.50 -2.40
C LEU D 415 -32.17 -30.39 -1.88
N SER D 416 -31.92 -31.01 -0.73
CA SER D 416 -32.92 -31.83 -0.10
C SER D 416 -33.96 -30.96 0.60
N GLU D 417 -35.09 -31.59 0.93
CA GLU D 417 -36.15 -30.87 1.63
C GLU D 417 -35.64 -30.29 2.94
N GLU D 418 -34.83 -31.04 3.67
CA GLU D 418 -34.26 -30.53 4.92
C GLU D 418 -33.46 -29.25 4.64
N ASP D 419 -32.58 -29.28 3.65
CA ASP D 419 -31.77 -28.11 3.35
C ASP D 419 -32.64 -26.97 2.83
N LYS D 420 -33.67 -27.30 2.04
CA LYS D 420 -34.58 -26.28 1.54
C LYS D 420 -35.29 -25.58 2.70
N LEU D 421 -35.76 -26.35 3.67
CA LEU D 421 -36.43 -25.76 4.82
C LEU D 421 -35.48 -24.87 5.60
N VAL D 422 -34.22 -25.30 5.74
CA VAL D 422 -33.22 -24.49 6.42
C VAL D 422 -33.05 -23.16 5.70
N VAL D 423 -32.90 -23.21 4.37
CA VAL D 423 -32.69 -21.99 3.60
C VAL D 423 -33.90 -21.08 3.70
N ALA D 424 -35.10 -21.65 3.56
CA ALA D 424 -36.31 -20.84 3.62
C ALA D 424 -36.45 -20.17 4.97
N ARG D 425 -36.34 -20.95 6.04
CA ARG D 425 -36.51 -20.39 7.38
C ARG D 425 -35.42 -19.38 7.70
N ALA D 426 -34.19 -19.60 7.22
CA ALA D 426 -33.11 -18.67 7.50
C ALA D 426 -33.32 -17.33 6.82
N ARG D 427 -33.76 -17.34 5.56
CA ARG D 427 -34.05 -16.08 4.88
C ARG D 427 -35.11 -15.30 5.62
N LYS D 428 -36.16 -15.97 6.08
CA LYS D 428 -37.22 -15.31 6.82
C LYS D 428 -36.71 -14.74 8.13
N VAL D 429 -35.87 -15.51 8.83
CA VAL D 429 -35.31 -15.04 10.09
C VAL D 429 -34.39 -13.86 9.87
N GLN D 430 -33.56 -13.92 8.84
CA GLN D 430 -32.63 -12.83 8.57
C GLN D 430 -33.38 -11.55 8.24
N LYS D 431 -34.44 -11.66 7.45
CA LYS D 431 -35.26 -10.49 7.15
C LYS D 431 -36.02 -10.02 8.38
N PHE D 432 -36.46 -10.96 9.22
CA PHE D 432 -37.21 -10.58 10.41
C PHE D 432 -36.32 -9.85 11.41
N LEU D 433 -35.02 -10.09 11.36
CA LEU D 433 -34.09 -9.38 12.23
C LEU D 433 -34.08 -7.89 11.94
N SER D 434 -34.44 -7.50 10.72
CA SER D 434 -34.49 -6.09 10.38
C SER D 434 -35.64 -5.43 11.11
N GLN D 435 -35.38 -4.25 11.69
CA GLN D 435 -36.35 -3.54 12.47
C GLN D 435 -36.28 -2.07 12.09
N PRO D 436 -37.42 -1.44 11.81
CA PRO D 436 -37.42 -0.01 11.48
C PRO D 436 -37.48 0.88 12.70
N PHE D 437 -36.50 1.77 12.86
CA PHE D 437 -36.47 2.65 14.01
C PHE D 437 -37.00 4.02 13.62
N PHE D 438 -37.44 4.77 14.64
CA PHE D 438 -37.99 6.09 14.42
C PHE D 438 -36.98 6.97 13.68
N MET D 439 -35.74 6.99 14.17
CA MET D 439 -34.73 7.87 13.60
C MET D 439 -34.43 7.57 12.14
N SER D 440 -34.87 6.42 11.65
CA SER D 440 -34.62 6.00 10.27
C SER D 440 -35.78 6.27 9.32
N GLU D 441 -36.90 6.79 9.82
CA GLU D 441 -38.06 7.03 8.95
C GLU D 441 -37.67 7.81 7.71
N VAL D 442 -37.00 8.95 7.89
CA VAL D 442 -36.67 9.81 6.76
C VAL D 442 -36.02 9.04 5.63
N PHE D 443 -35.24 8.01 5.96
CA PHE D 443 -34.60 7.21 4.92
C PHE D 443 -35.59 6.27 4.26
N SER D 444 -36.32 5.51 5.07
CA SER D 444 -37.23 4.48 4.58
C SER D 444 -38.63 5.00 4.34
N GLY D 445 -39.15 5.81 5.27
CA GLY D 445 -40.50 6.29 5.20
C GLY D 445 -41.51 5.47 5.99
N ILE D 446 -41.07 4.49 6.76
CA ILE D 446 -41.95 3.68 7.59
C ILE D 446 -41.72 4.05 9.06
N PRO D 447 -42.76 4.21 9.86
CA PRO D 447 -42.56 4.62 11.26
C PRO D 447 -41.81 3.59 12.07
N GLY D 448 -41.04 4.07 13.02
CA GLY D 448 -40.29 3.21 13.90
C GLY D 448 -41.19 2.29 14.72
N ARG D 449 -40.56 1.31 15.34
CA ARG D 449 -41.28 0.31 16.11
C ARG D 449 -40.42 -0.18 17.26
N PHE D 450 -41.07 -0.49 18.37
CA PHE D 450 -40.44 -0.96 19.59
C PHE D 450 -40.94 -2.36 19.90
N VAL D 451 -40.01 -3.27 20.21
CA VAL D 451 -40.32 -4.67 20.44
C VAL D 451 -39.91 -5.03 21.85
N ASN D 452 -40.84 -5.59 22.61
CA ASN D 452 -40.56 -6.03 23.96
C ASN D 452 -39.78 -7.34 23.94
N LEU D 453 -39.20 -7.67 25.08
CA LEU D 453 -38.36 -8.86 25.18
C LEU D 453 -39.19 -10.13 25.02
N LYS D 454 -40.31 -10.23 25.74
CA LYS D 454 -41.14 -11.42 25.67
C LYS D 454 -41.62 -11.66 24.25
N GLN D 455 -42.15 -10.62 23.60
CA GLN D 455 -42.66 -10.76 22.25
C GLN D 455 -41.55 -11.16 21.29
N ASN D 456 -40.36 -10.59 21.48
CA ASN D 456 -39.23 -10.90 20.61
C ASN D 456 -38.85 -12.36 20.69
N ILE D 457 -38.67 -12.88 21.91
CA ILE D 457 -38.29 -14.28 22.07
C ILE D 457 -39.36 -15.20 21.50
N ALA D 458 -40.62 -14.90 21.78
CA ALA D 458 -41.70 -15.74 21.28
C ALA D 458 -41.75 -15.72 19.76
N SER D 459 -41.56 -14.54 19.16
CA SER D 459 -41.60 -14.43 17.71
C SER D 459 -40.55 -15.33 17.06
N PHE D 460 -39.32 -15.27 17.56
CA PHE D 460 -38.25 -16.07 16.97
C PHE D 460 -38.44 -17.54 17.30
N LYS D 461 -38.93 -17.83 18.51
CA LYS D 461 -39.23 -19.21 18.87
C LYS D 461 -40.27 -19.81 17.94
N ALA D 462 -41.28 -19.03 17.57
CA ALA D 462 -42.30 -19.51 16.66
C ALA D 462 -41.74 -19.74 15.27
N LEU D 463 -40.88 -18.82 14.80
CA LEU D 463 -40.28 -19.00 13.48
C LEU D 463 -39.49 -20.29 13.41
N LEU D 464 -38.81 -20.64 14.50
CA LEU D 464 -38.03 -21.87 14.52
C LEU D 464 -38.93 -23.09 14.40
N GLU D 465 -40.11 -23.04 15.00
CA GLU D 465 -41.05 -24.15 14.96
C GLU D 465 -41.76 -24.27 13.62
N GLY D 466 -41.57 -23.31 12.71
CA GLY D 466 -42.28 -23.30 11.46
C GLY D 466 -43.60 -22.55 11.48
N ALA D 467 -43.76 -21.60 12.39
CA ALA D 467 -45.00 -20.85 12.48
C ALA D 467 -45.22 -20.02 11.22
N GLY D 468 -44.15 -19.48 10.65
CA GLY D 468 -44.26 -18.63 9.48
C GLY D 468 -43.74 -19.23 8.20
N ASP D 469 -43.36 -20.52 8.19
CA ASP D 469 -42.85 -21.10 6.96
C ASP D 469 -43.90 -21.08 5.86
N GLU D 470 -45.16 -20.85 6.22
CA GLU D 470 -46.22 -20.73 5.22
C GLU D 470 -46.15 -19.38 4.51
N TYR D 471 -46.09 -18.30 5.27
CA TYR D 471 -46.19 -16.97 4.71
C TYR D 471 -44.96 -16.61 3.89
N PRO D 472 -45.08 -15.64 3.00
CA PRO D 472 -43.92 -15.20 2.22
C PRO D 472 -42.88 -14.53 3.08
N GLU D 473 -41.63 -14.66 2.67
CA GLU D 473 -40.54 -14.01 3.40
C GLU D 473 -40.63 -12.50 3.35
N SER D 474 -41.36 -11.95 2.37
CA SER D 474 -41.45 -10.51 2.24
C SER D 474 -42.17 -9.86 3.40
N CYS D 475 -43.09 -10.58 4.05
CA CYS D 475 -43.82 -10.00 5.16
C CYS D 475 -42.97 -9.86 6.42
N PHE D 476 -41.86 -10.58 6.50
CA PHE D 476 -40.95 -10.49 7.64
C PHE D 476 -39.85 -9.47 7.37
N TYR D 477 -40.24 -8.25 6.99
CA TYR D 477 -39.28 -7.20 6.68
C TYR D 477 -39.73 -5.91 7.32
N MET D 478 -38.86 -5.35 8.17
CA MET D 478 -39.13 -4.08 8.84
C MET D 478 -40.43 -4.15 9.64
N LYS D 479 -40.64 -5.27 10.30
CA LYS D 479 -41.79 -5.47 11.17
C LYS D 479 -41.32 -5.54 12.61
N GLY D 480 -42.24 -5.27 13.52
CA GLY D 480 -41.90 -5.25 14.94
C GLY D 480 -42.05 -6.60 15.60
N ASP D 481 -43.21 -7.20 15.44
CA ASP D 481 -43.53 -8.46 16.09
C ASP D 481 -44.08 -9.43 15.05
N LEU D 482 -44.11 -10.71 15.41
CA LEU D 482 -44.55 -11.73 14.47
C LEU D 482 -46.01 -11.55 14.10
N GLU D 483 -46.85 -11.18 15.06
CA GLU D 483 -48.27 -10.99 14.76
C GLU D 483 -48.47 -9.89 13.71
N GLU D 484 -47.73 -8.79 13.84
CA GLU D 484 -47.81 -7.74 12.82
C GLU D 484 -47.40 -8.27 11.46
N SER D 485 -46.35 -9.09 11.40
CA SER D 485 -45.88 -9.61 10.12
C SER D 485 -46.91 -10.53 9.48
N LEU D 486 -47.53 -11.40 10.27
CA LEU D 486 -48.52 -12.32 9.72
C LEU D 486 -49.75 -11.57 9.21
N ALA D 487 -50.20 -10.56 9.94
CA ALA D 487 -51.33 -9.76 9.49
C ALA D 487 -51.05 -9.10 8.16
N ALA D 488 -49.84 -8.53 7.99
CA ALA D 488 -49.51 -7.88 6.73
C ALA D 488 -49.53 -8.87 5.58
N GLY D 489 -49.05 -10.09 5.81
CA GLY D 489 -49.08 -11.09 4.76
C GLY D 489 -50.49 -11.44 4.34
N ARG D 490 -51.38 -11.65 5.31
CA ARG D 490 -52.77 -11.96 5.00
C ARG D 490 -53.45 -10.80 4.29
N ALA D 491 -53.12 -9.56 4.69
CA ALA D 491 -53.71 -8.39 4.05
C ALA D 491 -53.30 -8.28 2.59
N ASP D 492 -52.02 -8.56 2.29
CA ASP D 492 -51.58 -8.48 0.91
C ASP D 492 -52.28 -9.49 0.03
N ALA D 493 -52.62 -10.66 0.59
CA ALA D 493 -53.37 -11.65 -0.19
C ALA D 493 -54.75 -11.14 -0.54
N LEU D 494 -55.49 -10.64 0.45
CA LEU D 494 -56.82 -10.13 0.18
C LEU D 494 -56.76 -8.94 -0.77
N LYS D 495 -55.63 -8.25 -0.79
CA LYS D 495 -55.44 -7.14 -1.72
C LYS D 495 -55.31 -7.65 -3.14
N SER D 496 -54.72 -8.82 -3.32
CA SER D 496 -54.53 -9.43 -4.64
C SER D 496 -55.44 -10.64 -4.81
N LEU E 34 50.24 34.71 28.60
CA LEU E 34 49.89 33.99 27.39
C LEU E 34 50.51 34.65 26.16
N SER E 35 50.69 33.87 25.09
CA SER E 35 51.26 34.41 23.86
C SER E 35 50.67 33.68 22.67
N THR E 36 50.75 34.32 21.51
CA THR E 36 50.26 33.72 20.27
C THR E 36 51.25 32.72 19.70
N GLY E 37 52.55 32.93 19.93
CA GLY E 37 53.58 32.01 19.47
C GLY E 37 53.61 30.70 20.21
N GLU E 38 52.59 30.44 21.04
CA GLU E 38 52.49 29.19 21.76
C GLU E 38 52.31 27.99 20.84
N ALA E 39 52.13 28.21 19.54
CA ALA E 39 52.03 27.10 18.61
C ALA E 39 53.26 26.21 18.69
N SER E 40 54.45 26.82 18.76
CA SER E 40 55.67 26.03 18.87
C SER E 40 55.66 25.22 20.16
N VAL E 41 55.16 25.81 21.25
CA VAL E 41 55.07 25.08 22.51
C VAL E 41 54.14 23.87 22.33
N VAL E 42 52.98 24.10 21.71
CA VAL E 42 52.05 23.01 21.49
C VAL E 42 52.66 21.99 20.53
N LEU E 43 53.35 22.47 19.50
CA LEU E 43 53.99 21.55 18.56
C LEU E 43 55.04 20.70 19.26
N ALA E 44 55.88 21.32 20.09
CA ALA E 44 56.90 20.56 20.80
C ALA E 44 56.26 19.53 21.73
N GLU E 45 55.26 19.96 22.51
CA GLU E 45 54.59 19.05 23.42
C GLU E 45 53.94 17.90 22.67
N LYS E 46 53.35 18.19 21.51
CA LYS E 46 52.69 17.15 20.74
C LYS E 46 53.69 16.14 20.20
N ILE E 47 54.84 16.60 19.69
CA ILE E 47 55.80 15.67 19.11
C ILE E 47 56.37 14.74 20.18
N LYS E 48 56.43 15.18 21.43
CA LYS E 48 57.05 14.35 22.46
C LYS E 48 56.02 13.45 23.15
N GLY E 49 54.92 14.03 23.64
CA GLY E 49 54.03 13.26 24.49
C GLY E 49 53.45 12.04 23.83
N ILE E 50 53.29 12.06 22.50
CA ILE E 50 52.68 10.97 21.77
C ILE E 50 53.71 10.39 20.81
N THR E 51 53.92 9.07 20.90
CA THR E 51 54.79 8.34 19.98
C THR E 51 53.96 7.90 18.76
N GLN E 52 53.46 8.91 18.05
CA GLN E 52 52.51 8.71 16.98
C GLN E 52 52.63 9.93 16.06
N GLN E 53 51.62 10.16 15.22
CA GLN E 53 51.61 11.30 14.32
C GLN E 53 52.72 11.12 13.28
N ASN E 54 52.60 10.07 12.48
CA ASN E 54 53.40 9.90 11.29
C ASN E 54 52.83 10.79 10.19
N ASP E 55 53.28 10.58 8.96
CA ASP E 55 52.88 11.46 7.87
C ASP E 55 51.39 11.27 7.58
N ILE E 56 50.57 12.08 8.26
CA ILE E 56 49.11 11.97 8.19
C ILE E 56 48.61 12.03 6.76
N THR E 57 49.32 12.71 5.87
CA THR E 57 48.86 12.85 4.50
C THR E 57 48.76 11.51 3.80
N GLU E 58 49.49 10.49 4.29
CA GLU E 58 49.54 9.17 3.69
C GLU E 58 49.09 8.08 4.63
N TYR E 59 49.03 8.35 5.93
CA TYR E 59 48.66 7.38 6.93
C TYR E 59 47.41 7.86 7.67
N GLY E 60 46.73 6.91 8.30
CA GLY E 60 45.54 7.21 9.07
C GLY E 60 45.38 6.24 10.22
N THR E 61 44.46 6.60 11.12
CA THR E 61 44.14 5.79 12.28
C THR E 61 42.68 5.36 12.20
N VAL E 62 42.40 4.16 12.69
CA VAL E 62 41.07 3.59 12.67
C VAL E 62 40.29 4.11 13.88
N ILE E 63 39.29 4.95 13.62
CA ILE E 63 38.44 5.44 14.70
C ILE E 63 37.53 4.35 15.21
N SER E 64 36.94 3.59 14.30
CA SER E 64 36.01 2.53 14.66
C SER E 64 35.95 1.53 13.52
N ILE E 65 35.58 0.30 13.87
CA ILE E 65 35.43 -0.78 12.92
C ILE E 65 34.20 -1.58 13.31
N GLY E 66 33.35 -1.87 12.33
CA GLY E 66 32.20 -2.70 12.56
C GLY E 66 31.26 -2.74 11.38
N ASP E 67 30.43 -3.78 11.32
CA ASP E 67 29.44 -3.92 10.25
C ASP E 67 30.10 -3.78 8.87
N GLY E 68 31.31 -4.31 8.75
CA GLY E 68 32.00 -4.27 7.48
C GLY E 68 32.40 -2.88 7.05
N ILE E 69 32.55 -1.97 8.00
CA ILE E 69 32.92 -0.59 7.72
C ILE E 69 33.91 -0.13 8.77
N ALA E 70 34.90 0.62 8.33
CA ALA E 70 35.90 1.21 9.22
C ALA E 70 35.89 2.72 9.03
N ARG E 71 35.98 3.44 10.14
CA ARG E 71 35.97 4.90 10.14
C ARG E 71 37.40 5.37 10.37
N VAL E 72 38.16 5.45 9.29
CA VAL E 72 39.54 5.91 9.39
C VAL E 72 39.59 7.41 9.65
N PHE E 73 40.73 7.86 10.18
CA PHE E 73 40.95 9.24 10.51
C PHE E 73 42.22 9.76 9.83
N GLY E 74 42.15 11.00 9.35
CA GLY E 74 43.33 11.69 8.85
C GLY E 74 44.06 10.96 7.74
N LEU E 75 43.33 10.25 6.89
CA LEU E 75 43.93 9.66 5.70
C LEU E 75 43.81 10.60 4.51
N THR E 76 44.24 11.84 4.75
CA THR E 76 44.09 12.89 3.76
C THR E 76 44.83 12.56 2.47
N LYS E 77 44.52 13.31 1.42
CA LYS E 77 45.09 13.17 0.09
C LYS E 77 44.71 11.85 -0.56
N VAL E 78 43.90 11.02 0.10
CA VAL E 78 43.43 9.78 -0.50
C VAL E 78 42.36 10.10 -1.54
N GLN E 79 42.22 9.21 -2.51
CA GLN E 79 41.27 9.35 -3.59
C GLN E 79 40.10 8.40 -3.39
N ALA E 80 38.93 8.84 -3.84
CA ALA E 80 37.76 7.97 -3.83
C ALA E 80 38.01 6.75 -4.71
N GLY E 81 37.77 5.58 -4.13
CA GLY E 81 38.08 4.32 -4.78
C GLY E 81 39.50 3.85 -4.58
N GLU E 82 40.35 4.64 -3.95
CA GLU E 82 41.71 4.22 -3.65
C GLU E 82 41.69 2.91 -2.86
N MET E 83 42.81 2.20 -2.91
CA MET E 83 42.98 0.95 -2.18
C MET E 83 43.96 1.22 -1.04
N VAL E 84 43.48 1.06 0.18
CA VAL E 84 44.31 1.24 1.36
C VAL E 84 44.59 -0.12 1.98
N GLU E 85 45.63 -0.17 2.80
CA GLU E 85 46.01 -1.38 3.49
C GLU E 85 46.23 -1.06 4.96
N PHE E 86 45.77 -1.96 5.81
CA PHE E 86 45.86 -1.79 7.24
C PHE E 86 47.15 -2.41 7.75
N LYS E 87 47.28 -2.53 9.07
CA LYS E 87 48.50 -3.05 9.65
C LYS E 87 48.67 -4.53 9.30
N SER E 88 47.64 -5.34 9.53
CA SER E 88 47.72 -6.77 9.32
C SER E 88 47.91 -7.15 7.86
N GLY E 89 47.86 -6.19 6.94
CA GLY E 89 48.00 -6.45 5.52
C GLY E 89 46.69 -6.50 4.76
N ILE E 90 45.59 -6.75 5.44
CA ILE E 90 44.29 -6.74 4.77
C ILE E 90 44.07 -5.36 4.17
N ARG E 91 43.39 -5.34 3.02
CA ARG E 91 43.20 -4.12 2.25
C ARG E 91 41.75 -3.66 2.30
N GLY E 92 41.54 -2.43 1.84
CA GLY E 92 40.21 -1.86 1.75
C GLY E 92 40.20 -0.76 0.71
N MET E 93 38.99 -0.33 0.36
CA MET E 93 38.78 0.73 -0.61
C MET E 93 38.05 1.90 0.05
N ALA E 94 38.54 3.11 -0.20
CA ALA E 94 37.98 4.32 0.39
C ALA E 94 36.72 4.71 -0.36
N LEU E 95 35.57 4.37 0.21
CA LEU E 95 34.29 4.64 -0.44
C LEU E 95 33.85 6.08 -0.22
N ASN E 96 33.63 6.45 1.04
CA ASN E 96 33.16 7.78 1.41
C ASN E 96 34.30 8.62 1.95
N LEU E 97 34.40 9.85 1.46
CA LEU E 97 35.40 10.81 1.93
C LEU E 97 34.68 11.94 2.63
N GLU E 98 34.70 11.91 3.96
CA GLU E 98 34.03 12.92 4.77
C GLU E 98 35.05 13.91 5.32
N THR E 99 34.52 15.01 5.88
CA THR E 99 35.37 16.08 6.35
C THR E 99 36.31 15.60 7.45
N ASP E 100 35.77 14.86 8.42
CA ASP E 100 36.51 14.46 9.60
C ASP E 100 37.14 13.09 9.45
N ASN E 101 36.43 12.14 8.82
CA ASN E 101 36.88 10.77 8.74
C ASN E 101 36.68 10.25 7.33
N VAL E 102 37.13 9.02 7.12
CA VAL E 102 37.04 8.33 5.84
C VAL E 102 36.31 7.02 6.06
N GLY E 103 35.28 6.77 5.25
CA GLY E 103 34.58 5.51 5.34
C GLY E 103 35.12 4.51 4.35
N VAL E 104 35.79 3.47 4.85
CA VAL E 104 36.44 2.47 4.03
C VAL E 104 35.78 1.12 4.28
N VAL E 105 35.48 0.42 3.20
CA VAL E 105 34.92 -0.92 3.26
C VAL E 105 36.06 -1.91 3.22
N VAL E 106 36.08 -2.83 4.17
CA VAL E 106 37.18 -3.78 4.29
C VAL E 106 36.89 -4.98 3.41
N LEU E 107 37.89 -5.39 2.65
CA LEU E 107 37.77 -6.52 1.74
C LEU E 107 38.27 -7.77 2.45
N GLY E 108 37.52 -8.16 3.48
CA GLY E 108 37.89 -9.32 4.27
C GLY E 108 37.05 -9.38 5.53
N ASN E 109 37.53 -10.18 6.48
CA ASN E 109 36.86 -10.33 7.76
C ASN E 109 37.24 -9.19 8.70
N ASP E 110 36.23 -8.56 9.30
CA ASP E 110 36.47 -7.47 10.23
C ASP E 110 37.36 -7.89 11.40
N ARG E 111 37.39 -9.18 11.74
CA ARG E 111 38.24 -9.61 12.84
C ARG E 111 39.70 -9.23 12.62
N ASP E 112 40.11 -9.06 11.36
CA ASP E 112 41.49 -8.69 11.08
C ASP E 112 41.79 -7.26 11.45
N ILE E 113 40.79 -6.39 11.50
CA ILE E 113 40.97 -4.99 11.80
C ILE E 113 40.74 -4.76 13.28
N LYS E 114 41.33 -3.69 13.80
CA LYS E 114 41.19 -3.34 15.20
C LYS E 114 41.38 -1.84 15.35
N GLU E 115 40.73 -1.28 16.36
CA GLU E 115 40.83 0.15 16.61
C GLU E 115 42.27 0.56 16.91
N GLY E 116 42.68 1.66 16.30
CA GLY E 116 44.03 2.16 16.46
C GLY E 116 45.01 1.67 15.42
N ASP E 117 44.63 0.68 14.61
CA ASP E 117 45.51 0.18 13.57
C ASP E 117 45.89 1.30 12.60
N VAL E 118 47.04 1.15 11.99
CA VAL E 118 47.55 2.10 11.01
C VAL E 118 47.03 1.74 9.63
N VAL E 119 46.68 2.77 8.86
CA VAL E 119 46.17 2.61 7.52
C VAL E 119 47.03 3.42 6.56
N LYS E 120 47.54 2.77 5.52
CA LYS E 120 48.40 3.40 4.52
C LYS E 120 47.72 3.35 3.16
N ARG E 121 47.67 4.49 2.50
CA ARG E 121 47.12 4.52 1.15
C ARG E 121 48.14 4.00 0.16
N THR E 122 47.71 3.11 -0.72
CA THR E 122 48.60 2.56 -1.74
C THR E 122 48.93 3.57 -2.83
N GLY E 123 48.06 4.55 -3.04
CA GLY E 123 48.28 5.56 -4.05
C GLY E 123 47.70 5.24 -5.41
N ALA E 124 47.00 4.12 -5.55
CA ALA E 124 46.43 3.69 -6.81
C ALA E 124 45.00 3.22 -6.61
N ILE E 125 44.13 3.60 -7.54
CA ILE E 125 42.75 3.16 -7.48
C ILE E 125 42.71 1.64 -7.46
N VAL E 126 41.67 1.09 -6.85
CA VAL E 126 41.50 -0.34 -6.73
C VAL E 126 41.58 -0.94 -8.12
N ASP E 127 42.54 -1.84 -8.33
CA ASP E 127 42.78 -2.43 -9.64
C ASP E 127 43.27 -3.86 -9.47
N VAL E 128 43.32 -4.58 -10.58
CA VAL E 128 43.70 -5.98 -10.58
C VAL E 128 44.61 -6.26 -11.77
N PRO E 129 45.48 -7.26 -11.63
CA PRO E 129 46.36 -7.61 -12.74
C PRO E 129 45.60 -8.22 -13.89
N ILE E 130 46.07 -7.93 -15.10
CA ILE E 130 45.48 -8.44 -16.33
C ILE E 130 46.58 -8.93 -17.25
N GLY E 131 46.27 -9.96 -18.01
CA GLY E 131 47.22 -10.48 -18.98
C GLY E 131 46.84 -11.86 -19.43
N GLU E 132 47.49 -12.29 -20.51
CA GLU E 132 47.31 -13.65 -21.00
C GLU E 132 47.76 -14.67 -19.97
N ALA E 133 48.73 -14.31 -19.14
CA ALA E 133 49.30 -15.26 -18.19
C ALA E 133 48.29 -15.71 -17.15
N MET E 134 47.19 -14.98 -16.97
CA MET E 134 46.20 -15.36 -15.99
C MET E 134 45.44 -16.61 -16.39
N CYS E 135 45.41 -16.92 -17.68
CA CYS E 135 44.70 -18.10 -18.17
C CYS E 135 45.23 -19.36 -17.49
N GLY E 136 44.32 -20.15 -16.96
CA GLY E 136 44.68 -21.37 -16.27
C GLY E 136 44.95 -21.20 -14.79
N ARG E 137 44.40 -20.16 -14.18
CA ARG E 137 44.60 -19.89 -12.78
C ARG E 137 43.27 -19.54 -12.14
N VAL E 138 43.21 -19.72 -10.83
CA VAL E 138 42.04 -19.38 -10.03
C VAL E 138 42.42 -18.25 -9.10
N PHE E 139 41.60 -17.19 -9.09
CA PHE E 139 41.88 -15.99 -8.32
C PHE E 139 40.72 -15.69 -7.40
N ASP E 140 41.00 -14.84 -6.43
CA ASP E 140 39.96 -14.28 -5.58
C ASP E 140 39.46 -13.00 -6.23
N ALA E 141 38.59 -12.27 -5.53
CA ALA E 141 38.04 -11.05 -6.09
C ALA E 141 39.14 -10.06 -6.44
N LEU E 142 40.17 -9.97 -5.60
CA LEU E 142 41.22 -8.98 -5.79
C LEU E 142 42.22 -9.38 -6.86
N GLY E 143 42.50 -10.68 -6.97
CA GLY E 143 43.48 -11.14 -7.93
C GLY E 143 44.58 -11.98 -7.33
N ASN E 144 44.44 -12.36 -6.08
CA ASN E 144 45.43 -13.25 -5.47
C ASN E 144 45.15 -14.69 -5.87
N PRO E 145 46.12 -15.41 -6.43
CA PRO E 145 45.88 -16.78 -6.85
C PRO E 145 45.72 -17.71 -5.65
N ILE E 146 44.63 -18.47 -5.64
CA ILE E 146 44.35 -19.42 -4.58
C ILE E 146 44.55 -20.86 -5.01
N ASP E 147 44.92 -21.09 -6.27
CA ASP E 147 45.13 -22.46 -6.75
C ASP E 147 46.39 -23.08 -6.18
N GLY E 148 47.28 -22.30 -5.59
CA GLY E 148 48.51 -22.83 -5.05
C GLY E 148 49.57 -23.15 -6.08
N LEU E 149 49.29 -22.91 -7.37
CA LEU E 149 50.25 -23.24 -8.41
C LEU E 149 51.50 -22.38 -8.30
N GLY E 150 51.34 -21.11 -7.92
CA GLY E 150 52.47 -20.23 -7.76
C GLY E 150 52.15 -18.79 -8.09
N PRO E 151 53.17 -17.92 -8.01
CA PRO E 151 52.96 -16.50 -8.27
C PRO E 151 52.76 -16.23 -9.76
N LEU E 152 51.67 -15.56 -10.08
CA LEU E 152 51.39 -15.19 -11.46
C LEU E 152 52.35 -14.11 -11.92
N LYS E 153 52.67 -14.13 -13.21
CA LYS E 153 53.54 -13.13 -13.82
C LYS E 153 52.68 -12.25 -14.71
N THR E 154 52.34 -11.06 -14.20
CA THR E 154 51.56 -10.08 -14.95
C THR E 154 52.25 -8.73 -14.87
N THR E 155 52.26 -8.03 -16.00
CA THR E 155 52.95 -6.75 -16.09
C THR E 155 52.07 -5.60 -15.65
N GLN E 156 50.83 -5.57 -16.10
CA GLN E 156 49.94 -4.43 -15.93
C GLN E 156 48.74 -4.79 -15.07
N ARG E 157 48.15 -3.76 -14.47
CA ARG E 157 46.99 -3.86 -13.62
C ARG E 157 45.98 -2.80 -14.06
N ALA E 158 44.72 -3.19 -14.19
CA ALA E 158 43.67 -2.33 -14.70
C ALA E 158 42.66 -1.98 -13.63
N ARG E 159 42.11 -0.77 -13.74
CA ARG E 159 41.17 -0.29 -12.74
C ARG E 159 39.87 -1.06 -12.83
N VAL E 160 39.25 -1.28 -11.67
CA VAL E 160 38.08 -2.15 -11.60
C VAL E 160 36.84 -1.43 -12.09
N GLU E 161 36.61 -0.22 -11.60
CA GLU E 161 35.41 0.56 -11.93
C GLU E 161 35.84 1.66 -12.89
N ILE E 162 35.40 1.54 -14.14
CA ILE E 162 35.71 2.51 -15.18
C ILE E 162 34.49 2.68 -16.06
N LYS E 163 34.55 3.70 -16.90
CA LYS E 163 33.43 3.98 -17.80
C LYS E 163 33.38 2.96 -18.92
N ALA E 164 32.17 2.65 -19.36
CA ALA E 164 31.97 1.74 -20.45
C ALA E 164 32.14 2.46 -21.78
N PRO E 165 32.41 1.72 -22.86
CA PRO E 165 32.62 2.35 -24.15
C PRO E 165 31.41 3.16 -24.59
N GLY E 166 31.68 4.24 -25.31
CA GLY E 166 30.64 5.11 -25.80
C GLY E 166 29.85 4.47 -26.93
N ILE E 167 29.24 5.30 -27.77
CA ILE E 167 28.45 4.82 -28.89
C ILE E 167 29.30 4.57 -30.12
N ILE E 168 30.22 5.49 -30.42
CA ILE E 168 31.07 5.39 -31.61
C ILE E 168 32.03 4.23 -31.50
N PRO E 169 32.66 4.00 -30.34
CA PRO E 169 33.58 2.86 -30.24
C PRO E 169 32.94 1.53 -30.59
N ARG E 170 31.66 1.37 -30.26
CA ARG E 170 30.98 0.11 -30.47
C ARG E 170 30.77 -0.16 -31.96
N GLN E 171 30.28 -1.37 -32.23
CA GLN E 171 30.04 -1.84 -33.58
C GLN E 171 28.97 -2.91 -33.53
N SER E 172 28.26 -3.07 -34.65
CA SER E 172 27.24 -4.10 -34.74
C SER E 172 27.86 -5.48 -34.63
N VAL E 173 27.23 -6.35 -33.86
CA VAL E 173 27.75 -7.69 -33.63
C VAL E 173 27.37 -8.57 -34.81
N ARG E 174 28.38 -9.04 -35.54
CA ARG E 174 28.18 -9.88 -36.71
C ARG E 174 28.94 -11.20 -36.61
N GLN E 175 29.39 -11.57 -35.42
CA GLN E 175 30.15 -12.79 -35.24
C GLN E 175 29.44 -13.74 -34.29
N PRO E 176 29.31 -15.01 -34.63
CA PRO E 176 28.62 -15.96 -33.76
C PRO E 176 29.51 -16.45 -32.63
N MET E 177 28.88 -16.67 -31.48
CA MET E 177 29.54 -17.26 -30.32
C MET E 177 28.93 -18.65 -30.12
N GLN E 178 29.59 -19.66 -30.66
CA GLN E 178 29.06 -21.02 -30.65
C GLN E 178 29.10 -21.60 -29.24
N THR E 179 27.93 -21.78 -28.64
CA THR E 179 27.85 -22.40 -27.33
C THR E 179 28.03 -23.91 -27.40
N GLY E 180 27.67 -24.51 -28.53
CA GLY E 180 27.72 -25.94 -28.69
C GLY E 180 26.41 -26.63 -28.40
N ILE E 181 25.40 -25.87 -27.98
CA ILE E 181 24.08 -26.39 -27.69
C ILE E 181 23.18 -26.18 -28.90
N LYS E 182 22.57 -27.26 -29.37
CA LYS E 182 21.71 -27.20 -30.54
C LYS E 182 20.62 -26.15 -30.39
N CYS E 183 19.89 -26.18 -29.27
CA CYS E 183 18.79 -25.26 -29.07
C CYS E 183 19.24 -23.81 -29.11
N VAL E 184 20.30 -23.49 -28.36
CA VAL E 184 20.75 -22.11 -28.28
C VAL E 184 21.25 -21.62 -29.63
N ASP E 185 22.18 -22.35 -30.23
CA ASP E 185 22.80 -21.87 -31.46
C ASP E 185 21.79 -21.75 -32.60
N SER E 186 20.69 -22.47 -32.53
CA SER E 186 19.68 -22.44 -33.58
C SER E 186 18.61 -21.39 -33.30
N LEU E 187 17.93 -21.52 -32.16
CA LEU E 187 16.79 -20.68 -31.84
C LEU E 187 17.17 -19.42 -31.08
N VAL E 188 18.17 -19.49 -30.21
CA VAL E 188 18.57 -18.33 -29.42
C VAL E 188 20.01 -18.01 -29.74
N PRO E 189 20.32 -17.56 -30.95
CA PRO E 189 21.71 -17.29 -31.31
C PRO E 189 22.30 -16.18 -30.47
N ILE E 190 23.59 -16.29 -30.20
CA ILE E 190 24.33 -15.31 -29.41
C ILE E 190 25.46 -14.77 -30.27
N GLY E 191 25.67 -13.47 -30.18
CA GLY E 191 26.71 -12.79 -30.94
C GLY E 191 27.76 -12.21 -30.02
N ARG E 192 29.01 -12.22 -30.48
CA ARG E 192 30.10 -11.70 -29.68
C ARG E 192 29.88 -10.22 -29.40
N GLY E 193 29.92 -9.85 -28.13
CA GLY E 193 29.59 -8.52 -27.69
C GLY E 193 28.16 -8.37 -27.22
N GLN E 194 27.43 -9.46 -27.03
CA GLN E 194 26.03 -9.44 -26.64
C GLN E 194 25.87 -9.94 -25.21
N ARG E 195 24.93 -9.34 -24.50
CA ARG E 195 24.58 -9.75 -23.15
C ARG E 195 23.35 -10.64 -23.22
N GLU E 196 23.52 -11.91 -22.92
CA GLU E 196 22.43 -12.88 -22.92
C GLU E 196 22.23 -13.34 -21.49
N LEU E 197 21.02 -13.16 -20.97
CA LEU E 197 20.71 -13.45 -19.58
C LEU E 197 20.22 -14.89 -19.45
N ILE E 198 20.96 -15.70 -18.71
CA ILE E 198 20.56 -17.06 -18.39
C ILE E 198 19.82 -17.00 -17.06
N ILE E 199 18.50 -17.11 -17.13
CA ILE E 199 17.65 -16.98 -15.95
C ILE E 199 16.87 -18.27 -15.73
N GLY E 200 16.69 -18.64 -14.47
CA GLY E 200 15.90 -19.82 -14.16
C GLY E 200 15.89 -20.07 -12.67
N ASP E 201 15.13 -21.09 -12.30
CA ASP E 201 15.04 -21.54 -10.91
C ASP E 201 16.32 -22.28 -10.52
N ARG E 202 16.36 -22.72 -9.26
CA ARG E 202 17.52 -23.45 -8.76
C ARG E 202 17.56 -24.85 -9.37
N GLN E 203 18.73 -25.24 -9.85
CA GLN E 203 18.97 -26.56 -10.41
C GLN E 203 18.14 -26.81 -11.66
N THR E 204 17.86 -25.75 -12.42
CA THR E 204 17.33 -25.89 -13.76
C THR E 204 18.42 -26.05 -14.80
N GLY E 205 19.62 -26.42 -14.40
CA GLY E 205 20.74 -26.48 -15.31
C GLY E 205 21.32 -25.14 -15.73
N LYS E 206 21.36 -24.16 -14.82
CA LYS E 206 21.83 -22.85 -15.21
C LYS E 206 23.32 -22.85 -15.53
N THR E 207 24.11 -23.55 -14.72
CA THR E 207 25.55 -23.57 -14.87
C THR E 207 26.02 -24.51 -15.96
N ALA E 208 25.22 -25.51 -16.34
CA ALA E 208 25.65 -26.45 -17.36
C ALA E 208 25.83 -25.76 -18.70
N ILE E 209 25.00 -24.78 -19.00
CA ILE E 209 25.09 -24.06 -20.26
C ILE E 209 26.42 -23.34 -20.36
N ALA E 210 26.80 -22.64 -19.29
CA ALA E 210 28.07 -21.93 -19.30
C ALA E 210 29.25 -22.88 -19.49
N ILE E 211 29.23 -24.01 -18.79
CA ILE E 211 30.33 -24.96 -18.89
C ILE E 211 30.40 -25.54 -20.30
N ASP E 212 29.26 -25.81 -20.90
CA ASP E 212 29.28 -26.37 -22.25
C ASP E 212 29.85 -25.40 -23.26
N THR E 213 29.56 -24.10 -23.11
CA THR E 213 30.13 -23.10 -24.00
C THR E 213 31.65 -23.12 -23.93
N ILE E 214 32.20 -23.16 -22.72
CA ILE E 214 33.65 -23.18 -22.55
C ILE E 214 34.26 -24.37 -23.27
N LEU E 215 33.69 -25.56 -23.07
CA LEU E 215 34.23 -26.75 -23.70
C LEU E 215 34.20 -26.62 -25.22
N ASN E 216 33.17 -25.98 -25.75
CA ASN E 216 33.03 -25.85 -27.19
C ASN E 216 34.19 -25.07 -27.80
N GLN E 217 34.70 -24.09 -27.07
CA GLN E 217 35.76 -23.18 -27.50
C GLN E 217 37.12 -23.82 -27.53
N LYS E 218 37.26 -25.13 -27.34
CA LYS E 218 38.57 -25.74 -27.25
C LYS E 218 39.15 -26.07 -28.62
N GLU E 219 38.29 -26.28 -29.61
CA GLU E 219 38.77 -26.68 -30.93
C GLU E 219 39.62 -25.59 -31.56
N ALA E 220 39.21 -24.33 -31.42
CA ALA E 220 39.94 -23.23 -32.04
C ALA E 220 41.35 -23.09 -31.48
N PHE E 221 41.51 -23.25 -30.17
CA PHE E 221 42.84 -23.14 -29.58
C PHE E 221 43.73 -24.27 -30.04
N ASN E 222 43.17 -25.45 -30.27
CA ASN E 222 43.95 -26.56 -30.78
C ASN E 222 44.38 -26.30 -32.22
N THR E 223 43.42 -26.02 -33.10
CA THR E 223 43.75 -25.84 -34.51
C THR E 223 44.51 -24.54 -34.75
N GLY E 224 44.28 -23.52 -33.94
CA GLY E 224 44.96 -22.26 -34.08
C GLY E 224 44.21 -21.19 -34.85
N ASP E 225 42.92 -21.38 -35.10
CA ASP E 225 42.11 -20.41 -35.83
C ASP E 225 41.80 -19.25 -34.88
N VAL E 226 42.74 -18.31 -34.82
CA VAL E 226 42.66 -17.22 -33.83
C VAL E 226 41.37 -16.44 -33.99
N LYS E 227 40.89 -16.25 -35.22
CA LYS E 227 39.73 -15.40 -35.44
C LYS E 227 38.52 -15.88 -34.67
N LYS E 228 38.43 -17.18 -34.41
CA LYS E 228 37.28 -17.75 -33.72
C LYS E 228 37.51 -17.98 -32.24
N GLN E 229 38.74 -18.27 -31.84
CA GLN E 229 39.00 -18.57 -30.44
C GLN E 229 38.72 -17.37 -29.56
N LEU E 230 38.05 -17.62 -28.44
CA LEU E 230 37.78 -16.58 -27.46
C LEU E 230 37.97 -17.13 -26.06
N TYR E 231 38.73 -16.41 -25.25
CA TYR E 231 38.96 -16.85 -23.89
C TYR E 231 37.67 -16.78 -23.09
N CYS E 232 37.63 -17.52 -21.98
CA CYS E 232 36.43 -17.67 -21.19
C CYS E 232 36.73 -17.36 -19.73
N ILE E 233 35.97 -16.44 -19.16
CA ILE E 233 36.07 -16.08 -17.76
C ILE E 233 34.82 -16.55 -17.02
N TYR E 234 34.99 -17.09 -15.83
CA TYR E 234 33.91 -17.67 -15.04
C TYR E 234 34.00 -17.10 -13.64
N VAL E 235 33.25 -16.03 -13.41
CA VAL E 235 33.11 -15.47 -12.08
C VAL E 235 32.03 -16.24 -11.33
N ALA E 236 32.23 -16.43 -10.03
CA ALA E 236 31.27 -17.15 -9.21
C ALA E 236 31.09 -16.39 -7.90
N VAL E 237 29.90 -15.86 -7.71
CA VAL E 237 29.55 -15.10 -6.52
C VAL E 237 28.70 -15.96 -5.62
N GLY E 238 29.06 -16.00 -4.33
CA GLY E 238 28.25 -16.71 -3.36
C GLY E 238 28.01 -18.16 -3.72
N GLN E 239 29.01 -18.79 -4.32
CA GLN E 239 28.95 -20.20 -4.66
C GLN E 239 29.76 -21.01 -3.67
N LYS E 240 29.31 -22.24 -3.43
CA LYS E 240 30.02 -23.13 -2.53
C LYS E 240 31.41 -23.42 -3.04
N ARG E 241 32.38 -23.44 -2.12
CA ARG E 241 33.76 -23.69 -2.48
C ARG E 241 33.90 -25.05 -3.15
N SER E 242 33.19 -26.07 -2.64
CA SER E 242 33.29 -27.40 -3.20
C SER E 242 32.78 -27.43 -4.63
N THR E 243 31.74 -26.66 -4.93
CA THR E 243 31.23 -26.60 -6.29
C THR E 243 32.27 -26.06 -7.26
N ILE E 244 32.97 -25.00 -6.86
CA ILE E 244 33.98 -24.41 -7.72
C ILE E 244 35.14 -25.38 -7.93
N ALA E 245 35.53 -26.10 -6.87
CA ALA E 245 36.62 -27.07 -7.00
C ALA E 245 36.27 -28.15 -8.00
N ASN E 246 35.07 -28.70 -7.90
CA ASN E 246 34.65 -29.73 -8.84
C ASN E 246 34.58 -29.19 -10.25
N LEU E 247 34.16 -27.93 -10.40
CA LEU E 247 34.09 -27.30 -11.70
C LEU E 247 35.45 -27.24 -12.36
N VAL E 248 36.47 -26.81 -11.60
CA VAL E 248 37.82 -26.73 -12.14
C VAL E 248 38.33 -28.11 -12.54
N SER E 249 37.99 -29.13 -11.75
CA SER E 249 38.42 -30.48 -12.08
C SER E 249 37.86 -30.90 -13.43
N ILE E 250 36.58 -30.63 -13.67
CA ILE E 250 35.97 -30.99 -14.95
C ILE E 250 36.65 -30.23 -16.07
N LEU E 251 36.95 -28.95 -15.84
CA LEU E 251 37.60 -28.14 -16.86
C LEU E 251 39.00 -28.64 -17.15
N LYS E 252 39.70 -29.13 -16.12
CA LYS E 252 41.03 -29.68 -16.33
C LYS E 252 40.96 -31.02 -17.05
N GLN E 253 39.93 -31.82 -16.75
CA GLN E 253 39.79 -33.12 -17.40
C GLN E 253 39.69 -32.97 -18.90
N HIS E 254 38.92 -31.99 -19.38
CA HIS E 254 38.77 -31.76 -20.81
C HIS E 254 39.85 -30.86 -21.38
N ASP E 255 40.87 -30.53 -20.59
CA ASP E 255 41.97 -29.68 -21.05
C ASP E 255 41.44 -28.36 -21.60
N CYS E 256 40.41 -27.82 -20.96
CA CYS E 256 39.84 -26.53 -21.33
C CYS E 256 40.21 -25.45 -20.33
N MET E 257 41.06 -25.75 -19.36
CA MET E 257 41.45 -24.75 -18.38
C MET E 257 42.60 -23.89 -18.85
N LYS E 258 43.32 -24.31 -19.90
CA LYS E 258 44.47 -23.54 -20.37
C LYS E 258 44.08 -22.15 -20.83
N PHE E 259 42.82 -21.94 -21.22
CA PHE E 259 42.35 -20.66 -21.70
C PHE E 259 41.22 -20.10 -20.86
N THR E 260 40.94 -20.69 -19.70
CA THR E 260 39.86 -20.27 -18.85
C THR E 260 40.40 -19.59 -17.60
N ILE E 261 39.61 -18.66 -17.06
CA ILE E 261 39.92 -17.98 -15.82
C ILE E 261 38.73 -18.09 -14.88
N VAL E 262 39.02 -18.21 -13.59
CA VAL E 262 38.00 -18.35 -12.56
C VAL E 262 38.28 -17.33 -11.46
N VAL E 263 37.30 -16.49 -11.17
CA VAL E 263 37.34 -15.54 -10.07
C VAL E 263 36.32 -15.99 -9.04
N CYS E 264 36.79 -16.54 -7.92
CA CYS E 264 35.93 -17.20 -6.95
C CYS E 264 35.75 -16.30 -5.74
N ALA E 265 34.48 -16.01 -5.42
CA ALA E 265 34.10 -15.31 -4.19
C ALA E 265 32.99 -16.11 -3.53
N THR E 266 33.38 -17.08 -2.71
CA THR E 266 32.43 -18.03 -2.14
C THR E 266 31.56 -17.35 -1.09
N ALA E 267 30.64 -18.15 -0.53
CA ALA E 267 29.71 -17.64 0.47
C ALA E 267 30.44 -17.24 1.75
N SER E 268 31.49 -17.96 2.10
CA SER E 268 32.24 -17.61 3.31
C SER E 268 32.94 -16.27 3.16
N ASP E 269 33.25 -15.87 1.94
CA ASP E 269 33.93 -14.61 1.72
C ASP E 269 33.03 -13.45 2.12
N ALA E 270 33.66 -12.35 2.53
CA ALA E 270 32.90 -11.19 2.95
C ALA E 270 32.08 -10.63 1.80
N ALA E 271 31.05 -9.87 2.15
CA ALA E 271 30.16 -9.31 1.15
C ALA E 271 30.88 -8.41 0.15
N PRO E 272 31.79 -7.53 0.56
CA PRO E 272 32.45 -6.66 -0.44
C PRO E 272 33.14 -7.44 -1.53
N LEU E 273 33.74 -8.58 -1.17
CA LEU E 273 34.40 -9.41 -2.18
C LEU E 273 33.40 -9.91 -3.20
N GLN E 274 32.23 -10.36 -2.74
CA GLN E 274 31.20 -10.80 -3.66
C GLN E 274 30.74 -9.65 -4.53
N PHE E 275 30.62 -8.47 -3.94
CA PHE E 275 30.19 -7.28 -4.67
C PHE E 275 31.21 -6.87 -5.72
N LEU E 276 32.49 -7.13 -5.46
CA LEU E 276 33.57 -6.65 -6.31
C LEU E 276 34.01 -7.65 -7.35
N ALA E 277 33.88 -8.94 -7.10
CA ALA E 277 34.38 -9.95 -8.02
C ALA E 277 33.93 -9.74 -9.45
N PRO E 278 32.65 -9.55 -9.74
CA PRO E 278 32.24 -9.38 -11.14
C PRO E 278 32.97 -8.26 -11.85
N TYR E 279 33.26 -7.17 -11.14
CA TYR E 279 33.95 -6.06 -11.78
C TYR E 279 35.41 -6.41 -12.06
N SER E 280 36.04 -7.14 -11.15
CA SER E 280 37.40 -7.62 -11.40
C SER E 280 37.45 -8.52 -12.62
N GLY E 281 36.51 -9.46 -12.72
CA GLY E 281 36.45 -10.32 -13.88
C GLY E 281 36.22 -9.55 -15.17
N CYS E 282 35.33 -8.57 -15.14
CA CYS E 282 35.04 -7.80 -16.34
C CYS E 282 36.27 -7.04 -16.81
N ALA E 283 37.11 -6.57 -15.89
CA ALA E 283 38.33 -5.89 -16.28
C ALA E 283 39.29 -6.83 -16.99
N ILE E 284 39.45 -8.03 -16.46
CA ILE E 284 40.27 -9.04 -17.12
C ILE E 284 39.78 -9.25 -18.54
N GLY E 285 38.47 -9.18 -18.75
CA GLY E 285 37.93 -9.35 -20.09
C GLY E 285 38.17 -8.16 -20.98
N GLU E 286 38.09 -6.95 -20.43
CA GLU E 286 38.35 -5.76 -21.22
C GLU E 286 39.76 -5.76 -21.80
N PHE E 287 40.71 -6.41 -21.11
CA PHE E 287 42.04 -6.58 -21.68
C PHE E 287 41.94 -7.17 -23.09
N PHE E 288 41.30 -8.33 -23.19
CA PHE E 288 41.16 -8.97 -24.50
C PHE E 288 40.35 -8.09 -25.45
N ARG E 289 39.31 -7.44 -24.93
CA ARG E 289 38.47 -6.63 -25.78
C ARG E 289 39.28 -5.51 -26.42
N ASP E 290 40.14 -4.87 -25.64
CA ASP E 290 40.88 -3.73 -26.13
C ASP E 290 42.08 -4.14 -26.98
N ASN E 291 42.52 -5.40 -26.86
CA ASN E 291 43.67 -5.89 -27.60
C ASN E 291 43.28 -6.73 -28.81
N GLY E 292 42.08 -6.54 -29.33
CA GLY E 292 41.64 -7.21 -30.53
C GLY E 292 41.13 -8.62 -30.32
N LYS E 293 41.30 -9.20 -29.15
CA LYS E 293 40.85 -10.55 -28.88
C LYS E 293 39.41 -10.56 -28.37
N HIS E 294 38.84 -11.76 -28.33
CA HIS E 294 37.47 -11.98 -27.92
C HIS E 294 37.43 -12.75 -26.61
N ALA E 295 36.62 -12.28 -25.67
CA ALA E 295 36.50 -12.88 -24.35
C ALA E 295 35.04 -13.08 -23.99
N LEU E 296 34.76 -14.17 -23.29
CA LEU E 296 33.42 -14.50 -22.81
C LEU E 296 33.45 -14.58 -21.29
N ILE E 297 32.71 -13.70 -20.63
CA ILE E 297 32.68 -13.62 -19.19
C ILE E 297 31.32 -14.10 -18.70
N ILE E 298 31.33 -14.96 -17.69
CA ILE E 298 30.11 -15.50 -17.10
C ILE E 298 30.02 -15.03 -15.66
N TYR E 299 28.81 -14.66 -15.24
CA TYR E 299 28.56 -14.19 -13.88
C TYR E 299 27.60 -15.17 -13.21
N ASP E 300 28.16 -16.09 -12.45
CA ASP E 300 27.35 -16.94 -11.59
C ASP E 300 26.64 -16.11 -10.54
N ASP E 301 25.43 -16.54 -10.19
CA ASP E 301 24.28 -15.67 -10.03
C ASP E 301 24.65 -14.27 -9.57
N LEU E 302 24.15 -13.27 -10.31
CA LEU E 302 24.24 -11.88 -9.91
C LEU E 302 23.29 -11.55 -8.77
N SER E 303 22.26 -12.37 -8.58
CA SER E 303 21.39 -12.20 -7.43
C SER E 303 22.18 -12.26 -6.13
N LYS E 304 23.20 -13.10 -6.09
CA LYS E 304 24.09 -13.14 -4.93
C LYS E 304 24.81 -11.81 -4.75
N GLN E 305 25.29 -11.23 -5.84
CA GLN E 305 25.97 -9.94 -5.76
C GLN E 305 25.04 -8.87 -5.22
N ALA E 306 23.78 -8.88 -5.66
CA ALA E 306 22.82 -7.90 -5.17
C ALA E 306 22.58 -8.07 -3.68
N VAL E 307 22.53 -9.31 -3.21
CA VAL E 307 22.35 -9.56 -1.78
C VAL E 307 23.53 -9.02 -0.99
N ALA E 308 24.75 -9.25 -1.49
CA ALA E 308 25.92 -8.74 -0.81
C ALA E 308 25.93 -7.22 -0.80
N TYR E 309 25.55 -6.60 -1.91
CA TYR E 309 25.50 -5.15 -1.97
C TYR E 309 24.41 -4.61 -1.07
N ARG E 310 23.27 -5.28 -1.02
CA ARG E 310 22.21 -4.89 -0.10
C ARG E 310 22.68 -4.96 1.33
N GLN E 311 23.44 -6.00 1.66
CA GLN E 311 24.01 -6.11 2.99
C GLN E 311 24.89 -4.91 3.33
N MET E 312 25.84 -4.58 2.46
CA MET E 312 26.71 -3.44 2.72
C MET E 312 25.91 -2.16 2.86
N SER E 313 24.89 -1.97 2.03
CA SER E 313 24.12 -0.73 2.07
C SER E 313 23.32 -0.62 3.36
N LEU E 314 22.56 -1.66 3.69
CA LEU E 314 21.80 -1.64 4.93
C LEU E 314 22.72 -1.38 6.12
N LEU E 315 23.90 -2.00 6.11
CA LEU E 315 24.87 -1.76 7.16
C LEU E 315 25.36 -0.32 7.15
N LEU E 316 25.30 0.35 6.00
CA LEU E 316 25.67 1.74 5.89
C LEU E 316 24.55 2.70 6.28
N ARG E 317 23.39 2.17 6.66
CA ARG E 317 22.24 2.95 7.10
C ARG E 317 21.52 3.63 5.95
N ARG E 318 21.75 3.18 4.72
CA ARG E 318 21.09 3.76 3.57
C ARG E 318 19.63 3.30 3.50
N PRO E 319 18.77 4.12 2.91
CA PRO E 319 17.35 3.79 2.86
C PRO E 319 17.07 2.65 1.89
N PRO E 320 16.36 1.62 2.33
CA PRO E 320 16.03 0.50 1.46
C PRO E 320 14.74 0.69 0.68
N GLY E 321 14.74 0.18 -0.52
CA GLY E 321 13.58 0.19 -1.40
C GLY E 321 12.75 -1.07 -1.33
N ARG E 322 12.08 -1.36 -2.44
CA ARG E 322 11.27 -2.56 -2.55
C ARG E 322 12.15 -3.79 -2.44
N GLU E 323 11.74 -4.72 -1.58
CA GLU E 323 12.49 -5.92 -1.25
C GLU E 323 13.77 -5.59 -0.51
N ALA E 324 13.84 -4.39 0.07
CA ALA E 324 14.96 -3.91 0.85
C ALA E 324 16.22 -3.73 0.02
N TYR E 325 16.09 -3.54 -1.28
CA TYR E 325 17.27 -3.31 -2.10
C TYR E 325 17.54 -1.82 -2.24
N PRO E 326 18.80 -1.39 -2.25
CA PRO E 326 19.08 0.02 -2.46
C PRO E 326 18.54 0.51 -3.78
N GLY E 327 18.39 1.83 -3.88
CA GLY E 327 17.89 2.43 -5.10
C GLY E 327 18.83 2.25 -6.28
N ASP E 328 20.12 2.12 -6.02
CA ASP E 328 21.12 2.07 -7.08
C ASP E 328 21.52 0.66 -7.45
N VAL E 329 20.79 -0.34 -6.97
CA VAL E 329 21.06 -1.72 -7.34
C VAL E 329 21.10 -1.86 -8.86
N PHE E 330 20.14 -1.23 -9.54
CA PHE E 330 20.14 -1.21 -11.00
C PHE E 330 21.48 -0.77 -11.55
N TYR E 331 21.94 0.40 -11.12
CA TYR E 331 23.24 0.92 -11.53
C TYR E 331 24.33 -0.12 -11.34
N LEU E 332 24.35 -0.77 -10.17
CA LEU E 332 25.35 -1.79 -9.87
C LEU E 332 25.53 -2.76 -11.04
N HIS E 333 24.42 -3.19 -11.65
CA HIS E 333 24.48 -4.15 -12.74
C HIS E 333 24.73 -3.48 -14.09
N SER E 334 24.04 -2.37 -14.35
CA SER E 334 24.16 -1.71 -15.63
C SER E 334 25.61 -1.35 -15.91
N ARG E 335 26.19 -0.51 -15.06
CA ARG E 335 27.58 -0.10 -15.23
C ARG E 335 28.48 -1.29 -15.54
N LEU E 336 28.13 -2.46 -15.03
CA LEU E 336 28.88 -3.68 -15.31
C LEU E 336 28.61 -4.19 -16.71
N LEU E 337 27.35 -4.54 -16.99
CA LEU E 337 27.00 -5.18 -18.25
C LEU E 337 27.19 -4.26 -19.45
N GLU E 338 27.21 -2.95 -19.24
CA GLU E 338 27.46 -2.03 -20.35
C GLU E 338 28.90 -2.13 -20.85
N ARG E 339 29.78 -2.77 -20.10
CA ARG E 339 31.18 -2.90 -20.49
C ARG E 339 31.38 -4.04 -21.47
N ALA E 340 30.42 -4.94 -21.56
CA ALA E 340 30.42 -5.96 -22.59
C ALA E 340 29.95 -5.35 -23.90
N ALA E 341 30.81 -5.33 -24.90
CA ALA E 341 30.48 -4.69 -26.17
C ALA E 341 31.35 -5.30 -27.26
N LYS E 342 31.16 -4.78 -28.47
CA LYS E 342 31.90 -5.20 -29.65
C LYS E 342 32.58 -3.95 -30.21
N MET E 343 33.87 -3.80 -29.92
CA MET E 343 34.60 -2.62 -30.34
C MET E 343 34.74 -2.60 -31.86
N ASN E 344 34.80 -1.40 -32.43
CA ASN E 344 34.93 -1.28 -33.87
C ASN E 344 36.31 -1.73 -34.33
N ASP E 345 36.45 -1.86 -35.65
CA ASP E 345 37.68 -2.38 -36.24
C ASP E 345 38.87 -1.46 -35.98
N SER E 346 38.64 -0.16 -35.89
CA SER E 346 39.75 0.77 -35.67
C SER E 346 40.45 0.47 -34.36
N LEU E 347 39.68 0.18 -33.31
CA LEU E 347 40.24 -0.08 -32.00
C LEU E 347 40.75 -1.50 -31.85
N GLY E 348 40.46 -2.39 -32.80
CA GLY E 348 40.96 -3.75 -32.73
C GLY E 348 39.92 -4.79 -33.06
N GLY E 349 38.65 -4.40 -33.06
CA GLY E 349 37.61 -5.36 -33.35
C GLY E 349 37.34 -6.35 -32.24
N GLY E 350 37.97 -6.17 -31.09
CA GLY E 350 37.75 -7.06 -29.98
C GLY E 350 36.34 -6.95 -29.42
N SER E 351 35.98 -7.95 -28.62
CA SER E 351 34.65 -8.03 -28.03
C SER E 351 34.74 -8.58 -26.62
N LEU E 352 33.59 -8.55 -25.96
CA LEU E 352 33.46 -9.10 -24.61
C LEU E 352 32.01 -9.53 -24.45
N THR E 353 31.75 -10.82 -24.62
CA THR E 353 30.43 -11.35 -24.45
C THR E 353 30.16 -11.63 -22.97
N ALA E 354 28.91 -11.48 -22.57
CA ALA E 354 28.51 -11.69 -21.19
C ALA E 354 27.35 -12.66 -21.12
N LEU E 355 27.34 -13.46 -20.06
CA LEU E 355 26.28 -14.43 -19.80
C LEU E 355 25.91 -14.34 -18.34
N PRO E 356 25.27 -13.26 -17.93
CA PRO E 356 24.82 -13.14 -16.54
C PRO E 356 23.83 -14.23 -16.19
N VAL E 357 23.90 -14.69 -14.95
CA VAL E 357 23.04 -15.74 -14.44
C VAL E 357 22.17 -15.17 -13.34
N ILE E 358 20.89 -15.51 -13.39
CA ILE E 358 19.90 -15.02 -12.44
C ILE E 358 19.11 -16.20 -11.90
N GLU E 359 18.99 -16.29 -10.58
CA GLU E 359 18.20 -17.32 -9.94
C GLU E 359 16.85 -16.74 -9.54
N THR E 360 15.80 -17.41 -9.98
CA THR E 360 14.43 -17.00 -9.69
C THR E 360 13.87 -17.97 -8.66
N GLN E 361 13.22 -17.44 -7.62
CA GLN E 361 12.76 -18.29 -6.53
C GLN E 361 11.72 -19.28 -7.00
N ALA E 362 10.56 -18.79 -7.42
CA ALA E 362 9.43 -19.63 -7.82
C ALA E 362 9.18 -19.61 -9.31
N GLY E 363 10.18 -19.21 -10.10
CA GLY E 363 9.99 -19.10 -11.52
C GLY E 363 9.19 -17.89 -11.96
N ASP E 364 9.20 -16.82 -11.17
CA ASP E 364 8.47 -15.61 -11.52
C ASP E 364 9.45 -14.56 -12.01
N VAL E 365 9.13 -13.97 -13.17
CA VAL E 365 9.95 -12.91 -13.75
C VAL E 365 9.53 -11.53 -13.30
N SER E 366 8.40 -11.39 -12.61
CA SER E 366 7.92 -10.09 -12.19
C SER E 366 8.65 -9.55 -10.98
N ALA E 367 9.74 -10.20 -10.58
CA ALA E 367 10.52 -9.73 -9.46
C ALA E 367 11.30 -8.48 -9.84
N TYR E 368 12.01 -7.93 -8.87
CA TYR E 368 12.74 -6.68 -9.05
C TYR E 368 14.06 -6.91 -9.77
N ILE E 369 14.93 -7.75 -9.20
CA ILE E 369 16.24 -7.97 -9.82
C ILE E 369 16.13 -8.59 -11.20
N PRO E 370 15.30 -9.60 -11.44
CA PRO E 370 15.19 -10.12 -12.81
C PRO E 370 14.75 -9.08 -13.82
N THR E 371 13.75 -8.26 -13.48
CA THR E 371 13.28 -7.25 -14.43
C THR E 371 14.36 -6.23 -14.75
N ASN E 372 15.13 -5.83 -13.74
CA ASN E 372 16.23 -4.91 -14.00
C ASN E 372 17.18 -5.47 -15.04
N VAL E 373 17.65 -6.70 -14.83
CA VAL E 373 18.63 -7.29 -15.74
C VAL E 373 18.03 -7.48 -17.12
N ILE E 374 16.75 -7.85 -17.19
CA ILE E 374 16.10 -8.01 -18.48
C ILE E 374 16.07 -6.69 -19.22
N SER E 375 15.80 -5.61 -18.51
CA SER E 375 15.81 -4.29 -19.12
C SER E 375 17.21 -3.88 -19.55
N ILE E 376 18.24 -4.48 -18.97
CA ILE E 376 19.62 -4.19 -19.32
C ILE E 376 20.06 -5.00 -20.52
N THR E 377 19.97 -6.32 -20.39
CA THR E 377 20.53 -7.21 -21.39
C THR E 377 19.76 -7.13 -22.70
N ASP E 378 20.23 -7.90 -23.68
CA ASP E 378 19.65 -7.97 -25.00
C ASP E 378 18.58 -9.06 -25.06
N GLY E 379 18.99 -10.31 -24.83
CA GLY E 379 18.10 -11.43 -24.85
C GLY E 379 18.11 -12.17 -23.53
N GLN E 380 17.20 -13.15 -23.43
CA GLN E 380 16.98 -13.90 -22.21
C GLN E 380 16.79 -15.36 -22.55
N ILE E 381 17.47 -16.25 -21.81
CA ILE E 381 17.27 -17.68 -21.91
C ILE E 381 16.56 -18.14 -20.65
N PHE E 382 15.31 -18.58 -20.80
CA PHE E 382 14.52 -19.04 -19.67
C PHE E 382 14.69 -20.54 -19.49
N LEU E 383 14.95 -20.95 -18.25
CA LEU E 383 15.05 -22.35 -17.88
C LEU E 383 13.84 -22.72 -17.03
N GLU E 384 12.99 -23.60 -17.57
CA GLU E 384 11.77 -24.02 -16.90
C GLU E 384 12.02 -25.24 -16.03
N THR E 385 11.52 -25.19 -14.79
CA THR E 385 11.68 -26.30 -13.87
C THR E 385 10.88 -27.52 -14.33
N GLU E 386 9.67 -27.32 -14.84
CA GLU E 386 8.84 -28.45 -15.24
C GLU E 386 9.52 -29.26 -16.33
N LEU E 387 10.00 -28.60 -17.38
CA LEU E 387 10.68 -29.31 -18.44
C LEU E 387 11.86 -30.10 -17.90
N PHE E 388 12.69 -29.45 -17.07
CA PHE E 388 13.82 -30.12 -16.46
C PHE E 388 13.38 -31.37 -15.71
N TYR E 389 12.24 -31.29 -15.03
CA TYR E 389 11.75 -32.45 -14.28
C TYR E 389 11.29 -33.56 -15.23
N LYS E 390 10.68 -33.20 -16.36
CA LYS E 390 10.22 -34.18 -17.33
C LYS E 390 11.36 -34.80 -18.13
N GLY E 391 12.60 -34.46 -17.86
CA GLY E 391 13.70 -35.00 -18.62
C GLY E 391 13.87 -34.35 -19.96
N ILE E 392 13.52 -33.08 -20.09
CA ILE E 392 13.66 -32.35 -21.33
C ILE E 392 14.92 -31.48 -21.32
N ARG E 393 15.88 -31.82 -20.48
CA ARG E 393 17.11 -31.06 -20.38
C ARG E 393 17.81 -31.00 -21.74
N PRO E 394 18.26 -29.82 -22.18
CA PRO E 394 18.15 -28.50 -21.56
C PRO E 394 16.72 -27.95 -21.54
N ALA E 395 16.27 -27.56 -20.36
CA ALA E 395 14.91 -27.05 -20.17
C ALA E 395 14.82 -25.59 -20.61
N ILE E 396 14.83 -25.39 -21.91
CA ILE E 396 14.76 -24.04 -22.49
C ILE E 396 13.35 -23.78 -23.00
N ASN E 397 12.77 -22.67 -22.58
CA ASN E 397 11.45 -22.25 -23.03
C ASN E 397 11.65 -21.43 -24.30
N VAL E 398 11.41 -22.07 -25.46
CA VAL E 398 11.59 -21.38 -26.73
C VAL E 398 10.56 -20.27 -26.91
N GLY E 399 9.45 -20.32 -26.18
CA GLY E 399 8.45 -19.27 -26.31
C GLY E 399 8.92 -17.95 -25.75
N LEU E 400 9.62 -17.99 -24.62
CA LEU E 400 10.06 -16.77 -23.95
C LEU E 400 11.50 -16.40 -24.28
N SER E 401 12.34 -17.38 -24.59
CA SER E 401 13.72 -17.10 -24.93
C SER E 401 13.80 -16.34 -26.23
N VAL E 402 14.59 -15.28 -26.25
CA VAL E 402 14.73 -14.45 -27.44
C VAL E 402 16.12 -13.82 -27.44
N SER E 403 16.62 -13.53 -28.65
CA SER E 403 17.88 -12.83 -28.84
C SER E 403 17.65 -11.71 -29.84
N ARG E 404 17.85 -10.47 -29.39
CA ARG E 404 17.58 -9.33 -30.25
C ARG E 404 18.43 -9.38 -31.51
N VAL E 405 19.72 -9.67 -31.35
CA VAL E 405 20.61 -9.78 -32.52
C VAL E 405 20.04 -10.76 -33.53
N GLY E 406 19.51 -11.87 -33.04
CA GLY E 406 18.82 -12.79 -33.93
C GLY E 406 19.73 -13.34 -35.01
N SER E 407 19.13 -13.49 -36.20
CA SER E 407 19.81 -14.13 -37.32
C SER E 407 21.08 -13.41 -37.74
N ALA E 408 21.26 -12.16 -37.31
CA ALA E 408 22.46 -11.42 -37.68
C ALA E 408 23.72 -12.16 -37.26
N ALA E 409 23.65 -12.98 -36.21
CA ALA E 409 24.80 -13.70 -35.72
C ALA E 409 24.97 -15.07 -36.36
N GLN E 410 23.87 -15.76 -36.64
CA GLN E 410 23.95 -17.11 -37.17
C GLN E 410 24.67 -17.12 -38.51
N ILE E 411 25.25 -18.27 -38.83
CA ILE E 411 25.85 -18.46 -40.14
C ILE E 411 24.77 -18.67 -41.18
N LYS E 412 25.13 -18.41 -42.44
CA LYS E 412 24.17 -18.51 -43.52
C LYS E 412 23.52 -19.89 -43.56
N ALA E 413 24.31 -20.94 -43.38
CA ALA E 413 23.80 -22.29 -43.45
C ALA E 413 22.70 -22.54 -42.41
N MET E 414 22.76 -21.82 -41.28
CA MET E 414 21.84 -22.05 -40.18
C MET E 414 20.57 -21.22 -40.26
N LYS E 415 20.58 -20.10 -40.99
CA LYS E 415 19.44 -19.20 -40.96
C LYS E 415 18.21 -19.84 -41.60
N LYS E 416 18.38 -20.41 -42.79
CA LYS E 416 17.23 -20.99 -43.47
C LYS E 416 16.62 -22.14 -42.67
N ILE E 417 17.46 -22.90 -41.96
CA ILE E 417 16.96 -24.03 -41.18
C ILE E 417 16.33 -23.57 -39.89
N ALA E 418 16.93 -22.58 -39.21
CA ALA E 418 16.42 -22.15 -37.92
C ALA E 418 15.04 -21.50 -38.05
N GLY E 419 14.78 -20.79 -39.15
CA GLY E 419 13.47 -20.21 -39.35
C GLY E 419 12.36 -21.24 -39.36
N ASN E 420 12.52 -22.28 -40.17
CA ASN E 420 11.51 -23.32 -40.24
C ASN E 420 11.37 -24.04 -38.90
N LEU E 421 12.48 -24.22 -38.19
CA LEU E 421 12.42 -24.90 -36.90
C LEU E 421 11.62 -24.09 -35.89
N LYS E 422 11.84 -22.77 -35.84
CA LYS E 422 11.05 -21.94 -34.95
C LYS E 422 9.57 -22.00 -35.28
N LEU E 423 9.24 -21.94 -36.57
CA LEU E 423 7.84 -22.02 -36.99
C LEU E 423 7.22 -23.34 -36.56
N THR E 424 7.93 -24.45 -36.82
CA THR E 424 7.40 -25.76 -36.50
C THR E 424 7.16 -25.91 -35.00
N LEU E 425 8.11 -25.44 -34.18
CA LEU E 425 7.95 -25.55 -32.74
C LEU E 425 6.80 -24.68 -32.26
N ALA E 426 6.63 -23.49 -32.85
CA ALA E 426 5.50 -22.65 -32.48
C ALA E 426 4.19 -23.34 -32.81
N THR E 427 4.10 -23.92 -34.00
CA THR E 427 2.88 -24.63 -34.38
C THR E 427 2.65 -25.82 -33.46
N TYR E 428 3.72 -26.58 -33.17
CA TYR E 428 3.57 -27.73 -32.28
C TYR E 428 3.17 -27.30 -30.89
N ARG E 429 3.82 -26.27 -30.36
CA ARG E 429 3.48 -25.78 -29.03
C ARG E 429 2.05 -25.26 -28.99
N GLU E 430 1.60 -24.64 -30.08
CA GLU E 430 0.22 -24.17 -30.14
C GLU E 430 -0.77 -25.33 -30.08
N LEU E 431 -0.52 -26.37 -30.88
CA LEU E 431 -1.42 -27.52 -30.88
C LEU E 431 -1.40 -28.24 -29.53
N ALA E 432 -0.26 -28.20 -28.82
CA ALA E 432 -0.17 -28.90 -27.55
C ALA E 432 -1.24 -28.43 -26.57
N ALA E 433 -1.70 -27.18 -26.72
CA ALA E 433 -2.75 -26.68 -25.86
C ALA E 433 -4.01 -27.53 -25.96
N PHE E 434 -4.25 -28.12 -27.13
CA PHE E 434 -5.42 -28.97 -27.36
C PHE E 434 -5.08 -30.45 -27.27
N SER E 435 -3.98 -30.81 -26.60
CA SER E 435 -3.63 -32.22 -26.48
C SER E 435 -4.70 -33.00 -25.73
N GLN E 436 -5.41 -32.34 -24.82
CA GLN E 436 -6.46 -33.01 -24.06
C GLN E 436 -7.50 -33.64 -25.00
N PHE E 437 -7.68 -33.08 -26.19
CA PHE E 437 -8.53 -33.67 -27.22
C PHE E 437 -7.72 -34.12 -28.43
N GLY E 438 -6.43 -34.35 -28.24
CA GLY E 438 -5.56 -34.76 -29.33
C GLY E 438 -6.05 -36.00 -30.06
N SER E 439 -6.69 -36.93 -29.34
CA SER E 439 -7.21 -38.13 -29.98
C SER E 439 -8.25 -37.78 -31.04
N ASP E 440 -9.21 -36.93 -30.69
CA ASP E 440 -10.24 -36.56 -31.66
C ASP E 440 -9.64 -35.87 -32.88
N LEU E 441 -8.49 -35.22 -32.73
CA LEU E 441 -7.87 -34.53 -33.86
C LEU E 441 -7.60 -35.50 -35.00
N ASP E 442 -7.68 -34.99 -36.22
CA ASP E 442 -7.55 -35.80 -37.41
C ASP E 442 -6.10 -35.82 -37.89
N ALA E 443 -5.88 -36.48 -39.02
CA ALA E 443 -4.55 -36.52 -39.61
C ALA E 443 -4.09 -35.11 -39.96
N LYS E 444 -2.79 -35.00 -40.26
CA LYS E 444 -2.15 -33.72 -40.57
C LYS E 444 -2.01 -32.89 -39.29
N THR E 445 -2.59 -33.38 -38.19
CA THR E 445 -2.47 -32.75 -36.88
C THR E 445 -1.78 -33.67 -35.89
N GLN E 446 -2.26 -34.90 -35.74
CA GLN E 446 -1.59 -35.85 -34.85
C GLN E 446 -0.18 -36.14 -35.35
N GLN E 447 -0.02 -36.27 -36.66
CA GLN E 447 1.31 -36.46 -37.23
C GLN E 447 2.17 -35.23 -37.01
N GLN E 448 1.56 -34.05 -37.08
CA GLN E 448 2.29 -32.82 -36.78
C GLN E 448 2.82 -32.83 -35.36
N LEU E 449 2.01 -33.31 -34.41
CA LEU E 449 2.49 -33.41 -33.04
C LEU E 449 3.67 -34.37 -32.93
N ASN E 450 3.62 -35.47 -33.69
CA ASN E 450 4.71 -36.44 -33.64
C ASN E 450 6.03 -35.84 -34.09
N THR E 451 6.03 -35.11 -35.20
CA THR E 451 7.28 -34.52 -35.67
C THR E 451 7.79 -33.47 -34.68
N GLY E 452 6.89 -32.70 -34.08
CA GLY E 452 7.33 -31.74 -33.08
C GLY E 452 8.01 -32.40 -31.90
N GLU E 453 7.47 -33.53 -31.45
CA GLU E 453 8.11 -34.27 -30.36
C GLU E 453 9.48 -34.77 -30.80
N ARG E 454 9.59 -35.23 -32.04
CA ARG E 454 10.88 -35.69 -32.54
C ARG E 454 11.88 -34.55 -32.62
N LEU E 455 11.41 -33.35 -32.95
CA LEU E 455 12.29 -32.19 -32.94
C LEU E 455 12.77 -31.90 -31.52
N VAL E 456 11.83 -31.90 -30.56
CA VAL E 456 12.19 -31.69 -29.17
C VAL E 456 13.17 -32.76 -28.70
N GLU E 457 13.06 -33.96 -29.26
CA GLU E 457 14.04 -35.00 -28.95
C GLU E 457 15.39 -34.65 -29.52
N MET E 458 15.44 -34.27 -30.80
CA MET E 458 16.69 -33.87 -31.41
C MET E 458 17.34 -32.72 -30.66
N LEU E 459 16.53 -31.85 -30.05
CA LEU E 459 17.08 -30.72 -29.33
C LEU E 459 17.68 -31.14 -28.00
N LYS E 460 17.17 -32.21 -27.40
CA LYS E 460 17.71 -32.65 -26.14
C LYS E 460 19.18 -33.01 -26.31
N GLN E 461 19.96 -32.75 -25.28
CA GLN E 461 21.39 -32.96 -25.34
C GLN E 461 21.88 -33.36 -23.96
N ASN E 462 22.96 -34.13 -23.94
CA ASN E 462 23.54 -34.56 -22.68
C ASN E 462 24.40 -33.47 -22.10
N GLN E 463 24.93 -33.73 -20.91
CA GLN E 463 25.79 -32.77 -20.22
C GLN E 463 27.24 -33.03 -20.61
N TYR E 464 28.00 -31.94 -20.78
CA TYR E 464 29.41 -32.01 -21.13
C TYR E 464 29.60 -32.66 -22.50
N THR E 465 28.71 -32.35 -23.44
CA THR E 465 28.76 -32.91 -24.79
C THR E 465 28.41 -31.84 -25.81
N PRO E 466 29.23 -30.80 -25.90
CA PRO E 466 28.99 -29.74 -26.89
C PRO E 466 29.12 -30.27 -28.31
N MET E 467 28.28 -29.74 -29.19
CA MET E 467 28.24 -30.14 -30.59
C MET E 467 28.66 -28.98 -31.47
N LYS E 468 29.62 -29.22 -32.35
CA LYS E 468 30.07 -28.19 -33.25
C LYS E 468 28.94 -27.77 -34.20
N VAL E 469 29.07 -26.56 -34.74
CA VAL E 469 27.99 -25.98 -35.53
C VAL E 469 27.74 -26.77 -36.80
N GLU E 470 28.77 -27.40 -37.35
CA GLU E 470 28.60 -28.14 -38.59
C GLU E 470 27.69 -29.34 -38.37
N GLU E 471 27.95 -30.09 -37.29
CA GLU E 471 27.11 -31.24 -36.97
C GLU E 471 25.68 -30.80 -36.66
N GLN E 472 25.51 -29.65 -36.02
CA GLN E 472 24.17 -29.15 -35.76
C GLN E 472 23.39 -28.95 -37.05
N VAL E 473 24.05 -28.40 -38.08
CA VAL E 473 23.34 -28.15 -39.33
C VAL E 473 22.83 -29.46 -39.92
N CYS E 474 23.68 -30.49 -39.94
CA CYS E 474 23.27 -31.78 -40.47
C CYS E 474 22.07 -32.32 -39.70
N ILE E 475 22.14 -32.29 -38.37
CA ILE E 475 21.09 -32.87 -37.56
C ILE E 475 19.79 -32.07 -37.69
N ILE E 476 19.89 -30.74 -37.60
CA ILE E 476 18.70 -29.91 -37.71
C ILE E 476 18.12 -30.00 -39.12
N PHE E 477 18.97 -30.19 -40.12
CA PHE E 477 18.49 -30.37 -41.48
C PHE E 477 17.63 -31.62 -41.59
N ALA E 478 18.13 -32.74 -41.07
CA ALA E 478 17.34 -33.97 -41.07
C ALA E 478 16.00 -33.79 -40.38
N GLY E 479 15.97 -32.99 -39.32
CA GLY E 479 14.73 -32.83 -38.57
C GLY E 479 13.70 -31.99 -39.30
N VAL E 480 14.14 -30.86 -39.86
CA VAL E 480 13.19 -29.96 -40.52
C VAL E 480 12.66 -30.60 -41.79
N LYS E 481 13.51 -31.35 -42.49
CA LYS E 481 13.07 -32.06 -43.69
C LYS E 481 12.12 -33.20 -43.37
N GLY E 482 11.89 -33.49 -42.09
CA GLY E 482 10.95 -34.50 -41.69
C GLY E 482 11.44 -35.93 -41.80
N PHE E 483 12.71 -36.13 -42.16
CA PHE E 483 13.21 -37.50 -42.29
C PHE E 483 13.13 -38.27 -40.98
N LEU E 484 13.13 -37.57 -39.84
CA LEU E 484 13.07 -38.23 -38.55
C LEU E 484 11.67 -38.72 -38.22
N ASP E 485 10.65 -38.25 -38.92
CA ASP E 485 9.29 -38.70 -38.62
C ASP E 485 9.17 -40.21 -38.72
N ALA E 486 9.94 -40.82 -39.62
CA ALA E 486 9.94 -42.27 -39.73
C ALA E 486 10.51 -42.92 -38.48
N LEU E 487 11.59 -42.34 -37.94
CA LEU E 487 12.19 -42.86 -36.73
C LEU E 487 11.22 -42.78 -35.56
N VAL E 488 11.58 -43.48 -34.50
CA VAL E 488 10.85 -43.42 -33.23
C VAL E 488 11.54 -42.41 -32.33
N THR E 489 10.74 -41.76 -31.49
CA THR E 489 11.27 -40.72 -30.60
C THR E 489 12.40 -41.25 -29.74
N SER E 490 12.34 -42.53 -29.35
CA SER E 490 13.32 -43.09 -28.44
C SER E 490 14.67 -43.28 -29.08
N GLU E 491 14.75 -43.35 -30.41
CA GLU E 491 16.01 -43.58 -31.11
C GLU E 491 16.52 -42.35 -31.83
N VAL E 492 15.96 -41.17 -31.56
CA VAL E 492 16.40 -39.97 -32.26
C VAL E 492 17.86 -39.69 -31.94
N LEU E 493 18.20 -39.69 -30.65
CA LEU E 493 19.57 -39.40 -30.26
C LEU E 493 20.51 -40.52 -30.66
N LYS E 494 20.04 -41.76 -30.65
CA LYS E 494 20.86 -42.86 -31.14
C LYS E 494 21.25 -42.62 -32.58
N PHE E 495 20.28 -42.30 -33.43
CA PHE E 495 20.57 -41.97 -34.81
C PHE E 495 21.49 -40.75 -34.90
N GLU E 496 21.24 -39.75 -34.07
CA GLU E 496 22.06 -38.55 -34.05
C GLU E 496 23.54 -38.89 -33.93
N LYS E 497 23.92 -39.58 -32.86
CA LYS E 497 25.34 -39.86 -32.63
C LYS E 497 25.89 -40.75 -33.72
N LYS E 498 25.14 -41.78 -34.11
CA LYS E 498 25.60 -42.71 -35.13
C LYS E 498 25.77 -41.99 -36.46
N PHE E 499 24.77 -41.21 -36.86
CA PHE E 499 24.84 -40.51 -38.13
C PHE E 499 26.00 -39.53 -38.17
N LEU E 500 26.29 -38.89 -37.04
CA LEU E 500 27.43 -37.98 -37.01
C LEU E 500 28.73 -38.73 -37.23
N GLU E 501 28.90 -39.87 -36.56
CA GLU E 501 30.12 -40.64 -36.73
C GLU E 501 30.27 -41.06 -38.19
N HIS E 502 29.17 -41.34 -38.86
CA HIS E 502 29.23 -41.77 -40.25
C HIS E 502 29.60 -40.60 -41.14
N VAL E 503 29.04 -39.42 -40.87
CA VAL E 503 29.33 -38.26 -41.70
C VAL E 503 30.75 -37.77 -41.45
N ARG E 504 31.24 -37.91 -40.22
CA ARG E 504 32.61 -37.47 -39.93
C ARG E 504 33.62 -38.24 -40.76
N THR E 505 33.32 -39.49 -41.09
CA THR E 505 34.23 -40.35 -41.84
C THR E 505 33.85 -40.42 -43.31
N ASN E 506 32.64 -40.87 -43.61
CA ASN E 506 32.26 -41.08 -45.01
C ASN E 506 32.25 -39.77 -45.77
N HIS E 507 31.77 -38.69 -45.14
CA HIS E 507 31.66 -37.38 -45.78
C HIS E 507 32.38 -36.35 -44.92
N SER E 508 33.70 -36.24 -45.12
CA SER E 508 34.48 -35.23 -44.40
C SER E 508 34.58 -33.93 -45.18
N ALA E 509 34.61 -34.02 -46.51
CA ALA E 509 34.68 -32.81 -47.33
C ALA E 509 33.45 -31.95 -47.14
N LEU E 510 32.29 -32.59 -46.96
CA LEU E 510 31.05 -31.84 -46.79
C LEU E 510 31.11 -30.97 -45.55
N LEU E 511 31.50 -31.56 -44.42
CA LEU E 511 31.61 -30.77 -43.20
C LEU E 511 32.70 -29.72 -43.33
N LYS E 512 33.80 -30.06 -43.98
CA LYS E 512 34.89 -29.11 -44.16
C LYS E 512 34.42 -27.88 -44.93
N ARG E 513 33.65 -28.08 -45.99
CA ARG E 513 33.19 -26.95 -46.79
C ARG E 513 32.15 -26.12 -46.03
N ILE E 514 31.22 -26.79 -45.33
CA ILE E 514 30.27 -26.07 -44.50
C ILE E 514 31.00 -25.21 -43.48
N ARG E 515 32.07 -25.74 -42.91
CA ARG E 515 32.81 -25.00 -41.89
C ARG E 515 33.48 -23.77 -42.49
N ASP E 516 34.32 -23.97 -43.49
CA ASP E 516 35.09 -22.86 -44.06
C ASP E 516 34.16 -21.87 -44.75
N SER E 517 33.45 -22.33 -45.79
CA SER E 517 32.56 -21.43 -46.52
C SER E 517 31.52 -20.79 -45.62
N GLY E 518 31.00 -21.55 -44.66
CA GLY E 518 30.00 -21.04 -43.76
C GLY E 518 28.59 -21.07 -44.29
N ASP E 519 28.36 -21.61 -45.49
CA ASP E 519 27.04 -21.66 -46.08
C ASP E 519 26.74 -23.06 -46.61
N LEU E 520 25.45 -23.40 -46.57
CA LEU E 520 24.95 -24.70 -47.02
C LEU E 520 24.62 -24.60 -48.50
N SER E 521 25.57 -24.95 -49.36
CA SER E 521 25.34 -24.84 -50.78
C SER E 521 24.24 -25.79 -51.23
N GLU E 522 23.82 -25.63 -52.49
CA GLU E 522 22.78 -26.49 -53.04
C GLU E 522 23.22 -27.94 -53.12
N VAL E 523 24.48 -28.17 -53.52
CA VAL E 523 24.99 -29.53 -53.60
C VAL E 523 24.93 -30.20 -52.23
N ASP E 524 25.23 -29.43 -51.19
CA ASP E 524 25.17 -29.99 -49.84
C ASP E 524 23.76 -30.40 -49.49
N THR E 525 22.78 -29.55 -49.83
CA THR E 525 21.38 -29.88 -49.56
C THR E 525 20.98 -31.14 -50.29
N ASN E 526 21.37 -31.27 -51.56
CA ASN E 526 21.05 -32.47 -52.32
C ASN E 526 21.72 -33.69 -51.72
N GLU E 527 23.00 -33.57 -51.37
CA GLU E 527 23.74 -34.69 -50.80
C GLU E 527 23.05 -35.21 -49.54
N LEU E 528 22.62 -34.30 -48.67
CA LEU E 528 21.94 -34.72 -47.44
C LEU E 528 20.63 -35.43 -47.77
N ASN E 529 19.82 -34.83 -48.62
CA ASN E 529 18.54 -35.44 -48.97
C ASN E 529 18.73 -36.85 -49.52
N THR E 530 19.84 -37.11 -50.20
CA THR E 530 20.07 -38.43 -50.78
C THR E 530 20.60 -39.42 -49.75
N ILE E 531 21.44 -38.96 -48.83
CA ILE E 531 22.14 -39.88 -47.94
C ILE E 531 21.34 -40.18 -46.69
N ILE E 532 20.76 -39.15 -46.07
CA ILE E 532 20.11 -39.34 -44.77
C ILE E 532 19.09 -40.48 -44.81
N PRO E 533 18.12 -40.50 -45.71
CA PRO E 533 17.16 -41.62 -45.71
C PRO E 533 17.84 -42.96 -45.94
N LEU E 534 18.80 -43.00 -46.86
CA LEU E 534 19.54 -44.23 -47.11
C LEU E 534 20.20 -44.75 -45.85
N PHE E 535 20.87 -43.87 -45.11
CA PHE E 535 21.51 -44.27 -43.86
C PHE E 535 20.49 -44.82 -42.88
N ILE E 536 19.36 -44.12 -42.73
CA ILE E 536 18.30 -44.57 -41.82
C ILE E 536 17.92 -46.00 -42.11
N GLN E 537 17.87 -46.37 -43.39
CA GLN E 537 17.50 -47.73 -43.76
C GLN E 537 18.63 -48.72 -43.48
N GLU E 538 19.87 -48.31 -43.75
CA GLU E 538 21.00 -49.21 -43.56
C GLU E 538 21.20 -49.55 -42.08
N GLY E 539 21.18 -48.53 -41.22
CA GLY E 539 21.31 -48.79 -39.79
C GLY E 539 20.04 -49.38 -39.21
N GLY E 540 20.21 -50.13 -38.12
CA GLY E 540 19.08 -50.74 -37.46
C GLY E 540 18.33 -49.78 -36.56
N PHE E 541 17.16 -49.33 -36.99
CA PHE E 541 16.36 -48.38 -36.24
C PHE E 541 14.90 -48.74 -36.35
N LYS E 542 14.16 -48.60 -35.25
CA LYS E 542 12.72 -48.76 -35.29
C LYS E 542 12.14 -47.75 -36.28
N LEU E 543 11.48 -48.26 -37.32
CA LEU E 543 10.97 -47.43 -38.40
C LEU E 543 9.47 -47.25 -38.27
N LYS E 544 9.01 -46.01 -38.35
CA LYS E 544 7.59 -45.69 -38.29
C LYS E 544 7.32 -44.31 -38.89
N ALA F 28 42.37 -7.98 33.83
CA ALA F 28 41.06 -7.37 34.02
C ALA F 28 41.13 -5.87 33.78
N ASN F 29 41.57 -5.48 32.59
CA ASN F 29 41.70 -4.07 32.24
C ASN F 29 40.47 -3.53 31.54
N GLY F 30 39.32 -4.16 31.71
CA GLY F 30 38.09 -3.69 31.13
C GLY F 30 37.00 -3.41 32.13
N GLN F 31 36.05 -2.55 31.76
CA GLN F 31 34.91 -2.23 32.60
C GLN F 31 33.65 -2.21 31.77
N VAL F 32 32.52 -2.42 32.45
CA VAL F 32 31.20 -2.41 31.82
C VAL F 32 30.70 -0.98 31.84
N SER F 33 30.67 -0.35 30.66
CA SER F 33 30.22 1.03 30.57
C SER F 33 28.70 1.12 30.56
N GLN F 34 28.04 0.30 29.75
CA GLN F 34 26.59 0.33 29.70
C GLN F 34 26.04 -1.06 29.42
N VAL F 35 24.79 -1.26 29.83
CA VAL F 35 24.12 -2.55 29.74
C VAL F 35 22.72 -2.30 29.19
N ILE F 36 22.42 -2.93 28.05
CA ILE F 36 21.10 -2.81 27.42
C ILE F 36 20.63 -4.24 27.16
N GLY F 37 19.88 -4.79 28.08
CA GLY F 37 19.40 -6.15 27.92
C GLY F 37 20.55 -7.12 27.77
N ALA F 38 20.57 -7.82 26.64
CA ALA F 38 21.65 -8.76 26.36
C ALA F 38 22.90 -8.05 25.87
N VAL F 39 22.74 -6.96 25.12
CA VAL F 39 23.89 -6.23 24.61
C VAL F 39 24.63 -5.56 25.76
N VAL F 40 25.95 -5.62 25.71
CA VAL F 40 26.80 -5.02 26.72
C VAL F 40 27.96 -4.30 26.05
N ASP F 41 28.23 -3.08 26.49
CA ASP F 41 29.33 -2.28 26.00
C ASP F 41 30.42 -2.26 27.07
N VAL F 42 31.66 -2.47 26.66
CA VAL F 42 32.79 -2.59 27.58
C VAL F 42 33.80 -1.49 27.27
N GLN F 43 34.16 -0.73 28.28
CA GLN F 43 35.22 0.27 28.19
C GLN F 43 36.52 -0.40 28.59
N PHE F 44 37.51 -0.33 27.72
CA PHE F 44 38.81 -0.94 27.94
C PHE F 44 39.89 0.11 28.12
N GLU F 45 41.05 -0.37 28.55
CA GLU F 45 42.24 0.45 28.69
C GLU F 45 43.38 -0.17 27.89
N GLY F 46 44.11 0.68 27.18
CA GLY F 46 45.21 0.19 26.38
C GLY F 46 44.74 -0.59 25.17
N GLU F 47 45.28 -1.79 25.00
CA GLU F 47 44.94 -2.63 23.86
C GLU F 47 43.51 -3.15 23.98
N LEU F 48 42.82 -3.23 22.84
CA LEU F 48 41.46 -3.73 22.82
C LEU F 48 41.39 -5.15 22.28
N PRO F 49 40.39 -5.92 22.73
CA PRO F 49 40.22 -7.28 22.23
C PRO F 49 39.84 -7.31 20.76
N GLN F 50 40.52 -8.15 20.00
CA GLN F 50 40.18 -8.31 18.60
C GLN F 50 38.74 -8.79 18.49
N ILE F 51 38.07 -8.38 17.41
CA ILE F 51 36.67 -8.75 17.24
C ILE F 51 36.50 -10.26 17.26
N LEU F 52 35.37 -10.69 17.80
CA LEU F 52 34.94 -12.07 18.01
C LEU F 52 35.60 -12.69 19.21
N ASN F 53 36.49 -11.99 19.91
CA ASN F 53 37.10 -12.53 21.10
C ASN F 53 36.04 -12.72 22.19
N ALA F 54 36.38 -13.55 23.16
CA ALA F 54 35.51 -13.87 24.28
C ALA F 54 36.01 -13.19 25.53
N LEU F 55 35.16 -12.38 26.14
CA LEU F 55 35.46 -11.70 27.39
C LEU F 55 34.73 -12.38 28.53
N GLU F 56 35.34 -12.35 29.71
CA GLU F 56 34.77 -12.97 30.89
C GLU F 56 34.57 -11.93 31.97
N VAL F 57 33.36 -11.85 32.49
CA VAL F 57 33.05 -10.92 33.57
C VAL F 57 33.46 -11.55 34.90
N GLN F 58 33.84 -10.69 35.84
CA GLN F 58 34.32 -11.11 37.14
C GLN F 58 33.27 -10.81 38.21
N GLY F 59 33.14 -11.72 39.16
CA GLY F 59 32.22 -11.57 40.28
C GLY F 59 30.82 -12.08 40.03
N THR F 60 30.53 -12.62 38.86
CA THR F 60 29.22 -13.18 38.59
C THR F 60 29.05 -14.53 39.27
N GLN F 61 27.80 -14.85 39.61
CA GLN F 61 27.52 -16.14 40.21
C GLN F 61 27.89 -17.27 39.27
N HIS F 62 27.62 -17.10 37.99
CA HIS F 62 27.98 -18.07 36.96
C HIS F 62 28.83 -17.41 35.88
N ARG F 63 29.60 -18.23 35.20
CA ARG F 63 30.50 -17.76 34.16
C ARG F 63 29.72 -17.06 33.06
N LEU F 64 29.99 -15.76 32.90
CA LEU F 64 29.31 -14.92 31.92
C LEU F 64 30.32 -14.48 30.86
N VAL F 65 30.13 -14.95 29.64
CA VAL F 65 31.03 -14.69 28.52
C VAL F 65 30.39 -13.70 27.57
N LEU F 66 31.18 -12.73 27.11
CA LEU F 66 30.74 -11.70 26.17
C LEU F 66 31.50 -11.86 24.87
N GLU F 67 30.78 -11.91 23.76
CA GLU F 67 31.37 -12.02 22.43
C GLU F 67 31.46 -10.64 21.79
N VAL F 68 32.69 -10.20 21.51
CA VAL F 68 32.88 -8.88 20.92
C VAL F 68 32.24 -8.82 19.55
N ALA F 69 31.43 -7.79 19.32
CA ALA F 69 30.73 -7.60 18.06
C ALA F 69 31.29 -6.48 17.19
N GLN F 70 31.63 -5.34 17.77
CA GLN F 70 32.19 -4.24 17.00
C GLN F 70 32.91 -3.28 17.93
N HIS F 71 33.72 -2.41 17.32
CA HIS F 71 34.46 -1.38 18.03
C HIS F 71 33.77 -0.04 17.84
N LEU F 72 33.05 0.42 18.85
CA LEU F 72 32.32 1.68 18.77
C LEU F 72 33.23 2.89 18.70
N GLY F 73 34.46 2.77 19.20
CA GLY F 73 35.36 3.90 19.30
C GLY F 73 35.46 4.40 20.73
N ASP F 74 36.47 5.24 20.95
CA ASP F 74 36.75 5.80 22.27
C ASP F 74 37.16 4.71 23.25
N SER F 75 37.81 3.67 22.74
CA SER F 75 38.26 2.54 23.55
C SER F 75 37.09 1.75 24.10
N ARG F 76 35.97 1.73 23.39
CA ARG F 76 34.79 0.98 23.78
C ARG F 76 34.48 -0.09 22.74
N VAL F 77 33.90 -1.18 23.21
CA VAL F 77 33.44 -2.26 22.36
C VAL F 77 32.03 -2.63 22.78
N ARG F 78 31.27 -3.14 21.82
CA ARG F 78 29.90 -3.60 22.05
C ARG F 78 29.85 -5.10 21.83
N THR F 79 29.24 -5.81 22.79
CA THR F 79 29.27 -7.26 22.80
C THR F 79 27.89 -7.81 23.10
N ILE F 80 27.72 -9.09 22.79
CA ILE F 80 26.49 -9.82 23.07
C ILE F 80 26.77 -10.82 24.18
N ALA F 81 25.93 -10.81 25.19
CA ALA F 81 26.09 -11.71 26.33
C ALA F 81 25.62 -13.12 25.98
N MET F 82 26.37 -14.10 26.49
CA MET F 82 25.98 -15.50 26.31
C MET F 82 24.98 -15.94 27.36
N ASP F 83 24.90 -15.25 28.49
CA ASP F 83 23.96 -15.57 29.54
C ASP F 83 23.27 -14.30 30.01
N SER F 84 22.30 -14.47 30.90
CA SER F 84 21.52 -13.35 31.41
C SER F 84 22.41 -12.29 32.04
N THR F 85 22.19 -11.03 31.66
CA THR F 85 22.95 -9.91 32.18
C THR F 85 22.37 -9.33 33.46
N GLU F 86 21.44 -10.04 34.09
CA GLU F 86 20.81 -9.53 35.30
C GLU F 86 21.83 -9.42 36.42
N GLY F 87 21.74 -8.33 37.17
CA GLY F 87 22.62 -8.10 38.28
C GLY F 87 23.98 -7.54 37.94
N LEU F 88 24.19 -7.08 36.71
CA LEU F 88 25.45 -6.45 36.37
C LEU F 88 25.47 -5.03 36.92
N VAL F 89 26.67 -4.45 36.93
CA VAL F 89 26.89 -3.11 37.46
C VAL F 89 27.90 -2.40 36.58
N ARG F 90 27.65 -1.11 36.34
CA ARG F 90 28.59 -0.31 35.57
C ARG F 90 29.88 -0.16 36.35
N GLY F 91 31.01 -0.33 35.66
CA GLY F 91 32.31 -0.32 36.30
C GLY F 91 32.79 -1.68 36.73
N GLN F 92 32.06 -2.73 36.42
CA GLN F 92 32.44 -4.07 36.81
C GLN F 92 33.60 -4.55 35.93
N PRO F 93 34.60 -5.20 36.52
CA PRO F 93 35.78 -5.56 35.74
C PRO F 93 35.52 -6.69 34.77
N VAL F 94 36.19 -6.61 33.62
CA VAL F 94 36.07 -7.61 32.56
C VAL F 94 37.46 -8.02 32.10
N VAL F 95 37.63 -9.31 31.84
CA VAL F 95 38.89 -9.89 31.43
C VAL F 95 38.82 -10.28 29.96
N ASP F 96 39.88 -9.98 29.22
CA ASP F 96 40.00 -10.32 27.81
C ASP F 96 40.76 -11.64 27.68
N THR F 97 40.05 -12.69 27.24
CA THR F 97 40.70 -13.98 27.08
C THR F 97 41.75 -13.96 25.99
N GLY F 98 41.65 -13.03 25.05
CA GLY F 98 42.62 -12.91 23.98
C GLY F 98 42.33 -13.71 22.74
N LEU F 99 41.34 -14.60 22.78
CA LEU F 99 40.97 -15.40 21.62
C LEU F 99 39.48 -15.61 21.64
N PRO F 100 38.89 -15.99 20.51
CA PRO F 100 37.46 -16.31 20.49
C PRO F 100 37.15 -17.47 21.43
N ILE F 101 35.86 -17.74 21.56
CA ILE F 101 35.38 -18.81 22.42
C ILE F 101 36.08 -20.11 22.07
N SER F 102 36.80 -20.67 23.03
CA SER F 102 37.56 -21.89 22.84
C SER F 102 36.82 -23.02 23.55
N VAL F 103 36.48 -24.07 22.83
CA VAL F 103 35.76 -25.21 23.39
C VAL F 103 36.66 -26.43 23.44
N PRO F 104 36.55 -27.27 24.47
CA PRO F 104 37.36 -28.49 24.51
C PRO F 104 36.86 -29.50 23.49
N VAL F 105 37.78 -29.99 22.67
CA VAL F 105 37.47 -30.95 21.61
C VAL F 105 38.24 -32.23 21.88
N GLY F 106 37.72 -33.32 21.34
CA GLY F 106 38.35 -34.61 21.48
C GLY F 106 37.37 -35.68 21.86
N PRO F 107 37.87 -36.90 22.07
CA PRO F 107 36.98 -37.99 22.49
C PRO F 107 36.41 -37.79 23.88
N GLY F 108 36.97 -36.87 24.68
CA GLY F 108 36.41 -36.61 25.98
C GLY F 108 35.03 -36.01 25.95
N THR F 109 34.66 -35.40 24.83
CA THR F 109 33.33 -34.84 24.68
C THR F 109 32.30 -35.90 24.36
N LEU F 110 32.75 -37.04 23.84
CA LEU F 110 31.85 -38.12 23.50
C LEU F 110 31.05 -38.54 24.73
N GLY F 111 29.75 -38.71 24.56
CA GLY F 111 28.90 -39.09 25.66
C GLY F 111 28.71 -38.01 26.70
N ARG F 112 29.16 -36.79 26.42
CA ARG F 112 29.05 -35.68 27.34
C ARG F 112 28.21 -34.58 26.72
N ILE F 113 27.32 -34.00 27.50
CA ILE F 113 26.55 -32.85 27.07
C ILE F 113 27.38 -31.60 27.32
N MET F 114 27.57 -30.81 26.27
CA MET F 114 28.40 -29.63 26.34
C MET F 114 27.56 -28.40 26.06
N ASN F 115 27.97 -27.29 26.66
CA ASN F 115 27.31 -26.02 26.48
C ASN F 115 27.92 -25.31 25.27
N VAL F 116 27.46 -24.09 25.00
CA VAL F 116 28.02 -23.33 23.89
C VAL F 116 29.44 -22.89 24.20
N ILE F 117 29.72 -22.58 25.46
CA ILE F 117 31.04 -22.12 25.86
C ILE F 117 31.86 -23.30 26.34
N GLY F 118 31.34 -24.51 26.13
CA GLY F 118 32.07 -25.71 26.47
C GLY F 118 31.92 -26.21 27.88
N GLU F 119 31.00 -25.67 28.67
CA GLU F 119 30.87 -26.17 30.02
C GLU F 119 30.02 -27.44 30.04
N PRO F 120 30.32 -28.36 30.97
CA PRO F 120 29.52 -29.58 31.09
C PRO F 120 28.25 -29.33 31.88
N ILE F 121 27.12 -29.70 31.29
CA ILE F 121 25.82 -29.55 31.93
C ILE F 121 25.20 -30.90 32.26
N ASP F 122 25.97 -31.98 32.17
CA ASP F 122 25.49 -33.30 32.48
C ASP F 122 25.83 -33.75 33.89
N GLN F 123 26.45 -32.88 34.68
CA GLN F 123 26.80 -33.19 36.07
C GLN F 123 27.74 -34.39 36.16
N ARG F 124 28.55 -34.61 35.13
CA ARG F 124 29.49 -35.73 35.10
C ARG F 124 30.92 -35.27 35.30
N GLY F 125 31.12 -34.09 35.87
CA GLY F 125 32.45 -33.59 36.16
C GLY F 125 33.11 -32.87 34.99
N PRO F 126 34.33 -32.39 35.21
CA PRO F 126 35.03 -31.67 34.15
C PRO F 126 35.34 -32.56 32.96
N ILE F 127 35.35 -31.93 31.79
CA ILE F 127 35.61 -32.64 30.55
C ILE F 127 37.11 -32.82 30.37
N LYS F 128 37.51 -33.98 29.86
CA LYS F 128 38.91 -34.28 29.55
C LYS F 128 39.14 -33.86 28.10
N ALA F 129 39.98 -32.86 27.90
CA ALA F 129 40.17 -32.27 26.58
C ALA F 129 41.63 -32.38 26.15
N ALA F 130 41.84 -32.76 24.90
CA ALA F 130 43.17 -32.74 24.33
C ALA F 130 43.60 -31.33 23.98
N LYS F 131 42.68 -30.53 23.44
CA LYS F 131 42.96 -29.15 23.10
C LYS F 131 41.64 -28.38 23.13
N LEU F 132 41.76 -27.05 23.06
CA LEU F 132 40.62 -26.16 23.01
C LEU F 132 40.67 -25.40 21.69
N TYR F 133 39.68 -25.61 20.86
CA TYR F 133 39.67 -24.95 19.57
C TYR F 133 38.75 -23.74 19.56
N PRO F 134 39.10 -22.71 18.80
CA PRO F 134 38.23 -21.55 18.68
C PRO F 134 37.00 -21.83 17.84
N ILE F 135 35.87 -21.24 18.26
CA ILE F 135 34.61 -21.47 17.57
C ILE F 135 34.66 -20.88 16.17
N HIS F 136 35.36 -19.77 15.98
CA HIS F 136 35.43 -19.08 14.71
C HIS F 136 36.78 -19.33 14.05
N ARG F 137 36.74 -19.79 12.80
CA ARG F 137 37.95 -20.00 12.03
C ARG F 137 37.57 -19.94 10.56
N ASP F 138 38.56 -19.72 9.71
CA ASP F 138 38.32 -19.65 8.29
C ASP F 138 38.04 -21.03 7.73
N ALA F 139 37.13 -21.08 6.75
CA ALA F 139 36.79 -22.34 6.12
C ALA F 139 38.01 -22.93 5.44
N PRO F 140 37.96 -24.20 5.08
CA PRO F 140 39.10 -24.81 4.40
C PRO F 140 39.38 -24.15 3.07
N SER F 141 40.67 -24.07 2.73
CA SER F 141 41.11 -23.39 1.53
C SER F 141 40.60 -24.08 0.27
N PHE F 142 40.87 -23.48 -0.88
CA PHE F 142 40.47 -24.07 -2.14
C PHE F 142 41.31 -25.29 -2.48
N THR F 143 42.55 -25.32 -1.99
CA THR F 143 43.45 -26.43 -2.28
C THR F 143 43.03 -27.69 -1.51
N ASP F 144 42.79 -27.55 -0.21
CA ASP F 144 42.42 -28.71 0.59
C ASP F 144 40.99 -29.14 0.35
N GLN F 145 40.28 -28.50 -0.58
CA GLN F 145 38.94 -28.94 -0.92
C GLN F 145 39.02 -30.25 -1.66
N ALA F 146 38.04 -31.12 -1.43
CA ALA F 146 37.97 -32.40 -2.11
C ALA F 146 37.09 -32.28 -3.34
N THR F 147 37.56 -32.85 -4.44
CA THR F 147 36.85 -32.87 -5.70
C THR F 147 36.32 -34.27 -5.97
N SER F 148 35.46 -34.38 -6.98
CA SER F 148 34.86 -35.66 -7.36
C SER F 148 34.08 -36.25 -6.19
N ALA F 149 33.03 -35.53 -5.81
CA ALA F 149 32.20 -35.95 -4.69
C ALA F 149 31.77 -37.40 -4.82
N GLU F 150 31.82 -38.11 -3.69
CA GLU F 150 31.49 -39.53 -3.62
C GLU F 150 30.39 -39.77 -2.60
N ILE F 151 29.71 -40.90 -2.77
CA ILE F 151 28.58 -41.26 -1.93
C ILE F 151 29.03 -41.57 -0.51
N LEU F 152 28.13 -41.30 0.44
CA LEU F 152 28.29 -41.70 1.83
C LEU F 152 27.28 -42.81 2.08
N VAL F 153 27.78 -44.05 2.16
CA VAL F 153 26.91 -45.21 2.29
C VAL F 153 26.36 -45.28 3.71
N THR F 154 25.11 -44.84 3.87
CA THR F 154 24.49 -44.84 5.19
C THR F 154 23.96 -46.21 5.58
N GLY F 155 23.55 -47.02 4.62
CA GLY F 155 23.03 -48.35 4.88
C GLY F 155 21.54 -48.51 4.66
N ILE F 156 20.82 -47.42 4.46
CA ILE F 156 19.39 -47.47 4.17
C ILE F 156 19.20 -47.65 2.67
N LYS F 157 18.35 -48.61 2.31
CA LYS F 157 18.14 -48.91 0.89
C LYS F 157 17.62 -47.70 0.15
N VAL F 158 16.53 -47.12 0.63
CA VAL F 158 15.88 -46.02 -0.08
C VAL F 158 16.82 -44.82 -0.20
N VAL F 159 17.53 -44.48 0.88
CA VAL F 159 18.40 -43.31 0.84
C VAL F 159 19.54 -43.52 -0.15
N ASP F 160 20.23 -44.65 -0.05
CA ASP F 160 21.36 -44.90 -0.93
C ASP F 160 20.96 -45.10 -2.37
N LEU F 161 19.68 -45.35 -2.64
CA LEU F 161 19.20 -45.59 -3.99
C LEU F 161 18.65 -44.33 -4.64
N LEU F 162 17.66 -43.70 -4.02
CA LEU F 162 16.92 -42.60 -4.62
C LEU F 162 17.48 -41.24 -4.24
N ALA F 163 17.94 -41.09 -3.00
CA ALA F 163 18.46 -39.81 -2.51
C ALA F 163 19.80 -40.05 -1.83
N PRO F 164 20.83 -40.37 -2.61
CA PRO F 164 22.14 -40.62 -2.02
C PRO F 164 22.64 -39.41 -1.25
N TYR F 165 23.39 -39.67 -0.19
CA TYR F 165 23.99 -38.62 0.62
C TYR F 165 25.40 -38.37 0.15
N ALA F 166 25.66 -37.15 -0.33
CA ALA F 166 27.00 -36.79 -0.75
C ALA F 166 27.91 -36.63 0.45
N ARG F 167 29.04 -37.32 0.43
CA ARG F 167 29.98 -37.25 1.53
C ARG F 167 30.45 -35.82 1.70
N GLY F 168 30.31 -35.28 2.90
CA GLY F 168 30.67 -33.90 3.15
C GLY F 168 29.73 -32.91 2.54
N GLY F 169 28.44 -33.23 2.49
CA GLY F 169 27.45 -32.33 1.93
C GLY F 169 26.28 -32.13 2.88
N LYS F 170 25.67 -30.95 2.76
CA LYS F 170 24.53 -30.62 3.59
C LYS F 170 23.31 -31.41 3.14
N ILE F 171 22.57 -31.93 4.11
CA ILE F 171 21.37 -32.72 3.86
C ILE F 171 20.21 -32.12 4.63
N GLY F 172 19.07 -32.00 3.97
CA GLY F 172 17.90 -31.42 4.60
C GLY F 172 16.84 -32.44 4.92
N LEU F 173 16.49 -32.53 6.20
CA LEU F 173 15.54 -33.51 6.70
C LEU F 173 14.24 -32.80 7.02
N PHE F 174 13.21 -33.07 6.23
CA PHE F 174 11.86 -32.54 6.45
C PHE F 174 11.05 -33.63 7.13
N GLY F 175 10.83 -33.46 8.44
CA GLY F 175 10.11 -34.46 9.20
C GLY F 175 9.33 -33.89 10.36
N GLY F 176 8.10 -34.33 10.51
CA GLY F 176 7.27 -33.90 11.62
C GLY F 176 7.78 -34.42 12.95
N ALA F 177 7.06 -34.03 14.00
CA ALA F 177 7.40 -34.42 15.36
C ALA F 177 7.12 -35.91 15.56
N GLY F 178 8.18 -36.72 15.64
CA GLY F 178 8.01 -38.11 16.01
C GLY F 178 7.54 -39.03 14.92
N VAL F 179 7.80 -38.72 13.65
CA VAL F 179 7.44 -39.62 12.58
C VAL F 179 8.43 -40.77 12.50
N GLY F 180 9.67 -40.46 12.17
CA GLY F 180 10.76 -41.41 12.21
C GLY F 180 12.06 -40.76 12.61
N LYS F 181 11.99 -39.47 12.95
CA LYS F 181 13.17 -38.63 13.03
C LYS F 181 14.22 -39.21 13.97
N THR F 182 13.86 -39.36 15.25
CA THR F 182 14.86 -39.71 16.24
C THR F 182 15.44 -41.09 15.98
N VAL F 183 14.60 -42.06 15.62
CA VAL F 183 15.12 -43.40 15.36
C VAL F 183 16.01 -43.40 14.13
N LEU F 184 15.63 -42.63 13.11
CA LEU F 184 16.47 -42.52 11.92
C LEU F 184 17.82 -41.90 12.26
N ILE F 185 17.83 -40.88 13.11
CA ILE F 185 19.07 -40.24 13.51
C ILE F 185 19.97 -41.22 14.23
N GLN F 186 19.41 -41.96 15.18
CA GLN F 186 20.22 -42.92 15.92
C GLN F 186 20.75 -44.02 15.01
N GLU F 187 19.95 -44.45 14.05
CA GLU F 187 20.41 -45.48 13.12
C GLU F 187 21.57 -44.96 12.29
N LEU F 188 21.50 -43.72 11.83
CA LEU F 188 22.61 -43.15 11.09
C LEU F 188 23.87 -43.13 11.93
N ILE F 189 23.75 -42.73 13.19
CA ILE F 189 24.92 -42.70 14.07
C ILE F 189 25.52 -44.08 14.20
N ASN F 190 24.69 -45.08 14.51
CA ASN F 190 25.20 -46.42 14.73
C ASN F 190 25.79 -47.01 13.45
N ASN F 191 25.12 -46.79 12.32
CA ASN F 191 25.62 -47.36 11.07
C ASN F 191 26.92 -46.70 10.64
N VAL F 192 27.02 -45.39 10.83
CA VAL F 192 28.26 -44.69 10.52
C VAL F 192 29.38 -45.11 11.45
N ALA F 193 29.03 -45.48 12.69
CA ALA F 193 30.05 -45.94 13.63
C ALA F 193 30.55 -47.32 13.27
N LYS F 194 29.66 -48.20 12.80
CA LYS F 194 30.05 -49.57 12.50
C LYS F 194 30.73 -49.67 11.14
N HIS F 195 30.01 -49.33 10.07
CA HIS F 195 30.56 -49.49 8.73
C HIS F 195 31.75 -48.57 8.54
N HIS F 196 31.65 -47.33 9.00
CA HIS F 196 32.74 -46.38 8.98
C HIS F 196 33.32 -46.26 10.38
N GLY F 197 34.48 -45.62 10.47
CA GLY F 197 35.14 -45.40 11.72
C GLY F 197 34.79 -44.09 12.40
N GLY F 198 33.80 -43.37 11.87
CA GLY F 198 33.53 -42.04 12.32
C GLY F 198 32.54 -41.93 13.46
N TYR F 199 32.58 -40.78 14.11
CA TYR F 199 31.69 -40.43 15.19
C TYR F 199 30.54 -39.57 14.66
N SER F 200 29.75 -39.02 15.57
CA SER F 200 28.65 -38.14 15.22
C SER F 200 28.56 -37.01 16.24
N VAL F 201 27.96 -35.91 15.82
CA VAL F 201 27.81 -34.73 16.67
C VAL F 201 26.41 -34.17 16.51
N PHE F 202 25.68 -34.09 17.61
CA PHE F 202 24.31 -33.56 17.64
C PHE F 202 24.34 -32.18 18.29
N ALA F 203 24.05 -31.15 17.51
CA ALA F 203 24.04 -29.77 17.99
C ALA F 203 22.59 -29.31 18.04
N GLY F 204 22.06 -29.15 19.25
CA GLY F 204 20.70 -28.66 19.40
C GLY F 204 20.61 -27.16 19.50
N VAL F 205 20.29 -26.53 18.37
CA VAL F 205 20.18 -25.07 18.29
C VAL F 205 18.79 -24.67 18.80
N GLY F 206 18.75 -24.14 20.01
CA GLY F 206 17.49 -23.69 20.59
C GLY F 206 16.46 -24.79 20.66
N GLU F 207 16.79 -25.87 21.36
CA GLU F 207 15.90 -27.01 21.49
C GLU F 207 15.15 -26.92 22.82
N ARG F 208 13.93 -27.46 22.81
CA ARG F 208 13.17 -27.53 24.04
C ARG F 208 13.90 -28.41 25.04
N THR F 209 14.10 -27.87 26.24
CA THR F 209 14.86 -28.59 27.26
C THR F 209 14.26 -29.96 27.54
N ARG F 210 12.93 -30.05 27.53
CA ARG F 210 12.28 -31.33 27.75
C ARG F 210 12.68 -32.35 26.70
N GLU F 211 12.71 -31.94 25.44
CA GLU F 211 13.14 -32.84 24.37
C GLU F 211 14.59 -33.26 24.55
N GLY F 212 15.42 -32.35 25.06
CA GLY F 212 16.81 -32.70 25.31
C GLY F 212 16.97 -33.82 26.31
N ASN F 213 16.19 -33.77 27.40
CA ASN F 213 16.24 -34.86 28.37
C ASN F 213 15.75 -36.16 27.76
N ASP F 214 14.69 -36.10 26.98
CA ASP F 214 14.18 -37.30 26.32
C ASP F 214 15.22 -37.89 25.39
N LEU F 215 15.94 -37.04 24.65
CA LEU F 215 16.96 -37.53 23.75
C LEU F 215 18.15 -38.11 24.52
N TYR F 216 18.63 -37.38 25.52
CA TYR F 216 19.73 -37.87 26.32
C TYR F 216 19.38 -39.20 26.98
N HIS F 217 18.16 -39.31 27.50
CA HIS F 217 17.71 -40.55 28.10
C HIS F 217 17.36 -41.59 27.05
N GLU F 218 16.84 -41.15 25.89
CA GLU F 218 16.64 -42.09 24.78
C GLU F 218 17.95 -42.77 24.44
N MET F 219 19.03 -42.01 24.40
CA MET F 219 20.35 -42.58 24.41
C MET F 219 20.68 -43.02 25.83
N MET F 220 21.69 -43.86 25.96
CA MET F 220 22.02 -44.54 27.21
C MET F 220 21.01 -45.65 27.49
N ASP F 221 19.97 -45.73 26.65
CA ASP F 221 19.06 -46.86 26.62
C ASP F 221 19.23 -47.69 25.36
N SER F 222 19.40 -47.02 24.22
CA SER F 222 19.80 -47.69 22.99
C SER F 222 21.30 -47.92 22.92
N LYS F 223 22.04 -47.51 23.94
CA LYS F 223 23.49 -47.73 24.06
C LYS F 223 24.30 -46.86 23.13
N VAL F 224 23.68 -45.89 22.45
CA VAL F 224 24.45 -45.02 21.57
C VAL F 224 25.51 -44.27 22.36
N ILE F 225 25.22 -43.94 23.61
CA ILE F 225 26.21 -43.33 24.50
C ILE F 225 26.10 -43.99 25.86
N SER F 226 27.26 -44.14 26.51
CA SER F 226 27.37 -44.81 27.78
C SER F 226 28.28 -44.00 28.68
N VAL F 227 28.23 -44.33 29.97
CA VAL F 227 29.10 -43.65 30.91
C VAL F 227 30.51 -44.21 30.85
N LYS F 228 30.65 -45.48 30.50
CA LYS F 228 31.97 -46.10 30.42
C LYS F 228 32.74 -45.54 29.23
N GLU F 229 34.00 -45.22 29.46
CA GLU F 229 34.86 -44.67 28.43
C GLU F 229 35.04 -45.67 27.29
N GLY F 230 35.64 -45.18 26.20
CA GLY F 230 35.82 -45.98 25.00
C GLY F 230 34.56 -46.24 24.22
N GLU F 231 33.42 -45.73 24.67
CA GLU F 231 32.14 -45.92 24.00
C GLU F 231 31.50 -44.57 23.75
N SER F 232 30.23 -44.58 23.36
CA SER F 232 29.50 -43.34 23.12
C SER F 232 30.04 -42.54 21.95
N ARG F 233 29.94 -43.10 20.74
CA ARG F 233 30.41 -42.41 19.55
C ARG F 233 29.43 -41.32 19.13
N CYS F 234 29.20 -40.37 20.04
CA CYS F 234 28.37 -39.21 19.76
C CYS F 234 28.47 -38.15 20.85
N ALA F 235 28.72 -36.91 20.46
CA ALA F 235 28.77 -35.79 21.35
C ALA F 235 27.50 -34.96 21.21
N LEU F 236 27.16 -34.23 22.28
CA LEU F 236 25.93 -33.45 22.32
C LEU F 236 26.24 -32.03 22.75
N ILE F 237 25.88 -31.08 21.90
CA ILE F 237 25.92 -29.66 22.22
C ILE F 237 24.48 -29.16 22.26
N PHE F 238 24.13 -28.42 23.31
CA PHE F 238 22.76 -28.00 23.52
C PHE F 238 22.72 -26.52 23.86
N GLY F 239 21.97 -25.75 23.07
CA GLY F 239 21.65 -24.39 23.43
C GLY F 239 20.16 -24.28 23.68
N GLN F 240 19.79 -24.16 24.95
CA GLN F 240 18.39 -24.12 25.33
C GLN F 240 17.72 -22.83 24.90
N MET F 241 16.41 -22.93 24.62
CA MET F 241 15.64 -21.76 24.24
C MET F 241 15.76 -20.67 25.29
N ASN F 242 15.82 -21.05 26.57
CA ASN F 242 15.90 -20.06 27.63
C ASN F 242 17.24 -19.34 27.65
N GLU F 243 18.13 -19.68 26.74
CA GLU F 243 19.38 -18.97 26.65
C GLU F 243 19.22 -17.74 25.76
N PRO F 244 19.93 -16.66 26.07
CA PRO F 244 19.79 -15.43 25.31
C PRO F 244 20.36 -15.57 23.92
N PRO F 245 19.99 -14.68 23.00
CA PRO F 245 20.63 -14.68 21.69
C PRO F 245 22.14 -14.53 21.85
N GLY F 246 22.87 -15.07 20.89
CA GLY F 246 24.30 -15.18 21.00
C GLY F 246 24.74 -16.55 21.44
N ALA F 247 23.96 -17.20 22.29
CA ALA F 247 24.19 -18.59 22.64
C ALA F 247 23.57 -19.52 21.61
N ARG F 248 22.28 -19.33 21.32
CA ARG F 248 21.64 -20.11 20.28
C ARG F 248 22.25 -19.88 18.91
N ALA F 249 22.92 -18.74 18.71
CA ALA F 249 23.53 -18.46 17.42
C ALA F 249 24.89 -19.11 17.26
N ARG F 250 25.66 -19.20 18.34
CA ARG F 250 27.01 -19.74 18.27
C ARG F 250 27.09 -21.20 18.68
N VAL F 251 26.01 -21.76 19.24
CA VAL F 251 26.03 -23.16 19.63
C VAL F 251 26.23 -24.06 18.43
N GLY F 252 25.64 -23.68 17.29
CA GLY F 252 25.86 -24.45 16.07
C GLY F 252 27.31 -24.49 15.68
N LEU F 253 28.01 -23.37 15.78
CA LEU F 253 29.42 -23.33 15.47
C LEU F 253 30.23 -24.15 16.47
N THR F 254 29.79 -24.21 17.72
CA THR F 254 30.46 -25.03 18.72
C THR F 254 30.43 -26.49 18.34
N GLY F 255 29.27 -27.01 17.99
CA GLY F 255 29.20 -28.39 17.52
C GLY F 255 30.02 -28.60 16.27
N LEU F 256 29.99 -27.64 15.36
CA LEU F 256 30.79 -27.74 14.15
C LEU F 256 32.27 -27.86 14.47
N THR F 257 32.73 -27.11 15.47
CA THR F 257 34.14 -27.15 15.84
C THR F 257 34.52 -28.50 16.43
N VAL F 258 33.66 -29.06 17.26
CA VAL F 258 33.91 -30.38 17.82
C VAL F 258 34.13 -31.39 16.71
N ALA F 259 33.35 -31.28 15.64
CA ALA F 259 33.47 -32.21 14.52
C ALA F 259 34.73 -31.96 13.71
N GLU F 260 35.11 -30.69 13.55
CA GLU F 260 36.31 -30.38 12.77
C GLU F 260 37.57 -31.00 13.36
N TYR F 261 37.63 -31.13 14.69
CA TYR F 261 38.78 -31.79 15.28
C TYR F 261 38.91 -33.23 14.77
N PHE F 262 37.82 -33.99 14.85
CA PHE F 262 37.84 -35.37 14.38
C PHE F 262 38.23 -35.44 12.91
N ARG F 263 37.74 -34.48 12.11
CA ARG F 263 38.05 -34.48 10.69
C ARG F 263 39.53 -34.27 10.43
N ASP F 264 40.11 -33.25 11.07
CA ASP F 264 41.48 -32.88 10.76
C ASP F 264 42.48 -33.77 11.47
N GLU F 265 42.36 -33.90 12.80
CA GLU F 265 43.32 -34.67 13.56
C GLU F 265 43.08 -36.18 13.39
N GLU F 266 41.90 -36.65 13.82
CA GLU F 266 41.61 -38.07 13.70
C GLU F 266 41.54 -38.51 12.25
N GLY F 267 41.17 -37.61 11.34
CA GLY F 267 41.06 -37.96 9.94
C GLY F 267 39.86 -38.79 9.55
N LYS F 268 38.86 -38.92 10.43
CA LYS F 268 37.71 -39.75 10.15
C LYS F 268 36.50 -38.92 9.75
N ASP F 269 35.51 -39.62 9.21
CA ASP F 269 34.26 -39.01 8.76
C ASP F 269 33.38 -38.68 9.95
N VAL F 270 32.84 -37.47 9.97
CA VAL F 270 31.96 -37.01 11.05
C VAL F 270 30.57 -36.77 10.49
N LEU F 271 29.58 -36.92 11.37
CA LEU F 271 28.18 -36.69 11.05
C LEU F 271 27.62 -35.64 12.00
N LEU F 272 27.31 -34.46 11.45
CA LEU F 272 26.85 -33.32 12.24
C LEU F 272 25.35 -33.14 12.09
N PHE F 273 24.59 -33.51 13.12
CA PHE F 273 23.17 -33.24 13.19
C PHE F 273 22.93 -31.87 13.80
N VAL F 274 22.04 -31.10 13.18
CA VAL F 274 21.71 -29.74 13.61
C VAL F 274 20.21 -29.64 13.78
N ASP F 275 19.74 -29.44 15.01
CA ASP F 275 18.34 -29.11 15.22
C ASP F 275 17.98 -27.95 14.31
N ASN F 276 16.72 -27.89 13.90
CA ASN F 276 16.35 -27.15 12.70
C ASN F 276 17.16 -25.87 12.57
N ILE F 277 17.79 -25.72 11.41
CA ILE F 277 18.69 -24.61 11.17
C ILE F 277 17.94 -23.28 11.18
N PHE F 278 16.61 -23.33 11.06
CA PHE F 278 15.83 -22.10 11.09
C PHE F 278 16.02 -21.35 12.40
N ARG F 279 16.14 -22.08 13.51
CA ARG F 279 16.36 -21.42 14.79
C ARG F 279 17.73 -20.78 14.85
N PHE F 280 18.73 -21.39 14.23
CA PHE F 280 20.04 -20.77 14.12
C PHE F 280 19.92 -19.46 13.35
N THR F 281 19.23 -19.50 12.23
CA THR F 281 19.02 -18.30 11.44
C THR F 281 18.24 -17.24 12.22
N GLN F 282 17.23 -17.69 12.98
CA GLN F 282 16.42 -16.77 13.76
C GLN F 282 17.22 -16.08 14.86
N ALA F 283 18.09 -16.83 15.53
CA ALA F 283 18.90 -16.24 16.59
C ALA F 283 19.84 -15.18 16.03
N CYS F 284 20.44 -15.44 14.87
CA CYS F 284 21.30 -14.45 14.24
C CYS F 284 20.52 -13.17 13.94
N SER F 285 19.29 -13.32 13.46
CA SER F 285 18.47 -12.16 13.18
C SER F 285 18.24 -11.33 14.44
N GLU F 286 18.04 -11.99 15.58
CA GLU F 286 17.78 -11.27 16.82
C GLU F 286 19.00 -10.49 17.29
N VAL F 287 20.20 -11.06 17.20
CA VAL F 287 21.38 -10.33 17.64
C VAL F 287 21.62 -9.12 16.75
N SER F 288 21.38 -9.26 15.44
CA SER F 288 21.55 -8.14 14.54
C SER F 288 20.62 -6.99 14.93
N ALA F 289 19.36 -7.30 15.18
CA ALA F 289 18.41 -6.27 15.62
C ALA F 289 18.90 -5.60 16.89
N LEU F 290 19.29 -6.41 17.88
CA LEU F 290 19.79 -5.86 19.13
C LEU F 290 20.98 -4.93 18.89
N LEU F 291 21.87 -5.33 17.99
CA LEU F 291 23.04 -4.52 17.67
C LEU F 291 22.66 -3.24 16.95
N GLY F 292 21.42 -3.10 16.50
CA GLY F 292 20.95 -1.91 15.85
C GLY F 292 21.08 -1.91 14.36
N ARG F 293 21.30 -3.07 13.74
CA ARG F 293 21.42 -3.14 12.30
C ARG F 293 20.04 -3.11 11.65
N ILE F 294 19.94 -2.36 10.57
CA ILE F 294 18.65 -2.25 9.88
C ILE F 294 18.25 -3.61 9.34
N PRO F 295 17.04 -4.09 9.60
CA PRO F 295 16.64 -5.41 9.12
C PRO F 295 16.50 -5.45 7.60
N SER F 296 16.54 -6.68 7.09
CA SER F 296 16.46 -6.97 5.68
C SER F 296 15.01 -7.21 5.28
N ALA F 297 14.80 -7.81 4.11
CA ALA F 297 13.49 -7.88 3.47
C ALA F 297 12.34 -8.20 4.41
N VAL F 298 12.32 -9.39 4.99
CA VAL F 298 11.14 -9.82 5.74
C VAL F 298 11.47 -9.89 7.22
N GLY F 299 12.39 -9.06 7.66
CA GLY F 299 12.74 -8.99 9.06
C GLY F 299 14.04 -9.68 9.42
N TYR F 300 14.65 -10.38 8.48
CA TYR F 300 15.91 -11.03 8.77
C TYR F 300 17.06 -10.05 8.70
N GLN F 301 18.20 -10.49 9.22
CA GLN F 301 19.38 -9.65 9.24
C GLN F 301 19.96 -9.54 7.84
N PRO F 302 20.73 -8.48 7.58
CA PRO F 302 21.39 -8.35 6.27
C PRO F 302 22.41 -9.44 6.01
N THR F 303 22.98 -10.02 7.06
CA THR F 303 24.03 -11.02 6.95
C THR F 303 23.49 -12.44 6.93
N LEU F 304 22.23 -12.62 6.52
CA LEU F 304 21.64 -13.95 6.48
C LEU F 304 22.51 -14.91 5.67
N ALA F 305 22.79 -14.54 4.42
CA ALA F 305 23.61 -15.40 3.56
C ALA F 305 24.96 -15.68 4.18
N THR F 306 25.64 -14.64 4.64
CA THR F 306 26.98 -14.81 5.19
C THR F 306 26.95 -15.55 6.52
N ASP F 307 26.02 -15.20 7.41
CA ASP F 307 25.94 -15.90 8.68
C ASP F 307 25.67 -17.38 8.46
N LEU F 308 24.84 -17.69 7.47
CA LEU F 308 24.51 -19.07 7.16
C LEU F 308 25.63 -19.74 6.36
N GLY F 309 26.24 -19.00 5.43
CA GLY F 309 27.29 -19.58 4.61
C GLY F 309 28.53 -19.95 5.39
N ALA F 310 28.84 -19.20 6.44
CA ALA F 310 29.97 -19.53 7.30
C ALA F 310 29.88 -20.98 7.78
N LEU F 311 28.80 -21.30 8.47
CA LEU F 311 28.62 -22.66 8.98
C LEU F 311 28.58 -23.68 7.87
N GLN F 312 27.80 -23.41 6.82
CA GLN F 312 27.64 -24.38 5.74
C GLN F 312 28.92 -24.62 4.95
N GLU F 313 29.88 -23.71 5.01
CA GLU F 313 31.11 -23.88 4.24
C GLU F 313 32.17 -24.62 5.03
N ARG F 314 32.24 -24.40 6.34
CA ARG F 314 33.11 -25.18 7.19
C ARG F 314 32.74 -26.65 7.17
N ILE F 315 31.60 -26.98 6.59
CA ILE F 315 31.14 -28.36 6.43
C ILE F 315 31.42 -28.79 5.01
N THR F 316 32.41 -29.66 4.82
CA THR F 316 32.77 -30.12 3.49
C THR F 316 33.68 -31.34 3.64
N THR F 317 34.11 -31.86 2.50
CA THR F 317 35.06 -32.96 2.43
C THR F 317 36.44 -32.42 2.16
N THR F 318 37.44 -33.01 2.82
CA THR F 318 38.83 -32.62 2.62
C THR F 318 39.66 -33.86 2.31
N GLN F 319 40.98 -33.68 2.27
CA GLN F 319 41.85 -34.82 2.00
C GLN F 319 41.95 -35.74 3.21
N LYS F 320 41.77 -35.20 4.41
CA LYS F 320 41.88 -36.01 5.62
C LYS F 320 40.56 -36.71 5.94
N GLY F 321 39.45 -36.00 5.85
CA GLY F 321 38.17 -36.57 6.18
C GLY F 321 37.03 -35.77 5.63
N SER F 322 35.85 -35.98 6.21
CA SER F 322 34.66 -35.29 5.75
C SER F 322 33.70 -35.09 6.91
N ILE F 323 32.89 -34.03 6.79
CA ILE F 323 31.82 -33.72 7.73
C ILE F 323 30.54 -33.67 6.94
N THR F 324 29.71 -34.71 7.08
CA THR F 324 28.39 -34.77 6.47
C THR F 324 27.37 -34.28 7.47
N SER F 325 26.58 -33.30 7.08
CA SER F 325 25.62 -32.66 7.98
C SER F 325 24.21 -33.03 7.58
N VAL F 326 23.42 -33.46 8.56
CA VAL F 326 22.00 -33.70 8.40
C VAL F 326 21.28 -32.68 9.27
N GLN F 327 20.58 -31.75 8.64
CA GLN F 327 19.98 -30.63 9.35
C GLN F 327 18.49 -30.59 9.08
N ALA F 328 17.74 -30.27 10.13
CA ALA F 328 16.29 -30.17 10.03
C ALA F 328 15.88 -28.83 9.44
N ILE F 329 14.86 -28.85 8.61
CA ILE F 329 14.37 -27.67 7.92
C ILE F 329 12.93 -27.41 8.35
N TYR F 330 12.69 -26.22 8.88
CA TYR F 330 11.34 -25.75 9.19
C TYR F 330 11.02 -24.62 8.23
N VAL F 331 9.93 -24.76 7.49
CA VAL F 331 9.52 -23.76 6.50
C VAL F 331 8.47 -22.86 7.14
N PRO F 332 8.78 -21.61 7.46
CA PRO F 332 7.78 -20.74 8.10
C PRO F 332 6.65 -20.42 7.13
N ALA F 333 5.42 -20.58 7.60
CA ALA F 333 4.22 -20.32 6.84
C ALA F 333 4.11 -21.19 5.59
N ASP F 334 4.91 -22.26 5.51
CA ASP F 334 4.92 -23.14 4.35
C ASP F 334 5.29 -22.38 3.09
N ASP F 335 6.21 -21.43 3.22
CA ASP F 335 6.65 -20.58 2.12
C ASP F 335 8.09 -20.94 1.78
N LEU F 336 8.26 -21.77 0.75
CA LEU F 336 9.60 -22.17 0.34
C LEU F 336 10.42 -20.97 -0.11
N THR F 337 9.77 -19.91 -0.58
CA THR F 337 10.45 -18.73 -1.04
C THR F 337 10.85 -17.78 0.09
N ASP F 338 10.65 -18.20 1.33
CA ASP F 338 11.10 -17.39 2.44
C ASP F 338 12.63 -17.30 2.39
N PRO F 339 13.20 -16.17 2.80
CA PRO F 339 14.66 -16.02 2.69
C PRO F 339 15.46 -17.10 3.39
N ALA F 340 15.09 -17.47 4.61
CA ALA F 340 15.86 -18.46 5.35
C ALA F 340 15.90 -19.81 4.64
N PRO F 341 14.77 -20.47 4.39
CA PRO F 341 14.83 -21.76 3.68
C PRO F 341 15.39 -21.64 2.27
N ALA F 342 15.18 -20.50 1.62
CA ALA F 342 15.72 -20.32 0.28
C ALA F 342 17.24 -20.26 0.30
N THR F 343 17.81 -19.39 1.13
CA THR F 343 19.26 -19.33 1.23
C THR F 343 19.83 -20.65 1.71
N THR F 344 19.06 -21.40 2.48
CA THR F 344 19.50 -22.72 2.93
C THR F 344 19.53 -23.72 1.78
N PHE F 345 18.41 -23.86 1.07
CA PHE F 345 18.36 -24.78 -0.06
C PHE F 345 19.51 -24.53 -1.03
N ALA F 346 20.01 -23.30 -1.10
CA ALA F 346 21.16 -23.00 -1.92
C ALA F 346 22.35 -23.88 -1.61
N HIS F 347 22.40 -24.44 -0.41
CA HIS F 347 23.52 -25.27 0.04
C HIS F 347 23.20 -26.75 0.05
N LEU F 348 21.95 -27.12 0.29
CA LEU F 348 21.58 -28.51 0.42
C LEU F 348 21.92 -29.28 -0.85
N ASP F 349 22.52 -30.45 -0.66
CA ASP F 349 22.82 -31.35 -1.77
C ASP F 349 21.73 -32.40 -1.95
N ALA F 350 21.13 -32.84 -0.85
CA ALA F 350 20.04 -33.81 -0.88
C ALA F 350 19.00 -33.41 0.16
N THR F 351 17.80 -33.95 -0.02
CA THR F 351 16.68 -33.69 0.88
C THR F 351 16.01 -35.02 1.19
N THR F 352 15.73 -35.24 2.47
CA THR F 352 15.05 -36.44 2.94
C THR F 352 13.72 -36.03 3.57
N VAL F 353 12.62 -36.38 2.92
CA VAL F 353 11.28 -35.99 3.34
C VAL F 353 10.61 -37.18 4.02
N LEU F 354 10.22 -36.99 5.28
CA LEU F 354 9.51 -38.01 6.03
C LEU F 354 8.00 -37.78 5.92
N ASN F 355 7.26 -38.83 5.61
CA ASN F 355 5.84 -38.75 5.35
C ASN F 355 5.07 -39.52 6.40
N ARG F 356 3.95 -38.93 6.84
CA ARG F 356 3.10 -39.57 7.85
C ARG F 356 2.37 -40.77 7.28
N GLY F 357 1.94 -40.70 6.03
CA GLY F 357 1.20 -41.81 5.43
C GLY F 357 1.98 -43.11 5.47
N LEU F 358 3.28 -43.04 5.20
CA LEU F 358 4.11 -44.23 5.27
C LEU F 358 4.07 -44.87 6.65
N THR F 359 4.02 -44.05 7.71
CA THR F 359 3.91 -44.61 9.04
C THR F 359 2.58 -45.35 9.22
N GLU F 360 1.49 -44.77 8.72
CA GLU F 360 0.20 -45.40 8.86
C GLU F 360 0.17 -46.76 8.18
N LEU F 361 0.79 -46.86 7.00
CA LEU F 361 0.79 -48.12 6.26
C LEU F 361 1.60 -49.20 6.94
N GLY F 362 2.39 -48.86 7.96
CA GLY F 362 3.20 -49.82 8.67
C GLY F 362 4.67 -49.78 8.28
N ILE F 363 5.01 -49.08 7.22
CA ILE F 363 6.40 -48.86 6.84
C ILE F 363 6.98 -47.80 7.76
N TYR F 364 8.08 -48.12 8.44
CA TYR F 364 8.57 -47.12 9.38
C TYR F 364 10.02 -46.71 9.13
N PRO F 365 10.48 -46.68 7.89
CA PRO F 365 11.21 -45.50 7.41
C PRO F 365 10.23 -44.58 6.72
N ALA F 366 10.01 -43.40 7.28
CA ALA F 366 8.99 -42.49 6.79
C ALA F 366 9.36 -41.81 5.48
N VAL F 367 10.58 -42.01 4.98
CA VAL F 367 11.02 -41.25 3.82
C VAL F 367 10.16 -41.56 2.61
N ASP F 368 9.85 -40.52 1.86
CA ASP F 368 9.10 -40.61 0.62
C ASP F 368 10.08 -40.74 -0.55
N PRO F 369 9.88 -41.72 -1.43
CA PRO F 369 10.84 -41.88 -2.54
C PRO F 369 10.79 -40.75 -3.54
N LEU F 370 9.61 -40.23 -3.85
CA LEU F 370 9.47 -39.23 -4.90
C LEU F 370 9.87 -37.84 -4.39
N ASP F 371 9.35 -37.45 -3.24
CA ASP F 371 9.63 -36.11 -2.73
C ASP F 371 11.11 -35.94 -2.40
N SER F 372 11.75 -37.00 -1.90
CA SER F 372 13.17 -36.92 -1.60
C SER F 372 13.97 -36.76 -2.88
N THR F 373 15.00 -35.92 -2.82
CA THR F 373 15.85 -35.65 -3.97
C THR F 373 17.29 -35.56 -3.53
N SER F 374 18.19 -35.77 -4.49
CA SER F 374 19.63 -35.66 -4.25
C SER F 374 20.26 -35.03 -5.48
N ARG F 375 20.99 -33.93 -5.28
CA ARG F 375 21.68 -33.29 -6.40
C ARG F 375 22.79 -34.16 -6.94
N MET F 376 23.29 -35.10 -6.14
CA MET F 376 24.37 -35.98 -6.57
C MET F 376 23.88 -37.12 -7.44
N LEU F 377 22.57 -37.26 -7.61
CA LEU F 377 22.00 -38.34 -8.39
C LEU F 377 22.02 -37.95 -9.86
N ASP F 378 23.02 -38.46 -10.57
CA ASP F 378 23.14 -38.25 -12.01
C ASP F 378 24.06 -39.32 -12.58
N PRO F 379 23.92 -39.65 -13.86
CA PRO F 379 24.69 -40.76 -14.42
C PRO F 379 26.19 -40.56 -14.39
N ILE F 380 26.67 -39.35 -14.13
CA ILE F 380 28.11 -39.09 -14.11
C ILE F 380 28.71 -39.37 -12.75
N THR F 381 28.13 -38.79 -11.70
CA THR F 381 28.67 -39.01 -10.36
C THR F 381 28.56 -40.48 -9.97
N ILE F 382 27.42 -41.09 -10.27
CA ILE F 382 27.19 -42.50 -9.99
C ILE F 382 27.09 -43.24 -11.31
N GLY F 383 27.16 -44.56 -11.23
CA GLY F 383 27.09 -45.37 -12.43
C GLY F 383 25.79 -45.16 -13.19
N GLU F 384 25.84 -45.53 -14.47
CA GLU F 384 24.63 -45.44 -15.29
C GLU F 384 23.55 -46.37 -14.76
N GLU F 385 23.93 -47.55 -14.30
CA GLU F 385 22.93 -48.52 -13.86
C GLU F 385 22.20 -48.03 -12.62
N HIS F 386 22.93 -47.43 -11.67
CA HIS F 386 22.30 -46.91 -10.48
C HIS F 386 21.29 -45.83 -10.83
N TYR F 387 21.67 -44.90 -11.72
CA TYR F 387 20.76 -43.85 -12.13
C TYR F 387 19.53 -44.44 -12.81
N THR F 388 19.72 -45.41 -13.69
CA THR F 388 18.58 -46.02 -14.37
C THR F 388 17.63 -46.69 -13.39
N VAL F 389 18.19 -47.43 -12.42
CA VAL F 389 17.35 -48.12 -11.45
C VAL F 389 16.54 -47.13 -10.64
N ALA F 390 17.17 -46.04 -10.18
CA ALA F 390 16.45 -45.07 -9.39
C ALA F 390 15.34 -44.42 -10.21
N ARG F 391 15.64 -44.02 -11.44
CA ARG F 391 14.62 -43.42 -12.29
C ARG F 391 13.50 -44.42 -12.57
N GLY F 392 13.85 -45.67 -12.85
CA GLY F 392 12.82 -46.66 -13.08
C GLY F 392 11.93 -46.86 -11.87
N VAL F 393 12.55 -46.92 -10.69
CA VAL F 393 11.78 -47.08 -9.46
C VAL F 393 10.85 -45.89 -9.27
N GLN F 394 11.36 -44.69 -9.49
CA GLN F 394 10.53 -43.49 -9.31
C GLN F 394 9.37 -43.50 -10.30
N LYS F 395 9.64 -43.85 -11.55
CA LYS F 395 8.58 -43.89 -12.55
C LYS F 395 7.54 -44.95 -12.18
N LEU F 396 7.99 -46.11 -11.73
CA LEU F 396 7.05 -47.17 -11.35
C LEU F 396 6.18 -46.73 -10.19
N LEU F 397 6.79 -46.13 -9.17
CA LEU F 397 6.03 -45.65 -8.03
C LEU F 397 5.08 -44.53 -8.43
N GLN F 398 5.54 -43.64 -9.31
CA GLN F 398 4.71 -42.52 -9.74
C GLN F 398 3.49 -43.02 -10.51
N ASP F 399 3.69 -44.00 -11.40
CA ASP F 399 2.56 -44.55 -12.15
C ASP F 399 1.53 -45.17 -11.22
N TYR F 400 2.00 -45.89 -10.20
CA TYR F 400 1.07 -46.48 -9.23
C TYR F 400 0.25 -45.43 -8.51
N LYS F 401 0.86 -44.28 -8.20
CA LYS F 401 0.13 -43.22 -7.54
C LYS F 401 -1.03 -42.73 -8.39
N SER F 402 -0.81 -42.55 -9.69
CA SER F 402 -1.88 -42.11 -10.58
C SER F 402 -3.01 -43.14 -10.63
N LEU F 403 -2.67 -44.42 -10.75
CA LEU F 403 -3.67 -45.47 -10.79
C LEU F 403 -4.49 -45.55 -9.50
N GLN F 404 -3.86 -45.24 -8.37
CA GLN F 404 -4.60 -45.29 -7.11
C GLN F 404 -5.74 -44.27 -7.10
N ASP F 405 -5.48 -43.06 -7.59
CA ASP F 405 -6.57 -42.09 -7.71
C ASP F 405 -7.66 -42.59 -8.64
N ILE F 406 -7.30 -43.39 -9.64
CA ILE F 406 -8.28 -43.92 -10.58
C ILE F 406 -9.15 -44.99 -9.91
N ILE F 407 -8.52 -45.96 -9.25
CA ILE F 407 -9.29 -47.08 -8.74
C ILE F 407 -10.22 -46.63 -7.63
N ALA F 408 -9.85 -45.58 -6.89
CA ALA F 408 -10.72 -45.07 -5.85
C ALA F 408 -12.09 -44.69 -6.42
N ILE F 409 -12.12 -44.27 -7.68
CA ILE F 409 -13.36 -43.88 -8.34
C ILE F 409 -13.95 -45.01 -9.16
N LEU F 410 -13.13 -45.72 -9.92
CA LEU F 410 -13.65 -46.72 -10.85
C LEU F 410 -13.69 -48.12 -10.24
N GLY F 411 -12.53 -48.64 -9.84
CA GLY F 411 -12.40 -49.97 -9.28
C GLY F 411 -11.23 -50.70 -9.90
N VAL F 412 -11.13 -51.98 -9.57
CA VAL F 412 -10.00 -52.81 -10.01
C VAL F 412 -10.25 -53.38 -11.40
N ASP F 413 -11.42 -53.98 -11.62
CA ASP F 413 -11.68 -54.65 -12.88
C ASP F 413 -11.50 -53.71 -14.06
N ASP F 414 -11.73 -52.41 -13.85
CA ASP F 414 -11.57 -51.43 -14.90
C ASP F 414 -10.13 -51.39 -15.42
N LEU F 415 -9.18 -51.81 -14.60
CA LEU F 415 -7.78 -51.80 -14.97
C LEU F 415 -7.44 -52.95 -15.91
N SER F 416 -6.50 -52.69 -16.81
CA SER F 416 -6.01 -53.74 -17.68
C SER F 416 -5.13 -54.70 -16.88
N GLU F 417 -4.58 -55.71 -17.57
CA GLU F 417 -3.69 -56.64 -16.89
C GLU F 417 -2.33 -56.00 -16.61
N GLU F 418 -1.84 -55.16 -17.52
CA GLU F 418 -0.59 -54.45 -17.26
C GLU F 418 -0.71 -53.55 -16.05
N ASP F 419 -1.84 -52.87 -15.91
CA ASP F 419 -2.04 -52.00 -14.75
C ASP F 419 -2.05 -52.80 -13.46
N LYS F 420 -2.68 -53.98 -13.47
CA LYS F 420 -2.68 -54.82 -12.28
C LYS F 420 -1.28 -55.32 -11.97
N LEU F 421 -0.53 -55.70 -13.01
CA LEU F 421 0.86 -56.09 -12.81
C LEU F 421 1.66 -54.95 -12.22
N VAL F 422 1.45 -53.73 -12.72
CA VAL F 422 2.16 -52.58 -12.19
C VAL F 422 1.81 -52.36 -10.73
N VAL F 423 0.54 -52.53 -10.37
CA VAL F 423 0.14 -52.34 -8.98
C VAL F 423 0.84 -53.36 -8.09
N ALA F 424 0.87 -54.62 -8.50
CA ALA F 424 1.55 -55.63 -7.70
C ALA F 424 3.03 -55.32 -7.58
N ARG F 425 3.66 -54.99 -8.71
CA ARG F 425 5.09 -54.67 -8.70
C ARG F 425 5.37 -53.46 -7.82
N ALA F 426 4.53 -52.43 -7.91
CA ALA F 426 4.78 -51.22 -7.13
C ALA F 426 4.59 -51.45 -5.65
N ARG F 427 3.57 -52.23 -5.27
CA ARG F 427 3.37 -52.53 -3.85
C ARG F 427 4.56 -53.30 -3.29
N LYS F 428 5.08 -54.28 -4.05
CA LYS F 428 6.25 -55.01 -3.57
C LYS F 428 7.44 -54.08 -3.37
N VAL F 429 7.67 -53.18 -4.32
CA VAL F 429 8.80 -52.27 -4.21
C VAL F 429 8.61 -51.35 -3.01
N GLN F 430 7.40 -50.79 -2.86
CA GLN F 430 7.13 -49.90 -1.75
C GLN F 430 7.34 -50.62 -0.42
N LYS F 431 6.77 -51.82 -0.28
CA LYS F 431 7.01 -52.60 0.92
C LYS F 431 8.49 -52.94 1.08
N PHE F 432 9.19 -53.13 -0.03
CA PHE F 432 10.60 -53.49 0.04
C PHE F 432 11.44 -52.34 0.55
N LEU F 433 11.07 -51.10 0.21
CA LEU F 433 11.82 -49.93 0.63
C LEU F 433 11.99 -49.88 2.14
N SER F 434 11.13 -50.56 2.89
CA SER F 434 11.25 -50.61 4.33
C SER F 434 12.33 -51.60 4.73
N GLN F 435 12.95 -51.36 5.88
CA GLN F 435 13.98 -52.24 6.38
C GLN F 435 14.05 -52.10 7.89
N PRO F 436 14.49 -53.15 8.59
CA PRO F 436 14.60 -53.06 10.05
C PRO F 436 15.88 -52.38 10.49
N PHE F 437 15.78 -51.63 11.58
CA PHE F 437 16.91 -50.93 12.14
C PHE F 437 17.38 -51.63 13.39
N PHE F 438 18.70 -51.60 13.61
CA PHE F 438 19.27 -52.18 14.82
C PHE F 438 18.71 -51.51 16.06
N MET F 439 18.55 -50.19 16.02
CA MET F 439 18.11 -49.46 17.20
C MET F 439 16.70 -49.85 17.62
N SER F 440 15.85 -50.24 16.67
CA SER F 440 14.47 -50.58 16.94
C SER F 440 14.22 -52.08 17.00
N GLU F 441 15.27 -52.90 17.00
CA GLU F 441 15.05 -54.35 17.01
C GLU F 441 14.43 -54.80 18.33
N VAL F 442 14.93 -54.27 19.45
CA VAL F 442 14.40 -54.65 20.75
C VAL F 442 12.91 -54.33 20.82
N PHE F 443 12.50 -53.22 20.22
CA PHE F 443 11.09 -52.84 20.23
C PHE F 443 10.27 -53.73 19.31
N SER F 444 10.70 -53.86 18.05
CA SER F 444 9.97 -54.65 17.08
C SER F 444 10.28 -56.14 17.18
N GLY F 445 11.38 -56.50 17.84
CA GLY F 445 11.77 -57.89 17.98
C GLY F 445 12.39 -58.50 16.75
N ILE F 446 12.73 -57.71 15.74
CA ILE F 446 13.36 -58.19 14.53
C ILE F 446 14.70 -57.49 14.38
N PRO F 447 15.79 -58.21 14.17
CA PRO F 447 17.10 -57.55 14.08
C PRO F 447 17.24 -56.68 12.85
N GLY F 448 18.08 -55.66 12.96
CA GLY F 448 18.32 -54.74 11.87
C GLY F 448 19.19 -55.32 10.78
N ARG F 449 19.22 -54.60 9.66
CA ARG F 449 19.98 -55.00 8.48
C ARG F 449 20.74 -53.79 7.95
N PHE F 450 22.05 -53.96 7.75
CA PHE F 450 22.87 -52.94 7.11
C PHE F 450 23.05 -53.31 5.64
N VAL F 451 22.01 -53.04 4.86
CA VAL F 451 22.05 -53.31 3.43
C VAL F 451 23.15 -52.48 2.79
N ASN F 452 23.97 -53.13 1.97
CA ASN F 452 25.06 -52.48 1.28
C ASN F 452 24.58 -51.91 -0.05
N LEU F 453 25.42 -51.04 -0.63
CA LEU F 453 25.03 -50.35 -1.85
C LEU F 453 24.88 -51.32 -3.02
N LYS F 454 25.91 -52.11 -3.29
CA LYS F 454 25.91 -52.97 -4.47
C LYS F 454 24.72 -53.93 -4.46
N GLN F 455 24.53 -54.64 -3.35
CA GLN F 455 23.42 -55.59 -3.28
C GLN F 455 22.08 -54.88 -3.35
N ASN F 456 22.00 -53.67 -2.82
CA ASN F 456 20.77 -52.89 -2.93
C ASN F 456 20.40 -52.62 -4.38
N ILE F 457 21.35 -52.12 -5.16
CA ILE F 457 21.07 -51.82 -6.57
C ILE F 457 20.73 -53.08 -7.33
N ALA F 458 21.49 -54.16 -7.10
CA ALA F 458 21.23 -55.41 -7.80
C ALA F 458 19.84 -55.93 -7.48
N SER F 459 19.43 -55.81 -6.23
CA SER F 459 18.12 -56.32 -5.83
C SER F 459 16.99 -55.57 -6.53
N PHE F 460 17.08 -54.24 -6.58
CA PHE F 460 16.02 -53.47 -7.20
C PHE F 460 15.99 -53.67 -8.71
N LYS F 461 17.16 -53.83 -9.32
CA LYS F 461 17.19 -54.10 -10.77
C LYS F 461 16.52 -55.43 -11.08
N ALA F 462 16.86 -56.47 -10.32
CA ALA F 462 16.22 -57.77 -10.53
C ALA F 462 14.71 -57.66 -10.33
N LEU F 463 14.29 -56.91 -9.32
CA LEU F 463 12.86 -56.77 -9.03
C LEU F 463 12.13 -56.14 -10.21
N LEU F 464 12.71 -55.10 -10.81
CA LEU F 464 12.11 -54.49 -11.98
C LEU F 464 11.99 -55.47 -13.13
N GLU F 465 12.96 -56.40 -13.26
CA GLU F 465 12.84 -57.42 -14.28
C GLU F 465 11.61 -58.29 -14.06
N GLY F 466 11.20 -58.45 -12.81
CA GLY F 466 10.09 -59.30 -12.45
C GLY F 466 10.47 -60.59 -11.74
N ALA F 467 11.64 -60.64 -11.11
CA ALA F 467 12.05 -61.89 -10.47
C ALA F 467 11.11 -62.27 -9.33
N GLY F 468 10.49 -61.28 -8.69
CA GLY F 468 9.65 -61.51 -7.54
C GLY F 468 8.16 -61.37 -7.78
N ASP F 469 7.71 -61.17 -9.02
CA ASP F 469 6.29 -60.98 -9.26
C ASP F 469 5.47 -62.17 -8.83
N GLU F 470 6.06 -63.37 -8.85
CA GLU F 470 5.31 -64.57 -8.49
C GLU F 470 5.12 -64.70 -6.99
N TYR F 471 6.07 -64.21 -6.20
CA TYR F 471 6.00 -64.37 -4.76
C TYR F 471 4.96 -63.43 -4.16
N PRO F 472 4.60 -63.63 -2.90
CA PRO F 472 3.59 -62.78 -2.28
C PRO F 472 4.12 -61.44 -1.81
N GLU F 473 3.22 -60.47 -1.77
CA GLU F 473 3.58 -59.10 -1.39
C GLU F 473 4.12 -59.04 0.03
N SER F 474 3.47 -59.72 0.96
CA SER F 474 3.88 -59.66 2.36
C SER F 474 5.28 -60.21 2.60
N CYS F 475 5.93 -60.76 1.57
CA CYS F 475 7.27 -61.29 1.75
C CYS F 475 8.31 -60.19 1.74
N PHE F 476 8.13 -59.17 0.90
CA PHE F 476 9.07 -58.07 0.79
C PHE F 476 8.69 -56.99 1.80
N TYR F 477 8.87 -57.33 3.08
CA TYR F 477 8.58 -56.42 4.17
C TYR F 477 9.64 -56.60 5.25
N MET F 478 10.31 -55.50 5.60
CA MET F 478 11.35 -55.52 6.63
C MET F 478 12.45 -56.52 6.30
N LYS F 479 12.68 -56.74 5.01
CA LYS F 479 13.72 -57.63 4.55
C LYS F 479 14.94 -56.83 4.10
N GLY F 480 16.13 -57.34 4.43
CA GLY F 480 17.35 -56.65 4.10
C GLY F 480 17.66 -56.66 2.62
N ASP F 481 17.97 -57.84 2.09
CA ASP F 481 18.36 -58.01 0.69
C ASP F 481 17.35 -58.90 -0.01
N LEU F 482 17.37 -58.85 -1.34
CA LEU F 482 16.44 -59.65 -2.13
C LEU F 482 16.53 -61.13 -1.77
N GLU F 483 17.74 -61.62 -1.52
CA GLU F 483 17.89 -63.05 -1.23
C GLU F 483 17.08 -63.45 -0.02
N GLU F 484 17.00 -62.57 0.98
CA GLU F 484 16.24 -62.89 2.18
C GLU F 484 14.76 -63.02 1.86
N SER F 485 14.22 -62.08 1.08
CA SER F 485 12.82 -62.16 0.69
C SER F 485 12.56 -63.38 -0.20
N LEU F 486 13.48 -63.68 -1.12
CA LEU F 486 13.29 -64.84 -1.97
C LEU F 486 13.28 -66.12 -1.16
N ALA F 487 14.17 -66.24 -0.18
CA ALA F 487 14.21 -67.44 0.64
C ALA F 487 12.91 -67.59 1.42
N ALA F 488 12.39 -66.49 1.96
CA ALA F 488 11.12 -66.55 2.67
C ALA F 488 9.99 -66.98 1.75
N GLY F 489 10.00 -66.51 0.50
CA GLY F 489 8.97 -66.90 -0.44
C GLY F 489 9.01 -68.37 -0.79
N ARG F 490 10.21 -68.92 -1.00
CA ARG F 490 10.33 -70.36 -1.24
C ARG F 490 9.84 -71.14 -0.03
N ALA F 491 10.18 -70.67 1.17
CA ALA F 491 9.70 -71.33 2.38
C ALA F 491 8.17 -71.30 2.44
N ASP F 492 7.57 -70.15 2.11
CA ASP F 492 6.12 -70.06 2.09
C ASP F 492 5.52 -71.08 1.14
N ALA F 493 6.09 -71.23 -0.05
CA ALA F 493 5.60 -72.21 -1.00
C ALA F 493 5.67 -73.62 -0.41
N LEU F 494 6.73 -73.92 0.35
CA LEU F 494 6.86 -75.23 0.96
C LEU F 494 5.76 -75.49 1.99
N LYS F 495 5.33 -74.45 2.72
CA LYS F 495 4.30 -74.65 3.73
C LYS F 495 3.04 -75.27 3.14
N SER F 496 2.73 -74.96 1.88
CA SER F 496 1.54 -75.49 1.23
C SER F 496 1.91 -76.36 0.04
N LEU G 34 -25.28 58.01 -12.47
CA LEU G 34 -24.15 58.84 -12.04
C LEU G 34 -23.42 59.42 -13.23
N SER G 35 -23.30 60.74 -13.26
CA SER G 35 -22.61 61.41 -14.34
C SER G 35 -21.15 60.97 -14.41
N THR G 36 -20.62 60.92 -15.63
CA THR G 36 -19.22 60.56 -15.81
C THR G 36 -18.31 61.51 -15.04
N GLY G 37 -18.62 62.81 -15.08
CA GLY G 37 -17.82 63.76 -14.33
C GLY G 37 -17.91 63.53 -12.84
N GLU G 38 -19.11 63.25 -12.34
CA GLU G 38 -19.26 62.95 -10.91
C GLU G 38 -18.49 61.69 -10.55
N ALA G 39 -18.55 60.66 -11.41
CA ALA G 39 -17.81 59.44 -11.16
C ALA G 39 -16.31 59.69 -11.18
N SER G 40 -15.85 60.50 -12.13
CA SER G 40 -14.42 60.81 -12.20
C SER G 40 -13.97 61.57 -10.96
N VAL G 41 -14.80 62.47 -10.46
CA VAL G 41 -14.45 63.21 -9.25
C VAL G 41 -14.33 62.26 -8.07
N VAL G 42 -15.24 61.29 -7.98
CA VAL G 42 -15.16 60.30 -6.91
C VAL G 42 -13.88 59.50 -7.05
N LEU G 43 -13.52 59.14 -8.28
CA LEU G 43 -12.30 58.39 -8.51
C LEU G 43 -11.07 59.20 -8.13
N ALA G 44 -11.04 60.48 -8.51
CA ALA G 44 -9.91 61.33 -8.15
C ALA G 44 -9.79 61.47 -6.64
N GLU G 45 -10.91 61.69 -5.96
CA GLU G 45 -10.88 61.79 -4.50
C GLU G 45 -10.39 60.49 -3.88
N LYS G 46 -10.84 59.35 -4.41
CA LYS G 46 -10.39 58.07 -3.91
C LYS G 46 -8.87 57.95 -4.05
N ILE G 47 -8.33 58.29 -5.22
CA ILE G 47 -6.88 58.28 -5.42
C ILE G 47 -6.21 59.21 -4.43
N LYS G 48 -6.87 60.31 -4.07
CA LYS G 48 -6.28 61.24 -3.13
C LYS G 48 -6.07 60.58 -1.78
N GLY G 49 -7.11 59.92 -1.26
CA GLY G 49 -7.03 59.28 0.03
C GLY G 49 -6.37 57.92 -0.05
N ILE G 50 -5.05 57.92 -0.25
CA ILE G 50 -4.26 56.69 -0.29
C ILE G 50 -3.22 56.80 0.81
N THR G 51 -3.30 55.90 1.79
CA THR G 51 -2.38 55.86 2.90
C THR G 51 -1.37 54.73 2.72
N GLN G 52 -0.17 54.95 3.23
CA GLN G 52 0.89 53.96 3.14
C GLN G 52 1.84 54.22 4.31
N GLN G 53 1.82 53.32 5.29
CA GLN G 53 2.69 53.39 6.44
C GLN G 53 3.69 52.24 6.41
N ASN G 54 4.89 52.51 6.90
CA ASN G 54 5.94 51.52 7.00
C ASN G 54 6.47 51.51 8.43
N ASP G 55 6.61 50.32 8.99
CA ASP G 55 7.05 50.14 10.37
C ASP G 55 8.28 49.26 10.41
N ILE G 56 9.05 49.39 11.47
CA ILE G 56 10.25 48.59 11.67
C ILE G 56 9.87 47.12 11.72
N THR G 57 10.32 46.36 10.72
CA THR G 57 10.02 44.95 10.61
C THR G 57 11.29 44.16 10.89
N GLU G 58 11.26 43.34 11.93
CA GLU G 58 12.40 42.50 12.24
C GLU G 58 12.73 41.60 11.06
N TYR G 59 14.02 41.41 10.81
CA TYR G 59 14.48 40.59 9.71
C TYR G 59 15.48 39.57 10.25
N GLY G 60 15.62 38.48 9.51
CA GLY G 60 16.57 37.44 9.85
C GLY G 60 17.37 37.03 8.64
N THR G 61 18.35 36.18 8.88
CA THR G 61 19.18 35.62 7.82
C THR G 61 18.88 34.13 7.67
N VAL G 62 19.16 33.62 6.48
CA VAL G 62 18.94 32.22 6.17
C VAL G 62 20.20 31.43 6.51
N ILE G 63 20.07 30.50 7.45
CA ILE G 63 21.19 29.63 7.78
C ILE G 63 21.45 28.66 6.64
N SER G 64 20.39 28.14 6.03
CA SER G 64 20.51 27.20 4.94
C SER G 64 19.24 27.21 4.12
N ILE G 65 19.37 26.71 2.89
CA ILE G 65 18.25 26.67 1.95
C ILE G 65 18.45 25.44 1.07
N GLY G 66 17.40 24.62 0.96
CA GLY G 66 17.46 23.45 0.13
C GLY G 66 16.09 22.84 -0.10
N ASP G 67 15.82 22.45 -1.34
CA ASP G 67 14.56 21.80 -1.68
C ASP G 67 13.36 22.67 -1.32
N GLY G 68 13.55 23.99 -1.30
CA GLY G 68 12.49 24.91 -0.97
C GLY G 68 12.31 25.18 0.50
N ILE G 69 13.11 24.57 1.36
CA ILE G 69 13.05 24.80 2.80
C ILE G 69 14.20 25.69 3.19
N ALA G 70 13.91 26.73 3.97
CA ALA G 70 14.89 27.70 4.41
C ALA G 70 14.95 27.67 5.93
N ARG G 71 16.12 27.39 6.47
CA ARG G 71 16.37 27.51 7.90
C ARG G 71 16.87 28.92 8.19
N VAL G 72 16.13 29.66 9.00
CA VAL G 72 16.38 31.07 9.24
C VAL G 72 16.83 31.28 10.67
N PHE G 73 17.79 32.17 10.85
CA PHE G 73 18.29 32.54 12.17
C PHE G 73 17.62 33.82 12.64
N GLY G 74 17.45 33.95 13.94
CA GLY G 74 16.84 35.15 14.46
C GLY G 74 15.38 35.20 14.09
N LEU G 75 14.96 36.35 13.60
CA LEU G 75 13.58 36.56 13.16
C LEU G 75 12.60 36.21 14.27
N THR G 76 12.99 36.53 15.51
CA THR G 76 12.16 36.23 16.66
C THR G 76 10.87 37.04 16.60
N LYS G 77 10.01 36.81 17.59
CA LYS G 77 8.69 37.44 17.67
C LYS G 77 7.93 37.27 16.36
N VAL G 78 8.20 36.17 15.66
CA VAL G 78 7.50 35.80 14.44
C VAL G 78 6.44 34.77 14.77
N GLN G 79 5.24 34.96 14.24
CA GLN G 79 4.13 34.07 14.57
C GLN G 79 4.16 32.83 13.70
N ALA G 80 3.69 31.72 14.26
CA ALA G 80 3.58 30.48 13.53
C ALA G 80 2.57 30.63 12.39
N GLY G 81 2.97 30.18 11.20
CA GLY G 81 2.16 30.35 10.02
C GLY G 81 2.24 31.72 9.40
N GLU G 82 2.99 32.64 9.99
CA GLU G 82 3.13 33.97 9.44
C GLU G 82 3.89 33.95 8.13
N MET G 83 3.61 34.94 7.31
CA MET G 83 4.25 35.10 6.01
C MET G 83 5.51 35.94 6.16
N VAL G 84 6.53 35.58 5.38
CA VAL G 84 7.79 36.30 5.35
C VAL G 84 8.15 36.55 3.89
N GLU G 85 8.96 37.58 3.67
CA GLU G 85 9.34 37.99 2.33
C GLU G 85 10.86 37.99 2.19
N PHE G 86 11.33 37.43 1.09
CA PHE G 86 12.75 37.38 0.78
C PHE G 86 13.16 38.61 -0.04
N LYS G 87 14.43 38.64 -0.42
CA LYS G 87 14.96 39.78 -1.17
C LYS G 87 14.30 39.90 -2.55
N SER G 88 14.22 38.79 -3.28
CA SER G 88 13.64 38.85 -4.62
C SER G 88 12.19 39.31 -4.57
N GLY G 89 11.44 38.89 -3.55
CA GLY G 89 10.05 39.28 -3.41
C GLY G 89 9.12 38.11 -3.25
N ILE G 90 9.66 36.89 -3.22
CA ILE G 90 8.84 35.71 -3.00
C ILE G 90 8.59 35.54 -1.52
N ARG G 91 7.42 34.99 -1.20
CA ARG G 91 6.95 34.83 0.16
C ARG G 91 7.38 33.50 0.76
N GLY G 92 7.21 33.38 2.06
CA GLY G 92 7.50 32.15 2.77
C GLY G 92 6.62 32.05 3.99
N MET G 93 6.37 30.81 4.42
CA MET G 93 5.48 30.53 5.53
C MET G 93 6.29 29.88 6.66
N ALA G 94 6.28 30.52 7.82
CA ALA G 94 7.04 30.07 8.99
C ALA G 94 6.28 29.00 9.74
N LEU G 95 6.62 27.73 9.47
CA LEU G 95 5.93 26.59 10.06
C LEU G 95 6.61 26.05 11.31
N ASN G 96 7.93 25.90 11.28
CA ASN G 96 8.69 25.32 12.40
C ASN G 96 9.37 26.42 13.19
N LEU G 97 8.96 26.59 14.44
CA LEU G 97 9.59 27.53 15.35
C LEU G 97 10.43 26.74 16.34
N GLU G 98 11.74 26.75 16.14
CA GLU G 98 12.68 26.04 16.98
C GLU G 98 13.53 27.01 17.77
N THR G 99 14.07 26.51 18.89
CA THR G 99 14.87 27.35 19.76
C THR G 99 16.04 27.98 19.02
N ASP G 100 16.57 27.29 18.02
CA ASP G 100 17.74 27.75 17.29
C ASP G 100 17.37 28.59 16.08
N ASN G 101 16.46 28.09 15.25
CA ASN G 101 16.15 28.72 13.98
C ASN G 101 14.64 28.64 13.74
N VAL G 102 14.25 29.01 12.53
CA VAL G 102 12.88 28.96 12.07
C VAL G 102 12.84 28.24 10.73
N GLY G 103 11.89 27.32 10.58
CA GLY G 103 11.72 26.59 9.35
C GLY G 103 10.68 27.23 8.46
N VAL G 104 11.12 27.73 7.31
CA VAL G 104 10.27 28.45 6.38
C VAL G 104 10.16 27.64 5.10
N VAL G 105 8.97 27.65 4.50
CA VAL G 105 8.72 27.01 3.22
C VAL G 105 8.60 28.10 2.16
N VAL G 106 9.35 27.94 1.08
CA VAL G 106 9.37 28.94 0.02
C VAL G 106 8.16 28.74 -0.88
N LEU G 107 7.37 29.80 -1.03
CA LEU G 107 6.16 29.75 -1.86
C LEU G 107 6.53 30.15 -3.29
N GLY G 108 7.36 29.31 -3.91
CA GLY G 108 7.79 29.57 -5.27
C GLY G 108 9.12 28.88 -5.56
N ASN G 109 9.79 29.40 -6.57
CA ASN G 109 11.08 28.87 -7.00
C ASN G 109 12.20 29.49 -6.17
N ASP G 110 13.05 28.64 -5.59
CA ASP G 110 14.07 29.04 -4.62
C ASP G 110 15.47 29.09 -5.22
N ARG G 111 15.61 29.47 -6.49
CA ARG G 111 16.95 29.53 -7.07
C ARG G 111 17.70 30.79 -6.65
N ASP G 112 16.99 31.92 -6.51
CA ASP G 112 17.65 33.16 -6.16
C ASP G 112 18.06 33.22 -4.69
N ILE G 113 17.44 32.40 -3.85
CA ILE G 113 17.75 32.41 -2.43
C ILE G 113 19.16 31.89 -2.19
N LYS G 114 19.89 32.57 -1.31
CA LYS G 114 21.26 32.23 -0.98
C LYS G 114 21.48 32.35 0.52
N GLU G 115 22.50 31.68 1.01
CA GLU G 115 22.87 31.79 2.41
C GLU G 115 23.20 33.23 2.75
N GLY G 116 22.74 33.67 3.93
CA GLY G 116 22.95 35.03 4.38
C GLY G 116 21.96 36.04 3.86
N ASP G 117 21.03 35.63 3.00
CA ASP G 117 20.02 36.53 2.50
C ASP G 117 19.11 37.00 3.63
N VAL G 118 18.36 38.05 3.35
CA VAL G 118 17.47 38.67 4.31
C VAL G 118 16.06 38.12 4.17
N VAL G 119 15.37 38.01 5.30
CA VAL G 119 14.00 37.53 5.37
C VAL G 119 13.24 38.48 6.26
N LYS G 120 12.27 39.19 5.70
CA LYS G 120 11.51 40.22 6.41
C LYS G 120 10.13 39.68 6.73
N ARG G 121 9.72 39.84 7.99
CA ARG G 121 8.41 39.37 8.41
C ARG G 121 7.35 40.41 8.09
N THR G 122 6.31 39.99 7.37
CA THR G 122 5.23 40.90 7.02
C THR G 122 4.35 41.18 8.23
N GLY G 123 4.16 40.18 9.08
CA GLY G 123 3.37 40.34 10.28
C GLY G 123 1.93 39.90 10.17
N ALA G 124 1.56 39.24 9.09
CA ALA G 124 0.19 38.81 8.86
C ALA G 124 0.15 37.36 8.40
N ILE G 125 -0.77 36.60 8.99
CA ILE G 125 -0.97 35.23 8.55
C ILE G 125 -1.39 35.23 7.08
N VAL G 126 -1.18 34.09 6.43
CA VAL G 126 -1.50 33.97 5.01
C VAL G 126 -2.96 34.32 4.80
N ASP G 127 -3.24 35.05 3.72
CA ASP G 127 -4.59 35.46 3.39
C ASP G 127 -4.71 35.59 1.89
N VAL G 128 -5.97 35.74 1.44
CA VAL G 128 -6.25 35.81 0.00
C VAL G 128 -7.37 36.80 -0.23
N PRO G 129 -7.35 37.45 -1.39
CA PRO G 129 -8.42 38.39 -1.74
C PRO G 129 -9.71 37.67 -2.09
N ILE G 130 -10.83 38.16 -1.55
CA ILE G 130 -12.14 37.57 -1.76
C ILE G 130 -13.11 38.64 -2.25
N GLY G 131 -14.15 38.17 -2.92
CA GLY G 131 -15.19 39.05 -3.41
C GLY G 131 -15.87 38.45 -4.63
N GLU G 132 -16.69 39.27 -5.28
CA GLU G 132 -17.39 38.85 -6.48
C GLU G 132 -16.54 39.02 -7.73
N ALA G 133 -15.65 40.01 -7.74
CA ALA G 133 -14.81 40.24 -8.90
C ALA G 133 -13.93 39.04 -9.22
N MET G 134 -13.83 38.09 -8.30
CA MET G 134 -13.05 36.88 -8.54
C MET G 134 -13.66 36.07 -9.67
N CYS G 135 -14.99 36.03 -9.72
CA CYS G 135 -15.71 35.21 -10.69
C CYS G 135 -15.27 35.54 -12.11
N GLY G 136 -15.01 34.50 -12.88
CA GLY G 136 -14.57 34.64 -14.26
C GLY G 136 -13.08 34.79 -14.42
N ARG G 137 -12.31 34.49 -13.39
CA ARG G 137 -10.87 34.65 -13.39
C ARG G 137 -10.22 33.33 -13.01
N VAL G 138 -8.90 33.29 -13.18
CA VAL G 138 -8.09 32.14 -12.82
C VAL G 138 -6.94 32.65 -11.95
N PHE G 139 -6.83 32.11 -10.75
CA PHE G 139 -5.83 32.56 -9.79
C PHE G 139 -4.89 31.41 -9.46
N ASP G 140 -3.88 31.73 -8.67
CA ASP G 140 -3.00 30.74 -8.09
C ASP G 140 -3.40 30.57 -6.63
N ALA G 141 -2.62 29.77 -5.89
CA ALA G 141 -2.95 29.51 -4.51
C ALA G 141 -3.01 30.81 -3.71
N LEU G 142 -2.04 31.69 -3.91
CA LEU G 142 -1.95 32.93 -3.14
C LEU G 142 -3.03 33.92 -3.53
N GLY G 143 -3.63 33.78 -4.72
CA GLY G 143 -4.65 34.69 -5.18
C GLY G 143 -4.25 35.57 -6.34
N ASN G 144 -3.02 35.45 -6.84
CA ASN G 144 -2.60 36.27 -7.96
C ASN G 144 -3.24 35.78 -9.26
N PRO G 145 -3.78 36.67 -10.08
CA PRO G 145 -4.42 36.24 -11.34
C PRO G 145 -3.40 35.87 -12.39
N ILE G 146 -3.57 34.68 -12.98
CA ILE G 146 -2.73 34.22 -14.08
C ILE G 146 -3.46 34.28 -15.40
N ASP G 147 -4.63 34.93 -15.47
CA ASP G 147 -5.35 35.05 -16.72
C ASP G 147 -4.65 35.99 -17.70
N GLY G 148 -4.00 37.03 -17.21
CA GLY G 148 -3.48 38.07 -18.05
C GLY G 148 -4.49 39.14 -18.42
N LEU G 149 -5.73 39.03 -17.96
CA LEU G 149 -6.73 40.05 -18.28
C LEU G 149 -6.39 41.37 -17.62
N GLY G 150 -6.28 41.37 -16.29
CA GLY G 150 -5.93 42.57 -15.57
C GLY G 150 -5.81 42.35 -14.08
N PRO G 151 -5.28 43.34 -13.38
CA PRO G 151 -5.16 43.24 -11.93
C PRO G 151 -6.52 43.03 -11.28
N LEU G 152 -6.49 42.41 -10.11
CA LEU G 152 -7.71 42.10 -9.38
C LEU G 152 -8.17 43.33 -8.63
N LYS G 153 -9.40 43.76 -8.91
CA LYS G 153 -9.97 44.95 -8.26
C LYS G 153 -10.83 44.47 -7.10
N THR G 154 -10.21 44.34 -5.93
CA THR G 154 -10.89 43.85 -4.75
C THR G 154 -10.27 44.51 -3.53
N THR G 155 -11.04 44.52 -2.43
CA THR G 155 -10.60 45.13 -1.19
C THR G 155 -10.64 44.20 0.02
N GLN G 156 -11.25 43.03 -0.10
CA GLN G 156 -11.43 42.12 1.02
C GLN G 156 -10.39 41.01 0.95
N ARG G 157 -9.70 40.80 2.08
CA ARG G 157 -8.71 39.74 2.24
C ARG G 157 -9.06 38.93 3.47
N ALA G 158 -9.22 37.62 3.30
CA ALA G 158 -9.62 36.74 4.39
C ALA G 158 -8.50 35.77 4.73
N ARG G 159 -8.40 35.45 6.01
CA ARG G 159 -7.39 34.49 6.46
C ARG G 159 -7.72 33.11 5.91
N VAL G 160 -6.68 32.39 5.48
CA VAL G 160 -6.88 31.09 4.85
C VAL G 160 -7.31 30.05 5.85
N GLU G 161 -6.68 30.02 7.03
CA GLU G 161 -6.98 29.02 8.04
C GLU G 161 -7.71 29.68 9.20
N ILE G 162 -8.98 29.33 9.35
CA ILE G 162 -9.85 29.88 10.38
C ILE G 162 -10.65 28.73 10.98
N LYS G 163 -11.07 28.91 12.22
CA LYS G 163 -11.84 27.87 12.89
C LYS G 163 -13.16 27.66 12.17
N ALA G 164 -13.55 26.40 12.05
CA ALA G 164 -14.77 26.05 11.33
C ALA G 164 -16.00 26.46 12.13
N PRO G 165 -17.15 26.51 11.49
CA PRO G 165 -18.38 26.92 12.18
C PRO G 165 -18.76 25.94 13.26
N GLY G 166 -19.33 26.48 14.34
CA GLY G 166 -19.77 25.69 15.45
C GLY G 166 -20.99 24.86 15.15
N ILE G 167 -21.58 24.35 16.23
CA ILE G 167 -22.76 23.50 16.10
C ILE G 167 -24.02 24.34 15.93
N ILE G 168 -24.08 25.51 16.56
CA ILE G 168 -25.28 26.35 16.54
C ILE G 168 -25.44 27.03 15.19
N PRO G 169 -24.42 27.68 14.65
CA PRO G 169 -24.60 28.39 13.38
C PRO G 169 -25.14 27.54 12.26
N ARG G 170 -24.86 26.24 12.28
CA ARG G 170 -25.26 25.38 11.19
C ARG G 170 -26.78 25.15 11.22
N GLN G 171 -27.24 24.38 10.25
CA GLN G 171 -28.66 24.12 10.07
C GLN G 171 -28.78 22.87 9.22
N SER G 172 -29.95 22.23 9.30
CA SER G 172 -30.17 21.01 8.53
C SER G 172 -30.14 21.31 7.04
N VAL G 173 -29.59 20.38 6.28
CA VAL G 173 -29.47 20.52 4.84
C VAL G 173 -30.79 20.12 4.19
N ARG G 174 -31.43 21.07 3.51
CA ARG G 174 -32.73 20.81 2.93
C ARG G 174 -32.90 21.43 1.54
N GLN G 175 -31.81 21.80 0.87
CA GLN G 175 -31.90 22.37 -0.47
C GLN G 175 -31.09 21.54 -1.45
N PRO G 176 -31.64 21.24 -2.63
CA PRO G 176 -30.92 20.41 -3.62
C PRO G 176 -29.84 21.18 -4.38
N MET G 177 -28.73 20.50 -4.62
CA MET G 177 -27.66 21.00 -5.47
C MET G 177 -27.67 20.15 -6.74
N GLN G 178 -28.32 20.64 -7.78
CA GLN G 178 -28.55 19.87 -8.99
C GLN G 178 -27.27 19.76 -9.80
N THR G 179 -26.75 18.55 -9.92
CA THR G 179 -25.56 18.31 -10.73
C THR G 179 -25.89 18.18 -12.21
N GLY G 180 -27.10 17.74 -12.53
CA GLY G 180 -27.47 17.50 -13.90
C GLY G 180 -27.26 16.07 -14.34
N ILE G 181 -26.72 15.23 -13.47
CA ILE G 181 -26.54 13.82 -13.76
C ILE G 181 -27.74 13.06 -13.22
N LYS G 182 -28.38 12.29 -14.09
CA LYS G 182 -29.58 11.56 -13.69
C LYS G 182 -29.28 10.61 -12.54
N CYS G 183 -28.25 9.78 -12.69
CA CYS G 183 -27.94 8.81 -11.66
C CYS G 183 -27.65 9.48 -10.32
N VAL G 184 -26.96 10.60 -10.34
CA VAL G 184 -26.60 11.28 -9.10
C VAL G 184 -27.81 11.98 -8.50
N ASP G 185 -28.50 12.78 -9.29
CA ASP G 185 -29.62 13.56 -8.78
C ASP G 185 -30.75 12.69 -8.25
N SER G 186 -30.82 11.43 -8.67
CA SER G 186 -31.88 10.52 -8.25
C SER G 186 -31.43 9.54 -7.18
N LEU G 187 -30.29 8.88 -7.38
CA LEU G 187 -29.83 7.86 -6.44
C LEU G 187 -28.95 8.45 -5.35
N VAL G 188 -28.11 9.42 -5.69
CA VAL G 188 -27.17 9.98 -4.73
C VAL G 188 -27.41 11.48 -4.65
N PRO G 189 -28.52 11.91 -4.05
CA PRO G 189 -28.81 13.33 -3.99
C PRO G 189 -27.81 14.09 -3.14
N ILE G 190 -27.43 15.26 -3.62
CA ILE G 190 -26.49 16.14 -2.95
C ILE G 190 -27.23 17.39 -2.50
N GLY G 191 -27.18 17.67 -1.21
CA GLY G 191 -27.83 18.82 -0.64
C GLY G 191 -26.83 19.92 -0.35
N ARG G 192 -27.28 21.17 -0.49
CA ARG G 192 -26.42 22.31 -0.27
C ARG G 192 -25.97 22.35 1.18
N GLY G 193 -24.65 22.37 1.37
CA GLY G 193 -24.05 22.36 2.69
C GLY G 193 -23.44 21.03 3.07
N GLN G 194 -23.60 20.00 2.25
CA GLN G 194 -23.05 18.69 2.55
C GLN G 194 -21.75 18.48 1.78
N ARG G 195 -21.11 17.36 2.08
CA ARG G 195 -19.82 17.02 1.48
C ARG G 195 -19.92 15.64 0.84
N GLU G 196 -19.81 15.61 -0.48
CA GLU G 196 -19.86 14.38 -1.25
C GLU G 196 -18.50 14.11 -1.87
N LEU G 197 -18.05 12.87 -1.81
CA LEU G 197 -16.73 12.48 -2.25
C LEU G 197 -16.81 11.73 -3.57
N ILE G 198 -16.24 12.32 -4.62
CA ILE G 198 -16.12 11.67 -5.91
C ILE G 198 -14.81 10.87 -5.88
N ILE G 199 -14.93 9.57 -5.68
CA ILE G 199 -13.77 8.69 -5.53
C ILE G 199 -13.76 7.68 -6.67
N GLY G 200 -12.60 7.47 -7.26
CA GLY G 200 -12.47 6.51 -8.34
C GLY G 200 -11.04 6.41 -8.79
N ASP G 201 -10.85 5.58 -9.80
CA ASP G 201 -9.55 5.39 -10.44
C ASP G 201 -9.34 6.42 -11.54
N ARG G 202 -8.16 6.37 -12.15
CA ARG G 202 -7.83 7.30 -13.22
C ARG G 202 -8.66 7.01 -14.47
N GLN G 203 -9.14 8.08 -15.09
CA GLN G 203 -9.89 8.00 -16.34
C GLN G 203 -11.20 7.24 -16.15
N THR G 204 -11.92 7.58 -15.08
CA THR G 204 -13.23 7.02 -14.81
C THR G 204 -14.33 8.07 -14.87
N GLY G 205 -14.00 9.31 -15.19
CA GLY G 205 -14.99 10.35 -15.29
C GLY G 205 -15.20 11.16 -14.04
N LYS G 206 -14.16 11.34 -13.24
CA LYS G 206 -14.31 12.12 -12.01
C LYS G 206 -14.46 13.59 -12.32
N THR G 207 -13.56 14.14 -13.11
CA THR G 207 -13.63 15.55 -13.45
C THR G 207 -14.85 15.87 -14.30
N ALA G 208 -15.35 14.89 -15.05
CA ALA G 208 -16.51 15.14 -15.92
C ALA G 208 -17.74 15.49 -15.10
N ILE G 209 -17.93 14.83 -13.97
CA ILE G 209 -19.09 15.10 -13.13
C ILE G 209 -19.07 16.52 -12.61
N ALA G 210 -17.90 16.98 -12.16
CA ALA G 210 -17.81 18.34 -11.65
C ALA G 210 -18.09 19.36 -12.73
N ILE G 211 -17.55 19.16 -13.93
CA ILE G 211 -17.79 20.09 -15.02
C ILE G 211 -19.27 20.12 -15.38
N ASP G 212 -19.92 18.96 -15.39
CA ASP G 212 -21.33 18.93 -15.73
C ASP G 212 -22.16 19.65 -14.69
N THR G 213 -21.77 19.54 -13.42
CA THR G 213 -22.45 20.27 -12.37
C THR G 213 -22.37 21.77 -12.59
N ILE G 214 -21.17 22.27 -12.92
CA ILE G 214 -20.99 23.70 -13.16
C ILE G 214 -21.87 24.18 -14.31
N LEU G 215 -21.98 23.38 -15.37
CA LEU G 215 -22.80 23.79 -16.50
C LEU G 215 -24.27 23.91 -16.13
N ASN G 216 -24.77 22.98 -15.31
CA ASN G 216 -26.18 22.99 -14.97
C ASN G 216 -26.56 24.28 -14.26
N GLN G 217 -25.66 24.81 -13.43
CA GLN G 217 -25.92 26.04 -12.68
C GLN G 217 -26.12 27.24 -13.59
N LYS G 218 -25.68 27.16 -14.84
CA LYS G 218 -25.67 28.33 -15.71
C LYS G 218 -27.08 28.87 -15.97
N GLU G 219 -28.05 27.97 -16.07
CA GLU G 219 -29.41 28.40 -16.39
C GLU G 219 -29.97 29.30 -15.30
N ALA G 220 -29.68 28.98 -14.05
CA ALA G 220 -30.17 29.79 -12.94
C ALA G 220 -29.60 31.19 -12.96
N PHE G 221 -28.32 31.34 -13.28
CA PHE G 221 -27.73 32.67 -13.30
C PHE G 221 -28.36 33.54 -14.38
N ASN G 222 -28.56 32.98 -15.58
CA ASN G 222 -29.14 33.76 -16.66
C ASN G 222 -30.53 34.26 -16.27
N THR G 223 -31.36 33.37 -15.73
CA THR G 223 -32.67 33.75 -15.24
C THR G 223 -32.53 34.36 -13.86
N GLY G 224 -33.29 35.42 -13.60
CA GLY G 224 -33.14 36.12 -12.35
C GLY G 224 -33.74 35.42 -11.14
N ASP G 225 -33.21 34.25 -10.79
CA ASP G 225 -33.61 33.52 -9.59
C ASP G 225 -32.39 33.38 -8.70
N VAL G 226 -32.28 34.26 -7.71
CA VAL G 226 -31.09 34.29 -6.87
C VAL G 226 -31.09 33.12 -5.89
N LYS G 227 -32.27 32.63 -5.51
CA LYS G 227 -32.39 31.58 -4.52
C LYS G 227 -31.80 30.26 -5.00
N LYS G 228 -31.45 30.15 -6.28
CA LYS G 228 -30.88 28.95 -6.84
C LYS G 228 -29.50 29.17 -7.46
N GLN G 229 -28.99 30.38 -7.45
CA GLN G 229 -27.66 30.62 -7.98
C GLN G 229 -26.62 29.95 -7.11
N LEU G 230 -25.65 29.30 -7.75
CA LEU G 230 -24.62 28.52 -7.06
C LEU G 230 -23.28 28.85 -7.69
N TYR G 231 -22.49 29.68 -7.03
CA TYR G 231 -21.16 29.99 -7.51
C TYR G 231 -20.28 28.75 -7.41
N CYS G 232 -19.60 28.41 -8.50
CA CYS G 232 -18.79 27.21 -8.59
C CYS G 232 -17.30 27.57 -8.49
N ILE G 233 -16.60 26.89 -7.61
CA ILE G 233 -15.17 27.07 -7.42
C ILE G 233 -14.46 25.77 -7.74
N TYR G 234 -13.47 25.83 -8.62
CA TYR G 234 -12.72 24.66 -9.06
C TYR G 234 -11.28 24.84 -8.65
N VAL G 235 -10.80 23.98 -7.75
CA VAL G 235 -9.44 24.01 -7.26
C VAL G 235 -8.67 22.87 -7.92
N ALA G 236 -7.67 23.23 -8.73
CA ALA G 236 -6.87 22.25 -9.45
C ALA G 236 -5.52 22.10 -8.75
N VAL G 237 -5.30 20.92 -8.19
CA VAL G 237 -4.09 20.61 -7.43
C VAL G 237 -3.31 19.57 -8.21
N GLY G 238 -2.08 19.90 -8.55
CA GLY G 238 -1.19 18.98 -9.23
C GLY G 238 -1.72 18.52 -10.56
N GLN G 239 -2.03 19.48 -11.44
CA GLN G 239 -2.52 19.18 -12.78
C GLN G 239 -1.75 20.00 -13.80
N LYS G 240 -1.51 19.38 -14.96
CA LYS G 240 -0.84 20.06 -16.05
C LYS G 240 -1.67 21.25 -16.52
N ARG G 241 -1.00 22.39 -16.68
CA ARG G 241 -1.69 23.62 -17.06
C ARG G 241 -2.48 23.46 -18.35
N SER G 242 -2.05 22.56 -19.23
CA SER G 242 -2.80 22.32 -20.46
C SER G 242 -4.20 21.83 -20.17
N THR G 243 -4.34 20.96 -19.17
CA THR G 243 -5.65 20.43 -18.82
C THR G 243 -6.58 21.52 -18.31
N ILE G 244 -6.07 22.39 -17.44
CA ILE G 244 -6.87 23.49 -16.92
C ILE G 244 -7.25 24.46 -18.03
N ALA G 245 -6.34 24.69 -18.97
CA ALA G 245 -6.66 25.59 -20.07
C ALA G 245 -7.79 25.04 -20.94
N ASN G 246 -7.75 23.74 -21.24
CA ASN G 246 -8.85 23.15 -21.99
C ASN G 246 -10.15 23.28 -21.21
N LEU G 247 -10.08 23.10 -19.90
CA LEU G 247 -11.28 23.18 -19.08
C LEU G 247 -11.86 24.58 -19.07
N VAL G 248 -10.99 25.60 -18.98
CA VAL G 248 -11.47 26.97 -19.01
C VAL G 248 -12.07 27.31 -20.36
N SER G 249 -11.49 26.79 -21.45
CA SER G 249 -12.06 27.03 -22.76
C SER G 249 -13.44 26.39 -22.87
N ILE G 250 -13.60 25.19 -22.31
CA ILE G 250 -14.90 24.55 -22.30
C ILE G 250 -15.91 25.39 -21.55
N LEU G 251 -15.51 25.91 -20.38
CA LEU G 251 -16.41 26.75 -19.60
C LEU G 251 -16.79 28.01 -20.37
N LYS G 252 -15.82 28.64 -21.02
CA LYS G 252 -16.12 29.84 -21.80
C LYS G 252 -17.06 29.49 -22.95
N GLN G 253 -16.84 28.35 -23.59
CA GLN G 253 -17.69 27.93 -24.70
C GLN G 253 -19.16 27.89 -24.29
N HIS G 254 -19.45 27.31 -23.13
CA HIS G 254 -20.81 27.27 -22.61
C HIS G 254 -21.17 28.52 -21.82
N ASP G 255 -20.29 29.51 -21.77
CA ASP G 255 -20.54 30.76 -21.05
C ASP G 255 -20.76 30.55 -19.56
N CYS G 256 -20.30 29.42 -19.02
CA CYS G 256 -20.44 29.12 -17.61
C CYS G 256 -19.29 29.66 -16.77
N MET G 257 -18.38 30.42 -17.38
CA MET G 257 -17.23 30.94 -16.65
C MET G 257 -17.56 32.22 -15.90
N LYS G 258 -18.65 32.90 -16.25
CA LYS G 258 -18.98 34.16 -15.62
C LYS G 258 -19.24 34.01 -14.13
N PHE G 259 -19.53 32.80 -13.66
CA PHE G 259 -19.84 32.54 -12.27
C PHE G 259 -18.94 31.47 -11.68
N THR G 260 -17.77 31.25 -12.26
CA THR G 260 -16.86 30.22 -11.80
C THR G 260 -15.53 30.84 -11.42
N ILE G 261 -14.87 30.23 -10.45
CA ILE G 261 -13.55 30.64 -9.99
C ILE G 261 -12.64 29.43 -10.03
N VAL G 262 -11.47 29.59 -10.66
CA VAL G 262 -10.52 28.51 -10.85
C VAL G 262 -9.24 28.87 -10.11
N VAL G 263 -8.88 28.04 -9.13
CA VAL G 263 -7.62 28.17 -8.39
C VAL G 263 -6.70 27.07 -8.89
N CYS G 264 -5.50 27.45 -9.30
CA CYS G 264 -4.56 26.54 -9.96
C CYS G 264 -3.30 26.40 -9.12
N ALA G 265 -2.98 25.16 -8.76
CA ALA G 265 -1.69 24.81 -8.14
C ALA G 265 -1.17 23.61 -8.91
N THR G 266 -0.45 23.89 -9.99
CA THR G 266 -0.04 22.87 -10.94
C THR G 266 1.20 22.12 -10.44
N ALA G 267 1.56 21.07 -11.18
CA ALA G 267 2.65 20.20 -10.78
C ALA G 267 3.97 20.94 -10.66
N SER G 268 4.19 21.95 -11.52
CA SER G 268 5.43 22.70 -11.41
C SER G 268 5.45 23.60 -10.19
N ASP G 269 4.28 23.98 -9.69
CA ASP G 269 4.22 24.83 -8.52
C ASP G 269 4.83 24.12 -7.32
N ALA G 270 5.33 24.90 -6.38
CA ALA G 270 5.92 24.33 -5.18
C ALA G 270 4.87 23.60 -4.36
N ALA G 271 5.34 22.61 -3.61
CA ALA G 271 4.45 21.81 -2.76
C ALA G 271 3.60 22.66 -1.83
N PRO G 272 4.12 23.69 -1.17
CA PRO G 272 3.27 24.50 -0.29
C PRO G 272 2.09 25.12 -1.00
N LEU G 273 2.25 25.49 -2.26
CA LEU G 273 1.14 26.04 -3.02
C LEU G 273 0.04 25.01 -3.21
N GLN G 274 0.42 23.78 -3.55
CA GLN G 274 -0.57 22.72 -3.67
C GLN G 274 -1.22 22.44 -2.34
N PHE G 275 -0.52 22.72 -1.24
CA PHE G 275 -1.05 22.53 0.10
C PHE G 275 -2.02 23.62 0.51
N LEU G 276 -1.80 24.86 0.05
CA LEU G 276 -2.65 25.97 0.44
C LEU G 276 -3.80 26.24 -0.50
N ALA G 277 -3.70 25.80 -1.76
CA ALA G 277 -4.76 26.08 -2.72
C ALA G 277 -6.13 25.62 -2.23
N PRO G 278 -6.31 24.40 -1.75
CA PRO G 278 -7.64 24.02 -1.26
C PRO G 278 -8.14 24.92 -0.15
N TYR G 279 -7.25 25.30 0.78
CA TYR G 279 -7.65 26.17 1.87
C TYR G 279 -7.94 27.58 1.36
N SER G 280 -7.18 28.05 0.38
CA SER G 280 -7.44 29.35 -0.21
C SER G 280 -8.80 29.36 -0.89
N GLY G 281 -9.10 28.35 -1.68
CA GLY G 281 -10.40 28.26 -2.31
C GLY G 281 -11.54 28.21 -1.32
N CYS G 282 -11.37 27.46 -0.23
CA CYS G 282 -12.43 27.35 0.75
C CYS G 282 -12.75 28.69 1.39
N ALA G 283 -11.72 29.52 1.60
CA ALA G 283 -11.95 30.83 2.19
C ALA G 283 -12.73 31.71 1.23
N ILE G 284 -12.40 31.65 -0.05
CA ILE G 284 -13.17 32.38 -1.06
C ILE G 284 -14.63 31.96 -1.00
N GLY G 285 -14.87 30.68 -0.73
CA GLY G 285 -16.24 30.20 -0.62
C GLY G 285 -16.94 30.67 0.63
N GLU G 286 -16.20 30.75 1.74
CA GLU G 286 -16.79 31.25 2.98
C GLU G 286 -17.32 32.66 2.81
N PHE G 287 -16.74 33.46 1.92
CA PHE G 287 -17.30 34.76 1.62
C PHE G 287 -18.77 34.65 1.25
N PHE G 288 -19.05 33.86 0.22
CA PHE G 288 -20.43 33.66 -0.20
C PHE G 288 -21.26 33.03 0.90
N ARG G 289 -20.69 32.08 1.64
CA ARG G 289 -21.42 31.40 2.70
C ARG G 289 -21.88 32.40 3.76
N ASP G 290 -20.98 33.25 4.22
CA ASP G 290 -21.31 34.19 5.27
C ASP G 290 -22.19 35.32 4.78
N ASN G 291 -22.28 35.52 3.47
CA ASN G 291 -23.05 36.60 2.87
C ASN G 291 -24.36 36.11 2.27
N GLY G 292 -24.93 35.06 2.84
CA GLY G 292 -26.23 34.55 2.41
C GLY G 292 -26.24 33.88 1.06
N LYS G 293 -25.10 33.73 0.40
CA LYS G 293 -25.03 33.09 -0.90
C LYS G 293 -24.66 31.62 -0.76
N HIS G 294 -24.71 30.92 -1.89
CA HIS G 294 -24.40 29.50 -1.96
C HIS G 294 -23.23 29.28 -2.91
N ALA G 295 -22.25 28.52 -2.46
CA ALA G 295 -21.04 28.26 -3.23
C ALA G 295 -20.72 26.77 -3.27
N LEU G 296 -20.27 26.32 -4.44
CA LEU G 296 -19.83 24.95 -4.66
C LEU G 296 -18.34 24.94 -4.96
N ILE G 297 -17.56 24.32 -4.08
CA ILE G 297 -16.11 24.23 -4.23
C ILE G 297 -15.75 22.81 -4.59
N ILE G 298 -14.99 22.66 -5.67
CA ILE G 298 -14.59 21.36 -6.20
C ILE G 298 -13.08 21.22 -6.03
N TYR G 299 -12.66 20.44 -5.03
CA TYR G 299 -11.25 20.14 -4.84
C TYR G 299 -10.84 19.01 -5.76
N ASP G 300 -10.01 19.31 -6.76
CA ASP G 300 -9.40 18.24 -7.53
C ASP G 300 -8.58 17.38 -6.58
N ASP G 301 -8.01 16.28 -7.09
CA ASP G 301 -7.54 15.20 -6.24
C ASP G 301 -6.89 15.74 -4.97
N LEU G 302 -7.47 15.37 -3.83
CA LEU G 302 -6.88 15.69 -2.55
C LEU G 302 -5.71 14.78 -2.22
N SER G 303 -5.60 13.64 -2.91
CA SER G 303 -4.43 12.80 -2.78
C SER G 303 -3.17 13.56 -3.15
N LYS G 304 -3.28 14.44 -4.14
CA LYS G 304 -2.13 15.25 -4.56
C LYS G 304 -1.77 16.29 -3.50
N GLN G 305 -2.78 16.86 -2.84
CA GLN G 305 -2.50 17.78 -1.74
C GLN G 305 -1.80 17.08 -0.60
N ALA G 306 -2.19 15.83 -0.33
CA ALA G 306 -1.53 15.06 0.72
C ALA G 306 -0.09 14.78 0.36
N VAL G 307 0.19 14.50 -0.91
CA VAL G 307 1.55 14.28 -1.35
C VAL G 307 2.40 15.52 -1.15
N ALA G 308 1.85 16.68 -1.51
CA ALA G 308 2.58 17.93 -1.32
C ALA G 308 2.84 18.20 0.16
N TYR G 309 1.85 17.93 1.01
CA TYR G 309 2.03 18.13 2.44
C TYR G 309 3.08 17.17 2.98
N ARG G 310 3.05 15.93 2.52
CA ARG G 310 4.06 14.96 2.92
C ARG G 310 5.45 15.43 2.53
N GLN G 311 5.59 15.93 1.30
CA GLN G 311 6.87 16.45 0.85
C GLN G 311 7.32 17.63 1.70
N MET G 312 6.43 18.60 1.89
CA MET G 312 6.80 19.78 2.64
C MET G 312 7.15 19.45 4.09
N SER G 313 6.51 18.42 4.65
CA SER G 313 6.78 18.03 6.03
C SER G 313 8.06 17.21 6.15
N LEU G 314 8.27 16.26 5.24
CA LEU G 314 9.50 15.46 5.29
C LEU G 314 10.73 16.34 5.13
N LEU G 315 10.68 17.30 4.21
CA LEU G 315 11.79 18.22 4.03
C LEU G 315 12.02 19.07 5.27
N LEU G 316 11.00 19.20 6.11
CA LEU G 316 11.12 19.91 7.39
C LEU G 316 11.63 19.00 8.49
N ARG G 317 12.02 17.77 8.17
CA ARG G 317 12.57 16.82 9.13
C ARG G 317 11.54 16.37 10.14
N ARG G 318 10.28 16.35 9.77
CA ARG G 318 9.28 15.86 10.71
C ARG G 318 9.12 14.36 10.59
N PRO G 319 8.94 13.65 11.70
CA PRO G 319 8.86 12.19 11.66
C PRO G 319 7.69 11.72 10.83
N PRO G 320 7.93 10.79 9.90
CA PRO G 320 6.86 10.31 9.01
C PRO G 320 6.03 9.18 9.60
N GLY G 321 4.81 9.07 9.09
CA GLY G 321 3.88 8.03 9.44
C GLY G 321 3.80 6.96 8.36
N ARG G 322 2.72 6.19 8.42
CA ARG G 322 2.51 5.12 7.45
C ARG G 322 2.40 5.70 6.05
N GLU G 323 3.10 5.07 5.10
CA GLU G 323 3.23 5.55 3.73
C GLU G 323 3.92 6.90 3.68
N ALA G 324 4.72 7.20 4.70
CA ALA G 324 5.51 8.41 4.83
C ALA G 324 4.66 9.65 5.04
N TYR G 325 3.35 9.53 5.13
CA TYR G 325 2.53 10.71 5.35
C TYR G 325 2.68 11.16 6.79
N PRO G 326 2.62 12.47 7.04
CA PRO G 326 2.64 12.96 8.42
C PRO G 326 1.50 12.37 9.24
N GLY G 327 1.67 12.41 10.55
CA GLY G 327 0.69 11.83 11.43
C GLY G 327 -0.67 12.48 11.32
N ASP G 328 -0.68 13.78 11.01
CA ASP G 328 -1.90 14.59 11.09
C ASP G 328 -2.47 14.91 9.71
N VAL G 329 -2.31 13.99 8.77
CA VAL G 329 -2.90 14.19 7.45
C VAL G 329 -4.42 14.19 7.54
N PHE G 330 -4.99 13.31 8.38
CA PHE G 330 -6.43 13.33 8.60
C PHE G 330 -6.91 14.69 9.08
N TYR G 331 -6.16 15.33 9.98
CA TYR G 331 -6.54 16.65 10.45
C TYR G 331 -6.52 17.67 9.32
N LEU G 332 -5.54 17.55 8.42
CA LEU G 332 -5.49 18.41 7.26
C LEU G 332 -6.80 18.41 6.50
N HIS G 333 -7.22 17.22 6.04
CA HIS G 333 -8.42 17.12 5.22
C HIS G 333 -9.69 17.43 6.01
N SER G 334 -9.73 17.05 7.28
CA SER G 334 -10.92 17.29 8.09
C SER G 334 -11.13 18.77 8.36
N ARG G 335 -10.08 19.45 8.76
CA ARG G 335 -10.18 20.89 9.00
C ARG G 335 -10.61 21.63 7.75
N LEU G 336 -10.22 21.13 6.59
CA LEU G 336 -10.64 21.72 5.33
C LEU G 336 -12.11 21.46 5.07
N LEU G 337 -12.52 20.20 5.12
CA LEU G 337 -13.85 19.83 4.69
C LEU G 337 -14.91 20.21 5.70
N GLU G 338 -14.57 20.27 6.98
CA GLU G 338 -15.53 20.61 8.00
C GLU G 338 -15.99 22.07 7.87
N ARG G 339 -15.30 22.84 7.04
CA ARG G 339 -15.67 24.24 6.81
C ARG G 339 -17.01 24.33 6.10
N ALA G 340 -17.24 23.43 5.15
CA ALA G 340 -18.47 23.41 4.38
C ALA G 340 -19.66 23.16 5.30
N ALA G 341 -20.62 24.07 5.27
CA ALA G 341 -21.76 23.98 6.18
C ALA G 341 -22.90 24.80 5.61
N LYS G 342 -24.07 24.61 6.22
CA LYS G 342 -25.29 25.32 5.88
C LYS G 342 -25.61 26.22 7.06
N MET G 343 -25.23 27.49 6.95
CA MET G 343 -25.43 28.43 8.04
C MET G 343 -26.92 28.65 8.27
N ASN G 344 -27.25 29.03 9.50
CA ASN G 344 -28.64 29.23 9.87
C ASN G 344 -29.15 30.55 9.31
N ASP G 345 -30.48 30.70 9.33
CA ASP G 345 -31.11 31.89 8.79
C ASP G 345 -30.69 33.16 9.51
N SER G 346 -30.26 33.05 10.77
CA SER G 346 -29.84 34.23 11.51
C SER G 346 -28.60 34.87 10.90
N LEU G 347 -27.78 34.09 10.21
CA LEU G 347 -26.54 34.57 9.62
C LEU G 347 -26.63 34.74 8.11
N GLY G 348 -27.78 34.46 7.51
CA GLY G 348 -27.98 34.65 6.09
C GLY G 348 -28.38 33.40 5.34
N GLY G 349 -28.29 32.23 5.94
CA GLY G 349 -28.68 31.03 5.23
C GLY G 349 -27.75 30.63 4.11
N GLY G 350 -26.56 31.19 4.06
CA GLY G 350 -25.60 30.79 3.07
C GLY G 350 -25.13 29.36 3.27
N SER G 351 -24.47 28.86 2.24
CA SER G 351 -24.01 27.48 2.25
C SER G 351 -22.78 27.33 1.38
N LEU G 352 -21.92 26.40 1.77
CA LEU G 352 -20.75 26.02 0.99
C LEU G 352 -20.80 24.51 0.82
N THR G 353 -20.84 24.06 -0.42
CA THR G 353 -20.91 22.65 -0.75
C THR G 353 -19.60 22.21 -1.38
N ALA G 354 -19.06 21.11 -0.88
CA ALA G 354 -17.76 20.60 -1.32
C ALA G 354 -17.92 19.28 -2.06
N LEU G 355 -17.13 19.12 -3.12
CA LEU G 355 -17.09 17.88 -3.89
C LEU G 355 -15.63 17.47 -4.04
N PRO G 356 -15.00 17.02 -2.97
CA PRO G 356 -13.61 16.58 -3.08
C PRO G 356 -13.47 15.35 -3.95
N VAL G 357 -12.34 15.29 -4.66
CA VAL G 357 -12.02 14.19 -5.55
C VAL G 357 -10.86 13.40 -4.98
N ILE G 358 -10.94 12.09 -5.10
CA ILE G 358 -9.93 11.18 -4.59
C ILE G 358 -9.62 10.17 -5.67
N GLU G 359 -8.34 9.99 -5.97
CA GLU G 359 -7.90 9.02 -6.96
C GLU G 359 -7.35 7.79 -6.27
N THR G 360 -7.82 6.63 -6.69
CA THR G 360 -7.40 5.36 -6.14
C THR G 360 -6.49 4.66 -7.14
N GLN G 361 -5.58 3.83 -6.62
CA GLN G 361 -4.58 3.20 -7.48
C GLN G 361 -5.19 2.08 -8.31
N ALA G 362 -5.71 1.04 -7.66
CA ALA G 362 -6.28 -0.11 -8.34
C ALA G 362 -7.67 -0.42 -7.82
N GLY G 363 -8.45 0.63 -7.55
CA GLY G 363 -9.75 0.42 -6.98
C GLY G 363 -9.75 -0.01 -5.54
N ASP G 364 -8.63 0.17 -4.83
CA ASP G 364 -8.56 -0.18 -3.42
C ASP G 364 -8.89 1.06 -2.61
N VAL G 365 -10.09 1.10 -2.06
CA VAL G 365 -10.54 2.21 -1.22
C VAL G 365 -10.09 1.93 0.20
N SER G 366 -9.32 0.86 0.40
CA SER G 366 -8.79 0.52 1.70
C SER G 366 -7.50 1.25 2.02
N ALA G 367 -7.00 2.06 1.09
CA ALA G 367 -5.78 2.80 1.32
C ALA G 367 -5.96 3.79 2.47
N TYR G 368 -4.86 4.42 2.85
CA TYR G 368 -4.85 5.30 4.01
C TYR G 368 -5.64 6.59 3.73
N ILE G 369 -5.21 7.36 2.73
CA ILE G 369 -5.87 8.62 2.43
C ILE G 369 -7.31 8.44 2.02
N PRO G 370 -7.66 7.50 1.13
CA PRO G 370 -9.08 7.29 0.83
C PRO G 370 -9.91 6.94 2.05
N THR G 371 -9.38 6.07 2.92
CA THR G 371 -10.11 5.69 4.12
C THR G 371 -10.45 6.90 4.98
N ASN G 372 -9.46 7.76 5.23
CA ASN G 372 -9.70 8.95 6.03
C ASN G 372 -10.81 9.81 5.45
N VAL G 373 -10.71 10.14 4.16
CA VAL G 373 -11.66 11.06 3.55
C VAL G 373 -13.07 10.49 3.58
N ILE G 374 -13.22 9.19 3.35
CA ILE G 374 -14.54 8.58 3.40
C ILE G 374 -15.16 8.78 4.78
N SER G 375 -14.35 8.61 5.83
CA SER G 375 -14.86 8.80 7.17
C SER G 375 -15.21 10.25 7.45
N ILE G 376 -14.64 11.19 6.68
CA ILE G 376 -14.87 12.60 6.92
C ILE G 376 -16.14 13.07 6.25
N THR G 377 -16.31 12.72 4.99
CA THR G 377 -17.42 13.22 4.21
C THR G 377 -18.72 12.53 4.60
N ASP G 378 -19.80 13.00 3.99
CA ASP G 378 -21.12 12.41 4.22
C ASP G 378 -21.31 11.17 3.36
N GLY G 379 -21.28 11.35 2.04
CA GLY G 379 -21.41 10.27 1.13
C GLY G 379 -20.29 10.27 0.11
N GLN G 380 -20.22 9.20 -0.67
CA GLN G 380 -19.18 9.03 -1.66
C GLN G 380 -19.79 8.47 -2.93
N ILE G 381 -19.33 8.99 -4.06
CA ILE G 381 -19.70 8.50 -5.39
C ILE G 381 -18.53 7.65 -5.90
N PHE G 382 -18.74 6.34 -6.00
CA PHE G 382 -17.72 5.43 -6.47
C PHE G 382 -17.79 5.29 -7.99
N LEU G 383 -16.66 5.51 -8.63
CA LEU G 383 -16.53 5.32 -10.08
C LEU G 383 -15.71 4.07 -10.34
N GLU G 384 -16.24 3.21 -11.21
CA GLU G 384 -15.63 1.92 -11.52
C GLU G 384 -15.19 1.89 -12.98
N THR G 385 -14.01 1.32 -13.21
CA THR G 385 -13.48 1.23 -14.56
C THR G 385 -14.20 0.18 -15.39
N GLU G 386 -14.58 -0.94 -14.78
CA GLU G 386 -15.29 -1.98 -15.51
C GLU G 386 -16.59 -1.44 -16.07
N LEU G 387 -17.36 -0.76 -15.24
CA LEU G 387 -18.61 -0.15 -15.70
C LEU G 387 -18.35 0.84 -16.83
N PHE G 388 -17.25 1.58 -16.75
CA PHE G 388 -16.95 2.58 -17.75
C PHE G 388 -16.80 1.97 -19.14
N TYR G 389 -16.09 0.85 -19.24
CA TYR G 389 -15.85 0.25 -20.54
C TYR G 389 -16.99 -0.65 -21.01
N LYS G 390 -17.87 -1.08 -20.11
CA LYS G 390 -19.05 -1.83 -20.51
C LYS G 390 -20.16 -0.95 -21.04
N GLY G 391 -19.90 0.34 -21.25
CA GLY G 391 -20.90 1.26 -21.74
C GLY G 391 -21.63 2.04 -20.69
N ILE G 392 -21.37 1.77 -19.41
CA ILE G 392 -22.07 2.45 -18.32
C ILE G 392 -21.26 3.70 -18.02
N ARG G 393 -21.66 4.80 -18.67
CA ARG G 393 -21.02 6.09 -18.46
C ARG G 393 -22.13 7.12 -18.26
N PRO G 394 -22.14 7.87 -17.15
CA PRO G 394 -21.20 7.86 -16.02
C PRO G 394 -21.09 6.52 -15.31
N ALA G 395 -19.86 6.08 -15.08
CA ALA G 395 -19.58 4.80 -14.43
C ALA G 395 -19.74 4.97 -12.93
N ILE G 396 -20.98 4.91 -12.47
CA ILE G 396 -21.32 5.08 -11.07
C ILE G 396 -21.80 3.74 -10.52
N ASN G 397 -21.19 3.31 -9.42
CA ASN G 397 -21.59 2.08 -8.72
C ASN G 397 -22.65 2.43 -7.69
N VAL G 398 -23.92 2.21 -8.06
CA VAL G 398 -25.01 2.59 -7.18
C VAL G 398 -24.99 1.77 -5.90
N GLY G 399 -24.49 0.53 -5.97
CA GLY G 399 -24.50 -0.32 -4.79
C GLY G 399 -23.71 0.27 -3.64
N LEU G 400 -22.62 0.98 -3.94
CA LEU G 400 -21.76 1.55 -2.92
C LEU G 400 -22.08 3.00 -2.63
N SER G 401 -22.43 3.76 -3.66
CA SER G 401 -22.72 5.18 -3.48
C SER G 401 -23.86 5.36 -2.49
N VAL G 402 -23.78 6.45 -1.71
CA VAL G 402 -24.77 6.72 -0.67
C VAL G 402 -24.66 8.19 -0.30
N SER G 403 -25.74 8.71 0.28
CA SER G 403 -25.79 10.09 0.74
C SER G 403 -26.49 10.14 2.09
N ARG G 404 -25.84 10.77 3.07
CA ARG G 404 -26.44 10.84 4.40
C ARG G 404 -27.74 11.63 4.38
N VAL G 405 -27.73 12.76 3.67
CA VAL G 405 -28.91 13.62 3.64
C VAL G 405 -30.10 12.87 3.07
N GLY G 406 -29.85 11.97 2.13
CA GLY G 406 -30.93 11.18 1.59
C GLY G 406 -31.93 12.05 0.85
N SER G 407 -33.19 11.64 0.92
CA SER G 407 -34.27 12.32 0.23
C SER G 407 -34.60 13.67 0.83
N ALA G 408 -33.93 14.08 1.91
CA ALA G 408 -34.19 15.38 2.50
C ALA G 408 -33.85 16.51 1.55
N ALA G 409 -32.96 16.26 0.59
CA ALA G 409 -32.55 17.27 -0.37
C ALA G 409 -33.36 17.24 -1.65
N GLN G 410 -33.72 16.04 -2.10
CA GLN G 410 -34.48 15.89 -3.33
C GLN G 410 -35.78 16.68 -3.26
N ILE G 411 -36.33 16.97 -4.42
CA ILE G 411 -37.63 17.62 -4.50
C ILE G 411 -38.73 16.57 -4.35
N LYS G 412 -39.94 17.06 -4.09
CA LYS G 412 -41.06 16.16 -3.88
C LYS G 412 -41.24 15.22 -5.07
N ALA G 413 -41.27 15.78 -6.27
CA ALA G 413 -41.46 14.96 -7.46
C ALA G 413 -40.36 13.93 -7.64
N MET G 414 -39.22 14.12 -6.98
CA MET G 414 -38.07 13.24 -7.16
C MET G 414 -38.18 12.03 -6.24
N LYS G 415 -38.35 12.27 -4.95
CA LYS G 415 -38.31 11.19 -3.95
C LYS G 415 -39.24 10.05 -4.33
N LYS G 416 -40.44 10.38 -4.78
CA LYS G 416 -41.41 9.34 -5.13
C LYS G 416 -40.82 8.36 -6.14
N ILE G 417 -40.22 8.89 -7.19
CA ILE G 417 -39.67 8.05 -8.25
C ILE G 417 -38.36 7.39 -7.83
N ALA G 418 -37.57 8.05 -6.98
CA ALA G 418 -36.25 7.52 -6.64
C ALA G 418 -36.37 6.24 -5.83
N GLY G 419 -37.35 6.16 -4.93
CA GLY G 419 -37.53 4.95 -4.15
C GLY G 419 -37.77 3.73 -5.01
N ASN G 420 -38.74 3.84 -5.92
CA ASN G 420 -39.03 2.72 -6.81
C ASN G 420 -37.87 2.44 -7.74
N LEU G 421 -37.16 3.48 -8.17
CA LEU G 421 -36.00 3.31 -9.02
C LEU G 421 -34.91 2.51 -8.31
N LYS G 422 -34.65 2.83 -7.05
CA LYS G 422 -33.65 2.11 -6.28
C LYS G 422 -34.04 0.64 -6.15
N LEU G 423 -35.30 0.39 -5.82
CA LEU G 423 -35.76 -0.99 -5.66
C LEU G 423 -35.62 -1.77 -6.96
N THR G 424 -35.82 -1.12 -8.10
CA THR G 424 -35.73 -1.80 -9.38
C THR G 424 -34.28 -2.15 -9.70
N LEU G 425 -33.36 -1.25 -9.36
CA LEU G 425 -31.95 -1.43 -9.67
C LEU G 425 -31.37 -2.62 -8.91
N ALA G 426 -31.77 -2.78 -7.65
CA ALA G 426 -31.25 -3.87 -6.84
C ALA G 426 -31.67 -5.22 -7.41
N THR G 427 -32.92 -5.32 -7.86
CA THR G 427 -33.41 -6.58 -8.41
C THR G 427 -32.68 -6.93 -9.70
N TYR G 428 -32.41 -5.94 -10.55
CA TYR G 428 -31.75 -6.21 -11.83
C TYR G 428 -30.35 -6.76 -11.61
N ARG G 429 -29.62 -6.23 -10.64
CA ARG G 429 -28.26 -6.67 -10.36
C ARG G 429 -28.24 -8.12 -9.92
N GLU G 430 -29.22 -8.50 -9.10
CA GLU G 430 -29.29 -9.85 -8.54
C GLU G 430 -29.50 -10.90 -9.63
N LEU G 431 -30.35 -10.62 -10.62
CA LEU G 431 -30.70 -11.56 -11.69
C LEU G 431 -29.73 -11.58 -12.86
N ALA G 432 -28.78 -10.64 -12.93
CA ALA G 432 -27.85 -10.60 -14.06
C ALA G 432 -27.02 -11.88 -14.16
N ALA G 433 -26.52 -12.37 -13.02
CA ALA G 433 -25.65 -13.56 -13.01
C ALA G 433 -26.39 -14.83 -13.45
N PHE G 434 -27.63 -15.01 -12.99
CA PHE G 434 -28.37 -16.23 -13.29
C PHE G 434 -28.64 -16.37 -14.78
N SER G 435 -28.99 -15.26 -15.44
CA SER G 435 -29.31 -15.32 -16.86
C SER G 435 -28.13 -15.83 -17.68
N GLN G 436 -26.92 -15.40 -17.35
CA GLN G 436 -25.76 -15.77 -18.15
C GLN G 436 -25.49 -17.28 -18.12
N PHE G 437 -25.58 -17.91 -16.96
CA PHE G 437 -25.29 -19.33 -16.83
C PHE G 437 -26.53 -20.21 -16.90
N GLY G 438 -27.60 -19.85 -16.17
CA GLY G 438 -28.79 -20.66 -16.18
C GLY G 438 -29.37 -20.75 -17.58
N SER G 439 -29.40 -19.62 -18.28
CA SER G 439 -29.90 -19.48 -19.63
C SER G 439 -31.39 -19.80 -19.76
N ASP G 440 -32.14 -19.63 -18.68
CA ASP G 440 -33.57 -19.87 -18.71
C ASP G 440 -34.16 -18.68 -17.97
N LEU G 441 -35.17 -18.03 -18.55
CA LEU G 441 -35.79 -16.87 -17.93
C LEU G 441 -37.30 -17.03 -17.79
N ASP G 442 -37.81 -16.79 -16.60
CA ASP G 442 -39.24 -16.84 -16.34
C ASP G 442 -39.91 -15.55 -16.83
N ALA G 443 -41.23 -15.63 -17.06
CA ALA G 443 -41.96 -14.48 -17.57
C ALA G 443 -41.83 -13.30 -16.62
N LYS G 444 -42.00 -13.55 -15.32
CA LYS G 444 -41.89 -12.49 -14.33
C LYS G 444 -40.45 -11.99 -14.24
N THR G 445 -39.49 -12.91 -14.22
CA THR G 445 -38.09 -12.53 -14.13
C THR G 445 -37.67 -11.82 -15.40
N GLN G 446 -38.16 -12.29 -16.55
CA GLN G 446 -37.77 -11.70 -17.81
C GLN G 446 -38.20 -10.24 -17.85
N GLN G 447 -39.39 -9.95 -17.34
CA GLN G 447 -39.87 -8.58 -17.31
C GLN G 447 -39.02 -7.72 -16.38
N GLN G 448 -38.72 -8.23 -15.18
CA GLN G 448 -37.86 -7.48 -14.27
C GLN G 448 -36.47 -7.31 -14.85
N LEU G 449 -35.96 -8.35 -15.50
CA LEU G 449 -34.64 -8.26 -16.13
C LEU G 449 -34.65 -7.20 -17.23
N ASN G 450 -35.67 -7.23 -18.08
CA ASN G 450 -35.79 -6.22 -19.13
C ASN G 450 -35.94 -4.83 -18.54
N THR G 451 -36.79 -4.68 -17.54
CA THR G 451 -37.03 -3.36 -16.97
C THR G 451 -35.74 -2.75 -16.44
N GLY G 452 -34.94 -3.54 -15.72
CA GLY G 452 -33.69 -3.02 -15.21
C GLY G 452 -32.74 -2.59 -16.30
N GLU G 453 -32.68 -3.35 -17.39
CA GLU G 453 -31.82 -3.01 -18.51
C GLU G 453 -32.20 -1.67 -19.12
N ARG G 454 -33.50 -1.42 -19.32
CA ARG G 454 -33.91 -0.15 -19.89
C ARG G 454 -33.50 1.01 -19.00
N LEU G 455 -33.64 0.84 -17.68
CA LEU G 455 -33.27 1.90 -16.75
C LEU G 455 -31.79 2.19 -16.81
N VAL G 456 -30.96 1.15 -16.84
CA VAL G 456 -29.52 1.34 -16.91
C VAL G 456 -29.15 2.10 -18.17
N GLU G 457 -29.78 1.78 -19.29
CA GLU G 457 -29.54 2.51 -20.52
C GLU G 457 -30.00 3.95 -20.37
N MET G 458 -31.08 4.18 -19.63
CA MET G 458 -31.60 5.53 -19.47
C MET G 458 -30.68 6.36 -18.61
N LEU G 459 -30.08 5.75 -17.58
CA LEU G 459 -29.19 6.48 -16.70
C LEU G 459 -27.92 6.92 -17.42
N LYS G 460 -27.61 6.29 -18.54
CA LYS G 460 -26.45 6.71 -19.32
C LYS G 460 -26.63 8.15 -19.74
N GLN G 461 -25.52 8.85 -19.91
CA GLN G 461 -25.57 10.26 -20.22
C GLN G 461 -24.28 10.64 -20.90
N ASN G 462 -24.37 11.52 -21.88
CA ASN G 462 -23.18 11.96 -22.59
C ASN G 462 -22.41 12.96 -21.74
N GLN G 463 -21.27 13.40 -22.26
CA GLN G 463 -20.43 14.36 -21.56
C GLN G 463 -20.79 15.76 -22.00
N TYR G 464 -20.78 16.70 -21.05
CA TYR G 464 -21.10 18.10 -21.32
C TYR G 464 -22.56 18.25 -21.74
N THR G 465 -23.44 17.45 -21.14
CA THR G 465 -24.87 17.44 -21.47
C THR G 465 -25.66 17.31 -20.17
N PRO G 466 -25.64 18.34 -19.35
CA PRO G 466 -26.45 18.31 -18.12
C PRO G 466 -27.93 18.49 -18.42
N MET G 467 -28.76 17.79 -17.66
CA MET G 467 -30.19 17.77 -17.84
C MET G 467 -30.89 18.53 -16.72
N LYS G 468 -31.97 19.21 -17.08
CA LYS G 468 -32.78 19.90 -16.08
C LYS G 468 -33.46 18.88 -15.17
N VAL G 469 -33.73 19.30 -13.94
CA VAL G 469 -34.31 18.39 -12.95
C VAL G 469 -35.69 17.92 -13.37
N GLU G 470 -36.51 18.83 -13.90
CA GLU G 470 -37.86 18.46 -14.31
C GLU G 470 -37.82 17.46 -15.46
N GLU G 471 -36.90 17.66 -16.41
CA GLU G 471 -36.77 16.71 -17.50
C GLU G 471 -36.33 15.34 -16.99
N GLN G 472 -35.47 15.32 -15.98
CA GLN G 472 -35.11 14.06 -15.36
C GLN G 472 -36.33 13.34 -14.82
N VAL G 473 -37.25 14.08 -14.20
CA VAL G 473 -38.43 13.45 -13.62
C VAL G 473 -39.24 12.75 -14.71
N CYS G 474 -39.43 13.42 -15.85
CA CYS G 474 -40.21 12.82 -16.92
C CYS G 474 -39.54 11.54 -17.43
N ILE G 475 -38.24 11.58 -17.66
CA ILE G 475 -37.54 10.42 -18.20
C ILE G 475 -37.53 9.29 -17.18
N ILE G 476 -37.21 9.59 -15.92
CA ILE G 476 -37.18 8.56 -14.90
C ILE G 476 -38.59 8.03 -14.67
N PHE G 477 -39.60 8.88 -14.85
CA PHE G 477 -40.98 8.44 -14.73
C PHE G 477 -41.30 7.41 -15.81
N ALA G 478 -41.02 7.73 -17.06
CA ALA G 478 -41.24 6.79 -18.15
C ALA G 478 -40.57 5.45 -17.88
N GLY G 479 -39.44 5.46 -17.19
CA GLY G 479 -38.72 4.24 -16.91
C GLY G 479 -39.32 3.38 -15.83
N VAL G 480 -39.60 3.97 -14.67
CA VAL G 480 -40.05 3.16 -13.54
C VAL G 480 -41.47 2.65 -13.79
N LYS G 481 -42.30 3.45 -14.45
CA LYS G 481 -43.67 3.02 -14.73
C LYS G 481 -43.70 1.82 -15.66
N GLY G 482 -42.59 1.49 -16.31
CA GLY G 482 -42.51 0.32 -17.17
C GLY G 482 -42.74 0.57 -18.64
N PHE G 483 -42.96 1.83 -19.05
CA PHE G 483 -43.22 2.09 -20.46
C PHE G 483 -42.01 1.78 -21.33
N LEU G 484 -40.81 2.06 -20.82
CA LEU G 484 -39.61 1.84 -21.63
C LEU G 484 -39.40 0.38 -21.97
N ASP G 485 -40.07 -0.54 -21.26
CA ASP G 485 -39.89 -1.96 -21.54
C ASP G 485 -40.33 -2.33 -22.96
N ALA G 486 -41.14 -1.49 -23.60
CA ALA G 486 -41.62 -1.80 -24.94
C ALA G 486 -40.52 -1.66 -25.97
N LEU G 487 -39.98 -0.45 -26.13
CA LEU G 487 -39.02 -0.19 -27.18
C LEU G 487 -37.70 -0.88 -26.89
N VAL G 488 -36.95 -1.14 -27.97
CA VAL G 488 -35.67 -1.82 -27.85
C VAL G 488 -34.71 -0.94 -27.06
N THR G 489 -33.77 -1.58 -26.37
CA THR G 489 -32.84 -0.86 -25.51
C THR G 489 -32.04 0.16 -26.30
N SER G 490 -31.58 -0.21 -27.50
CA SER G 490 -30.76 0.70 -28.29
C SER G 490 -31.46 1.99 -28.64
N GLU G 491 -32.79 2.04 -28.51
CA GLU G 491 -33.54 3.24 -28.86
C GLU G 491 -33.95 4.05 -27.64
N VAL G 492 -33.69 3.56 -26.42
CA VAL G 492 -34.12 4.27 -25.23
C VAL G 492 -33.47 5.64 -25.16
N LEU G 493 -32.18 5.72 -25.48
CA LEU G 493 -31.46 6.97 -25.35
C LEU G 493 -32.00 8.02 -26.31
N LYS G 494 -32.27 7.63 -27.56
CA LYS G 494 -32.80 8.60 -28.52
C LYS G 494 -34.23 9.00 -28.19
N PHE G 495 -35.03 8.07 -27.67
CA PHE G 495 -36.37 8.44 -27.24
C PHE G 495 -36.31 9.53 -26.19
N GLU G 496 -35.33 9.45 -25.30
CA GLU G 496 -35.14 10.48 -24.28
C GLU G 496 -35.07 11.84 -24.95
N LYS G 497 -34.17 11.99 -25.91
CA LYS G 497 -33.98 13.27 -26.59
C LYS G 497 -35.25 13.70 -27.30
N LYS G 498 -35.84 12.80 -28.08
CA LYS G 498 -37.03 13.15 -28.85
C LYS G 498 -38.19 13.54 -27.94
N PHE G 499 -38.41 12.75 -26.90
CA PHE G 499 -39.52 12.99 -26.00
C PHE G 499 -39.33 14.27 -25.21
N LEU G 500 -38.10 14.55 -24.78
CA LEU G 500 -37.84 15.79 -24.06
C LEU G 500 -38.14 17.01 -24.92
N GLU G 501 -37.72 16.97 -26.18
CA GLU G 501 -38.02 18.07 -27.07
C GLU G 501 -39.52 18.22 -27.26
N HIS G 502 -40.22 17.10 -27.46
CA HIS G 502 -41.66 17.14 -27.62
C HIS G 502 -42.33 17.80 -26.42
N VAL G 503 -41.87 17.46 -25.21
CA VAL G 503 -42.46 18.03 -24.01
C VAL G 503 -42.18 19.53 -23.94
N ARG G 504 -40.93 19.92 -24.18
CA ARG G 504 -40.59 21.34 -24.12
C ARG G 504 -41.43 22.17 -25.07
N THR G 505 -41.76 21.61 -26.23
CA THR G 505 -42.52 22.37 -27.22
C THR G 505 -44.01 22.34 -26.89
N ASN G 506 -44.58 21.15 -26.82
CA ASN G 506 -46.03 21.02 -26.72
C ASN G 506 -46.51 21.19 -25.29
N HIS G 507 -45.84 20.54 -24.34
CA HIS G 507 -46.25 20.56 -22.94
C HIS G 507 -45.21 21.36 -22.15
N SER G 508 -45.39 22.68 -22.13
CA SER G 508 -44.49 23.55 -21.38
C SER G 508 -45.05 23.95 -20.04
N ALA G 509 -46.38 23.99 -19.90
CA ALA G 509 -46.99 24.31 -18.61
C ALA G 509 -46.70 23.22 -17.60
N LEU G 510 -46.72 21.97 -18.04
CA LEU G 510 -46.44 20.86 -17.15
C LEU G 510 -45.04 20.99 -16.56
N LEU G 511 -44.05 21.31 -17.40
CA LEU G 511 -42.69 21.48 -16.90
C LEU G 511 -42.61 22.64 -15.92
N LYS G 512 -43.31 23.73 -16.20
CA LYS G 512 -43.29 24.88 -15.29
C LYS G 512 -43.85 24.51 -13.92
N ARG G 513 -44.92 23.71 -13.90
CA ARG G 513 -45.47 23.27 -12.62
C ARG G 513 -44.45 22.44 -11.87
N ILE G 514 -43.89 21.42 -12.52
CA ILE G 514 -42.92 20.56 -11.86
C ILE G 514 -41.74 21.38 -11.36
N ARG G 515 -41.38 22.44 -12.08
CA ARG G 515 -40.25 23.26 -11.68
C ARG G 515 -40.60 24.16 -10.51
N ASP G 516 -41.61 25.02 -10.69
CA ASP G 516 -41.96 25.96 -9.64
C ASP G 516 -42.40 25.23 -8.38
N SER G 517 -43.44 24.39 -8.49
CA SER G 517 -43.95 23.69 -7.32
C SER G 517 -42.94 22.67 -6.80
N GLY G 518 -42.13 22.10 -7.68
CA GLY G 518 -41.22 21.06 -7.24
C GLY G 518 -41.89 19.77 -6.88
N ASP G 519 -43.17 19.60 -7.23
CA ASP G 519 -43.92 18.40 -6.89
C ASP G 519 -44.66 17.88 -8.12
N LEU G 520 -44.83 16.57 -8.15
CA LEU G 520 -45.50 15.88 -9.24
C LEU G 520 -46.92 15.56 -8.80
N SER G 521 -47.86 16.43 -9.17
CA SER G 521 -49.24 16.25 -8.75
C SER G 521 -49.87 15.07 -9.48
N GLU G 522 -51.06 14.68 -9.00
CA GLU G 522 -51.77 13.58 -9.63
C GLU G 522 -52.19 13.92 -11.05
N VAL G 523 -52.60 15.16 -11.29
CA VAL G 523 -53.00 15.57 -12.62
C VAL G 523 -51.83 15.46 -13.58
N ASP G 524 -50.66 15.93 -13.15
CA ASP G 524 -49.47 15.79 -13.98
C ASP G 524 -49.13 14.33 -14.20
N THR G 525 -49.28 13.51 -13.16
CA THR G 525 -49.05 12.08 -13.31
C THR G 525 -49.91 11.50 -14.43
N ASN G 526 -51.20 11.80 -14.40
CA ASN G 526 -52.10 11.26 -15.42
C ASN G 526 -51.76 11.81 -16.79
N GLU G 527 -51.56 13.13 -16.89
CA GLU G 527 -51.23 13.73 -18.16
C GLU G 527 -49.96 13.12 -18.74
N LEU G 528 -48.95 12.94 -17.89
CA LEU G 528 -47.69 12.38 -18.35
C LEU G 528 -47.85 10.90 -18.68
N ASN G 529 -48.56 10.16 -17.82
CA ASN G 529 -48.79 8.74 -18.05
C ASN G 529 -49.54 8.48 -19.35
N THR G 530 -50.29 9.46 -19.84
CA THR G 530 -51.02 9.28 -21.09
C THR G 530 -50.16 9.55 -22.32
N ILE G 531 -49.33 10.58 -22.28
CA ILE G 531 -48.60 10.98 -23.48
C ILE G 531 -47.39 10.08 -23.74
N ILE G 532 -46.84 9.46 -22.70
CA ILE G 532 -45.63 8.65 -22.86
C ILE G 532 -45.95 7.48 -23.78
N PRO G 533 -46.88 6.59 -23.44
CA PRO G 533 -47.13 5.45 -24.35
C PRO G 533 -47.55 5.92 -25.72
N LEU G 534 -48.34 6.99 -25.78
CA LEU G 534 -48.79 7.52 -27.06
C LEU G 534 -47.60 7.92 -27.92
N PHE G 535 -46.63 8.63 -27.35
CA PHE G 535 -45.48 9.07 -28.13
C PHE G 535 -44.66 7.87 -28.62
N ILE G 536 -44.47 6.88 -27.76
CA ILE G 536 -43.71 5.70 -28.15
C ILE G 536 -44.33 5.06 -29.37
N GLN G 537 -45.66 5.00 -29.41
CA GLN G 537 -46.35 4.38 -30.53
C GLN G 537 -46.27 5.21 -31.79
N GLU G 538 -46.30 6.55 -31.66
CA GLU G 538 -46.30 7.41 -32.84
C GLU G 538 -44.92 7.47 -33.48
N GLY G 539 -43.93 7.95 -32.75
CA GLY G 539 -42.60 8.08 -33.30
C GLY G 539 -42.08 6.77 -33.85
N GLY G 540 -41.07 6.87 -34.70
CA GLY G 540 -40.50 5.69 -35.31
C GLY G 540 -39.43 5.05 -34.46
N PHE G 541 -39.81 4.00 -33.73
CA PHE G 541 -38.90 3.28 -32.86
C PHE G 541 -39.06 1.78 -33.08
N LYS G 542 -38.17 1.03 -32.44
CA LYS G 542 -38.22 -0.43 -32.45
C LYS G 542 -39.05 -0.86 -31.25
N LEU G 543 -40.31 -1.22 -31.49
CA LEU G 543 -41.24 -1.46 -30.39
C LEU G 543 -41.07 -2.84 -29.76
N LYS G 544 -40.57 -3.81 -30.50
CA LYS G 544 -40.41 -5.15 -29.94
C LYS G 544 -39.42 -5.13 -28.78
N ALA G 545 -39.89 -5.55 -27.61
CA ALA G 545 -39.05 -5.56 -26.41
C ALA G 545 -37.84 -6.48 -26.61
N LYS H 27 39.04 31.23 -10.88
CA LYS H 27 39.87 31.68 -9.76
C LYS H 27 40.02 30.54 -8.76
N ALA H 28 39.06 29.61 -8.77
CA ALA H 28 39.07 28.44 -7.90
C ALA H 28 39.02 28.84 -6.43
N ASN H 29 37.87 29.40 -6.06
CA ASN H 29 37.62 29.80 -4.67
C ASN H 29 37.16 28.65 -3.79
N GLY H 30 36.67 27.56 -4.38
CA GLY H 30 36.13 26.46 -3.61
C GLY H 30 37.06 25.28 -3.50
N GLN H 31 36.81 24.47 -2.48
CA GLN H 31 37.57 23.25 -2.22
C GLN H 31 36.63 22.13 -1.82
N VAL H 32 36.88 20.95 -2.37
CA VAL H 32 36.07 19.77 -2.06
C VAL H 32 36.19 19.44 -0.58
N SER H 33 35.06 19.47 0.12
CA SER H 33 35.00 19.19 1.54
C SER H 33 34.79 17.71 1.83
N GLN H 34 33.82 17.09 1.18
CA GLN H 34 33.55 15.67 1.36
C GLN H 34 32.94 15.09 0.11
N VAL H 35 33.31 13.85 -0.19
CA VAL H 35 32.85 13.13 -1.38
C VAL H 35 32.12 11.88 -0.93
N ILE H 36 30.88 11.74 -1.37
CA ILE H 36 30.04 10.59 -1.04
C ILE H 36 29.38 10.16 -2.34
N GLY H 37 29.94 9.16 -2.99
CA GLY H 37 29.38 8.68 -4.24
C GLY H 37 29.35 9.76 -5.29
N ALA H 38 28.14 10.16 -5.67
CA ALA H 38 27.92 11.17 -6.68
C ALA H 38 27.65 12.54 -6.09
N VAL H 39 27.52 12.63 -4.76
CA VAL H 39 27.26 13.88 -4.07
C VAL H 39 28.57 14.43 -3.54
N VAL H 40 28.84 15.69 -3.85
CA VAL H 40 30.07 16.36 -3.46
C VAL H 40 29.72 17.64 -2.74
N ASP H 41 30.36 17.87 -1.59
CA ASP H 41 30.25 19.11 -0.87
C ASP H 41 31.44 20.00 -1.21
N VAL H 42 31.20 21.30 -1.26
CA VAL H 42 32.23 22.26 -1.59
C VAL H 42 32.19 23.39 -0.57
N GLN H 43 33.35 23.77 -0.06
CA GLN H 43 33.51 24.85 0.88
C GLN H 43 34.04 26.06 0.11
N PHE H 44 33.39 27.20 0.27
CA PHE H 44 33.78 28.42 -0.42
C PHE H 44 34.23 29.48 0.57
N GLU H 45 35.15 30.33 0.11
CA GLU H 45 35.59 31.47 0.90
C GLU H 45 34.53 32.55 0.94
N GLY H 46 33.90 32.84 -0.19
CA GLY H 46 32.91 33.88 -0.27
C GLY H 46 32.26 33.93 -1.62
N GLU H 47 31.09 34.57 -1.68
CA GLU H 47 30.32 34.71 -2.90
C GLU H 47 29.83 33.34 -3.40
N LEU H 48 29.02 32.70 -2.57
CA LEU H 48 28.51 31.39 -2.90
C LEU H 48 27.70 31.43 -4.19
N PRO H 49 27.80 30.43 -5.05
CA PRO H 49 27.03 30.43 -6.27
C PRO H 49 25.56 30.18 -5.99
N GLN H 50 24.72 30.64 -6.91
CA GLN H 50 23.31 30.37 -6.78
C GLN H 50 23.04 28.89 -6.98
N ILE H 51 21.90 28.43 -6.49
CA ILE H 51 21.52 27.04 -6.67
C ILE H 51 21.26 26.75 -8.15
N LEU H 52 21.64 25.56 -8.58
CA LEU H 52 21.57 25.04 -9.94
C LEU H 52 22.73 25.55 -10.78
N ASN H 53 23.59 26.40 -10.25
CA ASN H 53 24.76 26.83 -11.00
C ASN H 53 25.73 25.67 -11.19
N ALA H 54 26.55 25.79 -12.21
CA ALA H 54 27.49 24.75 -12.58
C ALA H 54 28.90 25.12 -12.11
N LEU H 55 29.57 24.16 -11.50
CA LEU H 55 30.95 24.31 -11.05
C LEU H 55 31.81 23.27 -11.76
N GLU H 56 33.06 23.65 -12.02
CA GLU H 56 34.00 22.79 -12.72
C GLU H 56 35.15 22.47 -11.79
N VAL H 57 35.39 21.19 -11.56
CA VAL H 57 36.51 20.75 -10.75
C VAL H 57 37.79 20.84 -11.56
N GLN H 58 38.88 21.21 -10.90
CA GLN H 58 40.16 21.43 -11.55
C GLN H 58 41.10 20.27 -11.23
N GLY H 59 41.98 19.98 -12.19
CA GLY H 59 42.96 18.93 -12.00
C GLY H 59 42.43 17.54 -12.22
N THR H 60 41.45 17.37 -13.09
CA THR H 60 40.87 16.07 -13.39
C THR H 60 40.61 15.98 -14.88
N GLN H 61 41.20 14.98 -15.53
CA GLN H 61 40.85 14.70 -16.90
C GLN H 61 39.37 14.36 -16.99
N HIS H 62 38.81 14.50 -18.20
CA HIS H 62 37.37 14.28 -18.39
C HIS H 62 36.57 15.24 -17.50
N ARG H 63 36.64 16.51 -17.89
CA ARG H 63 36.13 17.60 -17.05
C ARG H 63 34.86 17.18 -16.33
N LEU H 64 34.81 17.53 -15.04
CA LEU H 64 33.73 17.16 -14.16
C LEU H 64 32.95 18.40 -13.77
N VAL H 65 31.64 18.36 -13.94
CA VAL H 65 30.77 19.48 -13.64
C VAL H 65 29.89 19.10 -12.46
N LEU H 66 29.60 20.08 -11.61
CA LEU H 66 28.77 19.87 -10.43
C LEU H 66 27.72 20.96 -10.37
N GLU H 67 26.46 20.56 -10.33
CA GLU H 67 25.36 21.51 -10.22
C GLU H 67 25.00 21.68 -8.75
N VAL H 68 25.03 22.93 -8.28
CA VAL H 68 24.70 23.21 -6.90
C VAL H 68 23.27 22.80 -6.60
N ALA H 69 23.06 22.19 -5.44
CA ALA H 69 21.77 21.69 -5.03
C ALA H 69 21.29 22.25 -3.70
N GLN H 70 22.20 22.45 -2.73
CA GLN H 70 21.81 22.94 -1.43
C GLN H 70 22.88 23.85 -0.86
N HIS H 71 22.46 24.82 -0.07
CA HIS H 71 23.34 25.65 0.73
C HIS H 71 23.23 25.18 2.18
N LEU H 72 24.23 24.42 2.63
CA LEU H 72 24.20 23.81 3.94
C LEU H 72 24.50 24.76 5.08
N GLY H 73 25.05 25.92 4.80
CA GLY H 73 25.45 26.84 5.84
C GLY H 73 26.92 26.73 6.15
N ASP H 74 27.47 27.83 6.69
CA ASP H 74 28.90 27.95 6.95
C ASP H 74 29.70 27.96 5.66
N SER H 75 29.08 28.44 4.58
CA SER H 75 29.71 28.57 3.27
C SER H 75 29.93 27.23 2.59
N ARG H 76 29.16 26.21 2.95
CA ARG H 76 29.23 24.89 2.33
C ARG H 76 28.02 24.65 1.45
N VAL H 77 28.28 24.11 0.26
CA VAL H 77 27.24 23.80 -0.72
C VAL H 77 27.39 22.35 -1.14
N ARG H 78 26.28 21.63 -1.15
CA ARG H 78 26.23 20.23 -1.56
C ARG H 78 25.76 20.15 -3.00
N THR H 79 26.44 19.35 -3.81
CA THR H 79 26.22 19.32 -5.25
C THR H 79 26.21 17.89 -5.76
N ILE H 80 25.75 17.75 -6.99
CA ILE H 80 25.69 16.46 -7.69
C ILE H 80 26.70 16.47 -8.82
N ALA H 81 27.36 15.34 -9.02
CA ALA H 81 28.37 15.18 -10.04
C ALA H 81 27.78 14.56 -11.31
N MET H 82 28.23 15.05 -12.46
CA MET H 82 27.78 14.53 -13.74
C MET H 82 28.63 13.38 -14.26
N ASP H 83 29.90 13.32 -13.88
CA ASP H 83 30.78 12.25 -14.27
C ASP H 83 31.29 11.54 -13.02
N SER H 84 31.97 10.42 -13.23
CA SER H 84 32.51 9.63 -12.13
C SER H 84 33.36 10.49 -11.22
N THR H 85 33.12 10.34 -9.92
CA THR H 85 33.84 11.10 -8.90
C THR H 85 35.06 10.35 -8.38
N GLU H 86 35.28 9.12 -8.83
CA GLU H 86 36.45 8.38 -8.41
C GLU H 86 37.71 9.11 -8.84
N GLY H 87 38.60 9.34 -7.87
CA GLY H 87 39.82 10.10 -8.11
C GLY H 87 39.83 11.47 -7.47
N LEU H 88 38.75 11.89 -6.84
CA LEU H 88 38.71 13.17 -6.18
C LEU H 88 39.45 13.12 -4.84
N VAL H 89 40.07 14.24 -4.49
CA VAL H 89 40.81 14.38 -3.25
C VAL H 89 40.26 15.57 -2.49
N ARG H 90 40.01 15.38 -1.20
CA ARG H 90 39.54 16.46 -0.36
C ARG H 90 40.50 17.64 -0.45
N GLY H 91 39.95 18.84 -0.48
CA GLY H 91 40.73 20.04 -0.65
C GLY H 91 41.00 20.42 -2.09
N GLN H 92 40.60 19.57 -3.03
CA GLN H 92 40.84 19.86 -4.44
C GLN H 92 40.08 21.11 -4.84
N PRO H 93 40.64 21.95 -5.71
CA PRO H 93 40.00 23.22 -6.04
C PRO H 93 38.79 23.02 -6.95
N VAL H 94 37.91 24.02 -6.91
CA VAL H 94 36.69 24.05 -7.71
C VAL H 94 36.46 25.47 -8.20
N VAL H 95 36.05 25.59 -9.46
CA VAL H 95 35.80 26.86 -10.10
C VAL H 95 34.31 27.08 -10.27
N ASP H 96 33.86 28.31 -10.03
CA ASP H 96 32.46 28.70 -10.15
C ASP H 96 32.25 29.35 -11.50
N THR H 97 31.42 28.72 -12.35
CA THR H 97 31.12 29.29 -13.65
C THR H 97 30.13 30.44 -13.53
N GLY H 98 29.29 30.44 -12.51
CA GLY H 98 28.32 31.49 -12.30
C GLY H 98 27.04 31.34 -13.08
N LEU H 99 26.90 30.28 -13.87
CA LEU H 99 25.70 30.05 -14.66
C LEU H 99 25.36 28.56 -14.64
N PRO H 100 24.07 28.23 -14.72
CA PRO H 100 23.68 26.82 -14.78
C PRO H 100 24.26 26.15 -16.01
N ILE H 101 24.13 24.83 -16.03
CA ILE H 101 24.62 24.04 -17.16
C ILE H 101 24.01 24.57 -18.44
N SER H 102 24.85 25.08 -19.33
CA SER H 102 24.43 25.71 -20.58
C SER H 102 24.85 24.83 -21.75
N VAL H 103 23.88 24.38 -22.53
CA VAL H 103 24.13 23.51 -23.67
C VAL H 103 23.93 24.25 -24.98
N PRO H 104 24.68 23.91 -26.02
CA PRO H 104 24.48 24.57 -27.31
C PRO H 104 23.17 24.14 -27.95
N VAL H 105 22.50 25.11 -28.59
CA VAL H 105 21.25 24.86 -29.28
C VAL H 105 21.33 25.47 -30.67
N GLY H 106 20.48 24.98 -31.55
CA GLY H 106 20.39 25.49 -32.89
C GLY H 106 20.40 24.37 -33.91
N PRO H 107 20.43 24.75 -35.19
CA PRO H 107 20.51 23.72 -36.24
C PRO H 107 21.83 22.96 -36.21
N GLY H 108 22.84 23.44 -35.50
CA GLY H 108 24.10 22.71 -35.43
C GLY H 108 23.98 21.39 -34.73
N THR H 109 23.03 21.28 -33.80
CA THR H 109 22.82 20.01 -33.10
C THR H 109 22.27 18.95 -34.02
N LEU H 110 21.65 19.35 -35.12
CA LEU H 110 21.08 18.42 -36.06
C LEU H 110 22.14 17.47 -36.61
N GLY H 111 21.85 16.18 -36.53
CA GLY H 111 22.77 15.17 -37.01
C GLY H 111 23.96 14.93 -36.12
N ARG H 112 23.98 15.51 -34.92
CA ARG H 112 25.09 15.39 -34.00
C ARG H 112 24.63 14.77 -32.70
N ILE H 113 25.49 13.94 -32.12
CA ILE H 113 25.22 13.33 -30.82
C ILE H 113 25.85 14.22 -29.75
N MET H 114 25.07 14.56 -28.74
CA MET H 114 25.50 15.43 -27.67
C MET H 114 25.49 14.69 -26.34
N ASN H 115 26.20 15.26 -25.39
CA ASN H 115 26.28 14.74 -24.03
C ASN H 115 25.33 15.57 -23.16
N VAL H 116 25.22 15.17 -21.89
CA VAL H 116 24.38 15.92 -20.97
C VAL H 116 24.87 17.35 -20.80
N ILE H 117 26.16 17.58 -20.94
CA ILE H 117 26.73 18.91 -20.78
C ILE H 117 27.08 19.54 -22.12
N GLY H 118 26.52 19.03 -23.21
CA GLY H 118 26.74 19.59 -24.52
C GLY H 118 27.99 19.13 -25.24
N GLU H 119 28.75 18.22 -24.69
CA GLU H 119 29.93 17.79 -25.41
C GLU H 119 29.54 16.85 -26.54
N PRO H 120 30.20 16.95 -27.69
CA PRO H 120 29.93 16.01 -28.78
C PRO H 120 30.61 14.68 -28.53
N ILE H 121 29.86 13.61 -28.70
CA ILE H 121 30.36 12.25 -28.51
C ILE H 121 30.31 11.44 -29.80
N ASP H 122 30.16 12.13 -30.93
CA ASP H 122 30.10 11.48 -32.24
C ASP H 122 31.41 11.58 -33.01
N GLN H 123 32.41 12.27 -32.45
CA GLN H 123 33.71 12.41 -33.10
C GLN H 123 33.58 13.10 -34.45
N ARG H 124 32.71 14.11 -34.49
CA ARG H 124 32.47 14.90 -35.69
C ARG H 124 33.04 16.31 -35.60
N GLY H 125 33.61 16.69 -34.46
CA GLY H 125 34.11 18.03 -34.29
C GLY H 125 33.23 18.88 -33.40
N PRO H 126 33.68 20.10 -33.10
CA PRO H 126 32.90 20.97 -32.23
C PRO H 126 31.57 21.37 -32.87
N ILE H 127 30.55 21.48 -32.03
CA ILE H 127 29.23 21.86 -32.50
C ILE H 127 29.15 23.37 -32.66
N LYS H 128 28.53 23.81 -33.76
CA LYS H 128 28.34 25.23 -34.04
C LYS H 128 26.94 25.61 -33.61
N ALA H 129 26.83 26.42 -32.56
CA ALA H 129 25.56 26.83 -32.01
C ALA H 129 25.52 28.33 -31.87
N ALA H 130 24.37 28.91 -32.20
CA ALA H 130 24.23 30.36 -32.08
C ALA H 130 24.39 30.80 -30.64
N LYS H 131 23.79 30.07 -29.70
CA LYS H 131 23.83 30.43 -28.29
C LYS H 131 23.75 29.16 -27.45
N LEU H 132 23.92 29.35 -26.14
CA LEU H 132 23.87 28.28 -25.15
C LEU H 132 22.73 28.55 -24.19
N TYR H 133 21.75 27.66 -24.18
CA TYR H 133 20.61 27.85 -23.29
C TYR H 133 20.79 27.03 -22.02
N PRO H 134 20.37 27.59 -20.88
CA PRO H 134 20.40 26.80 -19.64
C PRO H 134 19.30 25.76 -19.59
N ILE H 135 19.66 24.58 -19.08
CA ILE H 135 18.73 23.46 -19.02
C ILE H 135 17.67 23.62 -17.95
N HIS H 136 17.82 24.61 -17.07
CA HIS H 136 16.86 24.87 -16.01
C HIS H 136 16.08 26.13 -16.37
N ARG H 137 14.78 25.98 -16.56
CA ARG H 137 13.92 27.08 -16.99
C ARG H 137 12.53 26.85 -16.41
N ASP H 138 11.81 27.96 -16.19
CA ASP H 138 10.46 27.87 -15.72
C ASP H 138 9.54 27.42 -16.85
N ALA H 139 8.47 26.72 -16.49
CA ALA H 139 7.56 26.21 -17.49
C ALA H 139 6.74 27.34 -18.10
N PRO H 140 6.19 27.13 -19.29
CA PRO H 140 5.33 28.14 -19.90
C PRO H 140 4.12 28.43 -19.05
N SER H 141 3.71 29.70 -19.07
CA SER H 141 2.62 30.17 -18.23
C SER H 141 1.28 29.60 -18.71
N PHE H 142 0.23 30.00 -17.99
CA PHE H 142 -1.11 29.57 -18.34
C PHE H 142 -1.60 30.25 -19.61
N THR H 143 -1.13 31.47 -19.86
CA THR H 143 -1.59 32.23 -21.02
C THR H 143 -1.03 31.68 -22.31
N ASP H 144 0.12 31.03 -22.26
CA ASP H 144 0.75 30.45 -23.45
C ASP H 144 0.52 28.94 -23.41
N GLN H 145 -0.63 28.53 -23.93
CA GLN H 145 -1.01 27.13 -24.02
C GLN H 145 -1.92 26.99 -25.22
N ALA H 146 -1.80 25.87 -25.92
CA ALA H 146 -2.57 25.61 -27.11
C ALA H 146 -3.20 24.23 -27.03
N THR H 147 -4.41 24.10 -27.57
CA THR H 147 -5.07 22.80 -27.59
C THR H 147 -4.50 21.92 -28.69
N SER H 148 -4.65 22.35 -29.95
CA SER H 148 -4.11 21.63 -31.10
C SER H 148 -4.61 20.19 -31.08
N ALA H 149 -5.92 20.05 -31.18
CA ALA H 149 -6.56 18.73 -31.18
C ALA H 149 -6.67 18.20 -32.61
N GLU H 150 -5.52 17.78 -33.13
CA GLU H 150 -5.43 17.18 -34.46
C GLU H 150 -4.79 15.82 -34.31
N ILE H 151 -5.44 14.80 -34.90
CA ILE H 151 -5.01 13.42 -34.71
C ILE H 151 -3.72 13.16 -35.48
N LEU H 152 -2.90 12.27 -34.92
CA LEU H 152 -1.63 11.86 -35.51
C LEU H 152 -1.72 10.39 -35.88
N VAL H 153 -1.76 10.10 -37.17
CA VAL H 153 -1.91 8.74 -37.65
C VAL H 153 -0.55 8.04 -37.59
N THR H 154 -0.41 7.09 -36.67
CA THR H 154 0.81 6.34 -36.51
C THR H 154 0.88 5.14 -37.44
N GLY H 155 -0.27 4.66 -37.90
CA GLY H 155 -0.34 3.47 -38.72
C GLY H 155 -0.66 2.23 -37.92
N ILE H 156 -0.65 2.33 -36.61
CA ILE H 156 -0.96 1.22 -35.73
C ILE H 156 -2.45 1.24 -35.41
N LYS H 157 -3.14 0.17 -35.80
CA LYS H 157 -4.59 0.16 -35.71
C LYS H 157 -5.07 0.22 -34.26
N VAL H 158 -4.43 -0.53 -33.38
CA VAL H 158 -4.85 -0.52 -31.98
C VAL H 158 -4.70 0.87 -31.39
N VAL H 159 -3.57 1.52 -31.64
CA VAL H 159 -3.33 2.85 -31.11
C VAL H 159 -4.31 3.85 -31.73
N ASP H 160 -4.34 3.90 -33.06
CA ASP H 160 -5.19 4.87 -33.74
C ASP H 160 -6.65 4.67 -33.37
N LEU H 161 -7.04 3.43 -33.05
CA LEU H 161 -8.44 3.13 -32.77
C LEU H 161 -8.79 3.47 -31.32
N LEU H 162 -8.11 2.82 -30.37
CA LEU H 162 -8.50 2.92 -28.97
C LEU H 162 -8.00 4.21 -28.35
N ALA H 163 -6.71 4.50 -28.50
CA ALA H 163 -6.09 5.68 -27.91
C ALA H 163 -5.31 6.39 -29.00
N PRO H 164 -5.99 7.21 -29.81
CA PRO H 164 -5.30 7.90 -30.90
C PRO H 164 -4.40 9.00 -30.37
N TYR H 165 -3.18 9.06 -30.89
CA TYR H 165 -2.25 10.11 -30.53
C TYR H 165 -2.65 11.42 -31.18
N ALA H 166 -2.42 12.51 -30.47
CA ALA H 166 -2.74 13.85 -30.93
C ALA H 166 -1.45 14.63 -31.14
N ARG H 167 -1.19 15.02 -32.38
CA ARG H 167 0.01 15.78 -32.66
C ARG H 167 -0.02 17.08 -31.87
N GLY H 168 1.11 17.43 -31.27
CA GLY H 168 1.17 18.56 -30.37
C GLY H 168 0.85 18.21 -28.93
N GLY H 169 0.64 16.93 -28.62
CA GLY H 169 0.32 16.51 -27.29
C GLY H 169 1.32 15.49 -26.76
N LYS H 170 1.25 15.27 -25.46
CA LYS H 170 2.16 14.38 -24.75
C LYS H 170 1.68 12.94 -24.82
N ILE H 171 2.60 12.04 -25.13
CA ILE H 171 2.31 10.62 -25.26
C ILE H 171 3.20 9.83 -24.32
N GLY H 172 2.63 8.78 -23.72
CA GLY H 172 3.37 7.97 -22.78
C GLY H 172 3.19 6.49 -22.95
N LEU H 173 4.30 5.77 -23.11
CA LEU H 173 4.31 4.33 -23.24
C LEU H 173 4.71 3.71 -21.92
N PHE H 174 3.79 3.00 -21.29
CA PHE H 174 4.05 2.32 -20.03
C PHE H 174 4.25 0.84 -20.29
N GLY H 175 5.33 0.29 -19.75
CA GLY H 175 5.60 -1.12 -19.92
C GLY H 175 6.66 -1.64 -18.98
N GLY H 176 6.59 -2.94 -18.71
CA GLY H 176 7.60 -3.59 -17.91
C GLY H 176 8.81 -3.99 -18.72
N ALA H 177 9.63 -4.84 -18.12
CA ALA H 177 10.85 -5.30 -18.73
C ALA H 177 10.57 -6.18 -19.94
N GLY H 178 10.99 -5.72 -21.11
CA GLY H 178 10.90 -6.49 -22.33
C GLY H 178 9.50 -6.83 -22.79
N VAL H 179 8.69 -5.81 -23.02
CA VAL H 179 7.36 -5.99 -23.59
C VAL H 179 7.18 -5.31 -24.93
N GLY H 180 8.12 -4.47 -25.36
CA GLY H 180 8.05 -3.85 -26.67
C GLY H 180 7.98 -2.34 -26.66
N LYS H 181 8.55 -1.70 -25.64
CA LYS H 181 8.57 -0.25 -25.60
C LYS H 181 9.58 0.31 -26.61
N THR H 182 10.80 -0.21 -26.60
CA THR H 182 11.81 0.29 -27.52
C THR H 182 11.44 -0.02 -28.96
N VAL H 183 10.92 -1.21 -29.23
CA VAL H 183 10.50 -1.56 -30.58
C VAL H 183 9.40 -0.63 -31.05
N LEU H 184 8.47 -0.30 -30.15
CA LEU H 184 7.37 0.58 -30.50
C LEU H 184 7.87 1.98 -30.81
N ILE H 185 8.88 2.45 -30.07
CA ILE H 185 9.48 3.74 -30.34
C ILE H 185 10.08 3.77 -31.74
N GLN H 186 10.78 2.69 -32.11
CA GLN H 186 11.37 2.63 -33.44
C GLN H 186 10.32 2.64 -34.53
N GLU H 187 9.22 1.95 -34.32
CA GLU H 187 8.15 1.94 -35.31
C GLU H 187 7.56 3.33 -35.51
N LEU H 188 7.37 4.06 -34.40
CA LEU H 188 6.86 5.41 -34.52
C LEU H 188 7.82 6.29 -35.31
N ILE H 189 9.12 6.14 -35.04
CA ILE H 189 10.12 6.90 -35.78
C ILE H 189 10.05 6.56 -37.25
N ASN H 190 9.94 5.27 -37.57
CA ASN H 190 9.89 4.86 -38.96
C ASN H 190 8.63 5.37 -39.64
N ASN H 191 7.50 5.33 -38.92
CA ASN H 191 6.22 5.69 -39.52
C ASN H 191 5.97 7.18 -39.47
N VAL H 192 6.39 7.85 -38.40
CA VAL H 192 6.06 9.26 -38.18
C VAL H 192 7.26 10.17 -38.42
N ALA H 193 8.40 9.84 -37.83
CA ALA H 193 9.54 10.76 -37.85
C ALA H 193 10.04 11.00 -39.27
N LYS H 194 10.17 9.93 -40.05
CA LYS H 194 10.74 10.07 -41.38
C LYS H 194 9.89 10.99 -42.25
N HIS H 195 8.61 10.67 -42.37
CA HIS H 195 7.73 11.49 -43.20
C HIS H 195 7.48 12.85 -42.57
N HIS H 196 7.84 13.03 -41.31
CA HIS H 196 7.61 14.30 -40.63
C HIS H 196 8.28 15.44 -41.40
N GLY H 197 7.72 16.63 -41.25
CA GLY H 197 8.25 17.79 -41.92
C GLY H 197 9.25 18.56 -41.08
N GLY H 198 8.86 18.85 -39.84
CA GLY H 198 9.70 19.59 -38.93
C GLY H 198 10.82 18.77 -38.34
N TYR H 199 11.54 19.42 -37.43
CA TYR H 199 12.67 18.80 -36.76
C TYR H 199 12.21 17.75 -35.76
N SER H 200 13.18 16.98 -35.27
CA SER H 200 12.94 15.92 -34.31
C SER H 200 14.10 15.87 -33.33
N VAL H 201 13.82 15.38 -32.13
CA VAL H 201 14.82 15.27 -31.08
C VAL H 201 14.61 13.96 -30.32
N PHE H 202 15.66 13.16 -30.25
CA PHE H 202 15.64 11.90 -29.51
C PHE H 202 16.59 12.01 -28.34
N ALA H 203 16.06 11.85 -27.13
CA ALA H 203 16.83 11.89 -25.91
C ALA H 203 16.69 10.55 -25.20
N GLY H 204 17.82 9.89 -24.97
CA GLY H 204 17.84 8.64 -24.25
C GLY H 204 18.32 8.87 -22.83
N VAL H 205 17.52 8.39 -21.88
CA VAL H 205 17.81 8.52 -20.47
C VAL H 205 17.97 7.12 -19.90
N GLY H 206 19.19 6.78 -19.50
CA GLY H 206 19.45 5.50 -18.87
C GLY H 206 19.01 4.29 -19.67
N GLU H 207 19.45 4.20 -20.91
CA GLU H 207 19.17 3.05 -21.77
C GLU H 207 20.47 2.41 -22.23
N ARG H 208 20.33 1.23 -22.82
CA ARG H 208 21.49 0.48 -23.25
C ARG H 208 22.17 1.18 -24.41
N THR H 209 23.49 1.32 -24.33
CA THR H 209 24.24 2.06 -25.33
C THR H 209 24.17 1.41 -26.70
N ARG H 210 24.03 0.08 -26.74
CA ARG H 210 23.89 -0.60 -28.03
C ARG H 210 22.72 -0.03 -28.83
N GLU H 211 21.61 0.25 -28.16
CA GLU H 211 20.45 0.81 -28.85
C GLU H 211 20.76 2.17 -29.45
N GLY H 212 21.57 2.97 -28.74
CA GLY H 212 21.97 4.25 -29.29
C GLY H 212 22.78 4.10 -30.56
N ASN H 213 23.74 3.18 -30.56
CA ASN H 213 24.53 2.92 -31.75
C ASN H 213 23.65 2.45 -32.90
N ASP H 214 22.74 1.53 -32.61
CA ASP H 214 21.87 1.00 -33.66
C ASP H 214 20.99 2.10 -34.25
N LEU H 215 20.45 2.96 -33.40
CA LEU H 215 19.58 4.02 -33.89
C LEU H 215 20.33 5.04 -34.72
N TYR H 216 21.53 5.42 -34.29
CA TYR H 216 22.34 6.37 -35.05
C TYR H 216 22.63 5.85 -36.45
N HIS H 217 23.07 4.59 -36.54
CA HIS H 217 23.39 4.04 -37.85
C HIS H 217 22.13 3.83 -38.68
N GLU H 218 21.04 3.43 -38.03
CA GLU H 218 19.78 3.26 -38.74
C GLU H 218 19.28 4.60 -39.26
N MET H 219 19.51 5.68 -38.51
CA MET H 219 19.16 7.01 -38.98
C MET H 219 20.01 7.42 -40.17
N MET H 220 21.33 7.24 -40.10
CA MET H 220 22.18 7.53 -41.23
C MET H 220 21.74 6.75 -42.47
N ASP H 221 21.36 5.49 -42.29
CA ASP H 221 20.96 4.67 -43.43
C ASP H 221 19.66 5.17 -44.04
N SER H 222 18.67 5.45 -43.18
CA SER H 222 17.37 5.89 -43.66
C SER H 222 17.41 7.27 -44.31
N LYS H 223 18.55 7.95 -44.30
CA LYS H 223 18.78 9.27 -44.85
C LYS H 223 18.18 10.34 -43.97
N VAL H 224 17.59 9.98 -42.83
CA VAL H 224 17.06 10.99 -41.92
C VAL H 224 18.17 11.90 -41.44
N ILE H 225 19.38 11.38 -41.26
CA ILE H 225 20.54 12.18 -40.92
C ILE H 225 21.71 11.83 -41.82
N SER H 226 22.57 12.80 -42.04
CA SER H 226 23.75 12.64 -42.87
C SER H 226 24.84 13.56 -42.36
N VAL H 227 26.07 13.28 -42.80
CA VAL H 227 27.19 14.12 -42.43
C VAL H 227 27.13 15.45 -43.17
N LYS H 228 26.52 15.46 -44.35
CA LYS H 228 26.43 16.68 -45.13
C LYS H 228 25.65 17.75 -44.37
N GLU H 229 26.21 18.95 -44.32
CA GLU H 229 25.60 20.05 -43.59
C GLU H 229 24.31 20.50 -44.26
N GLY H 230 23.36 20.94 -43.45
CA GLY H 230 22.06 21.38 -43.93
C GLY H 230 21.01 20.29 -43.97
N GLU H 231 21.37 19.07 -43.62
CA GLU H 231 20.47 17.92 -43.58
C GLU H 231 20.43 17.41 -42.14
N SER H 232 19.91 16.20 -41.97
CA SER H 232 19.80 15.61 -40.64
C SER H 232 18.84 16.34 -39.73
N ARG H 233 17.57 16.32 -40.11
CA ARG H 233 16.52 16.93 -39.30
C ARG H 233 16.24 16.10 -38.05
N CYS H 234 17.25 15.89 -37.22
CA CYS H 234 17.09 15.14 -35.99
C CYS H 234 18.34 15.30 -35.14
N ALA H 235 18.13 15.56 -33.85
CA ALA H 235 19.19 15.66 -32.86
C ALA H 235 19.13 14.47 -31.91
N LEU H 236 20.28 14.14 -31.33
CA LEU H 236 20.42 12.98 -30.46
C LEU H 236 21.10 13.40 -29.17
N ILE H 237 20.57 12.91 -28.05
CA ILE H 237 21.13 13.14 -26.73
C ILE H 237 21.13 11.81 -25.99
N PHE H 238 22.21 11.53 -25.26
CA PHE H 238 22.32 10.26 -24.59
C PHE H 238 22.97 10.40 -23.22
N GLY H 239 22.31 9.85 -22.21
CA GLY H 239 22.82 9.77 -20.86
C GLY H 239 22.77 8.34 -20.36
N GLN H 240 23.20 7.41 -21.21
CA GLN H 240 22.90 6.01 -21.05
C GLN H 240 23.39 5.46 -19.70
N MET H 241 22.98 4.22 -19.42
CA MET H 241 23.17 3.61 -18.12
C MET H 241 24.56 3.82 -17.58
N ASN H 242 25.57 3.62 -18.43
CA ASN H 242 26.95 3.68 -17.97
C ASN H 242 27.23 4.99 -17.24
N GLU H 243 26.50 6.04 -17.57
CA GLU H 243 26.68 7.32 -16.91
C GLU H 243 26.24 7.21 -15.45
N PRO H 244 26.84 8.00 -14.57
CA PRO H 244 26.46 7.96 -13.17
C PRO H 244 25.24 8.83 -12.90
N PRO H 245 24.67 8.74 -11.71
CA PRO H 245 23.57 9.63 -11.35
C PRO H 245 23.97 11.09 -11.50
N GLY H 246 22.96 11.94 -11.58
CA GLY H 246 23.19 13.34 -11.88
C GLY H 246 23.29 13.56 -13.37
N ALA H 247 23.86 12.58 -14.07
CA ALA H 247 23.89 12.61 -15.52
C ALA H 247 22.56 12.11 -16.09
N ARG H 248 22.12 10.93 -15.65
CA ARG H 248 20.82 10.44 -16.09
C ARG H 248 19.69 11.32 -15.57
N ALA H 249 19.97 12.19 -14.60
CA ALA H 249 18.96 13.07 -14.06
C ALA H 249 18.84 14.40 -14.78
N ARG H 250 19.83 14.79 -15.57
CA ARG H 250 19.81 16.07 -16.26
C ARG H 250 19.90 15.96 -17.76
N VAL H 251 20.21 14.79 -18.31
CA VAL H 251 20.27 14.65 -19.77
C VAL H 251 18.90 14.88 -20.38
N GLY H 252 17.84 14.50 -19.68
CA GLY H 252 16.50 14.79 -20.17
C GLY H 252 16.27 16.28 -20.31
N LEU H 253 16.73 17.05 -19.33
CA LEU H 253 16.58 18.50 -19.41
C LEU H 253 17.38 19.06 -20.58
N THR H 254 18.56 18.48 -20.83
CA THR H 254 19.36 18.92 -21.96
C THR H 254 18.65 18.69 -23.28
N GLY H 255 18.14 17.48 -23.49
CA GLY H 255 17.39 17.21 -24.69
C GLY H 255 16.15 18.08 -24.81
N LEU H 256 15.46 18.28 -23.70
CA LEU H 256 14.26 19.10 -23.70
C LEU H 256 14.57 20.54 -24.10
N THR H 257 15.73 21.03 -23.69
CA THR H 257 16.12 22.40 -24.05
C THR H 257 16.37 22.54 -25.55
N VAL H 258 17.03 21.55 -26.15
CA VAL H 258 17.24 21.60 -27.59
C VAL H 258 15.92 21.71 -28.33
N ALA H 259 14.87 21.08 -27.79
CA ALA H 259 13.56 21.13 -28.41
C ALA H 259 12.86 22.45 -28.15
N GLU H 260 13.02 23.00 -26.95
CA GLU H 260 12.37 24.28 -26.64
C GLU H 260 12.85 25.38 -27.57
N TYR H 261 14.12 25.36 -27.96
CA TYR H 261 14.63 26.36 -28.88
C TYR H 261 13.89 26.28 -30.20
N PHE H 262 13.78 25.07 -30.76
CA PHE H 262 13.10 24.90 -32.03
C PHE H 262 11.64 25.31 -31.92
N ARG H 263 11.02 25.07 -30.78
CA ARG H 263 9.61 25.41 -30.60
C ARG H 263 9.43 26.92 -30.56
N ASP H 264 10.26 27.61 -29.80
CA ASP H 264 10.05 29.03 -29.54
C ASP H 264 10.66 29.91 -30.61
N GLU H 265 11.94 29.73 -30.91
CA GLU H 265 12.60 30.58 -31.89
C GLU H 265 12.25 30.20 -33.32
N GLU H 266 12.43 28.92 -33.67
CA GLU H 266 12.10 28.49 -35.02
C GLU H 266 10.59 28.45 -35.24
N GLY H 267 9.84 28.07 -34.21
CA GLY H 267 8.40 28.00 -34.31
C GLY H 267 7.87 26.75 -34.97
N LYS H 268 8.71 25.97 -35.62
CA LYS H 268 8.24 24.79 -36.35
C LYS H 268 7.88 23.66 -35.39
N ASP H 269 7.20 22.66 -35.93
CA ASP H 269 6.82 21.49 -35.17
C ASP H 269 8.04 20.68 -34.76
N VAL H 270 7.94 20.04 -33.60
CA VAL H 270 9.02 19.25 -33.03
C VAL H 270 8.49 17.90 -32.59
N LEU H 271 9.32 16.87 -32.73
CA LEU H 271 9.03 15.52 -32.26
C LEU H 271 10.07 15.15 -31.20
N LEU H 272 9.65 15.08 -29.95
CA LEU H 272 10.54 14.74 -28.84
C LEU H 272 10.30 13.31 -28.41
N PHE H 273 11.24 12.44 -28.71
CA PHE H 273 11.23 11.07 -28.21
C PHE H 273 12.09 10.97 -26.96
N VAL H 274 11.59 10.26 -25.97
CA VAL H 274 12.27 10.09 -24.69
C VAL H 274 12.26 8.61 -24.33
N ASP H 275 13.38 7.94 -24.56
CA ASP H 275 13.56 6.58 -24.05
C ASP H 275 13.73 6.62 -22.54
N ASN H 276 13.33 5.53 -21.88
CA ASN H 276 12.60 5.61 -20.62
C ASN H 276 12.95 6.81 -19.77
N ILE H 277 11.91 7.55 -19.37
CA ILE H 277 12.07 8.70 -18.48
C ILE H 277 12.07 8.30 -17.02
N PHE H 278 11.55 7.12 -16.68
CA PHE H 278 11.60 6.64 -15.30
C PHE H 278 13.02 6.72 -14.74
N ARG H 279 14.01 6.36 -15.54
CA ARG H 279 15.41 6.43 -15.11
C ARG H 279 15.72 7.78 -14.46
N PHE H 280 15.28 8.87 -15.10
CA PHE H 280 15.44 10.20 -14.52
C PHE H 280 15.03 10.20 -13.05
N THR H 281 13.77 9.86 -12.78
CA THR H 281 13.29 9.74 -11.41
C THR H 281 14.21 8.85 -10.59
N GLN H 282 14.45 7.63 -11.07
CA GLN H 282 15.31 6.68 -10.39
C GLN H 282 16.64 7.32 -9.98
N ALA H 283 17.31 7.97 -10.93
CA ALA H 283 18.56 8.63 -10.64
C ALA H 283 18.45 9.56 -9.43
N CYS H 284 17.49 10.49 -9.48
CA CYS H 284 17.30 11.41 -8.36
C CYS H 284 17.15 10.65 -7.05
N SER H 285 16.37 9.58 -7.06
CA SER H 285 16.23 8.75 -5.86
C SER H 285 17.59 8.28 -5.37
N GLU H 286 18.40 7.72 -6.27
CA GLU H 286 19.69 7.18 -5.88
C GLU H 286 20.58 8.21 -5.21
N VAL H 287 20.34 9.49 -5.47
CA VAL H 287 21.14 10.55 -4.87
C VAL H 287 20.43 11.25 -3.71
N SER H 288 19.10 11.17 -3.65
CA SER H 288 18.35 11.88 -2.63
C SER H 288 18.84 11.51 -1.24
N ALA H 289 18.91 10.20 -0.96
CA ALA H 289 19.37 9.73 0.34
C ALA H 289 20.69 10.38 0.73
N LEU H 290 21.60 10.52 -0.23
CA LEU H 290 22.90 11.09 0.05
C LEU H 290 22.79 12.57 0.38
N LEU H 291 21.80 13.25 -0.17
CA LEU H 291 21.59 14.67 0.08
C LEU H 291 20.98 14.94 1.45
N GLY H 292 20.65 13.90 2.21
CA GLY H 292 20.14 14.08 3.56
C GLY H 292 18.64 14.13 3.66
N ARG H 293 17.92 13.74 2.61
CA ARG H 293 16.46 13.79 2.62
C ARG H 293 15.92 12.51 3.24
N ILE H 294 14.79 12.64 3.91
CA ILE H 294 14.11 11.46 4.47
C ILE H 294 13.39 10.73 3.34
N PRO H 295 13.52 9.41 3.25
CA PRO H 295 12.91 8.69 2.13
C PRO H 295 11.40 8.73 2.18
N SER H 296 10.81 8.55 1.00
CA SER H 296 9.38 8.53 0.83
C SER H 296 8.89 7.08 0.94
N ALA H 297 7.66 6.83 0.48
CA ALA H 297 7.00 5.54 0.69
C ALA H 297 7.87 4.32 0.49
N VAL H 298 8.38 4.11 -0.72
CA VAL H 298 9.12 2.88 -1.01
C VAL H 298 10.55 3.20 -1.38
N GLY H 299 11.09 4.26 -0.80
CA GLY H 299 12.47 4.63 -1.00
C GLY H 299 12.68 5.79 -1.95
N TYR H 300 11.64 6.20 -2.66
CA TYR H 300 11.80 7.33 -3.55
C TYR H 300 11.99 8.61 -2.75
N GLN H 301 12.40 9.64 -3.44
CA GLN H 301 12.58 10.93 -2.82
C GLN H 301 11.23 11.59 -2.57
N PRO H 302 11.14 12.43 -1.54
CA PRO H 302 9.91 13.17 -1.29
C PRO H 302 9.56 14.17 -2.39
N THR H 303 10.53 14.62 -3.16
CA THR H 303 10.33 15.62 -4.20
C THR H 303 10.06 14.99 -5.55
N LEU H 304 9.55 13.77 -5.59
CA LEU H 304 9.35 13.08 -6.86
C LEU H 304 8.40 13.86 -7.77
N ALA H 305 7.20 14.14 -7.29
CA ALA H 305 6.19 14.77 -8.13
C ALA H 305 6.63 16.14 -8.62
N THR H 306 7.22 16.94 -7.74
CA THR H 306 7.60 18.29 -8.13
C THR H 306 8.69 18.28 -9.18
N ASP H 307 9.72 17.44 -9.00
CA ASP H 307 10.78 17.36 -9.99
C ASP H 307 10.22 16.88 -11.32
N LEU H 308 9.42 15.83 -11.27
CA LEU H 308 8.83 15.30 -12.50
C LEU H 308 7.94 16.33 -13.18
N GLY H 309 7.18 17.09 -12.39
CA GLY H 309 6.31 18.10 -12.97
C GLY H 309 7.08 19.25 -13.59
N ALA H 310 8.17 19.67 -12.95
CA ALA H 310 8.98 20.73 -13.52
C ALA H 310 9.51 20.32 -14.90
N LEU H 311 9.84 19.05 -15.06
CA LEU H 311 10.30 18.55 -16.35
C LEU H 311 9.16 18.39 -17.33
N GLN H 312 7.99 17.98 -16.85
CA GLN H 312 6.87 17.69 -17.73
C GLN H 312 6.14 18.95 -18.19
N GLU H 313 6.06 19.98 -17.36
CA GLU H 313 5.32 21.16 -17.74
C GLU H 313 5.97 21.87 -18.91
N ARG H 314 7.27 21.67 -19.10
CA ARG H 314 7.99 22.26 -20.21
C ARG H 314 7.75 21.51 -21.52
N ILE H 315 7.33 20.25 -21.44
CA ILE H 315 7.05 19.46 -22.64
C ILE H 315 5.60 19.72 -22.98
N THR H 316 5.37 20.81 -23.70
CA THR H 316 4.00 21.18 -24.03
C THR H 316 3.99 22.08 -25.26
N THR H 317 2.85 22.10 -25.92
CA THR H 317 2.62 22.97 -27.06
C THR H 317 2.21 24.36 -26.59
N THR H 318 2.63 25.37 -27.35
CA THR H 318 2.34 26.75 -27.03
C THR H 318 1.91 27.47 -28.30
N GLN H 319 1.80 28.79 -28.22
CA GLN H 319 1.46 29.57 -29.39
C GLN H 319 2.62 29.63 -30.37
N LYS H 320 3.85 29.47 -29.88
CA LYS H 320 5.02 29.54 -30.74
C LYS H 320 5.12 28.31 -31.63
N GLY H 321 5.04 27.13 -31.02
CA GLY H 321 5.16 25.89 -31.77
C GLY H 321 4.66 24.72 -30.95
N SER H 322 4.56 23.58 -31.61
CA SER H 322 4.05 22.36 -31.02
C SER H 322 5.18 21.37 -30.76
N ILE H 323 5.07 20.65 -29.66
CA ILE H 323 6.01 19.60 -29.28
C ILE H 323 5.20 18.33 -29.05
N THR H 324 5.32 17.38 -29.95
CA THR H 324 4.72 16.06 -29.78
C THR H 324 5.76 15.17 -29.10
N SER H 325 5.47 14.78 -27.87
CA SER H 325 6.42 14.04 -27.05
C SER H 325 5.95 12.62 -26.84
N VAL H 326 6.84 11.67 -27.14
CA VAL H 326 6.62 10.25 -26.88
C VAL H 326 7.57 9.84 -25.78
N GLN H 327 7.03 9.53 -24.61
CA GLN H 327 7.82 9.18 -23.44
C GLN H 327 7.56 7.73 -23.07
N ALA H 328 8.63 6.94 -22.99
CA ALA H 328 8.55 5.58 -22.52
C ALA H 328 8.73 5.55 -21.01
N ILE H 329 7.84 4.87 -20.32
CA ILE H 329 7.86 4.79 -18.87
C ILE H 329 8.08 3.33 -18.48
N TYR H 330 9.13 3.07 -17.72
CA TYR H 330 9.40 1.73 -17.23
C TYR H 330 8.62 1.50 -15.94
N VAL H 331 7.84 0.42 -15.92
CA VAL H 331 7.05 0.04 -14.75
C VAL H 331 7.86 -0.99 -13.95
N PRO H 332 8.40 -0.63 -12.79
CA PRO H 332 9.21 -1.59 -12.04
C PRO H 332 8.37 -2.74 -11.52
N ALA H 333 8.82 -3.96 -11.83
CA ALA H 333 8.18 -5.19 -11.36
C ALA H 333 6.71 -5.26 -11.79
N ASP H 334 6.37 -4.58 -12.88
CA ASP H 334 5.02 -4.58 -13.41
C ASP H 334 4.01 -4.04 -12.42
N ASP H 335 4.44 -3.15 -11.54
CA ASP H 335 3.58 -2.58 -10.51
C ASP H 335 3.21 -1.17 -10.94
N LEU H 336 2.07 -1.05 -11.62
CA LEU H 336 1.57 0.25 -12.04
C LEU H 336 1.28 1.16 -10.87
N THR H 337 1.16 0.61 -9.66
CA THR H 337 0.91 1.42 -8.48
C THR H 337 2.19 2.03 -7.93
N ASP H 338 3.33 1.79 -8.56
CA ASP H 338 4.56 2.40 -8.10
C ASP H 338 4.44 3.92 -8.19
N PRO H 339 5.07 4.65 -7.28
CA PRO H 339 4.91 6.11 -7.27
C PRO H 339 5.31 6.78 -8.58
N ALA H 340 6.41 6.34 -9.19
CA ALA H 340 6.89 7.01 -10.40
C ALA H 340 5.87 6.95 -11.52
N PRO H 341 5.50 5.79 -12.04
CA PRO H 341 4.51 5.77 -13.14
C PRO H 341 3.16 6.32 -12.73
N ALA H 342 2.74 6.13 -11.48
CA ALA H 342 1.47 6.68 -11.03
C ALA H 342 1.45 8.19 -11.16
N THR H 343 2.51 8.85 -10.67
CA THR H 343 2.57 10.30 -10.78
C THR H 343 2.71 10.75 -12.24
N THR H 344 3.31 9.92 -13.08
CA THR H 344 3.48 10.28 -14.48
C THR H 344 2.15 10.27 -15.23
N PHE H 345 1.25 9.37 -14.85
CA PHE H 345 -0.02 9.23 -15.57
C PHE H 345 -0.71 10.57 -15.75
N ALA H 346 -0.68 11.42 -14.72
CA ALA H 346 -1.45 12.65 -14.72
C ALA H 346 -1.00 13.64 -15.78
N HIS H 347 0.25 13.57 -16.23
CA HIS H 347 0.78 14.56 -17.14
C HIS H 347 0.48 14.24 -18.59
N LEU H 348 0.15 12.99 -18.89
CA LEU H 348 0.03 12.52 -20.24
C LEU H 348 -1.35 12.78 -20.81
N ASP H 349 -1.39 13.14 -22.09
CA ASP H 349 -2.65 13.26 -22.81
C ASP H 349 -3.11 11.92 -23.34
N ALA H 350 -2.20 11.20 -23.99
CA ALA H 350 -2.45 9.85 -24.49
C ALA H 350 -1.59 8.85 -23.74
N THR H 351 -2.17 7.71 -23.42
CA THR H 351 -1.49 6.66 -22.68
C THR H 351 -1.56 5.35 -23.44
N THR H 352 -0.46 4.61 -23.43
CA THR H 352 -0.39 3.28 -24.04
C THR H 352 0.28 2.34 -23.06
N VAL H 353 -0.53 1.53 -22.37
CA VAL H 353 -0.03 0.62 -21.34
C VAL H 353 0.20 -0.74 -21.95
N LEU H 354 1.43 -1.22 -21.86
CA LEU H 354 1.81 -2.52 -22.39
C LEU H 354 1.68 -3.59 -21.32
N ASN H 355 1.04 -4.70 -21.67
CA ASN H 355 0.78 -5.78 -20.74
C ASN H 355 1.66 -6.98 -21.08
N ARG H 356 2.24 -7.60 -20.05
CA ARG H 356 3.10 -8.75 -20.26
C ARG H 356 2.34 -10.03 -20.56
N GLY H 357 1.11 -10.15 -20.06
CA GLY H 357 0.31 -11.33 -20.37
C GLY H 357 0.09 -11.52 -21.86
N LEU H 358 -0.13 -10.42 -22.58
CA LEU H 358 -0.32 -10.51 -24.02
C LEU H 358 0.90 -11.06 -24.73
N THR H 359 2.10 -10.64 -24.30
CA THR H 359 3.32 -11.20 -24.90
C THR H 359 3.34 -12.70 -24.80
N GLU H 360 2.98 -13.25 -23.64
CA GLU H 360 2.89 -14.70 -23.50
C GLU H 360 1.94 -15.29 -24.53
N LEU H 361 0.83 -14.61 -24.78
CA LEU H 361 -0.11 -15.06 -25.80
C LEU H 361 0.41 -14.84 -27.21
N GLY H 362 1.44 -14.02 -27.37
CA GLY H 362 2.02 -13.78 -28.67
C GLY H 362 1.53 -12.52 -29.36
N ILE H 363 0.64 -11.76 -28.74
CA ILE H 363 0.11 -10.55 -29.34
C ILE H 363 1.17 -9.45 -29.27
N TYR H 364 1.46 -8.85 -30.41
CA TYR H 364 2.38 -7.74 -30.49
C TYR H 364 1.78 -6.73 -31.45
N PRO H 365 1.74 -5.44 -31.09
CA PRO H 365 2.22 -4.90 -29.82
C PRO H 365 1.31 -5.25 -28.66
N ALA H 366 1.91 -5.58 -27.52
CA ALA H 366 1.18 -5.99 -26.33
C ALA H 366 0.56 -4.77 -25.65
N VAL H 367 -0.43 -4.19 -26.32
CA VAL H 367 -1.13 -3.02 -25.82
C VAL H 367 -2.40 -3.45 -25.12
N ASP H 368 -2.61 -2.96 -23.90
CA ASP H 368 -3.82 -3.25 -23.17
C ASP H 368 -4.89 -2.25 -23.58
N PRO H 369 -5.85 -2.65 -24.42
CA PRO H 369 -6.84 -1.68 -24.89
C PRO H 369 -7.68 -1.07 -23.79
N LEU H 370 -7.87 -1.79 -22.69
CA LEU H 370 -8.72 -1.30 -21.61
C LEU H 370 -8.00 -0.33 -20.69
N ASP H 371 -6.67 -0.32 -20.68
CA ASP H 371 -5.92 0.57 -19.82
C ASP H 371 -5.27 1.71 -20.59
N SER H 372 -5.30 1.68 -21.91
CA SER H 372 -4.74 2.74 -22.74
C SER H 372 -5.82 3.77 -23.02
N THR H 373 -5.77 4.89 -22.31
CA THR H 373 -6.73 5.96 -22.45
C THR H 373 -6.15 7.11 -23.27
N SER H 374 -7.05 7.86 -23.91
CA SER H 374 -6.64 9.02 -24.69
C SER H 374 -7.68 10.10 -24.56
N ARG H 375 -7.22 11.33 -24.30
CA ARG H 375 -8.10 12.48 -24.28
C ARG H 375 -8.68 12.78 -25.65
N MET H 376 -7.97 12.36 -26.70
CA MET H 376 -8.40 12.63 -28.07
C MET H 376 -9.65 11.84 -28.44
N LEU H 377 -10.00 10.84 -27.66
CA LEU H 377 -11.11 9.95 -27.99
C LEU H 377 -12.41 10.63 -27.55
N ASP H 378 -13.05 11.33 -28.48
CA ASP H 378 -14.34 11.96 -28.22
C ASP H 378 -15.07 12.12 -29.53
N PRO H 379 -16.40 12.14 -29.51
CA PRO H 379 -17.16 12.17 -30.77
C PRO H 379 -16.96 13.41 -31.60
N ILE H 380 -16.56 14.53 -31.00
CA ILE H 380 -16.43 15.78 -31.75
C ILE H 380 -15.07 15.85 -32.43
N THR H 381 -14.01 15.51 -31.71
CA THR H 381 -12.68 15.58 -32.28
C THR H 381 -12.50 14.57 -33.40
N ILE H 382 -12.82 13.33 -33.13
CA ILE H 382 -12.80 12.27 -34.12
C ILE H 382 -14.22 11.96 -34.54
N GLY H 383 -14.36 11.30 -35.68
CA GLY H 383 -15.67 10.97 -36.19
C GLY H 383 -16.47 10.14 -35.20
N GLU H 384 -17.79 10.40 -35.18
CA GLU H 384 -18.67 9.64 -34.31
C GLU H 384 -18.58 8.14 -34.61
N GLU H 385 -18.39 7.78 -35.88
CA GLU H 385 -18.20 6.37 -36.22
C GLU H 385 -16.95 5.81 -35.56
N HIS H 386 -15.87 6.57 -35.60
CA HIS H 386 -14.61 6.11 -35.02
C HIS H 386 -14.78 5.84 -33.53
N TYR H 387 -15.54 6.71 -32.85
CA TYR H 387 -15.78 6.58 -31.42
C TYR H 387 -16.67 5.39 -31.11
N THR H 388 -17.73 5.18 -31.88
CA THR H 388 -18.62 4.06 -31.61
C THR H 388 -17.88 2.73 -31.76
N VAL H 389 -17.05 2.62 -32.79
CA VAL H 389 -16.31 1.39 -33.03
C VAL H 389 -15.34 1.12 -31.90
N ALA H 390 -14.64 2.15 -31.44
CA ALA H 390 -13.71 1.98 -30.34
C ALA H 390 -14.41 1.55 -29.07
N ARG H 391 -15.53 2.19 -28.75
CA ARG H 391 -16.25 1.82 -27.54
C ARG H 391 -16.82 0.42 -27.63
N GLY H 392 -17.26 0.01 -28.82
CA GLY H 392 -17.76 -1.33 -28.98
C GLY H 392 -16.68 -2.38 -28.76
N VAL H 393 -15.49 -2.13 -29.28
CA VAL H 393 -14.37 -3.04 -29.06
C VAL H 393 -14.06 -3.15 -27.58
N GLN H 394 -14.02 -2.00 -26.89
CA GLN H 394 -13.70 -2.00 -25.47
C GLN H 394 -14.77 -2.74 -24.68
N LYS H 395 -16.04 -2.54 -25.04
CA LYS H 395 -17.12 -3.23 -24.36
C LYS H 395 -17.05 -4.73 -24.61
N LEU H 396 -16.76 -5.12 -25.84
CA LEU H 396 -16.61 -6.53 -26.17
C LEU H 396 -15.48 -7.16 -25.37
N LEU H 397 -14.32 -6.50 -25.35
CA LEU H 397 -13.17 -7.05 -24.65
C LEU H 397 -13.40 -7.10 -23.14
N GLN H 398 -14.05 -6.07 -22.59
CA GLN H 398 -14.32 -6.06 -21.16
C GLN H 398 -15.28 -7.18 -20.78
N ASP H 399 -16.32 -7.39 -21.58
CA ASP H 399 -17.24 -8.48 -21.32
C ASP H 399 -16.51 -9.81 -21.33
N TYR H 400 -15.64 -10.03 -22.32
CA TYR H 400 -14.87 -11.27 -22.37
C TYR H 400 -13.94 -11.38 -21.17
N LYS H 401 -13.36 -10.25 -20.75
CA LYS H 401 -12.42 -10.29 -19.63
C LYS H 401 -13.13 -10.62 -18.33
N SER H 402 -14.41 -10.23 -18.21
CA SER H 402 -15.17 -10.54 -17.02
C SER H 402 -15.48 -12.02 -16.91
N LEU H 403 -15.24 -12.80 -17.95
CA LEU H 403 -15.58 -14.22 -17.98
C LEU H 403 -14.36 -15.11 -17.96
N GLN H 404 -13.16 -14.55 -17.95
CA GLN H 404 -11.97 -15.39 -18.12
C GLN H 404 -11.73 -16.29 -16.92
N ASP H 405 -12.04 -15.82 -15.71
CA ASP H 405 -11.81 -16.64 -14.53
C ASP H 405 -12.62 -17.93 -14.59
N ILE H 406 -13.93 -17.81 -14.77
CA ILE H 406 -14.79 -18.99 -14.78
C ILE H 406 -14.43 -19.90 -15.95
N ILE H 407 -14.19 -19.31 -17.13
CA ILE H 407 -13.79 -20.12 -18.28
C ILE H 407 -12.51 -20.88 -17.97
N ALA H 408 -11.63 -20.29 -17.17
CA ALA H 408 -10.40 -20.98 -16.79
C ALA H 408 -10.71 -22.14 -15.86
N ILE H 409 -11.54 -21.92 -14.85
CA ILE H 409 -11.91 -23.00 -13.94
C ILE H 409 -12.66 -24.09 -14.68
N LEU H 410 -13.70 -23.71 -15.40
CA LEU H 410 -14.50 -24.64 -16.17
C LEU H 410 -14.73 -24.09 -17.57
N GLY H 411 -14.88 -24.98 -18.53
CA GLY H 411 -14.96 -24.58 -19.92
C GLY H 411 -16.12 -23.67 -20.26
N VAL H 412 -16.23 -23.35 -21.55
CA VAL H 412 -17.29 -22.49 -22.04
C VAL H 412 -18.55 -23.26 -22.42
N ASP H 413 -18.57 -24.57 -22.24
CA ASP H 413 -19.74 -25.35 -22.64
C ASP H 413 -20.99 -24.91 -21.88
N ASP H 414 -20.92 -24.87 -20.55
CA ASP H 414 -22.04 -24.40 -19.76
C ASP H 414 -22.36 -22.92 -20.01
N LEU H 415 -21.48 -22.22 -20.72
CA LEU H 415 -21.69 -20.81 -21.00
C LEU H 415 -22.85 -20.61 -21.96
N SER H 416 -23.54 -19.48 -21.81
CA SER H 416 -24.67 -19.19 -22.67
C SER H 416 -24.24 -19.05 -24.13
N GLU H 417 -25.23 -19.10 -25.02
CA GLU H 417 -24.96 -18.98 -26.45
C GLU H 417 -24.46 -17.59 -26.82
N GLU H 418 -25.12 -16.55 -26.31
CA GLU H 418 -24.64 -15.19 -26.57
C GLU H 418 -23.26 -14.95 -25.97
N ASP H 419 -23.01 -15.48 -24.78
CA ASP H 419 -21.69 -15.30 -24.19
C ASP H 419 -20.62 -16.06 -24.97
N LYS H 420 -20.96 -17.24 -25.49
CA LYS H 420 -20.01 -17.97 -26.32
C LYS H 420 -19.71 -17.21 -27.60
N LEU H 421 -20.72 -16.60 -28.21
CA LEU H 421 -20.46 -15.77 -29.38
C LEU H 421 -19.54 -14.62 -29.04
N VAL H 422 -19.75 -14.01 -27.87
CA VAL H 422 -18.88 -12.93 -27.42
C VAL H 422 -17.46 -13.43 -27.25
N VAL H 423 -17.30 -14.62 -26.66
CA VAL H 423 -15.95 -15.15 -26.46
C VAL H 423 -15.26 -15.36 -27.80
N ALA H 424 -15.96 -15.98 -28.75
CA ALA H 424 -15.36 -16.22 -30.05
C ALA H 424 -14.97 -14.91 -30.72
N ARG H 425 -15.88 -13.95 -30.72
CA ARG H 425 -15.62 -12.68 -31.37
C ARG H 425 -14.51 -11.89 -30.68
N ALA H 426 -14.40 -12.00 -29.36
CA ALA H 426 -13.35 -11.29 -28.64
C ALA H 426 -11.98 -11.86 -28.95
N ARG H 427 -11.87 -13.18 -29.06
CA ARG H 427 -10.62 -13.79 -29.48
C ARG H 427 -10.19 -13.28 -30.86
N LYS H 428 -11.13 -13.25 -31.80
CA LYS H 428 -10.82 -12.74 -33.13
C LYS H 428 -10.29 -11.32 -33.06
N VAL H 429 -10.98 -10.45 -32.34
CA VAL H 429 -10.59 -9.05 -32.28
C VAL H 429 -9.26 -8.88 -31.58
N GLN H 430 -9.04 -9.62 -30.49
CA GLN H 430 -7.78 -9.51 -29.77
C GLN H 430 -6.61 -9.95 -30.66
N LYS H 431 -6.81 -11.01 -31.44
CA LYS H 431 -5.79 -11.43 -32.40
C LYS H 431 -5.59 -10.39 -33.49
N PHE H 432 -6.69 -9.80 -33.98
CA PHE H 432 -6.60 -8.87 -35.09
C PHE H 432 -5.90 -7.58 -34.68
N LEU H 433 -5.92 -7.26 -33.38
CA LEU H 433 -5.26 -6.06 -32.90
C LEU H 433 -3.77 -6.11 -33.16
N SER H 434 -3.17 -7.29 -33.12
CA SER H 434 -1.75 -7.45 -33.36
C SER H 434 -1.43 -7.16 -34.82
N GLN H 435 -0.24 -6.60 -35.05
CA GLN H 435 0.20 -6.33 -36.40
C GLN H 435 1.71 -6.40 -36.49
N PRO H 436 2.25 -6.90 -37.60
CA PRO H 436 3.70 -6.92 -37.76
C PRO H 436 4.24 -5.54 -38.08
N PHE H 437 5.39 -5.24 -37.52
CA PHE H 437 6.07 -3.97 -37.76
C PHE H 437 7.20 -4.15 -38.75
N PHE H 438 7.58 -3.05 -39.39
CA PHE H 438 8.74 -3.06 -40.28
C PHE H 438 10.02 -3.30 -39.49
N MET H 439 10.19 -2.57 -38.39
CA MET H 439 11.41 -2.71 -37.60
C MET H 439 11.49 -4.08 -36.94
N SER H 440 10.35 -4.70 -36.64
CA SER H 440 10.32 -6.04 -36.10
C SER H 440 10.31 -7.11 -37.18
N GLU H 441 10.74 -6.77 -38.39
CA GLU H 441 10.66 -7.72 -39.50
C GLU H 441 11.68 -8.84 -39.35
N VAL H 442 12.83 -8.54 -38.75
CA VAL H 442 13.87 -9.57 -38.58
C VAL H 442 13.43 -10.62 -37.58
N PHE H 443 12.76 -10.19 -36.50
CA PHE H 443 12.33 -11.14 -35.48
C PHE H 443 11.35 -12.15 -36.05
N SER H 444 10.20 -11.67 -36.52
CA SER H 444 9.17 -12.54 -37.05
C SER H 444 9.51 -13.08 -38.42
N GLY H 445 10.17 -12.27 -39.25
CA GLY H 445 10.46 -12.67 -40.60
C GLY H 445 9.37 -12.37 -41.60
N ILE H 446 8.31 -11.68 -41.18
CA ILE H 446 7.20 -11.35 -42.08
C ILE H 446 7.18 -9.84 -42.30
N PRO H 447 6.76 -9.39 -43.48
CA PRO H 447 6.81 -7.95 -43.77
C PRO H 447 5.82 -7.16 -42.93
N GLY H 448 6.26 -5.96 -42.54
CA GLY H 448 5.42 -5.08 -41.76
C GLY H 448 4.22 -4.57 -42.53
N ARG H 449 3.26 -4.05 -41.78
CA ARG H 449 2.03 -3.52 -42.35
C ARG H 449 1.76 -2.13 -41.81
N PHE H 450 1.30 -1.24 -42.69
CA PHE H 450 0.84 0.08 -42.34
C PHE H 450 -0.64 0.15 -42.65
N VAL H 451 -1.44 0.48 -41.64
CA VAL H 451 -2.90 0.45 -41.75
C VAL H 451 -3.42 1.88 -41.70
N ASN H 452 -4.03 2.31 -42.80
CA ASN H 452 -4.66 3.62 -42.81
C ASN H 452 -5.81 3.64 -41.82
N LEU H 453 -6.20 4.84 -41.41
CA LEU H 453 -7.26 4.96 -40.42
C LEU H 453 -8.59 4.45 -40.96
N LYS H 454 -8.93 4.79 -42.20
CA LYS H 454 -10.19 4.33 -42.77
C LYS H 454 -10.27 2.81 -42.80
N GLN H 455 -9.21 2.17 -43.31
CA GLN H 455 -9.19 0.72 -43.38
C GLN H 455 -9.32 0.10 -42.00
N ASN H 456 -8.66 0.70 -41.01
CA ASN H 456 -8.73 0.19 -39.65
C ASN H 456 -10.16 0.20 -39.13
N ILE H 457 -10.84 1.35 -39.25
CA ILE H 457 -12.21 1.46 -38.76
C ILE H 457 -13.12 0.49 -39.49
N ALA H 458 -12.98 0.40 -40.81
CA ALA H 458 -13.84 -0.50 -41.57
C ALA H 458 -13.61 -1.94 -41.13
N SER H 459 -12.35 -2.32 -40.94
CA SER H 459 -12.05 -3.68 -40.54
C SER H 459 -12.72 -4.03 -39.22
N PHE H 460 -12.61 -3.14 -38.23
CA PHE H 460 -13.17 -3.43 -36.93
C PHE H 460 -14.69 -3.31 -36.92
N LYS H 461 -15.24 -2.43 -37.75
CA LYS H 461 -16.69 -2.35 -37.87
C LYS H 461 -17.26 -3.64 -38.44
N ALA H 462 -16.66 -4.13 -39.53
CA ALA H 462 -17.12 -5.38 -40.13
C ALA H 462 -16.95 -6.55 -39.18
N LEU H 463 -15.90 -6.53 -38.37
CA LEU H 463 -15.64 -7.62 -37.45
C LEU H 463 -16.66 -7.66 -36.32
N LEU H 464 -17.01 -6.49 -35.80
CA LEU H 464 -18.06 -6.44 -34.78
C LEU H 464 -19.39 -6.90 -35.34
N GLU H 465 -19.67 -6.55 -36.60
CA GLU H 465 -20.91 -6.97 -37.24
C GLU H 465 -20.97 -8.48 -37.49
N GLY H 466 -19.84 -9.16 -37.43
CA GLY H 466 -19.79 -10.59 -37.65
C GLY H 466 -19.32 -11.01 -39.02
N ALA H 467 -18.50 -10.21 -39.69
CA ALA H 467 -18.06 -10.55 -41.04
C ALA H 467 -17.18 -11.79 -41.02
N GLY H 468 -16.14 -11.79 -40.21
CA GLY H 468 -15.18 -12.88 -40.18
C GLY H 468 -15.38 -13.90 -39.09
N ASP H 469 -16.59 -13.98 -38.54
CA ASP H 469 -16.83 -14.92 -37.44
C ASP H 469 -16.74 -16.36 -37.92
N GLU H 470 -17.10 -16.63 -39.18
CA GLU H 470 -17.10 -17.99 -39.68
C GLU H 470 -15.69 -18.56 -39.82
N TYR H 471 -14.70 -17.71 -40.07
CA TYR H 471 -13.34 -18.16 -40.28
C TYR H 471 -12.65 -18.45 -38.96
N PRO H 472 -11.51 -19.16 -39.00
CA PRO H 472 -10.75 -19.40 -37.78
C PRO H 472 -9.98 -18.18 -37.32
N GLU H 473 -9.74 -18.13 -36.01
CA GLU H 473 -9.07 -16.98 -35.41
C GLU H 473 -7.62 -16.86 -35.83
N SER H 474 -7.01 -17.93 -36.35
CA SER H 474 -5.61 -17.87 -36.74
C SER H 474 -5.37 -17.00 -37.96
N CYS H 475 -6.39 -16.81 -38.81
CA CYS H 475 -6.20 -16.00 -40.00
C CYS H 475 -6.04 -14.52 -39.68
N PHE H 476 -6.43 -14.09 -38.49
CA PHE H 476 -6.29 -12.69 -38.08
C PHE H 476 -4.97 -12.37 -37.41
N TYR H 477 -4.13 -13.36 -37.16
CA TYR H 477 -2.89 -13.12 -36.45
C TYR H 477 -1.88 -12.45 -37.37
N MET H 478 -1.33 -11.33 -36.92
CA MET H 478 -0.30 -10.59 -37.64
C MET H 478 -0.74 -10.26 -39.06
N LYS H 479 -1.93 -9.67 -39.17
CA LYS H 479 -2.46 -9.22 -40.44
C LYS H 479 -2.62 -7.70 -40.42
N GLY H 480 -2.43 -7.09 -41.57
CA GLY H 480 -2.52 -5.66 -41.71
C GLY H 480 -3.96 -5.16 -41.75
N ASP H 481 -4.74 -5.72 -42.68
CA ASP H 481 -6.11 -5.31 -42.90
C ASP H 481 -7.01 -6.53 -42.94
N LEU H 482 -8.31 -6.27 -42.76
CA LEU H 482 -9.29 -7.35 -42.70
C LEU H 482 -9.30 -8.19 -43.97
N GLU H 483 -9.06 -7.57 -45.12
CA GLU H 483 -9.08 -8.32 -46.38
C GLU H 483 -7.96 -9.35 -46.41
N GLU H 484 -6.79 -9.02 -45.85
CA GLU H 484 -5.71 -9.98 -45.80
C GLU H 484 -6.10 -11.20 -44.97
N SER H 485 -6.73 -10.98 -43.82
CA SER H 485 -7.15 -12.09 -42.99
C SER H 485 -8.20 -12.95 -43.68
N LEU H 486 -9.13 -12.32 -44.38
CA LEU H 486 -10.16 -13.08 -45.10
C LEU H 486 -9.55 -13.93 -46.20
N ALA H 487 -8.59 -13.39 -46.93
CA ALA H 487 -7.96 -14.17 -47.99
C ALA H 487 -7.26 -15.39 -47.42
N ALA H 488 -6.54 -15.23 -46.32
CA ALA H 488 -5.90 -16.38 -45.69
C ALA H 488 -6.94 -17.36 -45.18
N GLY H 489 -8.00 -16.86 -44.55
CA GLY H 489 -9.04 -17.74 -44.07
C GLY H 489 -9.78 -18.44 -45.20
N ARG H 490 -10.02 -17.72 -46.29
CA ARG H 490 -10.67 -18.32 -47.45
C ARG H 490 -9.79 -19.39 -48.08
N ALA H 491 -8.49 -19.14 -48.16
CA ALA H 491 -7.58 -20.16 -48.68
C ALA H 491 -7.59 -21.39 -47.79
N ASP H 492 -7.66 -21.20 -46.47
CA ASP H 492 -7.72 -22.35 -45.57
C ASP H 492 -9.01 -23.12 -45.76
N ALA H 493 -10.14 -22.41 -45.92
CA ALA H 493 -11.38 -23.09 -46.24
C ALA H 493 -11.28 -23.80 -47.59
N LEU H 494 -10.61 -23.18 -48.55
CA LEU H 494 -10.46 -23.77 -49.87
C LEU H 494 -9.56 -25.00 -49.85
N LYS H 495 -8.49 -24.98 -49.07
CA LYS H 495 -7.56 -26.11 -49.08
C LYS H 495 -8.25 -27.41 -48.69
N SER H 496 -9.24 -27.32 -47.80
CA SER H 496 -9.97 -28.50 -47.37
C SER H 496 -11.37 -28.53 -47.98
N THR I 28 -10.62 -9.95 -11.75
CA THR I 28 -10.44 -11.22 -11.06
C THR I 28 -11.19 -11.24 -9.73
N ARG I 29 -12.45 -11.67 -9.78
CA ARG I 29 -13.30 -11.76 -8.59
C ARG I 29 -14.26 -12.94 -8.77
N GLU I 30 -13.88 -14.07 -8.16
CA GLU I 30 -14.72 -15.26 -8.19
C GLU I 30 -15.71 -15.27 -7.05
N GLU I 31 -15.38 -14.59 -5.94
CA GLU I 31 -16.28 -14.52 -4.81
C GLU I 31 -17.54 -13.75 -5.16
N GLU I 32 -17.40 -12.68 -5.92
CA GLU I 32 -18.56 -11.90 -6.34
C GLU I 32 -19.42 -12.73 -7.28
N TRP I 33 -18.80 -13.54 -8.13
CA TRP I 33 -19.55 -14.40 -9.04
C TRP I 33 -20.42 -15.39 -8.28
N LEU I 34 -19.85 -16.05 -7.28
CA LEU I 34 -20.62 -16.98 -6.46
C LEU I 34 -21.74 -16.25 -5.72
N ASP I 35 -21.44 -15.07 -5.18
CA ASP I 35 -22.45 -14.33 -4.44
C ASP I 35 -23.61 -13.94 -5.33
N LYS I 36 -23.32 -13.46 -6.54
CA LYS I 36 -24.39 -13.12 -7.47
C LYS I 36 -25.19 -14.35 -7.86
N ARG I 37 -24.49 -15.45 -8.17
CA ARG I 37 -25.17 -16.69 -8.51
C ARG I 37 -26.09 -17.13 -7.38
N THR I 38 -25.57 -17.14 -6.15
CA THR I 38 -26.37 -17.56 -5.01
C THR I 38 -27.62 -16.71 -4.87
N LYS I 39 -27.45 -15.39 -4.88
CA LYS I 39 -28.57 -14.48 -4.70
C LYS I 39 -29.63 -14.69 -5.77
N SER I 40 -29.20 -14.80 -7.03
CA SER I 40 -30.15 -14.88 -8.12
C SER I 40 -31.00 -16.15 -8.04
N GLN I 41 -30.35 -17.29 -7.81
CA GLN I 41 -31.10 -18.54 -7.76
C GLN I 41 -32.06 -18.58 -6.58
N GLU I 42 -31.60 -18.13 -5.41
CA GLU I 42 -32.48 -18.07 -4.26
C GLU I 42 -33.70 -17.21 -4.53
N LYS I 43 -33.51 -16.07 -5.17
CA LYS I 43 -34.62 -15.17 -5.43
C LYS I 43 -35.67 -15.81 -6.32
N VAL I 44 -35.23 -16.47 -7.39
CA VAL I 44 -36.17 -17.11 -8.31
C VAL I 44 -36.97 -18.18 -7.56
N TYR I 45 -36.28 -19.11 -6.92
CA TYR I 45 -36.96 -20.21 -6.26
C TYR I 45 -37.94 -19.71 -5.21
N PHE I 46 -37.49 -18.77 -4.37
CA PHE I 46 -38.32 -18.29 -3.27
C PHE I 46 -39.37 -17.27 -3.71
N ASP I 47 -39.18 -16.66 -4.88
CA ASP I 47 -40.27 -15.85 -5.44
C ASP I 47 -41.43 -16.74 -5.85
N GLN I 48 -41.13 -17.88 -6.49
CA GLN I 48 -42.18 -18.84 -6.80
C GLN I 48 -42.87 -19.35 -5.54
N GLU I 49 -42.09 -19.66 -4.51
CA GLU I 49 -42.67 -20.11 -3.25
C GLU I 49 -43.60 -19.06 -2.65
N ASP I 50 -43.25 -17.78 -2.78
CA ASP I 50 -44.11 -16.72 -2.24
C ASP I 50 -45.43 -16.66 -2.99
N ARG I 51 -45.39 -16.86 -4.30
CA ARG I 51 -46.62 -16.95 -5.08
C ARG I 51 -47.52 -18.05 -4.55
N LYS I 52 -46.96 -19.25 -4.37
CA LYS I 52 -47.71 -20.39 -3.90
C LYS I 52 -48.28 -20.13 -2.51
N ALA I 53 -47.48 -19.52 -1.64
CA ALA I 53 -47.92 -19.28 -0.28
C ALA I 53 -49.06 -18.29 -0.21
N MET I 54 -49.02 -17.23 -1.03
CA MET I 54 -50.12 -16.29 -1.03
C MET I 54 -51.40 -16.94 -1.52
N LYS I 55 -51.32 -17.72 -2.58
CA LYS I 55 -52.49 -18.43 -3.09
C LYS I 55 -53.06 -19.41 -2.08
N ARG I 56 -52.21 -20.22 -1.46
CA ARG I 56 -52.72 -21.21 -0.51
C ARG I 56 -53.36 -20.58 0.71
N LEU I 57 -52.74 -19.53 1.27
CA LEU I 57 -53.33 -18.89 2.43
C LEU I 57 -54.61 -18.15 2.05
N LEU I 58 -54.63 -17.54 0.86
CA LEU I 58 -55.86 -16.89 0.42
C LEU I 58 -56.99 -17.89 0.28
N GLU I 59 -56.71 -19.05 -0.32
CA GLU I 59 -57.74 -20.08 -0.41
C GLU I 59 -58.20 -20.47 0.99
N LYS I 60 -57.27 -20.52 1.93
CA LYS I 60 -57.57 -20.91 3.31
C LYS I 60 -58.27 -19.81 4.08
N LEU I 61 -57.95 -18.54 3.82
CA LEU I 61 -58.58 -17.45 4.55
C LEU I 61 -60.01 -17.23 4.11
N ASN I 62 -60.29 -17.40 2.81
CA ASN I 62 -61.65 -17.25 2.32
C ASN I 62 -62.59 -18.23 3.00
N THR I 63 -62.08 -19.33 3.52
CA THR I 63 -62.89 -20.33 4.21
C THR I 63 -62.06 -21.05 5.26
N ASN J 115 -58.84 5.87 -44.73
CA ASN J 115 -58.36 6.82 -45.72
C ASN J 115 -58.97 8.20 -45.50
N MET J 116 -60.08 8.24 -44.77
CA MET J 116 -60.69 9.52 -44.42
C MET J 116 -59.70 10.44 -43.72
N ALA J 117 -58.84 9.85 -42.88
CA ALA J 117 -57.81 10.65 -42.21
C ALA J 117 -56.88 11.35 -43.19
N LYS J 118 -56.63 10.73 -44.35
CA LYS J 118 -55.77 11.37 -45.34
C LYS J 118 -56.38 12.66 -45.86
N ALA J 119 -57.68 12.64 -46.17
CA ALA J 119 -58.34 13.86 -46.61
C ALA J 119 -58.31 14.94 -45.55
N TYR J 120 -58.58 14.57 -44.30
CA TYR J 120 -58.54 15.55 -43.21
C TYR J 120 -57.15 16.14 -43.04
N VAL J 121 -56.11 15.31 -43.19
CA VAL J 121 -54.75 15.81 -43.04
C VAL J 121 -54.46 16.87 -44.09
N HIS J 122 -54.79 16.59 -45.34
CA HIS J 122 -54.54 17.56 -46.41
C HIS J 122 -55.27 18.87 -46.14
N ASP J 123 -56.54 18.80 -45.73
CA ASP J 123 -57.29 20.02 -45.45
C ASP J 123 -56.65 20.83 -44.34
N ILE J 124 -56.39 20.17 -43.20
CA ILE J 124 -55.84 20.89 -42.05
C ILE J 124 -54.49 21.48 -42.40
N CYS J 125 -53.71 20.79 -43.24
CA CYS J 125 -52.41 21.32 -43.62
C CYS J 125 -52.56 22.52 -44.54
N GLY J 126 -53.62 22.54 -45.33
CA GLY J 126 -53.83 23.66 -46.23
C GLY J 126 -53.86 25.00 -45.51
N TYR J 127 -54.40 25.01 -44.29
CA TYR J 127 -54.60 26.24 -43.53
C TYR J 127 -53.45 26.53 -42.58
N ILE J 128 -52.30 25.90 -42.78
CA ILE J 128 -51.09 26.23 -42.05
C ILE J 128 -50.49 27.48 -42.69
N ASP J 129 -49.52 28.10 -42.04
CA ASP J 129 -48.78 29.25 -42.53
C ASP J 129 -49.55 30.55 -42.35
N VAL J 130 -50.79 30.50 -41.86
CA VAL J 130 -51.56 31.74 -41.70
C VAL J 130 -50.88 32.65 -40.69
N ALA J 131 -50.64 32.14 -39.48
CA ALA J 131 -49.99 32.96 -38.45
C ALA J 131 -48.59 33.39 -38.88
N ASN J 132 -47.87 32.55 -39.62
CA ASN J 132 -46.54 32.94 -40.06
C ASN J 132 -46.61 34.13 -41.02
N LYS J 133 -47.56 34.10 -41.95
CA LYS J 133 -47.73 35.23 -42.87
C LYS J 133 -48.17 36.47 -42.11
N GLU J 134 -49.06 36.31 -41.13
CA GLU J 134 -49.48 37.42 -40.29
C GLU J 134 -48.28 38.06 -39.61
N ASN J 135 -47.39 37.24 -39.04
CA ASN J 135 -46.21 37.78 -38.39
C ASN J 135 -45.33 38.52 -39.39
N VAL J 136 -45.19 37.98 -40.60
CA VAL J 136 -44.38 38.65 -41.61
C VAL J 136 -44.87 40.07 -41.83
N ARG J 137 -46.17 40.24 -42.03
CA ARG J 137 -46.72 41.58 -42.23
C ARG J 137 -46.48 42.46 -41.00
N ILE J 138 -46.88 41.97 -39.83
CA ILE J 138 -46.78 42.80 -38.62
C ILE J 138 -45.34 43.16 -38.34
N LEU J 139 -44.41 42.23 -38.57
CA LEU J 139 -43.01 42.49 -38.24
C LEU J 139 -42.32 43.24 -39.36
N SER J 140 -42.74 43.03 -40.61
CA SER J 140 -42.29 43.85 -41.73
C SER J 140 -42.87 45.26 -41.67
N LYS J 141 -43.89 45.48 -40.84
CA LYS J 141 -44.46 46.81 -40.66
C LYS J 141 -43.38 47.82 -40.28
N GLY J 142 -42.73 47.58 -39.15
CA GLY J 142 -41.72 48.49 -38.65
C GLY J 142 -40.53 47.71 -38.12
N ASP J 143 -39.40 48.41 -38.07
CA ASP J 143 -38.18 47.84 -37.52
C ASP J 143 -37.97 48.45 -36.15
N LEU J 144 -37.89 47.60 -35.14
CA LEU J 144 -37.82 48.05 -33.75
C LEU J 144 -36.66 49.03 -33.54
N ILE J 145 -35.44 48.54 -33.72
CA ILE J 145 -34.22 49.33 -33.50
C ILE J 145 -34.37 50.25 -32.30
N GLN K 27 -51.88 42.19 -20.38
CA GLN K 27 -52.93 42.76 -21.21
C GLN K 27 -53.13 41.96 -22.49
N VAL K 28 -52.07 41.28 -22.92
CA VAL K 28 -52.18 40.46 -24.13
C VAL K 28 -53.20 39.36 -23.94
N ALA K 29 -53.32 38.83 -22.72
CA ALA K 29 -54.33 37.82 -22.45
C ALA K 29 -55.73 38.37 -22.71
N GLN K 30 -55.93 39.66 -22.45
CA GLN K 30 -57.24 40.26 -22.71
C GLN K 30 -57.54 40.22 -24.20
N ALA K 31 -56.58 40.65 -25.03
CA ALA K 31 -56.75 40.55 -26.47
C ALA K 31 -56.90 39.09 -26.89
N ASN K 32 -56.19 38.19 -26.20
CA ASN K 32 -56.32 36.77 -26.48
C ASN K 32 -57.76 36.29 -26.29
N TYR K 33 -58.34 36.58 -25.14
CA TYR K 33 -59.71 36.13 -24.89
C TYR K 33 -60.70 36.80 -25.82
N SER K 34 -60.49 38.09 -26.13
CA SER K 34 -61.41 38.77 -27.04
C SER K 34 -61.35 38.14 -28.42
N LYS K 35 -60.15 37.93 -28.93
CA LYS K 35 -59.99 37.29 -30.24
C LYS K 35 -60.55 35.88 -30.21
N PHE K 36 -60.38 35.19 -29.09
CA PHE K 36 -60.88 33.82 -28.96
C PHE K 36 -62.38 33.75 -29.18
N ARG K 37 -63.13 34.65 -28.52
CA ARG K 37 -64.58 34.68 -28.70
C ARG K 37 -64.94 35.06 -30.13
N ALA K 38 -64.17 35.96 -30.75
CA ALA K 38 -64.46 36.37 -32.11
C ALA K 38 -64.40 35.20 -33.08
N ASP K 39 -63.37 34.36 -32.97
CA ASP K 39 -63.28 33.20 -33.82
C ASP K 39 -64.42 32.23 -33.54
N TYR K 40 -64.77 32.07 -32.26
CA TYR K 40 -65.89 31.21 -31.90
C TYR K 40 -67.19 31.68 -32.54
N SER K 41 -67.46 32.98 -32.48
CA SER K 41 -68.69 33.49 -33.06
C SER K 41 -68.75 33.25 -34.57
N ALA K 42 -67.64 33.53 -35.27
CA ALA K 42 -67.61 33.27 -36.70
C ALA K 42 -67.88 31.80 -37.00
N SER K 43 -67.30 30.90 -36.21
CA SER K 43 -67.57 29.48 -36.38
C SER K 43 -69.04 29.16 -36.09
N VAL K 44 -69.58 29.74 -35.02
CA VAL K 44 -70.98 29.53 -34.67
C VAL K 44 -71.90 29.93 -35.82
N ALA K 45 -71.45 30.84 -36.69
CA ALA K 45 -72.24 31.18 -37.86
C ALA K 45 -72.54 29.97 -38.74
N ALA K 46 -71.73 28.92 -38.64
CA ALA K 46 -71.83 27.81 -39.58
C ALA K 46 -73.23 27.19 -39.63
N PHE K 47 -74.03 27.28 -38.57
CA PHE K 47 -75.40 26.80 -38.74
C PHE K 47 -76.15 27.58 -39.80
N GLN K 48 -75.64 28.73 -40.21
CA GLN K 48 -76.29 29.52 -41.25
C GLN K 48 -76.20 28.80 -42.60
N GLN K 49 -75.06 28.17 -42.89
CA GLN K 49 -74.92 27.50 -44.16
C GLN K 49 -75.95 26.39 -44.32
N ARG K 50 -76.26 25.67 -43.24
CA ARG K 50 -77.25 24.60 -43.34
C ARG K 50 -78.59 25.18 -43.79
N ILE K 51 -78.94 26.36 -43.29
CA ILE K 51 -80.20 26.99 -43.68
C ILE K 51 -80.20 27.24 -45.19
N LYS K 52 -79.05 27.64 -45.73
CA LYS K 52 -78.96 27.89 -47.17
C LYS K 52 -79.24 26.60 -47.93
N THR K 53 -78.69 25.48 -47.45
CA THR K 53 -78.94 24.20 -48.10
C THR K 53 -80.40 23.83 -48.02
N ILE K 54 -81.04 24.12 -46.88
CA ILE K 54 -82.45 23.80 -46.72
C ILE K 54 -83.27 24.55 -47.75
N GLU K 55 -82.92 25.82 -48.00
CA GLU K 55 -83.65 26.60 -48.98
C GLU K 55 -83.53 25.99 -50.37
N LYS K 56 -82.32 25.54 -50.73
CA LYS K 56 -82.12 24.91 -52.03
C LYS K 56 -82.92 23.62 -52.15
N GLU K 57 -82.95 22.82 -51.06
CA GLU K 57 -83.72 21.58 -51.09
C GLU K 57 -85.21 21.85 -51.20
N ASN K 58 -85.70 22.89 -50.52
CA ASN K 58 -87.11 23.22 -50.59
C ASN K 58 -87.52 23.58 -52.01
N THR K 59 -86.67 24.31 -52.73
CA THR K 59 -87.00 24.68 -54.10
C THR K 59 -87.11 23.43 -54.98
N GLY K 60 -86.21 22.47 -54.78
CA GLY K 60 -86.22 21.24 -55.54
C GLY K 60 -87.58 20.57 -55.59
N SER K 61 -88.15 20.47 -56.79
CA SER K 61 -89.46 19.87 -56.95
C SER K 61 -89.55 19.08 -58.25
N HIS K 211 -67.52 12.25 -37.52
CA HIS K 211 -67.01 13.29 -38.42
C HIS K 211 -67.68 14.64 -38.16
N THR K 212 -68.90 14.61 -37.63
CA THR K 212 -69.63 15.85 -37.39
C THR K 212 -68.81 16.84 -36.58
N SER K 213 -67.95 16.34 -35.69
CA SER K 213 -67.14 17.19 -34.83
C SER K 213 -65.91 17.74 -35.53
N TYR K 214 -65.67 17.36 -36.79
CA TYR K 214 -64.47 17.81 -37.48
C TYR K 214 -64.45 19.32 -37.64
N GLY K 215 -65.57 19.92 -38.01
CA GLY K 215 -65.61 21.37 -38.13
C GLY K 215 -65.28 22.07 -36.83
N GLU K 216 -65.87 21.59 -35.73
CA GLU K 216 -65.63 22.22 -34.43
C GLU K 216 -64.18 22.08 -33.98
N ILE K 217 -63.61 20.87 -34.14
CA ILE K 217 -62.23 20.67 -33.71
C ILE K 217 -61.29 21.50 -34.55
N ARG K 218 -61.53 21.57 -35.86
CA ARG K 218 -60.70 22.39 -36.73
C ARG K 218 -60.81 23.86 -36.37
N ALA K 219 -62.03 24.34 -36.14
CA ALA K 219 -62.22 25.75 -35.78
C ALA K 219 -61.53 26.08 -34.46
N ASP K 220 -61.77 25.26 -33.45
CA ASP K 220 -61.19 25.53 -32.13
C ASP K 220 -59.67 25.45 -32.16
N SER K 221 -59.13 24.50 -32.92
CA SER K 221 -57.67 24.38 -33.00
C SER K 221 -57.04 25.63 -33.60
N ILE K 222 -57.62 26.16 -34.68
CA ILE K 222 -57.05 27.35 -35.29
C ILE K 222 -57.16 28.53 -34.35
N ASN K 223 -58.28 28.64 -33.64
CA ASN K 223 -58.44 29.74 -32.69
C ASN K 223 -57.39 29.64 -31.58
N ASN K 224 -57.26 28.46 -31.00
CA ASN K 224 -56.25 28.25 -29.97
C ASN K 224 -54.86 28.47 -30.53
N PHE K 225 -54.64 28.02 -31.77
CA PHE K 225 -53.35 28.22 -32.42
C PHE K 225 -53.03 29.70 -32.58
N LEU K 226 -53.99 30.48 -33.08
CA LEU K 226 -53.76 31.91 -33.26
C LEU K 226 -53.55 32.59 -31.91
N ALA K 227 -54.34 32.22 -30.90
CA ALA K 227 -54.20 32.83 -29.59
C ALA K 227 -52.82 32.56 -29.01
N ASN K 228 -52.44 31.29 -28.94
CA ASN K 228 -51.13 30.95 -28.39
C ASN K 228 -50.00 31.51 -29.25
N GLU K 229 -50.21 31.58 -30.56
CA GLU K 229 -49.20 32.13 -31.45
C GLU K 229 -49.07 33.64 -31.25
N TYR K 230 -50.20 34.32 -31.02
CA TYR K 230 -50.16 35.74 -30.72
C TYR K 230 -49.38 36.00 -29.44
N LEU K 231 -49.60 35.17 -28.42
CA LEU K 231 -48.85 35.30 -27.17
C LEU K 231 -47.35 35.11 -27.42
N ARG K 232 -47.00 34.11 -28.23
CA ARG K 232 -45.58 33.86 -28.50
C ARG K 232 -44.94 35.03 -29.22
N LEU K 233 -45.67 35.64 -30.16
CA LEU K 233 -45.14 36.79 -30.88
C LEU K 233 -44.97 37.98 -29.94
N GLN K 234 -45.92 38.19 -29.04
CA GLN K 234 -45.77 39.27 -28.08
C GLN K 234 -44.53 39.08 -27.22
N SER K 235 -44.27 37.87 -26.76
CA SER K 235 -43.05 37.61 -26.00
C SER K 235 -41.82 37.89 -26.84
N HIS K 236 -41.86 37.49 -28.11
CA HIS K 236 -40.72 37.71 -29.00
C HIS K 236 -40.44 39.19 -29.19
N ILE K 237 -41.48 40.00 -29.35
CA ILE K 237 -41.27 41.43 -29.57
C ILE K 237 -40.75 42.11 -28.30
N THR K 238 -41.38 41.83 -27.16
CA THR K 238 -40.92 42.43 -25.92
C THR K 238 -39.51 41.97 -25.59
N SER K 239 -39.21 40.69 -25.83
CA SER K 239 -37.88 40.18 -25.54
C SER K 239 -36.84 40.88 -26.39
N ARG K 240 -37.14 41.10 -27.67
CA ARG K 240 -36.22 41.84 -28.52
C ARG K 240 -36.08 43.27 -28.04
N ALA K 241 -37.20 43.92 -27.71
CA ALA K 241 -37.15 45.30 -27.24
C ALA K 241 -36.38 45.39 -25.93
N LEU K 242 -36.45 44.35 -25.11
CA LEU K 242 -35.73 44.36 -23.85
C LEU K 242 -34.25 44.06 -24.06
N ASN K 243 -33.94 43.11 -24.95
CA ASN K 243 -32.54 42.75 -25.18
C ASN K 243 -31.76 43.88 -25.82
N ILE K 244 -32.39 44.59 -26.75
CA ILE K 244 -31.71 45.72 -27.39
C ILE K 244 -31.30 46.75 -26.35
N LEU K 245 -32.21 47.08 -25.45
CA LEU K 245 -31.90 48.10 -24.45
C LEU K 245 -30.86 47.60 -23.45
N LYS K 246 -30.96 46.34 -23.04
CA LYS K 246 -29.96 45.79 -22.14
C LYS K 246 -28.59 45.73 -22.79
N GLN K 247 -28.54 45.32 -24.06
CA GLN K 247 -27.26 45.26 -24.74
C GLN K 247 -26.66 46.64 -24.89
N ALA K 248 -27.49 47.65 -25.16
CA ALA K 248 -27.01 49.02 -25.22
C ALA K 248 -26.40 49.44 -23.89
N GLN K 249 -27.10 49.15 -22.79
CA GLN K 249 -26.59 49.53 -21.48
C GLN K 249 -25.23 48.90 -21.20
N ALA K 250 -25.06 47.64 -21.58
CA ALA K 250 -23.77 46.99 -21.38
C ALA K 250 -22.68 47.72 -22.15
N TYR K 251 -22.95 48.07 -23.40
CA TYR K 251 -21.97 48.80 -24.19
C TYR K 251 -21.64 50.14 -23.54
N GLU K 252 -22.65 50.82 -22.99
CA GLU K 252 -22.42 52.11 -22.36
C GLU K 252 -21.53 51.98 -21.13
N THR K 253 -21.76 50.96 -20.31
CA THR K 253 -20.89 50.75 -19.16
C THR K 253 -19.46 50.49 -19.60
N MET K 254 -19.28 49.72 -20.68
CA MET K 254 -17.94 49.46 -21.19
C MET K 254 -17.29 50.73 -21.69
N ASN K 255 -18.07 51.60 -22.35
CA ASN K 255 -17.52 52.88 -22.80
C ASN K 255 -17.05 53.72 -21.63
N GLN K 256 -17.88 53.84 -20.59
CA GLN K 256 -17.50 54.62 -19.42
C GLN K 256 -16.26 54.04 -18.75
N ALA K 257 -16.22 52.71 -18.61
CA ALA K 257 -15.07 52.07 -17.99
C ALA K 257 -13.80 52.33 -18.78
N ALA K 258 -13.89 52.27 -20.11
CA ALA K 258 -12.71 52.50 -20.94
C ALA K 258 -12.20 53.92 -20.77
N LEU K 259 -13.11 54.90 -20.67
CA LEU K 259 -12.68 56.28 -20.46
C LEU K 259 -11.93 56.42 -19.15
N LEU K 260 -12.47 55.86 -18.07
CA LEU K 260 -11.79 55.95 -16.79
C LEU K 260 -10.47 55.19 -16.80
N GLN K 261 -10.42 54.05 -17.48
CA GLN K 261 -9.17 53.30 -17.58
C GLN K 261 -8.10 54.12 -18.27
N LYS K 262 -8.50 54.89 -19.30
CA LYS K 262 -7.55 55.78 -19.96
C LYS K 262 -7.02 56.82 -18.99
N LEU K 263 -7.90 57.37 -18.15
CA LEU K 263 -7.48 58.33 -17.13
C LEU K 263 -6.42 57.73 -16.21
N ILE K 264 -6.65 56.51 -15.74
CA ILE K 264 -5.71 55.87 -14.82
C ILE K 264 -4.37 55.63 -15.50
N ASP K 265 -4.40 55.26 -16.78
CA ASP K 265 -3.14 55.03 -17.48
C ASP K 265 -2.33 56.30 -17.63
N ASP K 266 -2.99 57.44 -17.81
CA ASP K 266 -2.27 58.70 -17.83
C ASP K 266 -1.60 58.99 -16.50
N ALA K 267 -2.29 58.68 -15.39
CA ALA K 267 -1.69 58.86 -14.08
C ALA K 267 -0.45 58.00 -13.91
N THR K 268 -0.54 56.72 -14.30
CA THR K 268 0.61 55.84 -14.19
C THR K 268 1.76 56.33 -15.05
N SER K 269 1.46 56.81 -16.25
CA SER K 269 2.50 57.34 -17.12
C SER K 269 3.15 58.57 -16.52
N ALA K 270 2.37 59.39 -15.80
CA ALA K 270 2.95 60.55 -15.14
C ALA K 270 3.96 60.13 -14.09
N ILE K 271 3.63 59.10 -13.30
CA ILE K 271 4.60 58.57 -12.34
C ILE K 271 5.86 58.14 -13.07
N ASP K 272 5.70 57.36 -14.15
CA ASP K 272 6.86 56.89 -14.89
C ASP K 272 7.69 58.06 -15.40
N ASN K 273 7.02 59.06 -15.98
CA ASN K 273 7.74 60.23 -16.47
C ASN K 273 8.50 60.90 -15.32
N ALA K 274 7.85 61.04 -14.17
CA ALA K 274 8.53 61.58 -13.00
C ALA K 274 9.77 60.76 -12.66
N LEU K 275 9.69 59.43 -12.84
CA LEU K 275 10.88 58.61 -12.65
C LEU K 275 12.01 59.07 -13.57
N LYS K 276 11.67 59.64 -14.71
CA LYS K 276 12.66 60.13 -15.65
C LYS K 276 13.24 61.43 -15.11
N GLY K 277 14.06 62.10 -15.92
CA GLY K 277 14.59 63.38 -15.53
C GLY K 277 13.54 64.46 -15.66
N ASP K 278 13.94 65.65 -16.10
CA ASP K 278 13.00 66.74 -16.35
C ASP K 278 12.24 67.12 -15.08
N LYS K 279 12.98 67.71 -14.14
CA LYS K 279 12.45 68.12 -12.84
C LYS K 279 12.19 66.92 -11.91
N LYS K 280 13.17 66.02 -11.84
CA LYS K 280 13.13 64.94 -10.86
C LYS K 280 13.99 65.22 -9.63
N ALA K 281 14.75 66.32 -9.63
CA ALA K 281 15.65 66.60 -8.52
C ALA K 281 14.88 66.84 -7.22
N GLU K 282 13.85 67.68 -7.29
CA GLU K 282 13.05 67.94 -6.10
C GLU K 282 12.42 66.67 -5.54
N VAL K 283 12.10 65.71 -6.40
CA VAL K 283 11.52 64.46 -5.92
C VAL K 283 12.50 63.74 -5.01
N LEU K 284 13.75 63.58 -5.46
CA LEU K 284 14.74 62.92 -4.62
C LEU K 284 15.03 63.76 -3.39
N ALA K 285 15.08 65.08 -3.55
CA ALA K 285 15.29 65.97 -2.42
C ALA K 285 14.13 65.86 -1.44
N ARG K 286 12.90 65.87 -1.96
CA ARG K 286 11.74 65.76 -1.09
C ARG K 286 11.70 64.40 -0.41
N SER K 287 12.11 63.35 -1.13
CA SER K 287 12.17 62.02 -0.55
C SER K 287 13.21 61.96 0.58
N LEU K 288 14.36 62.59 0.37
CA LEU K 288 15.37 62.63 1.43
C LEU K 288 14.82 63.32 2.67
N ASP K 289 14.11 64.43 2.49
CA ASP K 289 13.55 65.12 3.64
C ASP K 289 12.52 64.24 4.34
N SER K 290 11.62 63.63 3.56
CA SER K 290 10.62 62.74 4.13
C SER K 290 11.25 61.50 4.73
N ALA K 291 12.33 61.00 4.12
CA ALA K 291 13.01 59.83 4.66
C ALA K 291 13.68 60.14 5.98
N ILE K 292 14.35 61.28 6.08
CA ILE K 292 14.95 61.65 7.37
C ILE K 292 13.87 61.76 8.43
N ASP K 293 12.71 62.30 8.07
CA ASP K 293 11.61 62.35 9.02
C ASP K 293 11.24 60.96 9.49
N GLY K 294 11.01 60.04 8.55
CA GLY K 294 10.67 58.69 8.93
C GLY K 294 11.71 58.04 9.82
N LEU K 295 12.99 58.22 9.49
CA LEU K 295 14.05 57.72 10.34
C LEU K 295 14.01 58.38 11.70
N SER K 296 13.85 59.70 11.73
CA SER K 296 13.74 60.41 13.00
C SER K 296 12.58 59.88 13.83
N LYS K 297 11.55 59.38 13.18
CA LYS K 297 10.38 58.84 13.84
C LYS K 297 10.42 57.32 13.83
N GLY K 298 9.50 56.70 14.58
CA GLY K 298 9.45 55.26 14.62
C GLY K 298 9.03 54.67 13.29
N TYR K 299 8.10 55.33 12.61
CA TYR K 299 7.52 54.85 11.36
C TYR K 299 7.81 55.84 10.25
N MET K 300 7.25 55.57 9.08
CA MET K 300 7.41 56.41 7.90
C MET K 300 6.07 56.62 7.23
N ASP K 301 5.68 57.88 7.06
CA ASP K 301 4.49 58.24 6.31
C ASP K 301 4.88 59.29 5.27
N TYR K 302 4.34 59.13 4.06
CA TYR K 302 4.67 60.01 2.95
C TYR K 302 3.76 61.23 2.90
N GLN K 303 3.70 61.97 4.00
CA GLN K 303 2.86 63.17 4.04
C GLN K 303 3.34 64.23 3.07
N ASN K 304 4.63 64.26 2.76
CA ASN K 304 5.22 65.32 1.96
C ASN K 304 5.74 64.83 0.60
N ASP K 305 5.47 63.59 0.24
CA ASP K 305 5.95 63.09 -1.03
C ASP K 305 5.31 63.86 -2.17
N PRO K 306 6.07 64.15 -3.24
CA PRO K 306 5.50 64.92 -4.37
C PRO K 306 4.75 64.08 -5.37
N LEU K 307 4.93 62.75 -5.34
CA LEU K 307 4.26 61.88 -6.31
C LEU K 307 2.75 62.05 -6.25
N LEU K 308 2.17 62.00 -5.05
CA LEU K 308 0.72 62.08 -4.94
C LEU K 308 0.19 63.42 -5.42
N PRO K 309 0.73 64.56 -5.01
CA PRO K 309 0.25 65.83 -5.59
C PRO K 309 0.49 65.92 -7.09
N LEU K 310 1.62 65.40 -7.57
CA LEU K 310 1.90 65.43 -8.99
C LEU K 310 0.85 64.65 -9.77
N ILE K 311 0.53 63.44 -9.31
CA ILE K 311 -0.49 62.63 -9.98
C ILE K 311 -1.85 63.32 -9.90
N LEU K 312 -2.16 63.89 -8.74
CA LEU K 312 -3.44 64.59 -8.57
C LEU K 312 -3.56 65.76 -9.52
N SER K 313 -2.46 66.47 -9.78
CA SER K 313 -2.53 67.61 -10.68
C SER K 313 -2.98 67.17 -12.07
N SER K 314 -2.34 66.13 -12.61
CA SER K 314 -2.74 65.65 -13.92
C SER K 314 -4.19 65.18 -13.92
N ILE K 315 -4.58 64.42 -12.89
CA ILE K 315 -5.93 63.87 -12.82
C ILE K 315 -6.96 64.98 -12.64
N GLU K 316 -6.64 66.01 -11.86
CA GLU K 316 -7.57 67.12 -11.69
C GLU K 316 -7.74 67.89 -12.99
N ALA K 317 -6.67 68.06 -13.76
CA ALA K 317 -6.79 68.68 -15.07
C ALA K 317 -7.74 67.89 -15.95
N ASN K 318 -7.56 66.57 -16.00
CA ASN K 318 -8.43 65.74 -16.81
C ASN K 318 -9.86 65.80 -16.29
N VAL K 319 -10.03 65.79 -14.97
CA VAL K 319 -11.38 65.84 -14.40
C VAL K 319 -12.03 67.16 -14.74
N LYS K 320 -11.33 68.26 -14.51
CA LYS K 320 -11.83 69.58 -14.91
C LYS K 320 -12.17 69.58 -16.40
N LYS K 321 -11.35 68.92 -17.21
CA LYS K 321 -11.61 68.84 -18.65
C LYS K 321 -12.92 68.13 -18.94
N ILE K 322 -13.20 67.03 -18.24
CA ILE K 322 -14.42 66.28 -18.54
C ILE K 322 -15.64 66.99 -17.95
N THR K 323 -15.48 67.63 -16.79
CA THR K 323 -16.60 68.29 -16.13
C THR K 323 -16.89 69.59 -16.87
N THR K 324 -17.74 69.50 -17.88
CA THR K 324 -18.17 70.64 -18.67
C THR K 324 -19.66 70.91 -18.49
N LEU K 325 -20.50 69.92 -18.81
CA LEU K 325 -21.94 70.00 -18.63
C LEU K 325 -22.53 68.66 -19.02
N SER K 326 -23.73 68.38 -18.51
CA SER K 326 -24.37 67.09 -18.76
C SER K 326 -24.61 66.86 -20.25
N ALA K 327 -24.87 67.93 -21.00
CA ALA K 327 -25.16 67.79 -22.43
C ALA K 327 -24.04 67.05 -23.14
N GLN K 328 -22.82 67.58 -23.10
CA GLN K 328 -21.71 66.91 -23.77
C GLN K 328 -21.49 65.53 -23.17
N GLU K 329 -21.68 65.40 -21.87
CA GLU K 329 -21.55 64.10 -21.23
C GLU K 329 -22.50 63.08 -21.85
N GLN K 330 -23.65 63.53 -22.34
CA GLN K 330 -24.57 62.61 -23.00
C GLN K 330 -23.85 61.74 -24.02
N ALA K 331 -23.00 62.36 -24.84
CA ALA K 331 -22.24 61.60 -25.82
C ALA K 331 -20.85 61.24 -25.32
N ASN K 332 -20.23 62.12 -24.54
CA ASN K 332 -18.89 61.83 -24.02
C ASN K 332 -18.89 60.57 -23.18
N LEU K 333 -19.84 60.45 -22.26
CA LEU K 333 -19.92 59.24 -21.43
C LEU K 333 -20.17 58.02 -22.29
N ILE K 334 -21.14 58.10 -23.19
CA ILE K 334 -21.54 56.96 -24.02
C ILE K 334 -21.36 57.38 -25.47
N GLY K 335 -20.15 57.13 -25.99
CA GLY K 335 -19.87 57.42 -27.39
C GLY K 335 -20.17 56.24 -28.28
N LEU K 336 -21.44 55.84 -28.36
CA LEU K 336 -21.80 54.66 -29.14
C LEU K 336 -21.34 54.82 -30.58
N THR K 337 -20.36 54.02 -30.98
CA THR K 337 -19.86 54.11 -32.34
C THR K 337 -20.88 53.55 -33.32
N ALA K 338 -20.80 54.02 -34.58
CA ALA K 338 -21.67 53.49 -35.61
C ALA K 338 -21.65 51.97 -35.64
N GLU K 339 -20.45 51.37 -35.58
CA GLU K 339 -20.38 49.93 -35.51
C GLU K 339 -20.98 49.39 -34.22
N GLN K 340 -20.92 50.17 -33.13
CA GLN K 340 -21.48 49.71 -31.88
C GLN K 340 -23.00 49.58 -31.99
N LEU K 341 -23.65 50.60 -32.55
CA LEU K 341 -25.08 50.53 -32.78
C LEU K 341 -25.41 49.61 -33.96
N LYS K 342 -24.52 49.52 -34.94
CA LYS K 342 -24.73 48.60 -36.06
C LYS K 342 -24.86 47.17 -35.58
N SER K 343 -24.07 46.78 -34.59
CA SER K 343 -24.16 45.42 -34.07
C SER K 343 -25.53 45.16 -33.49
N ILE K 344 -26.07 46.12 -32.75
CA ILE K 344 -27.38 45.95 -32.15
C ILE K 344 -28.44 45.84 -33.24
N LYS K 345 -28.33 46.68 -34.27
CA LYS K 345 -29.29 46.65 -35.37
C LYS K 345 -29.24 45.32 -36.12
N GLU K 346 -28.04 44.79 -36.33
CA GLU K 346 -27.91 43.50 -37.00
C GLU K 346 -28.52 42.37 -36.18
N ASN K 347 -28.43 42.47 -34.85
CA ASN K 347 -29.08 41.46 -34.01
C ASN K 347 -30.59 41.50 -34.17
N ASP K 348 -31.16 42.71 -34.21
CA ASP K 348 -32.60 42.84 -34.43
C ASP K 348 -33.01 42.25 -35.78
N VAL K 349 -32.29 42.58 -36.84
CA VAL K 349 -32.64 42.01 -38.14
C VAL K 349 -32.47 40.51 -38.13
N ARG K 350 -31.38 40.02 -37.53
CA ARG K 350 -31.15 38.59 -37.47
C ARG K 350 -32.21 37.90 -36.61
N ALA K 351 -32.61 38.54 -35.52
CA ALA K 351 -33.67 37.99 -34.69
C ALA K 351 -34.96 37.85 -35.49
N ARG K 352 -35.31 38.88 -36.27
CA ARG K 352 -36.50 38.80 -37.09
C ARG K 352 -36.39 37.62 -38.06
N LYS K 353 -35.26 37.50 -38.75
CA LYS K 353 -35.12 36.41 -39.70
C LYS K 353 -35.18 35.06 -39.00
N GLU K 354 -34.59 34.97 -37.81
CA GLU K 354 -34.63 33.71 -37.09
C GLU K 354 -36.04 33.37 -36.65
N PHE K 355 -36.79 34.36 -36.17
CA PHE K 355 -38.16 34.11 -35.76
C PHE K 355 -39.04 33.78 -36.95
N LEU K 356 -38.81 34.43 -38.09
CA LEU K 356 -39.64 34.17 -39.26
C LEU K 356 -39.23 32.88 -39.97
N GLU K 357 -37.95 32.77 -40.34
CA GLU K 357 -37.51 31.58 -41.05
C GLU K 357 -37.67 30.32 -40.23
N SER K 358 -37.85 30.44 -38.91
CA SER K 358 -38.07 29.28 -38.08
C SER K 358 -39.28 28.51 -38.60
N GLN K 359 -39.04 27.29 -39.07
CA GLN K 359 -40.12 26.52 -39.67
C GLN K 359 -40.56 25.40 -38.74
N PRO K 360 -41.81 24.96 -38.85
CA PRO K 360 -42.31 23.91 -37.97
C PRO K 360 -41.57 22.60 -38.21
N LYS K 361 -41.43 21.83 -37.13
CA LYS K 361 -40.74 20.54 -37.15
C LYS K 361 -41.72 19.42 -36.81
N LEU K 362 -42.40 18.91 -37.85
CA LEU K 362 -43.30 17.79 -37.70
C LEU K 362 -42.64 16.53 -38.25
N ASP K 363 -43.43 15.47 -38.35
CA ASP K 363 -42.97 14.24 -39.00
C ASP K 363 -42.31 14.56 -40.34
N ASN K 364 -41.07 14.11 -40.49
CA ASN K 364 -40.23 14.57 -41.59
C ASN K 364 -40.61 13.90 -42.91
N ASN K 365 -40.47 12.58 -42.97
CA ASN K 365 -40.72 11.83 -44.20
C ASN K 365 -42.21 11.63 -44.47
N LEU K 366 -43.08 12.27 -43.71
CA LEU K 366 -44.51 12.15 -43.90
C LEU K 366 -45.14 13.39 -44.51
N LYS K 367 -44.50 14.55 -44.32
CA LYS K 367 -44.98 15.79 -44.92
C LYS K 367 -44.25 16.03 -46.25
N ASN K 368 -44.65 15.23 -47.23
CA ASN K 368 -44.10 15.30 -48.57
C ASN K 368 -45.12 15.82 -49.58
N ILE K 369 -46.32 16.21 -49.12
CA ILE K 369 -47.32 16.73 -50.02
C ILE K 369 -46.79 18.00 -50.69
N GLU K 370 -47.22 18.22 -51.93
CA GLU K 370 -46.68 19.34 -52.68
C GLU K 370 -46.99 20.67 -51.99
N SER K 371 -48.21 20.80 -51.47
CA SER K 371 -48.58 22.04 -50.76
C SER K 371 -47.72 22.27 -49.53
N VAL K 372 -47.43 21.23 -48.75
CA VAL K 372 -46.62 21.44 -47.56
C VAL K 372 -45.22 21.90 -47.93
N LYS K 373 -44.58 21.22 -48.89
CA LYS K 373 -43.23 21.60 -49.27
C LYS K 373 -43.22 22.99 -49.88
N LYS K 374 -44.27 23.34 -50.61
CA LYS K 374 -44.39 24.68 -51.17
C LYS K 374 -44.44 25.72 -50.06
N ILE K 375 -45.29 25.50 -49.06
CA ILE K 375 -45.40 26.44 -47.94
C ILE K 375 -44.06 26.57 -47.22
N LEU K 376 -43.35 25.46 -47.03
CA LEU K 376 -42.06 25.54 -46.35
C LEU K 376 -41.06 26.33 -47.17
N ALA K 377 -40.99 26.06 -48.47
CA ALA K 377 -40.05 26.79 -49.32
C ALA K 377 -40.34 28.28 -49.30
N THR K 378 -41.63 28.66 -49.34
CA THR K 378 -42.04 30.05 -49.25
C THR K 378 -42.36 30.47 -47.82
N TRP K 379 -41.78 29.80 -46.82
CA TRP K 379 -42.05 30.16 -45.43
C TRP K 379 -41.81 31.64 -45.17
N GLY K 380 -40.57 32.09 -45.40
CA GLY K 380 -40.23 33.49 -45.24
C GLY K 380 -40.64 34.05 -43.89
N GLN L 29 -59.04 29.86 -20.66
CA GLN L 29 -58.62 29.43 -21.99
C GLN L 29 -57.61 28.30 -21.88
N ALA L 30 -56.64 28.48 -20.98
CA ALA L 30 -55.57 27.49 -20.82
C ALA L 30 -56.09 26.08 -20.55
N PRO L 31 -56.86 25.84 -19.49
CA PRO L 31 -57.22 24.46 -19.13
C PRO L 31 -58.54 23.98 -19.70
N GLY L 32 -58.59 22.69 -19.99
CA GLY L 32 -59.82 22.00 -20.31
C GLY L 32 -60.40 22.28 -21.67
N ASN L 33 -59.82 23.19 -22.45
CA ASN L 33 -60.34 23.51 -23.78
C ASN L 33 -59.86 22.55 -24.86
N GLN L 34 -59.01 21.57 -24.54
CA GLN L 34 -58.47 20.65 -25.53
C GLN L 34 -58.86 19.21 -25.28
N ASP L 35 -59.69 18.93 -24.27
CA ASP L 35 -60.05 17.55 -23.97
C ASP L 35 -60.89 16.95 -25.10
N LYS L 36 -61.89 17.70 -25.58
CA LYS L 36 -62.73 17.20 -26.66
C LYS L 36 -61.92 16.98 -27.92
N ILE L 37 -60.93 17.84 -28.17
CA ILE L 37 -60.07 17.71 -29.33
C ILE L 37 -59.29 16.41 -29.30
N LEU L 38 -59.08 15.83 -28.13
CA LEU L 38 -58.38 14.56 -28.01
C LEU L 38 -59.29 13.35 -28.17
N LYS L 39 -60.52 13.40 -27.66
CA LYS L 39 -61.43 12.28 -27.83
C LYS L 39 -61.71 12.03 -29.30
N TRP L 40 -61.90 13.09 -30.09
CA TRP L 40 -62.19 12.91 -31.51
C TRP L 40 -61.06 12.17 -32.21
N ILE L 41 -59.82 12.62 -32.01
CA ILE L 41 -58.68 11.99 -32.67
C ILE L 41 -58.46 10.57 -32.14
N SER L 42 -58.73 10.34 -30.85
CA SER L 42 -58.59 9.00 -30.28
C SER L 42 -59.48 8.00 -31.02
N THR L 43 -60.74 8.35 -31.21
CA THR L 43 -61.65 7.46 -31.93
C THR L 43 -61.17 7.24 -33.36
N LEU L 44 -60.73 8.31 -34.02
CA LEU L 44 -60.26 8.19 -35.38
C LEU L 44 -59.06 7.25 -35.48
N SER L 45 -58.17 7.28 -34.49
CA SER L 45 -57.02 6.37 -34.52
C SER L 45 -57.44 4.94 -34.22
N ASN L 46 -58.40 4.75 -33.31
CA ASN L 46 -58.93 3.41 -33.05
C ASN L 46 -59.51 2.80 -34.33
N LYS L 47 -60.15 3.61 -35.16
CA LYS L 47 -60.69 3.11 -36.41
C LYS L 47 -59.60 2.63 -37.35
N ALA L 48 -58.40 3.19 -37.24
CA ALA L 48 -57.33 2.83 -38.18
C ALA L 48 -56.70 1.51 -37.77
N THR L 49 -56.58 0.61 -38.74
CA THR L 49 -55.95 -0.69 -38.54
C THR L 49 -54.72 -0.87 -39.40
N THR L 50 -54.81 -0.56 -40.69
CA THR L 50 -53.70 -0.78 -41.59
C THR L 50 -52.54 0.13 -41.23
N GLY L 51 -51.32 -0.31 -41.55
CA GLY L 51 -50.16 0.49 -41.26
C GLY L 51 -50.23 1.86 -41.88
N GLU L 52 -50.68 1.92 -43.14
CA GLU L 52 -50.87 3.22 -43.79
C GLU L 52 -51.91 4.05 -43.03
N SER L 53 -53.02 3.44 -42.64
CA SER L 53 -54.02 4.16 -41.86
C SER L 53 -53.44 4.68 -40.55
N ARG L 54 -52.63 3.86 -39.89
CA ARG L 54 -52.00 4.29 -38.64
C ARG L 54 -51.04 5.45 -38.88
N SER L 55 -50.28 5.42 -39.98
CA SER L 55 -49.36 6.50 -40.28
C SER L 55 -50.11 7.80 -40.54
N TYR L 56 -51.23 7.73 -41.25
CA TYR L 56 -52.01 8.94 -41.50
C TYR L 56 -52.54 9.52 -40.20
N CYS L 57 -52.92 8.67 -39.25
CA CYS L 57 -53.37 9.17 -37.96
C CYS L 57 -52.23 9.85 -37.21
N THR L 58 -51.02 9.32 -37.33
CA THR L 58 -49.86 9.97 -36.72
C THR L 58 -49.67 11.37 -37.28
N GLN L 59 -49.79 11.52 -38.60
CA GLN L 59 -49.65 12.83 -39.22
C GLN L 59 -50.73 13.78 -38.71
N LEU L 60 -51.96 13.28 -38.61
CA LEU L 60 -53.06 14.09 -38.11
C LEU L 60 -52.81 14.55 -36.68
N SER L 61 -52.35 13.65 -35.82
CA SER L 61 -52.11 14.00 -34.42
C SER L 61 -51.00 15.04 -34.29
N SER L 62 -49.96 14.94 -35.13
CA SER L 62 -48.90 15.94 -35.07
C SER L 62 -49.42 17.33 -35.42
N LEU L 63 -50.24 17.42 -36.46
CA LEU L 63 -50.81 18.71 -36.84
C LEU L 63 -51.68 19.28 -35.72
N VAL L 64 -52.49 18.45 -35.08
CA VAL L 64 -53.36 18.93 -34.02
C VAL L 64 -52.55 19.45 -32.84
N SER L 65 -51.51 18.72 -32.45
CA SER L 65 -50.68 19.16 -31.34
C SER L 65 -49.94 20.44 -31.68
N PHE L 66 -49.46 20.55 -32.92
CA PHE L 66 -48.79 21.78 -33.35
C PHE L 66 -49.71 22.98 -33.25
N TYR L 67 -50.96 22.85 -33.69
CA TYR L 67 -51.88 23.97 -33.62
C TYR L 67 -52.26 24.30 -32.18
N ASN L 68 -52.44 23.28 -31.35
CA ASN L 68 -52.92 23.47 -29.99
C ASN L 68 -51.81 23.68 -28.97
N LYS L 69 -50.57 23.81 -29.40
CA LYS L 69 -49.47 24.02 -28.46
C LYS L 69 -49.71 25.31 -27.67
N GLN L 70 -49.78 25.17 -26.35
CA GLN L 70 -50.00 26.32 -25.49
C GLN L 70 -48.67 27.01 -25.18
N HIS L 71 -48.72 28.32 -25.07
CA HIS L 71 -47.54 29.14 -24.77
C HIS L 71 -47.76 29.86 -23.44
N VAL L 72 -46.85 29.63 -22.50
CA VAL L 72 -46.88 30.35 -21.23
C VAL L 72 -45.45 30.72 -20.84
N GLU L 73 -45.06 31.97 -21.08
CA GLU L 73 -43.71 32.42 -20.79
C GLU L 73 -43.68 33.70 -19.95
N GLN L 74 -44.83 34.18 -19.48
CA GLN L 74 -44.91 35.33 -18.59
C GLN L 74 -44.28 36.57 -19.26
N ILE L 75 -44.95 37.00 -20.33
CA ILE L 75 -44.54 38.20 -21.06
C ILE L 75 -44.23 39.31 -20.06
N PRO L 76 -42.99 39.81 -20.02
CA PRO L 76 -42.64 40.79 -18.99
C PRO L 76 -43.08 42.20 -19.38
N THR L 77 -43.47 42.96 -18.36
CA THR L 77 -43.82 44.36 -18.55
C THR L 77 -42.56 45.21 -18.58
N ILE L 78 -42.54 46.18 -19.49
CA ILE L 78 -41.37 47.03 -19.71
C ILE L 78 -41.61 48.39 -19.08
N ASP L 79 -40.69 48.81 -18.21
CA ASP L 79 -40.74 50.12 -17.57
C ASP L 79 -39.77 51.03 -18.32
N PHE L 80 -40.25 51.62 -19.41
CA PHE L 80 -39.39 52.47 -20.23
C PHE L 80 -38.83 53.64 -19.44
N ASN L 81 -39.60 54.15 -18.47
CA ASN L 81 -39.12 55.26 -17.66
C ASN L 81 -37.88 54.87 -16.87
N GLU L 82 -37.87 53.67 -16.29
CA GLU L 82 -36.70 53.23 -15.53
C GLU L 82 -35.46 53.22 -16.41
N TRP L 83 -35.59 52.72 -17.64
CA TRP L 83 -34.44 52.70 -18.54
C TRP L 83 -34.04 54.12 -18.93
N LYS L 84 -35.03 54.93 -19.32
CA LYS L 84 -34.78 56.32 -19.65
C LYS L 84 -34.11 57.05 -18.50
N SER L 85 -34.46 56.69 -17.26
CA SER L 85 -33.93 57.38 -16.09
C SER L 85 -32.52 56.91 -15.75
N VAL L 86 -32.33 55.60 -15.59
CA VAL L 86 -31.06 55.07 -15.12
C VAL L 86 -29.95 55.56 -16.04
N ILE L 87 -29.96 55.12 -17.30
CA ILE L 87 -28.96 55.55 -18.25
C ILE L 87 -29.40 55.14 -19.65
N SER L 88 -29.13 55.98 -20.64
CA SER L 88 -29.38 55.62 -22.03
C SER L 88 -28.95 56.79 -22.90
N THR L 89 -28.80 56.52 -24.19
CA THR L 89 -28.53 57.59 -25.15
C THR L 89 -29.79 58.41 -25.40
N GLN L 90 -29.64 59.72 -25.41
CA GLN L 90 -30.75 60.64 -25.59
C GLN L 90 -31.54 60.31 -26.86
N GLY L 91 -32.83 60.04 -26.70
CA GLY L 91 -33.70 59.73 -27.81
C GLY L 91 -33.80 58.27 -28.16
N LEU L 92 -32.90 57.43 -27.62
CA LEU L 92 -32.92 56.01 -27.96
C LEU L 92 -34.07 55.30 -27.24
N VAL L 93 -34.20 55.54 -25.94
CA VAL L 93 -35.23 54.85 -25.17
C VAL L 93 -36.62 55.22 -25.70
N ASP L 94 -36.83 56.50 -25.97
CA ASP L 94 -38.14 56.95 -26.45
C ASP L 94 -38.42 56.40 -27.84
N LYS L 95 -37.39 56.36 -28.70
CA LYS L 95 -37.58 55.81 -30.04
C LYS L 95 -37.92 54.33 -29.97
N VAL L 96 -37.21 53.59 -29.12
CA VAL L 96 -37.53 52.17 -28.93
C VAL L 96 -38.96 52.02 -28.42
N LYS L 97 -39.35 52.87 -27.47
CA LYS L 97 -40.69 52.78 -26.89
C LYS L 97 -41.76 53.03 -27.94
N GLU L 98 -41.63 54.09 -28.73
CA GLU L 98 -42.66 54.40 -29.72
C GLU L 98 -42.73 53.32 -30.79
N ASN L 99 -41.58 52.81 -31.24
CA ASN L 99 -41.60 51.76 -32.24
C ASN L 99 -42.15 50.45 -31.67
N TYR L 100 -41.73 50.10 -30.45
CA TYR L 100 -42.30 48.93 -29.79
C TYR L 100 -43.80 49.08 -29.61
N GLU L 101 -44.26 50.25 -29.21
CA GLU L 101 -45.68 50.48 -29.01
C GLU L 101 -46.45 50.36 -30.32
N SER L 102 -45.91 50.90 -31.40
CA SER L 102 -46.57 50.83 -32.70
C SER L 102 -46.80 49.38 -33.11
N LEU L 103 -45.83 48.50 -32.85
CA LEU L 103 -45.97 47.11 -33.25
C LEU L 103 -46.93 46.35 -32.35
N ILE L 104 -47.02 46.72 -31.07
CA ILE L 104 -47.90 45.99 -30.17
C ILE L 104 -49.36 46.17 -30.59
N LYS L 105 -49.69 47.30 -31.22
CA LYS L 105 -51.06 47.53 -31.64
C LYS L 105 -51.51 46.43 -32.62
N GLU L 106 -50.66 46.11 -33.58
CA GLU L 106 -51.01 45.12 -34.59
C GLU L 106 -51.41 43.79 -33.93
N GLN L 107 -52.50 43.21 -34.41
CA GLN L 107 -52.98 41.94 -33.89
C GLN L 107 -53.64 41.15 -35.01
N TYR L 108 -53.71 39.84 -34.80
CA TYR L 108 -54.35 38.96 -35.78
C TYR L 108 -55.78 39.40 -36.03
N ASN L 109 -56.28 39.12 -37.23
CA ASN L 109 -57.67 39.35 -37.57
C ASN L 109 -58.39 38.00 -37.62
N THR L 110 -58.82 37.52 -36.46
CA THR L 110 -59.44 36.20 -36.39
C THR L 110 -60.71 36.13 -37.22
N ASP L 111 -61.41 37.26 -37.36
CA ASP L 111 -62.67 37.25 -38.10
C ASP L 111 -62.46 36.82 -39.54
N ALA L 112 -61.46 37.42 -40.21
CA ALA L 112 -61.26 37.09 -41.62
C ALA L 112 -60.89 35.63 -41.81
N ILE L 113 -59.99 35.12 -40.97
CA ILE L 113 -59.58 33.73 -41.07
C ILE L 113 -60.74 32.79 -40.78
N SER L 114 -61.53 33.09 -39.74
CA SER L 114 -62.64 32.23 -39.38
C SER L 114 -63.66 32.10 -40.50
N LYS L 115 -64.01 33.20 -41.17
CA LYS L 115 -64.99 33.12 -42.24
C LYS L 115 -64.50 32.26 -43.39
N GLN L 116 -63.25 32.45 -43.81
CA GLN L 116 -62.75 31.68 -44.94
C GLN L 116 -62.66 30.20 -44.61
N ILE L 117 -62.29 29.86 -43.38
CA ILE L 117 -62.18 28.46 -43.02
C ILE L 117 -63.56 27.85 -42.80
N SER L 118 -64.53 28.65 -42.35
CA SER L 118 -65.87 28.14 -42.11
C SER L 118 -66.68 28.13 -43.39
N SER L 119 -66.35 28.99 -44.35
CA SER L 119 -67.13 29.10 -45.57
C SER L 119 -66.94 27.86 -46.44
N ALA L 120 -65.71 27.61 -46.85
CA ALA L 120 -65.39 26.48 -47.72
C ALA L 120 -63.97 26.05 -47.44
N SER L 121 -63.72 24.74 -47.55
CA SER L 121 -62.40 24.20 -47.28
C SER L 121 -62.28 22.82 -47.91
N SER L 122 -61.34 22.67 -48.84
CA SER L 122 -60.90 21.36 -49.34
C SER L 122 -62.09 20.59 -49.93
N LYS L 123 -62.63 21.14 -51.01
CA LYS L 123 -63.70 20.48 -51.75
C LYS L 123 -63.46 18.98 -51.90
N ALA L 124 -62.20 18.60 -52.11
CA ALA L 124 -61.87 17.16 -52.11
C ALA L 124 -62.29 16.53 -50.78
N LEU L 125 -62.13 17.26 -49.67
CA LEU L 125 -62.58 16.74 -48.39
C LEU L 125 -64.10 16.62 -48.37
N ASP L 126 -64.79 17.61 -48.94
CA ASP L 126 -66.24 17.56 -49.04
C ASP L 126 -66.71 16.35 -49.85
N ASP L 127 -65.97 16.01 -50.90
CA ASP L 127 -66.31 14.82 -51.68
C ASP L 127 -66.28 13.58 -50.79
N ILE L 128 -65.27 13.47 -49.92
CA ILE L 128 -65.19 12.33 -49.01
C ILE L 128 -66.39 12.31 -48.08
N GLU L 129 -66.89 13.47 -47.68
CA GLU L 129 -67.99 13.53 -46.74
C GLU L 129 -69.33 13.20 -47.39
N ASN L 130 -69.44 13.42 -48.70
CA ASN L 130 -70.66 13.04 -49.40
C ASN L 130 -71.03 11.59 -49.11
N GLU L 131 -70.02 10.73 -49.00
CA GLU L 131 -70.24 9.33 -48.69
C GLU L 131 -69.48 8.94 -47.42
#